data_9FAJ
#
_entry.id   9FAJ
#
_cell.length_a   1.00
_cell.length_b   1.00
_cell.length_c   1.00
_cell.angle_alpha   90.00
_cell.angle_beta   90.00
_cell.angle_gamma   90.00
#
_symmetry.space_group_name_H-M   'P 1'
#
loop_
_entity.id
_entity.type
_entity.pdbx_description
1 polymer 'Gamma-aminobutyric acid receptor subunit alpha-1'
2 polymer 'Gamma-aminobutyric acid receptor subunit beta-3'
3 polymer 'Isoform 2 of Gamma-aminobutyric acid receptor subunit gamma-2'
4 polymer Neuroligin-2
5 polymer 'LHFPL tetraspan subfamily member 4 protein'
6 polymer Megabody38
7 branched alpha-D-mannopyranose-(1-2)-alpha-D-mannopyranose-(1-2)-alpha-D-mannopyranose-(1-3)-[alpha-D-mannopyranose-(1-2)-alpha-D-mannopyranose-(1-6)-[alpha-D-mannopyranose-(1-3)]alpha-D-mannopyranose-(1-6)]beta-D-mannopyranose-(1-4)-2-acetamido-2-deoxy-beta-D-glucopyranose-(1-4)-2-acetamido-2-deoxy-beta-D-glucopyranose
8 branched beta-D-mannopyranose-(1-4)-2-acetamido-2-deoxy-beta-D-glucopyranose-(1-4)-2-acetamido-2-deoxy-beta-D-glucopyranose
9 branched alpha-D-mannopyranose-(1-3)-alpha-D-mannopyranose-(1-6)-[alpha-D-mannopyranose-(1-3)]beta-D-mannopyranose-(1-4)-2-acetamido-2-deoxy-beta-D-glucopyranose-(1-4)-2-acetamido-2-deoxy-beta-D-glucopyranose
10 branched 2-acetamido-2-deoxy-beta-D-glucopyranose-(1-4)-2-acetamido-2-deoxy-beta-D-glucopyranose
11 branched alpha-D-mannopyranose-(1-2)-alpha-D-mannopyranose-(1-3)-[alpha-D-mannopyranose-(1-6)]beta-D-mannopyranose-(1-4)-2-acetamido-2-deoxy-beta-D-glucopyranose-(1-4)-2-acetamido-2-deoxy-beta-D-glucopyranose
12 non-polymer '[(2R)-2-octanoyloxy-3-[oxidanyl-[(1R,2R,3S,4R,5R,6S)-2,3,6-tris(oxidanyl)-4,5-diphosphonooxy-cyclohexyl]oxy-phosphoryl]oxy-propyl] octanoate'
13 non-polymer '(1R)-2-{[(S)-{[(2S)-2,3-dihydroxypropyl]oxy}(hydroxy)phosphoryl]oxy}-1-[(hexadecanoyloxy)methyl]ethyl (9Z)-octadec-9-enoate'
14 non-polymer DECANE
15 non-polymer 1,2-DILAUROYL-SN-GLYCERO-3-PHOSPHATE
16 non-polymer 'GAMMA-AMINO-BUTANOIC ACID'
17 non-polymer 'CHLORIDE ION'
18 non-polymer HEXADECANE
19 non-polymer HEXANE
20 non-polymer 'PALMITIC ACID'
21 non-polymer '(2R)-2,3-dihydroxypropyl (9Z)-octadec-9-enoate'
22 non-polymer CHOLESTEROL
23 water water
#
loop_
_entity_poly.entity_id
_entity_poly.type
_entity_poly.pdbx_seq_one_letter_code
_entity_poly.pdbx_strand_id
1 'polypeptide(L)'
;DNTTVFTRILDRLLDGYDNRLRPGLGERVTEVKTDIFVTSFGPVSDHDMEYTIDVFFRQSWKDERLKFKGPMTVLRLNNL
MASKIWTPDTFFHNGKKSVAHNMTMPNKLLRITEDGTLLYTMRLTVRAECPMHLEDFPMDAHACPLKFGSYAYTRAEVVY
EWTREPARSVVVAEDGSRLNQYDLLGQTVDSGIVQSSTGEYVVMTTHFHLKRKIGYFVIQTYLPCIMTVILSQVSFWLNR
ESVPARTVFGVTTVLTMTTLSISARNSLPKVAYATAMDWFIAVCYAFVFSALIEFATVNYFTKRGYAWDGKSVVPEKPKK
VKDPLIKKNNTYAPTATSYTPNLARGDPGLATIAKSATIEPKEVKPETKPPEPKKTFNSVSKIDRLSRIAFPLLFGIFNL
VYWATYLNREPQL
;
A,D
2 'polypeptide(L)'
;GNMSFVKETVDKLLKGYDIRLRPDFGGPPVCVGMNIDIASIDMVSEVNMDYTLTMYFQQYWRDKRLAYSGIPLNLTLDNR
VADQLWVPDTYFLNDKKSFVHGVTVKNRMIRLHPDGTVLYGLRITTTAACMMDLRRYPLDEQNCTLEIESYGYTTDDIEF
YWRGGDKAVTGVERIELPQFSIVEHRLVSRNVVFATGAYPRLSLSFRLKRNIGYFILQTYMPSILITILSWVSFWINYDA
SAARVALGITTVLTMTTINTHLRETLPKIPYVKAIDMYLMGCFVFVFLALLEYAFVNYIFFGRGPQRQKKLAEKTAKAKN
DRSKSESNRVDAHGNILLTSLEVHNEMNEVSGGIGDTRNSAISFDNSGIQYRKQSMPREGHGRFLGDRSLPHKKTHLRRR
SSQLKIKIPDLTDVNAIDRWSRIVFPFTFSLFNLVYWLYYV
;
B,E
3 'polypeptide(L)'
;GDVTVILNNLLEGYDNKLRPDIGVKPTLIHTDMYVNSIGPVNAINMEYTIDIFFAQTWYDRRLKFNSTIKVLRLNSNMVG
KIWIPDTFFRNSKKADAHWITTPNRMLRIWNDGRVLYTLRLTIDAECQLQLHNFPMDEHSCPLEFSSYGYPREEIVYQWK
RSSVEVGDTRSWRLYQFSFVGLRNTTEVVKTTSGDYVVMSVYFDLSRRMGYFTIQTYIPCTLIVVLSWVSFWINKDAVPA
RTSLGITTVLTMTTLSTIARKSLPKVSYVTAMDLFVSVCFIFVFSALVEYGTLHYFVSNRKPSKDKDKKKKNPAPTIDIR
PRSATIQMNNATHLQERDEEYGYECLDGKDCASFF(P1L)(P1L)FED(P1L)RTGAWRHGRIHIRIAKMDSYARIFFPT
AFCLFNLVYWVSYLYLG
;
C
4 'polypeptide(L)' DSRDYSTELSVTVAVGASLLFLNILAFAALYYK H
5 'polypeptide(L)'
;YHEHYMRNSRAIGVLWAIFTICFAIINVVVFIQPYWVGDSVSTPKPGYFGLFHYCVGSGLAGRELTCRGSFTDFSTIPSS
AFKAAAFFVLLSMVLILGCITCFSLFFFCNTATVYKICAWMQLLAALCLVLGCMIFPDGWDAETIRDMCGAKTGKYSLGD
CSVRWAYILAIIGILNALILSFLAFVLGNRQTD
;
L
6 'polypeptide(L)'
;QVQLQESGGGLVQTKTTTSVIDTTNDAQNLLTQAQTIVNTLKDYCPILIAKSSSSNGGTNNANTPSWQTAGGGKNSCATF
GAEFSAASDMINNAQKIVQETQQLSANQPKNITQPHNLNLNSPSSLTALAQKMLKNAQSQAEILKLANQVESDFNKLSSG
HLKDYIGKCDASAISSANMTMQNQKNNWGNGCAGVEETQSLLKTSAADFNNQTPQINQAQNLANTLIQELGNNPFRASGG
GSGGGGSGKLSDTYEQLSRLLTNDNGTNSKTSAQAINQAVNNLNERAKTLAGGTTNSPAYQATLLALRSVLGLWNSMGYA
VICGGYTKSPGENNQKDFHYTDENGNGTTINCGGSTNSNGTHSYNGTNTLKADKNVSLSIEQYEKIHEAYQILSKALKQA
GLAPLNSKGEKLEAHVTTSKYGSLRVSCAASGRTFTTYIMAWFRQAPGKEREFLAAMDQGRIQYYGDSVRGRFTISRDYA
KNSVDLQLDGLRPEDTAVYYCAAGAGFWGLRTASSYHYWGQGTQVTVSSHHHHHHEPEA
;
G,P
#
loop_
_chem_comp.id
_chem_comp.type
_chem_comp.name
_chem_comp.formula
ABU non-polymer 'GAMMA-AMINO-BUTANOIC ACID' 'C4 H9 N O2'
BMA D-saccharide, beta linking beta-D-mannopyranose 'C6 H12 O6'
CL non-polymer 'CHLORIDE ION' 'Cl -1'
CLR non-polymer CHOLESTEROL 'C27 H46 O'
D10 non-polymer DECANE 'C10 H22'
HEX non-polymer HEXANE 'C6 H14'
MAN D-saccharide, alpha linking alpha-D-mannopyranose 'C6 H12 O6'
NAG D-saccharide, beta linking 2-acetamido-2-deoxy-beta-D-glucopyranose 'C8 H15 N O6'
OLC non-polymer '(2R)-2,3-dihydroxypropyl (9Z)-octadec-9-enoate' 'C21 H40 O4'
PGW non-polymer '(1R)-2-{[(S)-{[(2S)-2,3-dihydroxypropyl]oxy}(hydroxy)phosphoryl]oxy}-1-[(hexadecanoyloxy)methyl]ethyl (9Z)-octadec-9-enoate' 'C40 H77 O10 P'
PIO non-polymer '[(2R)-2-octanoyloxy-3-[oxidanyl-[(1R,2R,3S,4R,5R,6S)-2,3,6-tris(oxidanyl)-4,5-diphosphonooxy-cyclohexyl]oxy-phosphoryl]oxy-propyl] octanoate' 'C25 H49 O19 P3'
PLM non-polymer 'PALMITIC ACID' 'C16 H32 O2'
PX2 non-polymer 1,2-DILAUROYL-SN-GLYCERO-3-PHOSPHATE 'C27 H52 O8 P -1'
R16 non-polymer HEXADECANE 'C16 H34'
#
# COMPACT_ATOMS: atom_id res chain seq x y z
N ASP A 1 -6.38 -56.48 19.84
CA ASP A 1 -6.44 -55.69 18.61
C ASP A 1 -5.04 -55.21 18.22
N ASN A 2 -4.88 -54.82 16.96
CA ASN A 2 -3.58 -54.35 16.49
C ASN A 2 -3.16 -53.07 17.21
N THR A 3 -4.10 -52.15 17.42
CA THR A 3 -3.78 -50.83 17.96
C THR A 3 -3.90 -50.75 19.48
N THR A 4 -4.63 -51.68 20.11
CA THR A 4 -4.80 -51.62 21.56
C THR A 4 -3.49 -51.86 22.30
N VAL A 5 -2.60 -52.68 21.75
CA VAL A 5 -1.31 -52.90 22.39
C VAL A 5 -0.47 -51.62 22.36
N PHE A 6 -0.51 -50.89 21.25
CA PHE A 6 0.23 -49.64 21.17
C PHE A 6 -0.40 -48.58 22.06
N THR A 7 -1.73 -48.59 22.18
CA THR A 7 -2.40 -47.69 23.12
C THR A 7 -1.95 -47.98 24.55
N ARG A 8 -1.87 -49.27 24.90
CA ARG A 8 -1.39 -49.64 26.23
C ARG A 8 0.06 -49.21 26.44
N ILE A 9 0.89 -49.35 25.40
CA ILE A 9 2.29 -48.94 25.51
C ILE A 9 2.38 -47.45 25.76
N LEU A 10 1.62 -46.66 25.00
CA LEU A 10 1.64 -45.21 25.18
C LEU A 10 1.13 -44.81 26.56
N ASP A 11 0.07 -45.46 27.04
CA ASP A 11 -0.43 -45.18 28.38
C ASP A 11 0.61 -45.52 29.43
N ARG A 12 1.30 -46.64 29.27
CA ARG A 12 2.35 -47.00 30.21
CA ARG A 12 2.36 -47.00 30.21
C ARG A 12 3.49 -45.98 30.20
N LEU A 13 3.88 -45.52 29.02
CA LEU A 13 4.96 -44.53 28.92
C LEU A 13 4.55 -43.23 29.60
N LEU A 14 3.31 -42.78 29.38
CA LEU A 14 2.86 -41.53 29.97
C LEU A 14 2.41 -41.67 31.42
N ASP A 15 2.35 -42.89 31.96
CA ASP A 15 1.94 -43.09 33.35
C ASP A 15 3.03 -42.55 34.27
N GLY A 16 2.70 -41.50 35.03
CA GLY A 16 3.64 -40.90 35.94
C GLY A 16 4.67 -40.00 35.31
N TYR A 17 4.61 -39.79 34.00
CA TYR A 17 5.58 -38.95 33.33
C TYR A 17 5.34 -37.48 33.67
N ASP A 18 6.40 -36.78 34.06
CA ASP A 18 6.36 -35.35 34.36
C ASP A 18 7.16 -34.62 33.29
N ASN A 19 6.45 -33.99 32.35
CA ASN A 19 7.10 -33.27 31.27
C ASN A 19 7.74 -31.97 31.74
N ARG A 20 7.50 -31.54 32.97
CA ARG A 20 8.14 -30.33 33.49
C ARG A 20 9.61 -30.54 33.79
N LEU A 21 10.05 -31.79 33.97
CA LEU A 21 11.43 -32.11 34.33
C LEU A 21 12.16 -32.64 33.11
N ARG A 22 13.35 -32.09 32.84
CA ARG A 22 14.16 -32.56 31.73
C ARG A 22 14.69 -33.96 32.04
N PRO A 23 15.07 -34.72 31.01
CA PRO A 23 15.69 -36.03 31.27
C PRO A 23 16.99 -35.87 32.05
N GLY A 24 17.20 -36.78 33.00
CA GLY A 24 18.41 -36.73 33.82
C GLY A 24 18.53 -35.47 34.65
N LEU A 25 17.42 -34.96 35.16
CA LEU A 25 17.47 -33.76 35.99
C LEU A 25 18.18 -34.06 37.30
N GLY A 26 19.13 -33.20 37.67
CA GLY A 26 19.85 -33.35 38.91
C GLY A 26 20.86 -34.47 38.95
N GLU A 27 21.06 -35.20 37.85
CA GLU A 27 22.01 -36.31 37.79
C GLU A 27 22.90 -36.32 36.57
N ARG A 28 22.50 -35.67 35.46
CA ARG A 28 23.34 -35.64 34.29
CA ARG A 28 23.26 -35.72 34.22
C ARG A 28 22.88 -34.50 33.38
N VAL A 29 23.71 -34.22 32.38
CA VAL A 29 23.45 -33.16 31.42
C VAL A 29 22.71 -33.74 30.22
N THR A 30 21.63 -33.07 29.82
CA THR A 30 20.87 -33.50 28.65
C THR A 30 21.62 -33.08 27.39
N GLU A 31 22.05 -34.07 26.60
CA GLU A 31 22.78 -33.84 25.36
C GLU A 31 21.80 -33.88 24.21
N VAL A 32 21.66 -32.75 23.51
CA VAL A 32 20.72 -32.61 22.40
C VAL A 32 21.52 -32.54 21.11
N LYS A 33 21.34 -33.54 20.25
CA LYS A 33 22.00 -33.57 18.96
C LYS A 33 21.09 -32.93 17.91
N THR A 34 21.61 -31.93 17.20
CA THR A 34 20.81 -31.06 16.36
C THR A 34 21.36 -31.04 14.93
N ASP A 35 20.45 -30.87 13.98
CA ASP A 35 20.83 -30.63 12.60
C ASP A 35 19.74 -29.81 11.92
N ILE A 36 20.11 -29.19 10.80
CA ILE A 36 19.24 -28.28 10.06
C ILE A 36 19.28 -28.68 8.59
N PHE A 37 18.11 -28.73 7.96
CA PHE A 37 17.99 -28.87 6.51
C PHE A 37 17.29 -27.61 5.99
N VAL A 38 18.04 -26.77 5.28
CA VAL A 38 17.49 -25.51 4.78
C VAL A 38 16.73 -25.81 3.50
N THR A 39 15.41 -25.75 3.57
CA THR A 39 14.59 -26.01 2.39
C THR A 39 14.62 -24.85 1.41
N SER A 40 14.83 -23.63 1.90
CA SER A 40 15.00 -22.47 1.05
C SER A 40 15.57 -21.30 1.83
N PHE A 41 16.63 -20.68 1.31
CA PHE A 41 17.25 -19.52 1.93
C PHE A 41 16.52 -18.27 1.42
N GLY A 42 15.74 -17.66 2.30
CA GLY A 42 14.84 -16.61 1.90
C GLY A 42 15.57 -15.36 1.45
N PRO A 43 14.82 -14.38 0.97
CA PRO A 43 15.43 -13.15 0.48
C PRO A 43 16.03 -12.32 1.60
N VAL A 44 17.04 -11.53 1.25
CA VAL A 44 17.72 -10.64 2.18
C VAL A 44 17.12 -9.25 2.04
N SER A 45 16.79 -8.64 3.17
CA SER A 45 16.23 -7.28 3.21
C SER A 45 17.31 -6.35 3.76
N ASP A 46 17.90 -5.55 2.87
CA ASP A 46 18.95 -4.63 3.29
C ASP A 46 18.39 -3.54 4.20
N HIS A 47 17.16 -3.09 3.92
CA HIS A 47 16.57 -2.00 4.69
C HIS A 47 16.44 -2.38 6.16
N ASP A 48 15.95 -3.59 6.44
CA ASP A 48 15.81 -4.08 7.80
C ASP A 48 17.06 -4.75 8.35
N MET A 49 18.07 -4.99 7.51
CA MET A 49 19.28 -5.71 7.89
C MET A 49 18.91 -7.07 8.49
N GLU A 50 18.26 -7.89 7.67
CA GLU A 50 17.74 -9.18 8.12
C GLU A 50 17.64 -10.10 6.90
N TYR A 51 17.27 -11.35 7.17
CA TYR A 51 17.04 -12.32 6.11
C TYR A 51 16.09 -13.38 6.65
N THR A 52 15.48 -14.12 5.72
CA THR A 52 14.54 -15.17 6.02
C THR A 52 15.13 -16.51 5.62
N ILE A 53 14.76 -17.56 6.37
CA ILE A 53 15.27 -18.91 6.08
C ILE A 53 14.21 -19.92 6.52
N ASP A 54 13.90 -20.86 5.63
CA ASP A 54 12.96 -21.94 5.92
C ASP A 54 13.75 -23.21 6.16
N VAL A 55 13.50 -23.86 7.30
CA VAL A 55 14.33 -24.97 7.76
C VAL A 55 13.47 -26.09 8.33
N PHE A 56 13.87 -27.32 8.05
CA PHE A 56 13.56 -28.46 8.92
C PHE A 56 14.60 -28.48 10.02
N PHE A 57 14.18 -28.19 11.24
CA PHE A 57 15.05 -28.14 12.41
C PHE A 57 14.84 -29.43 13.19
N ARG A 58 15.86 -30.30 13.19
CA ARG A 58 15.79 -31.61 13.80
C ARG A 58 16.61 -31.61 15.09
N GLN A 59 16.01 -32.10 16.17
CA GLN A 59 16.69 -32.32 17.43
C GLN A 59 16.49 -33.76 17.84
N SER A 60 17.40 -34.26 18.68
CA SER A 60 17.32 -35.63 19.14
C SER A 60 17.97 -35.73 20.51
N TRP A 61 17.42 -36.60 21.36
CA TRP A 61 17.96 -36.74 22.71
C TRP A 61 17.49 -38.03 23.33
N LYS A 62 18.16 -38.42 24.42
CA LYS A 62 17.87 -39.64 25.14
C LYS A 62 16.94 -39.34 26.31
N ASP A 63 15.89 -40.14 26.46
CA ASP A 63 14.97 -40.04 27.60
C ASP A 63 14.68 -41.47 28.05
N GLU A 64 15.32 -41.88 29.15
CA GLU A 64 15.17 -43.25 29.64
C GLU A 64 13.78 -43.53 30.19
N ARG A 65 12.97 -42.50 30.45
CA ARG A 65 11.61 -42.73 30.89
C ARG A 65 10.72 -43.31 29.79
N LEU A 66 11.10 -43.14 28.52
CA LEU A 66 10.25 -43.47 27.39
C LEU A 66 10.72 -44.72 26.65
N LYS A 67 11.59 -45.53 27.25
CA LYS A 67 11.97 -46.80 26.64
C LYS A 67 10.82 -47.80 26.76
N PHE A 68 10.70 -48.66 25.75
CA PHE A 68 9.59 -49.59 25.69
C PHE A 68 10.02 -50.84 24.93
N LYS A 69 9.28 -51.92 25.17
CA LYS A 69 9.34 -53.15 24.36
C LYS A 69 8.01 -53.31 23.66
N GLY A 70 8.06 -53.47 22.33
CA GLY A 70 6.85 -53.57 21.55
C GLY A 70 7.05 -54.28 20.22
N PRO A 71 5.97 -54.39 19.43
CA PRO A 71 6.09 -55.07 18.12
C PRO A 71 7.10 -54.42 17.19
N MET A 72 7.20 -53.09 17.19
CA MET A 72 8.11 -52.36 16.33
C MET A 72 9.11 -51.57 17.18
N THR A 73 10.26 -51.29 16.58
CA THR A 73 11.34 -50.61 17.29
C THR A 73 11.09 -49.12 17.44
N VAL A 74 10.40 -48.50 16.47
CA VAL A 74 10.21 -47.06 16.42
C VAL A 74 8.72 -46.76 16.33
N LEU A 75 8.24 -45.88 17.20
CA LEU A 75 6.86 -45.41 17.18
C LEU A 75 6.84 -44.05 16.50
N ARG A 76 6.37 -44.03 15.24
CA ARG A 76 6.22 -42.78 14.50
C ARG A 76 4.84 -42.22 14.86
N LEU A 77 4.82 -41.37 15.88
CA LEU A 77 3.60 -40.92 16.52
C LEU A 77 3.16 -39.57 15.98
N ASN A 78 1.93 -39.21 16.32
CA ASN A 78 1.40 -37.90 15.97
C ASN A 78 2.14 -36.80 16.71
N ASN A 79 2.17 -35.61 16.12
CA ASN A 79 2.82 -34.47 16.77
C ASN A 79 2.15 -34.07 18.08
N LEU A 80 0.90 -34.51 18.31
CA LEU A 80 0.24 -34.24 19.59
C LEU A 80 1.03 -34.84 20.75
N MET A 81 1.68 -35.98 20.54
CA MET A 81 2.43 -36.62 21.62
C MET A 81 3.61 -35.78 22.07
N ALA A 82 4.11 -34.87 21.21
CA ALA A 82 5.24 -34.04 21.59
C ALA A 82 4.90 -33.14 22.76
N SER A 83 3.70 -32.56 22.75
CA SER A 83 3.30 -31.65 23.83
C SER A 83 3.14 -32.37 25.17
N LYS A 84 2.95 -33.69 25.16
CA LYS A 84 2.76 -34.45 26.39
C LYS A 84 4.06 -34.87 27.05
N ILE A 85 5.21 -34.58 26.43
CA ILE A 85 6.52 -34.96 26.95
C ILE A 85 7.41 -33.72 27.01
N TRP A 86 8.55 -33.87 27.67
CA TRP A 86 9.55 -32.81 27.68
C TRP A 86 10.23 -32.72 26.33
N THR A 87 10.44 -31.50 25.87
CA THR A 87 11.20 -31.20 24.66
C THR A 87 12.09 -30.01 24.95
N PRO A 88 13.21 -29.86 24.22
CA PRO A 88 14.08 -28.70 24.47
C PRO A 88 13.36 -27.39 24.15
N ASP A 89 13.68 -26.37 24.93
CA ASP A 89 13.15 -25.02 24.71
C ASP A 89 14.09 -24.20 23.84
N THR A 90 14.44 -24.74 22.68
CA THR A 90 15.37 -24.09 21.79
C THR A 90 14.76 -22.81 21.24
N PHE A 91 15.59 -21.76 21.14
CA PHE A 91 15.19 -20.49 20.58
C PHE A 91 16.37 -19.90 19.83
N PHE A 92 16.07 -19.00 18.91
CA PHE A 92 17.07 -18.35 18.08
C PHE A 92 17.45 -17.01 18.69
N HIS A 93 18.73 -16.85 19.00
CA HIS A 93 19.20 -15.65 19.70
C HIS A 93 18.99 -14.40 18.87
N ASN A 94 19.31 -14.47 17.57
CA ASN A 94 19.18 -13.33 16.67
C ASN A 94 17.90 -13.38 15.84
N GLY A 95 16.96 -14.28 16.17
CA GLY A 95 15.69 -14.28 15.48
C GLY A 95 14.87 -13.05 15.82
N LYS A 96 14.17 -12.53 14.81
CA LYS A 96 13.35 -11.33 14.95
C LYS A 96 11.88 -11.67 15.13
N LYS A 97 11.31 -12.41 14.18
CA LYS A 97 9.92 -12.86 14.29
CA LYS A 97 9.92 -12.86 14.29
C LYS A 97 9.79 -14.12 13.43
N SER A 98 9.82 -15.28 14.08
CA SER A 98 9.78 -16.56 13.40
C SER A 98 8.38 -17.17 13.46
N VAL A 99 8.15 -18.14 12.58
CA VAL A 99 6.87 -18.81 12.43
C VAL A 99 7.10 -20.31 12.50
N ALA A 100 6.34 -20.99 13.37
CA ALA A 100 6.24 -22.44 13.39
C ALA A 100 4.96 -22.82 12.66
N HIS A 101 5.11 -23.36 11.45
CA HIS A 101 3.95 -23.59 10.59
C HIS A 101 3.02 -24.64 11.18
N ASN A 102 1.72 -24.42 11.04
CA ASN A 102 0.73 -25.36 11.57
C ASN A 102 -0.37 -25.55 10.53
N MET A 103 -0.02 -25.55 9.24
CA MET A 103 -0.94 -25.78 8.14
C MET A 103 -0.56 -27.09 7.46
N THR A 104 -1.49 -28.06 7.32
CA THR A 104 -2.84 -28.08 7.90
C THR A 104 -2.79 -28.33 9.39
N MET A 105 -1.84 -29.17 9.80
CA MET A 105 -1.58 -29.52 11.18
C MET A 105 -0.22 -28.97 11.61
N PRO A 106 0.12 -29.04 12.91
CA PRO A 106 1.47 -28.67 13.33
C PRO A 106 2.55 -29.43 12.58
N ASN A 107 3.39 -28.71 11.84
CA ASN A 107 4.45 -29.32 11.03
C ASN A 107 5.59 -29.76 11.95
N LYS A 108 5.30 -30.81 12.71
CA LYS A 108 6.25 -31.44 13.62
C LYS A 108 6.13 -32.94 13.46
N LEU A 109 7.21 -33.65 13.77
CA LEU A 109 7.14 -35.11 13.90
C LEU A 109 7.98 -35.52 15.09
N LEU A 110 7.47 -36.53 15.81
CA LEU A 110 8.11 -37.12 16.97
C LEU A 110 8.21 -38.62 16.75
N ARG A 111 9.40 -39.18 16.98
CA ARG A 111 9.64 -40.62 16.84
C ARG A 111 10.43 -41.11 18.04
N ILE A 112 9.88 -42.11 18.73
CA ILE A 112 10.48 -42.66 19.94
C ILE A 112 11.00 -44.06 19.60
N THR A 113 12.30 -44.26 19.80
CA THR A 113 12.92 -45.56 19.62
C THR A 113 12.78 -46.38 20.90
N GLU A 114 12.88 -47.72 20.74
CA GLU A 114 12.71 -48.61 21.88
C GLU A 114 13.74 -48.35 22.97
N ASP A 115 14.96 -47.95 22.60
CA ASP A 115 16.00 -47.68 23.58
C ASP A 115 15.78 -46.38 24.35
N GLY A 116 14.80 -45.56 23.95
CA GLY A 116 14.57 -44.27 24.56
C GLY A 116 15.15 -43.09 23.81
N THR A 117 15.64 -43.29 22.59
CA THR A 117 16.11 -42.19 21.77
C THR A 117 14.93 -41.53 21.07
N LEU A 118 14.80 -40.22 21.24
CA LEU A 118 13.74 -39.43 20.64
C LEU A 118 14.31 -38.59 19.52
N LEU A 119 13.62 -38.61 18.38
CA LEU A 119 13.83 -37.67 17.29
C LEU A 119 12.63 -36.75 17.22
N TYR A 120 12.88 -35.46 17.04
CA TYR A 120 11.82 -34.45 17.08
C TYR A 120 12.20 -33.36 16.08
N THR A 121 11.47 -33.25 14.98
CA THR A 121 11.78 -32.24 13.96
C THR A 121 10.59 -31.32 13.77
N MET A 122 10.91 -30.08 13.41
CA MET A 122 9.95 -29.00 13.24
C MET A 122 10.19 -28.32 11.90
N ARG A 123 9.14 -27.72 11.34
CA ARG A 123 9.28 -26.85 10.18
C ARG A 123 9.16 -25.40 10.63
N LEU A 124 10.18 -24.60 10.35
CA LEU A 124 10.26 -23.23 10.84
C LEU A 124 10.61 -22.28 9.71
N THR A 125 10.13 -21.05 9.85
CA THR A 125 10.55 -19.92 9.02
C THR A 125 11.11 -18.87 9.97
N VAL A 126 12.43 -18.68 9.95
CA VAL A 126 13.13 -17.81 10.87
C VAL A 126 13.53 -16.54 10.13
N ARG A 127 13.18 -15.39 10.70
CA ARG A 127 13.60 -14.09 10.24
C ARG A 127 14.66 -13.59 11.22
N ALA A 128 15.93 -13.66 10.81
CA ALA A 128 17.06 -13.43 11.70
C ALA A 128 17.79 -12.15 11.33
N GLU A 129 18.44 -11.56 12.32
CA GLU A 129 19.20 -10.32 12.12
C GLU A 129 20.52 -10.64 11.44
N CYS A 130 20.85 -9.86 10.41
CA CYS A 130 22.11 -9.97 9.67
C CYS A 130 22.71 -8.57 9.56
N PRO A 131 23.41 -8.09 10.59
CA PRO A 131 24.01 -6.76 10.50
C PRO A 131 25.05 -6.70 9.38
N MET A 132 25.10 -5.54 8.71
CA MET A 132 25.89 -5.35 7.50
C MET A 132 26.76 -4.12 7.62
N HIS A 133 27.88 -4.14 6.93
CA HIS A 133 28.77 -2.99 6.76
C HIS A 133 28.74 -2.62 5.28
N LEU A 134 28.17 -1.47 4.97
CA LEU A 134 27.85 -1.09 3.59
C LEU A 134 28.83 -0.05 3.04
N GLU A 135 30.11 -0.13 3.44
CA GLU A 135 31.11 0.77 2.88
C GLU A 135 31.49 0.37 1.47
N ASP A 136 31.44 -0.93 1.15
CA ASP A 136 31.76 -1.44 -0.18
C ASP A 136 30.51 -1.67 -1.02
N PHE A 137 29.36 -1.18 -0.58
CA PHE A 137 28.12 -1.37 -1.33
C PHE A 137 28.24 -0.71 -2.70
N PRO A 138 27.76 -1.36 -3.79
CA PRO A 138 27.14 -2.68 -3.94
C PRO A 138 28.11 -3.84 -4.12
N MET A 139 29.40 -3.62 -3.87
CA MET A 139 30.42 -4.66 -4.01
C MET A 139 30.80 -5.23 -2.65
N ASP A 140 29.82 -5.37 -1.77
CA ASP A 140 30.02 -5.85 -0.41
C ASP A 140 29.57 -7.30 -0.28
N ALA A 141 30.07 -7.95 0.77
CA ALA A 141 29.68 -9.31 1.11
C ALA A 141 29.51 -9.40 2.61
N HIS A 142 28.61 -10.28 3.04
CA HIS A 142 28.21 -10.38 4.43
C HIS A 142 28.24 -11.84 4.89
N ALA A 143 28.27 -12.02 6.21
CA ALA A 143 28.19 -13.32 6.85
C ALA A 143 27.02 -13.27 7.81
N CYS A 144 25.84 -13.67 7.33
CA CYS A 144 24.64 -13.59 8.13
C CYS A 144 24.60 -14.74 9.14
N PRO A 145 24.47 -14.47 10.44
CA PRO A 145 24.41 -15.58 11.41
C PRO A 145 23.03 -16.21 11.52
N LEU A 146 23.03 -17.40 12.10
CA LEU A 146 21.84 -18.09 12.60
C LEU A 146 22.30 -18.82 13.85
N LYS A 147 21.93 -18.28 15.01
CA LYS A 147 22.41 -18.76 16.30
C LYS A 147 21.22 -19.24 17.11
N PHE A 148 21.32 -20.42 17.71
CA PHE A 148 20.24 -20.98 18.49
C PHE A 148 20.77 -21.68 19.72
N GLY A 149 19.89 -21.86 20.71
CA GLY A 149 20.28 -22.53 21.94
C GLY A 149 19.13 -22.56 22.91
N SER A 150 19.37 -23.18 24.05
CA SER A 150 18.36 -23.28 25.09
C SER A 150 18.10 -21.91 25.71
N TYR A 151 16.83 -21.65 26.04
CA TYR A 151 16.47 -20.37 26.63
C TYR A 151 16.64 -20.39 28.14
N ALA A 152 16.28 -21.50 28.79
CA ALA A 152 16.23 -21.58 30.25
C ALA A 152 17.31 -22.46 30.87
N TYR A 153 17.86 -23.41 30.13
CA TYR A 153 18.80 -24.39 30.67
C TYR A 153 20.22 -23.96 30.36
N THR A 154 21.06 -23.94 31.39
CA THR A 154 22.44 -23.48 31.27
C THR A 154 23.32 -24.63 30.78
N ARG A 155 24.64 -24.43 30.81
CA ARG A 155 25.57 -25.46 30.35
C ARG A 155 25.45 -26.72 31.18
N ALA A 156 25.34 -26.58 32.51
CA ALA A 156 25.28 -27.74 33.39
C ALA A 156 24.01 -28.55 33.21
N GLU A 157 22.96 -27.97 32.60
CA GLU A 157 21.68 -28.63 32.44
C GLU A 157 21.51 -29.24 31.05
N VAL A 158 21.65 -28.42 30.01
CA VAL A 158 21.46 -28.85 28.63
C VAL A 158 22.66 -28.40 27.81
N VAL A 159 23.17 -29.31 26.97
CA VAL A 159 24.26 -29.02 26.05
C VAL A 159 23.86 -29.48 24.66
N TYR A 160 24.07 -28.61 23.67
CA TYR A 160 23.78 -28.90 22.27
C TYR A 160 25.03 -29.38 21.57
N GLU A 161 24.86 -30.30 20.63
CA GLU A 161 25.94 -30.84 19.82
C GLU A 161 25.39 -31.09 18.43
N TRP A 162 26.29 -31.14 17.44
CA TRP A 162 25.88 -31.42 16.07
C TRP A 162 25.78 -32.92 15.86
N THR A 163 24.74 -33.33 15.11
CA THR A 163 24.49 -34.76 14.92
C THR A 163 25.64 -35.43 14.18
N ARG A 164 26.00 -34.90 13.02
CA ARG A 164 27.20 -35.26 12.29
C ARG A 164 28.29 -34.26 12.64
N GLU A 165 29.40 -34.31 11.91
CA GLU A 165 30.36 -33.23 12.04
C GLU A 165 29.71 -31.92 11.57
N PRO A 166 30.15 -30.77 12.09
CA PRO A 166 29.40 -29.52 11.85
C PRO A 166 29.25 -29.16 10.38
N ALA A 167 30.22 -29.50 9.54
CA ALA A 167 30.12 -29.15 8.13
C ALA A 167 28.94 -29.86 7.47
N ARG A 168 28.75 -31.15 7.76
CA ARG A 168 27.65 -31.91 7.19
C ARG A 168 26.37 -31.84 8.01
N SER A 169 26.40 -31.24 9.20
CA SER A 169 25.22 -31.16 10.02
C SER A 169 24.25 -30.07 9.59
N VAL A 170 24.64 -29.21 8.64
CA VAL A 170 23.75 -28.21 8.06
C VAL A 170 23.77 -28.40 6.55
N VAL A 171 22.61 -28.68 5.97
CA VAL A 171 22.47 -29.02 4.55
C VAL A 171 21.49 -28.04 3.92
N VAL A 172 21.83 -27.57 2.72
CA VAL A 172 21.00 -26.63 1.96
C VAL A 172 20.50 -27.35 0.71
N ALA A 173 19.20 -27.27 0.48
CA ALA A 173 18.61 -27.90 -0.70
C ALA A 173 19.13 -27.26 -1.97
N GLU A 174 19.31 -28.07 -3.01
CA GLU A 174 19.86 -27.57 -4.27
C GLU A 174 18.92 -26.56 -4.93
N ASP A 175 17.62 -26.86 -4.94
CA ASP A 175 16.62 -25.96 -5.50
C ASP A 175 16.12 -24.91 -4.52
N GLY A 176 16.59 -24.95 -3.27
CA GLY A 176 16.11 -24.03 -2.25
C GLY A 176 16.89 -22.74 -2.19
N SER A 177 16.68 -21.86 -3.17
CA SER A 177 17.33 -20.55 -3.19
C SER A 177 16.29 -19.53 -3.62
N ARG A 178 15.87 -18.67 -2.69
CA ARG A 178 14.95 -17.58 -2.95
C ARG A 178 15.65 -16.23 -2.97
N LEU A 179 16.98 -16.22 -3.12
CA LEU A 179 17.72 -14.98 -3.18
C LEU A 179 17.60 -14.35 -4.57
N ASN A 180 17.45 -13.03 -4.60
CA ASN A 180 17.33 -12.27 -5.83
C ASN A 180 18.64 -11.57 -6.21
N GLN A 181 19.25 -10.85 -5.27
CA GLN A 181 20.46 -10.06 -5.52
C GLN A 181 21.65 -10.56 -4.71
N TYR A 182 21.64 -11.82 -4.27
CA TYR A 182 22.73 -12.38 -3.49
C TYR A 182 23.06 -13.77 -3.98
N ASP A 183 24.33 -14.16 -3.79
CA ASP A 183 24.82 -15.50 -4.03
C ASP A 183 25.25 -16.08 -2.70
N LEU A 184 24.69 -17.25 -2.35
CA LEU A 184 25.07 -17.95 -1.13
C LEU A 184 26.30 -18.80 -1.45
N LEU A 185 27.48 -18.25 -1.16
CA LEU A 185 28.71 -18.95 -1.50
C LEU A 185 28.87 -20.22 -0.67
N GLY A 186 28.44 -20.19 0.58
CA GLY A 186 28.55 -21.35 1.43
C GLY A 186 28.15 -21.01 2.86
N GLN A 187 28.41 -21.96 3.75
CA GLN A 187 28.11 -21.78 5.16
C GLN A 187 29.26 -22.34 5.99
N THR A 188 29.43 -21.78 7.18
CA THR A 188 30.36 -22.28 8.19
C THR A 188 29.61 -22.54 9.48
N VAL A 189 29.85 -23.71 10.08
CA VAL A 189 29.13 -24.18 11.26
C VAL A 189 30.08 -24.19 12.45
N ASP A 190 29.60 -23.70 13.58
CA ASP A 190 30.44 -23.56 14.77
C ASP A 190 29.55 -23.57 16.00
N SER A 191 30.18 -23.52 17.17
CA SER A 191 29.47 -23.47 18.44
C SER A 191 30.31 -22.66 19.43
N GLY A 192 29.63 -22.13 20.44
CA GLY A 192 30.29 -21.31 21.42
C GLY A 192 29.46 -21.19 22.68
N ILE A 193 29.91 -20.30 23.56
CA ILE A 193 29.26 -20.06 24.84
C ILE A 193 28.85 -18.60 24.90
N VAL A 194 27.73 -18.33 25.58
CA VAL A 194 27.27 -16.97 25.86
C VAL A 194 27.04 -16.85 27.35
N GLN A 195 27.56 -15.77 27.94
CA GLN A 195 27.37 -15.44 29.34
C GLN A 195 26.31 -14.36 29.44
N SER A 196 25.27 -14.61 30.22
CA SER A 196 24.18 -13.67 30.45
C SER A 196 23.95 -13.52 31.95
N SER A 197 22.97 -12.70 32.32
CA SER A 197 22.67 -12.48 33.72
C SER A 197 22.15 -13.73 34.41
N THR A 198 21.66 -14.72 33.65
CA THR A 198 21.09 -15.93 34.21
C THR A 198 22.00 -17.16 34.13
N GLY A 199 23.17 -17.03 33.50
CA GLY A 199 24.16 -18.10 33.50
C GLY A 199 24.79 -18.25 32.13
N GLU A 200 25.49 -19.38 31.96
CA GLU A 200 26.19 -19.71 30.74
C GLU A 200 25.32 -20.62 29.88
N TYR A 201 25.25 -20.34 28.57
CA TYR A 201 24.44 -21.12 27.66
C TYR A 201 25.27 -21.49 26.42
N VAL A 202 25.07 -22.71 25.95
CA VAL A 202 25.67 -23.16 24.70
C VAL A 202 24.87 -22.58 23.54
N VAL A 203 25.58 -21.95 22.59
CA VAL A 203 24.96 -21.33 21.42
C VAL A 203 25.57 -21.98 20.19
N MET A 204 24.73 -22.62 19.39
CA MET A 204 25.16 -23.27 18.16
C MET A 204 24.87 -22.32 17.00
N THR A 205 25.90 -22.03 16.19
CA THR A 205 25.85 -20.97 15.21
C THR A 205 26.17 -21.51 13.83
N THR A 206 25.48 -20.97 12.84
CA THR A 206 25.84 -21.11 11.44
C THR A 206 26.01 -19.71 10.87
N HIS A 207 26.91 -19.58 9.89
CA HIS A 207 27.15 -18.31 9.23
C HIS A 207 27.07 -18.55 7.73
N PHE A 208 26.04 -17.97 7.11
CA PHE A 208 25.84 -18.07 5.67
C PHE A 208 26.52 -16.89 5.00
N HIS A 209 27.41 -17.17 4.05
CA HIS A 209 28.27 -16.16 3.46
C HIS A 209 27.69 -15.74 2.12
N LEU A 210 27.13 -14.53 2.07
CA LEU A 210 26.41 -14.01 0.93
C LEU A 210 27.23 -12.92 0.24
N LYS A 211 27.23 -12.95 -1.09
CA LYS A 211 27.89 -11.94 -1.92
C LYS A 211 26.84 -11.26 -2.79
N ARG A 212 26.80 -9.93 -2.73
CA ARG A 212 25.82 -9.18 -3.50
C ARG A 212 26.16 -9.22 -4.99
N LYS A 213 25.11 -9.28 -5.82
CA LYS A 213 25.24 -9.20 -7.26
C LYS A 213 25.12 -7.73 -7.68
N ILE A 214 26.08 -7.28 -8.50
CA ILE A 214 26.18 -5.86 -8.84
C ILE A 214 25.35 -5.48 -10.06
N GLY A 215 24.73 -6.45 -10.75
CA GLY A 215 24.10 -6.14 -12.03
C GLY A 215 22.92 -5.20 -11.90
N TYR A 216 22.09 -5.39 -10.86
CA TYR A 216 20.94 -4.52 -10.68
C TYR A 216 21.35 -3.07 -10.53
N PHE A 217 22.36 -2.82 -9.69
CA PHE A 217 22.78 -1.44 -9.46
C PHE A 217 23.56 -0.89 -10.65
N VAL A 218 24.26 -1.75 -11.39
CA VAL A 218 24.91 -1.32 -12.62
C VAL A 218 23.86 -0.78 -13.59
N ILE A 219 22.75 -1.50 -13.74
CA ILE A 219 21.69 -1.01 -14.62
C ILE A 219 21.00 0.20 -14.02
N GLN A 220 20.84 0.22 -12.69
CA GLN A 220 19.99 1.21 -12.05
C GLN A 220 20.64 2.59 -11.99
N THR A 221 21.91 2.66 -11.57
CA THR A 221 22.57 3.92 -11.25
C THR A 221 23.81 4.18 -12.08
N TYR A 222 24.70 3.19 -12.21
CA TYR A 222 26.00 3.45 -12.82
C TYR A 222 25.85 3.87 -14.29
N LEU A 223 25.04 3.12 -15.06
CA LEU A 223 24.87 3.49 -16.46
C LEU A 223 24.20 4.84 -16.65
N PRO A 224 23.10 5.17 -15.95
CA PRO A 224 22.59 6.55 -16.07
C PRO A 224 23.61 7.61 -15.72
N CYS A 225 24.42 7.39 -14.68
CA CYS A 225 25.45 8.37 -14.35
C CYS A 225 26.49 8.49 -15.45
N ILE A 226 26.92 7.36 -16.01
CA ILE A 226 27.96 7.38 -17.03
C ILE A 226 27.45 8.10 -18.29
N MET A 227 26.24 7.76 -18.74
CA MET A 227 25.72 8.43 -19.92
C MET A 227 25.35 9.88 -19.62
N THR A 228 25.03 10.22 -18.37
CA THR A 228 24.84 11.63 -18.04
C THR A 228 26.14 12.41 -18.14
N VAL A 229 27.24 11.82 -17.68
CA VAL A 229 28.55 12.46 -17.80
C VAL A 229 28.90 12.62 -19.27
N ILE A 230 28.65 11.59 -20.08
CA ILE A 230 28.96 11.67 -21.51
C ILE A 230 28.08 12.73 -22.18
N LEU A 231 26.81 12.81 -21.76
CA LEU A 231 25.91 13.83 -22.28
C LEU A 231 26.41 15.23 -21.96
N SER A 232 26.90 15.43 -20.73
CA SER A 232 27.48 16.72 -20.36
C SER A 232 28.72 17.02 -21.20
N GLN A 233 29.55 16.00 -21.43
CA GLN A 233 30.78 16.22 -22.20
C GLN A 233 30.52 16.44 -23.68
N VAL A 234 29.34 16.04 -24.19
CA VAL A 234 29.01 16.29 -25.58
C VAL A 234 28.97 17.77 -25.88
N SER A 235 28.67 18.61 -24.89
CA SER A 235 28.51 20.04 -25.12
C SER A 235 29.81 20.71 -25.57
N PHE A 236 30.97 20.10 -25.30
CA PHE A 236 32.23 20.71 -25.70
C PHE A 236 32.39 20.81 -27.21
N TRP A 237 31.67 20.00 -27.97
CA TRP A 237 31.82 19.98 -29.43
C TRP A 237 30.92 20.97 -30.14
N LEU A 238 30.00 21.64 -29.44
CA LEU A 238 29.20 22.68 -30.03
C LEU A 238 29.96 24.00 -30.02
N ASN A 239 29.65 24.86 -30.98
CA ASN A 239 30.32 26.14 -31.08
C ASN A 239 30.00 27.02 -29.87
N ARG A 240 30.95 27.88 -29.51
CA ARG A 240 30.82 28.65 -28.28
C ARG A 240 29.67 29.66 -28.32
N GLU A 241 29.18 30.02 -29.51
CA GLU A 241 28.10 30.99 -29.62
C GLU A 241 26.73 30.39 -29.36
N SER A 242 26.63 29.05 -29.21
CA SER A 242 25.37 28.41 -28.87
C SER A 242 25.19 28.41 -27.34
N VAL A 243 25.09 29.63 -26.80
CA VAL A 243 25.01 29.80 -25.35
C VAL A 243 23.76 29.15 -24.77
N PRO A 244 22.55 29.36 -25.31
CA PRO A 244 21.38 28.67 -24.72
C PRO A 244 21.48 27.16 -24.79
N ALA A 245 22.01 26.62 -25.89
CA ALA A 245 22.10 25.18 -26.04
C ALA A 245 23.08 24.57 -25.05
N ARG A 246 24.25 25.18 -24.90
CA ARG A 246 25.24 24.64 -23.98
C ARG A 246 24.80 24.83 -22.53
N THR A 247 24.12 25.93 -22.23
CA THR A 247 23.55 26.10 -20.90
C THR A 247 22.48 25.03 -20.63
N VAL A 248 21.70 24.69 -21.65
CA VAL A 248 20.70 23.64 -21.50
C VAL A 248 21.38 22.31 -21.19
N PHE A 249 22.45 21.99 -21.93
CA PHE A 249 23.25 20.81 -21.63
C PHE A 249 23.67 20.78 -20.16
N GLY A 250 24.31 21.85 -19.71
CA GLY A 250 24.85 21.87 -18.36
C GLY A 250 23.77 21.74 -17.30
N VAL A 251 22.71 22.54 -17.41
CA VAL A 251 21.69 22.57 -16.37
C VAL A 251 20.90 21.27 -16.35
N THR A 252 20.57 20.73 -17.52
CA THR A 252 19.82 19.47 -17.56
C THR A 252 20.65 18.32 -17.01
N THR A 253 21.96 18.29 -17.33
CA THR A 253 22.79 17.22 -16.79
C THR A 253 22.94 17.36 -15.27
N VAL A 254 23.05 18.59 -14.77
CA VAL A 254 23.13 18.79 -13.32
C VAL A 254 21.85 18.32 -12.65
N LEU A 255 20.69 18.66 -13.23
CA LEU A 255 19.42 18.22 -12.66
C LEU A 255 19.31 16.70 -12.67
N THR A 256 19.73 16.07 -13.77
CA THR A 256 19.67 14.61 -13.85
C THR A 256 20.57 13.97 -12.80
N MET A 257 21.78 14.50 -12.63
CA MET A 257 22.67 13.94 -11.61
C MET A 257 22.11 14.15 -10.21
N THR A 258 21.49 15.30 -9.96
CA THR A 258 20.86 15.53 -8.66
C THR A 258 19.75 14.52 -8.40
N THR A 259 18.91 14.26 -9.41
CA THR A 259 17.85 13.28 -9.26
C THR A 259 18.41 11.89 -8.99
N LEU A 260 19.46 11.51 -9.72
CA LEU A 260 20.08 10.20 -9.50
C LEU A 260 20.68 10.10 -8.11
N SER A 261 21.35 11.16 -7.65
CA SER A 261 21.94 11.15 -6.31
C SER A 261 20.87 11.02 -5.25
N ILE A 262 19.75 11.72 -5.42
CA ILE A 262 18.67 11.63 -4.44
C ILE A 262 18.07 10.23 -4.43
N SER A 263 17.87 9.63 -5.61
CA SER A 263 17.17 8.36 -5.71
C SER A 263 18.07 7.14 -5.52
N ALA A 264 19.39 7.32 -5.44
CA ALA A 264 20.28 6.16 -5.36
C ALA A 264 20.07 5.37 -4.07
N ARG A 265 19.97 6.05 -2.93
CA ARG A 265 19.93 5.39 -1.62
C ARG A 265 18.52 5.13 -1.13
N ASN A 266 17.54 4.98 -2.03
CA ASN A 266 16.16 4.81 -1.63
C ASN A 266 15.97 3.49 -0.88
N SER A 267 16.57 2.41 -1.37
CA SER A 267 16.33 1.06 -0.87
C SER A 267 17.43 0.59 0.08
N LEU A 268 18.00 1.51 0.86
CA LEU A 268 19.14 1.23 1.72
C LEU A 268 18.89 1.83 3.10
N PRO A 269 19.47 1.24 4.17
CA PRO A 269 19.37 1.89 5.47
C PRO A 269 20.12 3.20 5.50
N LYS A 270 19.65 4.12 6.35
CA LYS A 270 20.20 5.47 6.43
C LYS A 270 21.49 5.46 7.24
N VAL A 271 22.52 4.84 6.64
CA VAL A 271 23.83 4.80 7.28
C VAL A 271 24.49 6.18 7.18
N ALA A 272 25.37 6.47 8.13
CA ALA A 272 25.97 7.79 8.27
C ALA A 272 27.32 7.92 7.58
N TYR A 273 27.70 6.95 6.74
CA TYR A 273 28.96 6.98 6.02
C TYR A 273 28.72 6.82 4.52
N ALA A 274 29.73 7.20 3.74
CA ALA A 274 29.64 7.15 2.29
C ALA A 274 30.03 5.77 1.78
N THR A 275 29.32 5.30 0.76
CA THR A 275 29.57 4.02 0.13
C THR A 275 30.27 4.23 -1.21
N ALA A 276 30.61 3.12 -1.87
CA ALA A 276 31.18 3.20 -3.21
C ALA A 276 30.21 3.83 -4.18
N MET A 277 28.92 3.52 -4.04
CA MET A 277 27.89 4.19 -4.83
C MET A 277 27.92 5.70 -4.62
N ASP A 278 28.03 6.13 -3.36
CA ASP A 278 28.07 7.56 -3.06
C ASP A 278 29.30 8.20 -3.68
N TRP A 279 30.46 7.55 -3.58
CA TRP A 279 31.67 8.12 -4.17
C TRP A 279 31.58 8.23 -5.68
N PHE A 280 31.06 7.19 -6.34
CA PHE A 280 30.92 7.23 -7.79
C PHE A 280 29.96 8.34 -8.21
N ILE A 281 28.83 8.47 -7.52
CA ILE A 281 27.88 9.52 -7.87
C ILE A 281 28.47 10.89 -7.62
N ALA A 282 29.25 11.04 -6.54
CA ALA A 282 29.88 12.33 -6.24
C ALA A 282 30.87 12.71 -7.33
N VAL A 283 31.68 11.76 -7.78
CA VAL A 283 32.67 12.07 -8.82
C VAL A 283 31.96 12.40 -10.12
N CYS A 284 30.88 11.68 -10.45
CA CYS A 284 30.14 11.98 -11.67
C CYS A 284 29.51 13.37 -11.61
N TYR A 285 28.93 13.72 -10.46
CA TYR A 285 28.34 15.05 -10.31
C TYR A 285 29.41 16.13 -10.41
N ALA A 286 30.59 15.86 -9.86
CA ALA A 286 31.69 16.82 -9.98
C ALA A 286 32.10 16.99 -11.44
N PHE A 287 32.13 15.89 -12.20
CA PHE A 287 32.45 16.00 -13.63
C PHE A 287 31.42 16.86 -14.36
N VAL A 288 30.13 16.64 -14.09
CA VAL A 288 29.08 17.43 -14.75
C VAL A 288 29.19 18.90 -14.36
N PHE A 289 29.39 19.16 -13.06
CA PHE A 289 29.52 20.53 -12.58
C PHE A 289 30.71 21.23 -13.20
N SER A 290 31.85 20.52 -13.30
CA SER A 290 33.02 21.10 -13.93
C SER A 290 32.81 21.34 -15.41
N ALA A 291 32.03 20.48 -16.08
CA ALA A 291 31.70 20.74 -17.48
C ALA A 291 30.91 22.03 -17.64
N LEU A 292 29.91 22.23 -16.79
CA LEU A 292 29.13 23.48 -16.87
C LEU A 292 30.00 24.69 -16.55
N ILE A 293 30.86 24.58 -15.54
CA ILE A 293 31.74 25.69 -15.19
C ILE A 293 32.72 25.96 -16.34
N GLU A 294 33.17 24.91 -17.02
CA GLU A 294 34.04 25.09 -18.17
C GLU A 294 33.34 25.83 -19.28
N PHE A 295 32.06 25.51 -19.53
CA PHE A 295 31.31 26.27 -20.52
C PHE A 295 31.17 27.73 -20.11
N ALA A 296 30.94 27.99 -18.82
CA ALA A 296 30.85 29.37 -18.34
C ALA A 296 32.16 30.11 -18.60
N THR A 297 33.29 29.45 -18.32
CA THR A 297 34.59 30.05 -18.58
C THR A 297 34.79 30.33 -20.06
N VAL A 298 34.39 29.40 -20.92
CA VAL A 298 34.52 29.59 -22.36
C VAL A 298 33.66 30.78 -22.81
N ASN A 299 32.43 30.86 -22.31
CA ASN A 299 31.54 31.95 -22.71
C ASN A 299 32.03 33.30 -22.20
N TYR A 300 32.74 33.32 -21.07
CA TYR A 300 33.24 34.59 -20.55
C TYR A 300 34.21 35.27 -21.52
N PHE A 301 34.93 34.50 -22.33
CA PHE A 301 35.91 35.03 -23.26
C PHE A 301 35.39 35.13 -24.69
N THR A 302 34.08 34.97 -24.91
CA THR A 302 33.51 35.09 -26.24
C THR A 302 33.26 36.57 -26.53
N LYS A 303 33.94 37.09 -27.55
CA LYS A 303 33.82 38.51 -27.87
C LYS A 303 32.53 38.80 -28.64
N ARG A 304 32.32 38.10 -29.75
CA ARG A 304 31.25 38.42 -30.68
C ARG A 304 30.03 37.55 -30.41
N GLY A 305 28.85 38.15 -30.56
CA GLY A 305 27.59 37.47 -30.32
C GLY A 305 27.02 36.70 -31.49
N TYR A 306 27.74 36.63 -32.61
CA TYR A 306 27.28 35.93 -33.81
C TYR A 306 28.26 34.83 -34.17
N ALA A 307 27.71 33.73 -34.69
CA ALA A 307 28.52 32.59 -35.09
C ALA A 307 29.10 32.81 -36.48
N TRP A 308 29.84 31.83 -36.97
CA TRP A 308 30.51 31.93 -38.26
C TRP A 308 29.52 31.62 -39.38
N ASP A 309 29.27 32.60 -40.24
CA ASP A 309 28.42 32.38 -41.40
C ASP A 309 29.08 31.42 -42.39
N GLY A 310 28.26 30.67 -43.11
CA GLY A 310 28.77 29.59 -43.94
C GLY A 310 29.67 30.03 -45.08
N LYS A 311 29.60 31.30 -45.48
CA LYS A 311 30.26 31.79 -46.68
C LYS A 311 31.59 32.49 -46.40
N SER A 312 31.69 33.25 -45.32
CA SER A 312 32.86 34.10 -45.10
C SER A 312 34.08 33.25 -44.76
N VAL A 313 35.25 33.80 -45.08
CA VAL A 313 36.54 33.17 -44.80
C VAL A 313 37.15 33.85 -43.59
N VAL A 314 37.58 33.05 -42.61
CA VAL A 314 38.11 33.56 -41.36
C VAL A 314 39.53 34.08 -41.60
N PRO A 315 39.85 35.35 -41.34
CA PRO A 315 41.25 35.78 -41.44
C PRO A 315 42.12 35.12 -40.38
N GLU A 316 43.38 34.91 -40.74
CA GLU A 316 44.34 34.33 -39.81
C GLU A 316 44.84 35.38 -38.83
N LYS A 317 45.20 34.92 -37.63
CA LYS A 317 45.72 35.80 -36.59
C LYS A 317 47.01 36.47 -37.04
N LYS A 375 34.63 42.06 -41.12
CA LYS A 375 33.86 41.25 -40.19
C LYS A 375 34.66 40.08 -39.66
N THR A 376 35.19 40.22 -38.46
CA THR A 376 35.93 39.15 -37.82
C THR A 376 34.97 38.15 -37.18
N PHE A 377 35.51 36.98 -36.83
CA PHE A 377 34.73 35.90 -36.24
C PHE A 377 35.48 35.30 -35.07
N ASN A 378 34.73 34.70 -34.15
CA ASN A 378 35.33 34.06 -32.98
C ASN A 378 36.15 32.85 -33.41
N SER A 379 37.32 32.69 -32.78
CA SER A 379 38.11 31.50 -32.96
C SER A 379 37.62 30.38 -32.04
N VAL A 380 37.87 29.14 -32.44
CA VAL A 380 37.47 28.01 -31.63
C VAL A 380 38.23 28.02 -30.32
N SER A 381 37.52 27.87 -29.22
CA SER A 381 38.12 28.02 -27.90
C SER A 381 39.12 26.90 -27.63
N LYS A 382 40.35 27.29 -27.28
CA LYS A 382 41.35 26.29 -26.91
C LYS A 382 40.96 25.57 -25.62
N ILE A 383 40.19 26.24 -24.75
CA ILE A 383 39.64 25.57 -23.57
C ILE A 383 38.78 24.38 -24.01
N ASP A 384 37.88 24.61 -24.97
CA ASP A 384 37.07 23.52 -25.50
C ASP A 384 37.94 22.47 -26.17
N ARG A 385 38.94 22.90 -26.94
CA ARG A 385 39.76 21.96 -27.70
C ARG A 385 40.49 20.99 -26.78
N LEU A 386 41.05 21.50 -25.68
CA LEU A 386 41.74 20.62 -24.75
C LEU A 386 40.79 19.92 -23.79
N SER A 387 39.62 20.50 -23.51
CA SER A 387 38.63 19.80 -22.68
C SER A 387 38.10 18.57 -23.38
N ARG A 388 37.95 18.62 -24.70
CA ARG A 388 37.48 17.46 -25.46
C ARG A 388 38.34 16.24 -25.22
N ILE A 389 39.66 16.43 -25.08
CA ILE A 389 40.56 15.33 -24.78
C ILE A 389 40.70 15.08 -23.28
N ALA A 390 40.56 16.12 -22.46
CA ALA A 390 40.81 15.96 -21.03
C ALA A 390 39.65 15.25 -20.33
N PHE A 391 38.42 15.76 -20.49
CA PHE A 391 37.30 15.25 -19.69
C PHE A 391 37.04 13.77 -19.92
N PRO A 392 36.91 13.26 -21.16
CA PRO A 392 36.78 11.81 -21.33
C PRO A 392 37.96 11.03 -20.79
N LEU A 393 39.17 11.55 -20.96
CA LEU A 393 40.37 10.83 -20.50
C LEU A 393 40.39 10.70 -18.97
N LEU A 394 40.16 11.81 -18.26
CA LEU A 394 40.14 11.74 -16.80
C LEU A 394 38.97 10.89 -16.31
N PHE A 395 37.81 10.98 -16.96
CA PHE A 395 36.69 10.16 -16.51
C PHE A 395 36.97 8.67 -16.72
N GLY A 396 37.59 8.31 -17.84
CA GLY A 396 37.96 6.93 -18.06
C GLY A 396 38.99 6.42 -17.07
N ILE A 397 39.99 7.25 -16.77
CA ILE A 397 41.00 6.85 -15.79
C ILE A 397 40.37 6.67 -14.42
N PHE A 398 39.45 7.57 -14.06
CA PHE A 398 38.74 7.42 -12.79
C PHE A 398 37.94 6.13 -12.75
N ASN A 399 37.25 5.80 -13.83
CA ASN A 399 36.50 4.54 -13.87
C ASN A 399 37.43 3.35 -13.72
N LEU A 400 38.57 3.38 -14.42
CA LEU A 400 39.56 2.30 -14.29
C LEU A 400 39.98 2.13 -12.83
N VAL A 401 40.40 3.21 -12.19
CA VAL A 401 40.91 3.11 -10.82
C VAL A 401 39.80 2.66 -9.87
N TYR A 402 38.60 3.23 -10.02
CA TYR A 402 37.49 2.90 -9.13
C TYR A 402 37.13 1.43 -9.21
N TRP A 403 36.92 0.93 -10.43
CA TRP A 403 36.51 -0.46 -10.56
C TRP A 403 37.64 -1.40 -10.15
N ALA A 404 38.90 -1.04 -10.47
CA ALA A 404 40.02 -1.88 -10.07
C ALA A 404 40.13 -1.98 -8.55
N THR A 405 39.96 -0.84 -7.85
CA THR A 405 40.15 -0.85 -6.41
C THR A 405 38.93 -1.34 -5.63
N TYR A 406 37.75 -1.42 -6.26
CA TYR A 406 36.55 -1.88 -5.57
C TYR A 406 36.10 -3.28 -5.92
N LEU A 407 36.36 -3.77 -7.14
CA LEU A 407 35.87 -5.10 -7.50
C LEU A 407 36.60 -6.18 -6.73
N ASN A 408 37.92 -6.05 -6.58
CA ASN A 408 38.75 -7.05 -5.89
C ASN A 408 39.00 -6.55 -4.47
N ARG A 409 38.01 -6.79 -3.60
CA ARG A 409 38.07 -6.35 -2.21
C ARG A 409 37.65 -7.38 -1.18
N GLU A 410 36.86 -8.39 -1.54
CA GLU A 410 36.33 -9.32 -0.55
C GLU A 410 37.38 -10.37 -0.18
N PRO A 411 37.24 -11.03 0.97
CA PRO A 411 38.09 -12.18 1.25
C PRO A 411 37.74 -13.38 0.37
N GLN A 412 38.68 -14.31 0.30
CA GLN A 412 38.53 -15.54 -0.47
C GLN A 412 38.92 -16.73 0.38
N LEU A 413 38.37 -17.88 0.04
CA LEU A 413 38.68 -19.13 0.74
C LEU A 413 40.15 -19.48 0.58
N ASN B 2 -34.92 -41.34 14.47
CA ASN B 2 -34.61 -40.80 15.79
C ASN B 2 -33.17 -40.30 15.89
N MET B 3 -32.94 -39.38 16.83
CA MET B 3 -31.60 -38.83 17.07
C MET B 3 -30.89 -39.52 18.23
N SER B 4 -31.62 -40.19 19.12
CA SER B 4 -30.98 -40.87 20.24
C SER B 4 -30.05 -41.98 19.76
N PHE B 5 -30.49 -42.75 18.76
CA PHE B 5 -29.65 -43.82 18.24
C PHE B 5 -28.39 -43.26 17.58
N VAL B 6 -28.54 -42.15 16.84
CA VAL B 6 -27.38 -41.52 16.23
C VAL B 6 -26.42 -41.02 17.29
N LYS B 7 -26.95 -40.44 18.37
CA LYS B 7 -26.10 -39.96 19.46
C LYS B 7 -25.35 -41.12 20.10
N GLU B 8 -26.03 -42.23 20.35
CA GLU B 8 -25.36 -43.40 20.92
C GLU B 8 -24.29 -43.93 19.99
N THR B 9 -24.57 -43.97 18.68
CA THR B 9 -23.57 -44.46 17.74
C THR B 9 -22.35 -43.55 17.72
N VAL B 10 -22.55 -42.24 17.70
CA VAL B 10 -21.43 -41.31 17.67
C VAL B 10 -20.61 -41.41 18.96
N ASP B 11 -21.29 -41.51 20.10
CA ASP B 11 -20.58 -41.65 21.37
C ASP B 11 -19.79 -42.95 21.41
N LYS B 12 -20.37 -44.04 20.89
CA LYS B 12 -19.64 -45.31 20.83
C LYS B 12 -18.42 -45.20 19.94
N LEU B 13 -18.55 -44.52 18.80
CA LEU B 13 -17.40 -44.35 17.91
C LEU B 13 -16.30 -43.54 18.59
N LEU B 14 -16.67 -42.46 19.28
CA LEU B 14 -15.67 -41.59 19.88
C LEU B 14 -15.12 -42.14 21.21
N LYS B 15 -15.77 -43.13 21.81
CA LYS B 15 -15.27 -43.71 23.05
C LYS B 15 -14.16 -44.70 22.75
N GLY B 16 -13.04 -44.55 23.46
CA GLY B 16 -11.92 -45.45 23.25
C GLY B 16 -11.15 -45.21 21.97
N TYR B 17 -11.30 -44.04 21.35
CA TYR B 17 -10.60 -43.71 20.12
C TYR B 17 -9.27 -43.07 20.46
N ASP B 18 -8.19 -43.65 19.93
CA ASP B 18 -6.83 -43.17 20.20
C ASP B 18 -6.41 -42.26 19.05
N ILE B 19 -6.43 -40.95 19.31
CA ILE B 19 -6.03 -39.98 18.29
C ILE B 19 -4.54 -40.06 17.99
N ARG B 20 -3.74 -40.58 18.91
CA ARG B 20 -2.30 -40.64 18.69
C ARG B 20 -1.94 -41.60 17.58
N LEU B 21 -2.69 -42.69 17.42
CA LEU B 21 -2.40 -43.72 16.43
C LEU B 21 -3.17 -43.45 15.15
N ARG B 22 -2.52 -43.70 14.02
CA ARG B 22 -3.15 -43.59 12.72
C ARG B 22 -4.06 -44.80 12.49
N PRO B 23 -4.87 -44.80 11.42
CA PRO B 23 -5.89 -45.87 11.27
C PRO B 23 -5.36 -47.29 11.33
N ASP B 24 -4.19 -47.56 10.74
CA ASP B 24 -3.55 -48.88 10.82
C ASP B 24 -2.10 -48.64 11.26
N PHE B 25 -1.90 -48.53 12.57
CA PHE B 25 -0.60 -48.09 13.09
C PHE B 25 0.49 -49.12 12.79
N GLY B 26 0.20 -50.40 12.99
CA GLY B 26 1.12 -51.46 12.64
C GLY B 26 0.92 -52.09 11.28
N GLY B 27 -0.17 -51.73 10.60
CA GLY B 27 -0.54 -52.36 9.36
C GLY B 27 0.02 -51.64 8.14
N PRO B 28 -0.53 -51.93 6.96
CA PRO B 28 -0.04 -51.27 5.74
C PRO B 28 -0.35 -49.79 5.76
N PRO B 29 0.23 -49.01 4.84
CA PRO B 29 0.02 -47.55 4.88
C PRO B 29 -1.43 -47.19 4.57
N VAL B 30 -1.85 -46.05 5.14
CA VAL B 30 -3.17 -45.51 4.88
C VAL B 30 -3.14 -44.72 3.58
N CYS B 31 -4.06 -45.04 2.68
CA CYS B 31 -4.17 -44.34 1.41
C CYS B 31 -5.08 -43.13 1.58
N VAL B 32 -4.59 -41.96 1.16
CA VAL B 32 -5.31 -40.70 1.29
C VAL B 32 -5.48 -40.12 -0.10
N GLY B 33 -6.73 -39.97 -0.52
CA GLY B 33 -7.04 -39.23 -1.73
C GLY B 33 -7.19 -37.76 -1.41
N MET B 34 -6.82 -36.92 -2.37
CA MET B 34 -6.94 -35.48 -2.21
C MET B 34 -7.55 -34.87 -3.46
N ASN B 35 -8.42 -33.88 -3.25
CA ASN B 35 -8.91 -33.06 -4.35
C ASN B 35 -9.06 -31.63 -3.86
N ILE B 36 -9.02 -30.71 -4.83
CA ILE B 36 -8.96 -29.27 -4.57
C ILE B 36 -9.98 -28.59 -5.47
N ASP B 37 -10.66 -27.59 -4.92
CA ASP B 37 -11.48 -26.67 -5.69
C ASP B 37 -10.87 -25.28 -5.54
N ILE B 38 -10.29 -24.76 -6.61
CA ILE B 38 -9.56 -23.49 -6.57
C ILE B 38 -10.58 -22.36 -6.58
N ALA B 39 -10.74 -21.70 -5.43
CA ALA B 39 -11.69 -20.59 -5.36
C ALA B 39 -11.18 -19.37 -6.12
N SER B 40 -9.90 -19.04 -5.94
CA SER B 40 -9.33 -17.87 -6.60
C SER B 40 -7.81 -17.89 -6.44
N ILE B 41 -7.14 -17.17 -7.33
CA ILE B 41 -5.73 -16.82 -7.21
C ILE B 41 -5.66 -15.29 -7.26
N ASP B 42 -5.15 -14.69 -6.19
CA ASP B 42 -5.37 -13.26 -5.95
C ASP B 42 -4.20 -12.39 -6.38
N MET B 43 -3.01 -12.60 -5.82
CA MET B 43 -1.90 -11.64 -5.92
C MET B 43 -0.63 -12.37 -6.36
N VAL B 44 -0.43 -12.51 -7.67
CA VAL B 44 0.82 -13.05 -8.20
C VAL B 44 1.84 -11.90 -8.16
N SER B 45 2.68 -11.90 -7.13
CA SER B 45 3.57 -10.77 -6.85
C SER B 45 4.96 -11.07 -7.39
N GLU B 46 5.47 -10.18 -8.24
CA GLU B 46 6.84 -10.31 -8.73
C GLU B 46 7.84 -9.91 -7.65
N VAL B 47 7.57 -8.83 -6.93
CA VAL B 47 8.52 -8.33 -5.93
C VAL B 47 8.67 -9.34 -4.80
N ASN B 48 7.58 -9.95 -4.36
CA ASN B 48 7.61 -10.94 -3.30
C ASN B 48 7.88 -12.36 -3.82
N MET B 49 7.76 -12.59 -5.11
CA MET B 49 7.97 -13.91 -5.72
C MET B 49 7.08 -14.97 -5.07
N ASP B 50 5.79 -14.65 -4.96
CA ASP B 50 4.82 -15.57 -4.40
C ASP B 50 3.45 -15.25 -4.97
N TYR B 51 2.52 -16.18 -4.79
CA TYR B 51 1.13 -16.01 -5.20
C TYR B 51 0.23 -16.48 -4.07
N THR B 52 -0.93 -15.84 -3.96
CA THR B 52 -1.93 -16.19 -2.96
C THR B 52 -3.01 -17.02 -3.62
N LEU B 53 -3.33 -18.17 -3.01
CA LEU B 53 -4.22 -19.17 -3.57
C LEU B 53 -5.24 -19.55 -2.51
N THR B 54 -6.51 -19.31 -2.80
CA THR B 54 -7.62 -19.74 -1.95
C THR B 54 -8.27 -20.98 -2.55
N MET B 55 -8.62 -21.93 -1.69
CA MET B 55 -9.08 -23.22 -2.18
C MET B 55 -9.89 -23.94 -1.11
N TYR B 56 -10.72 -24.86 -1.57
CA TYR B 56 -11.33 -25.89 -0.74
C TYR B 56 -10.49 -27.15 -0.92
N PHE B 57 -9.76 -27.53 0.12
CA PHE B 57 -8.85 -28.67 0.11
C PHE B 57 -9.50 -29.81 0.88
N GLN B 58 -9.79 -30.91 0.18
CA GLN B 58 -10.54 -32.02 0.75
C GLN B 58 -9.71 -33.30 0.67
N GLN B 59 -9.63 -34.00 1.81
CA GLN B 59 -8.93 -35.26 1.96
C GLN B 59 -9.93 -36.38 2.21
N TYR B 60 -9.59 -37.56 1.72
CA TYR B 60 -10.47 -38.74 1.75
CA TYR B 60 -10.46 -38.73 1.73
C TYR B 60 -9.66 -39.92 2.23
N TRP B 61 -10.14 -40.61 3.26
CA TRP B 61 -9.44 -41.81 3.72
C TRP B 61 -10.43 -42.72 4.43
N ARG B 62 -9.92 -43.86 4.91
CA ARG B 62 -10.72 -44.88 5.57
C ARG B 62 -10.13 -45.15 6.95
N ASP B 63 -10.99 -45.08 7.97
CA ASP B 63 -10.62 -45.41 9.34
C ASP B 63 -11.66 -46.41 9.84
N LYS B 64 -11.27 -47.67 9.96
CA LYS B 64 -12.20 -48.71 10.36
C LYS B 64 -12.70 -48.54 11.79
N ARG B 65 -11.98 -47.77 12.62
CA ARG B 65 -12.46 -47.49 13.97
C ARG B 65 -13.76 -46.69 13.93
N LEU B 66 -13.96 -45.87 12.91
CA LEU B 66 -15.11 -44.98 12.80
C LEU B 66 -16.25 -45.57 11.97
N ALA B 67 -16.16 -46.85 11.60
CA ALA B 67 -17.25 -47.48 10.86
C ALA B 67 -18.44 -47.71 11.77
N TYR B 68 -19.64 -47.53 11.21
CA TYR B 68 -20.89 -47.70 11.96
C TYR B 68 -21.91 -48.37 11.06
N SER B 69 -22.94 -48.94 11.69
CA SER B 69 -24.00 -49.65 10.99
C SER B 69 -25.34 -49.30 11.61
N GLY B 70 -26.41 -49.57 10.84
CA GLY B 70 -27.75 -49.27 11.28
C GLY B 70 -28.21 -47.85 11.04
N ILE B 71 -27.38 -47.01 10.45
CA ILE B 71 -27.73 -45.62 10.15
C ILE B 71 -27.47 -45.38 8.67
N PRO B 72 -28.44 -45.59 7.76
CA PRO B 72 -28.13 -45.40 6.33
C PRO B 72 -28.04 -43.93 5.94
N LEU B 73 -26.99 -43.28 6.45
CA LEU B 73 -26.76 -41.86 6.20
C LEU B 73 -25.26 -41.59 6.27
N ASN B 74 -24.84 -40.52 5.60
CA ASN B 74 -23.49 -39.97 5.77
C ASN B 74 -23.59 -38.91 6.87
N LEU B 75 -22.95 -39.17 8.00
CA LEU B 75 -23.05 -38.27 9.14
C LEU B 75 -22.09 -37.11 8.95
N THR B 76 -22.64 -35.93 8.64
CA THR B 76 -21.87 -34.70 8.56
C THR B 76 -21.84 -34.10 9.96
N LEU B 77 -20.72 -34.28 10.66
CA LEU B 77 -20.65 -33.86 12.05
C LEU B 77 -20.15 -32.43 12.15
N ASP B 78 -20.38 -31.83 13.32
CA ASP B 78 -19.85 -30.51 13.59
C ASP B 78 -18.32 -30.54 13.54
N ASN B 79 -17.73 -29.46 13.02
CA ASN B 79 -16.30 -29.45 12.77
C ASN B 79 -15.45 -29.55 14.03
N ARG B 80 -16.04 -29.36 15.21
CA ARG B 80 -15.26 -29.49 16.45
C ARG B 80 -14.72 -30.90 16.64
N VAL B 81 -15.44 -31.91 16.13
CA VAL B 81 -15.02 -33.31 16.32
C VAL B 81 -13.78 -33.66 15.51
N ALA B 82 -13.38 -32.82 14.55
CA ALA B 82 -12.12 -33.06 13.85
C ALA B 82 -10.94 -32.99 14.81
N ASP B 83 -11.05 -32.21 15.87
CA ASP B 83 -10.00 -32.18 16.89
C ASP B 83 -9.91 -33.50 17.62
N GLN B 84 -11.04 -34.18 17.83
CA GLN B 84 -11.03 -35.48 18.49
C GLN B 84 -10.59 -36.59 17.55
N LEU B 85 -10.89 -36.47 16.26
CA LEU B 85 -10.56 -37.50 15.29
C LEU B 85 -9.14 -37.29 14.75
N TRP B 86 -8.56 -38.39 14.28
CA TRP B 86 -7.27 -38.35 13.61
C TRP B 86 -7.43 -37.83 12.18
N VAL B 87 -6.50 -36.98 11.77
CA VAL B 87 -6.44 -36.48 10.39
C VAL B 87 -5.00 -36.47 9.94
N PRO B 88 -4.76 -36.51 8.61
CA PRO B 88 -3.37 -36.50 8.14
C PRO B 88 -2.66 -35.20 8.48
N ASP B 89 -1.35 -35.29 8.67
CA ASP B 89 -0.51 -34.13 8.94
C ASP B 89 0.01 -33.51 7.65
N THR B 90 -0.92 -33.21 6.75
CA THR B 90 -0.58 -32.64 5.46
C THR B 90 -0.06 -31.22 5.61
N TYR B 91 0.86 -30.83 4.74
CA TYR B 91 1.39 -29.48 4.73
C TYR B 91 1.87 -29.13 3.33
N PHE B 92 2.01 -27.84 3.08
CA PHE B 92 2.47 -27.32 1.80
C PHE B 92 3.90 -26.81 1.97
N LEU B 93 4.83 -27.45 1.28
CA LEU B 93 6.26 -27.20 1.53
C LEU B 93 6.65 -25.76 1.17
N ASN B 94 6.17 -25.27 0.03
CA ASN B 94 6.52 -23.94 -0.44
C ASN B 94 5.61 -22.84 0.13
N ASP B 95 4.94 -23.12 1.25
CA ASP B 95 4.10 -22.12 1.88
C ASP B 95 4.96 -21.03 2.53
N LYS B 96 4.37 -19.85 2.65
CA LYS B 96 4.94 -18.73 3.39
C LYS B 96 4.00 -18.20 4.46
N LYS B 97 2.69 -18.20 4.19
CA LYS B 97 1.71 -17.72 5.15
C LYS B 97 0.36 -18.28 4.73
N SER B 98 -0.33 -18.94 5.67
CA SER B 98 -1.60 -19.58 5.36
C SER B 98 -2.44 -19.66 6.62
N PHE B 99 -3.74 -19.81 6.42
CA PHE B 99 -4.67 -19.97 7.54
C PHE B 99 -5.95 -20.59 7.01
N VAL B 100 -6.71 -21.19 7.92
CA VAL B 100 -8.05 -21.67 7.64
C VAL B 100 -9.04 -20.57 8.01
N HIS B 101 -9.94 -20.24 7.10
CA HIS B 101 -10.93 -19.20 7.35
C HIS B 101 -11.82 -19.59 8.53
N GLY B 102 -12.17 -18.59 9.35
CA GLY B 102 -12.81 -18.83 10.62
C GLY B 102 -14.03 -17.97 10.90
N VAL B 103 -14.83 -17.69 9.87
CA VAL B 103 -16.08 -16.94 9.99
C VAL B 103 -17.15 -17.67 9.19
N THR B 104 -18.34 -17.91 9.76
CA THR B 104 -18.76 -17.62 11.14
C THR B 104 -18.11 -18.57 12.14
N VAL B 105 -17.69 -19.75 11.66
CA VAL B 105 -16.94 -20.71 12.43
C VAL B 105 -15.76 -21.17 11.58
N LYS B 106 -14.99 -22.11 12.12
CA LYS B 106 -13.87 -22.67 11.38
C LYS B 106 -14.40 -23.37 10.13
N ASN B 107 -14.01 -22.86 8.95
CA ASN B 107 -14.52 -23.38 7.69
C ASN B 107 -13.87 -24.73 7.45
N ARG B 108 -14.43 -25.74 8.12
CA ARG B 108 -13.91 -27.09 8.17
C ARG B 108 -15.10 -28.05 8.16
N MET B 109 -14.97 -29.12 7.38
CA MET B 109 -16.01 -30.12 7.21
C MET B 109 -15.45 -31.48 7.59
N ILE B 110 -16.26 -32.25 8.33
CA ILE B 110 -15.95 -33.63 8.66
C ILE B 110 -17.20 -34.46 8.44
N ARG B 111 -17.09 -35.49 7.59
CA ARG B 111 -18.20 -36.33 7.20
C ARG B 111 -17.77 -37.79 7.27
N LEU B 112 -18.50 -38.58 8.07
CA LEU B 112 -18.26 -40.01 8.21
C LEU B 112 -19.28 -40.78 7.40
N HIS B 113 -18.84 -41.93 6.89
CA HIS B 113 -19.68 -42.84 6.13
C HIS B 113 -19.76 -44.18 6.85
N PRO B 114 -20.74 -45.04 6.51
CA PRO B 114 -20.91 -46.28 7.28
C PRO B 114 -19.71 -47.19 7.31
N ASP B 115 -18.91 -47.23 6.25
CA ASP B 115 -17.74 -48.11 6.17
C ASP B 115 -16.49 -47.50 6.79
N GLY B 116 -16.63 -46.52 7.66
CA GLY B 116 -15.49 -45.88 8.29
C GLY B 116 -14.80 -44.83 7.46
N THR B 117 -15.30 -44.54 6.26
CA THR B 117 -14.67 -43.53 5.42
C THR B 117 -14.87 -42.14 6.01
N VAL B 118 -13.83 -41.34 5.95
CA VAL B 118 -13.81 -39.97 6.45
C VAL B 118 -13.48 -39.04 5.29
N LEU B 119 -14.32 -38.02 5.12
CA LEU B 119 -14.06 -36.90 4.22
C LEU B 119 -13.84 -35.66 5.07
N TYR B 120 -12.70 -35.00 4.86
CA TYR B 120 -12.22 -33.92 5.71
C TYR B 120 -11.84 -32.74 4.82
N GLY B 121 -12.63 -31.67 4.90
CA GLY B 121 -12.44 -30.49 4.05
C GLY B 121 -12.04 -29.29 4.86
N LEU B 122 -11.22 -28.43 4.26
CA LEU B 122 -10.80 -27.18 4.86
C LEU B 122 -10.83 -26.08 3.82
N ARG B 123 -11.23 -24.88 4.22
CA ARG B 123 -11.13 -23.70 3.37
C ARG B 123 -9.82 -22.98 3.71
N ILE B 124 -8.83 -23.09 2.82
CA ILE B 124 -7.48 -22.65 3.09
C ILE B 124 -7.09 -21.62 2.04
N THR B 125 -6.54 -20.50 2.49
CA THR B 125 -5.84 -19.55 1.63
C THR B 125 -4.38 -19.50 2.05
N THR B 126 -3.49 -19.68 1.08
CA THR B 126 -2.06 -19.82 1.34
C THR B 126 -1.26 -18.96 0.37
N THR B 127 -0.23 -18.31 0.88
CA THR B 127 0.73 -17.57 0.06
C THR B 127 1.93 -18.48 -0.18
N ALA B 128 2.05 -18.98 -1.40
CA ALA B 128 3.07 -19.95 -1.77
C ALA B 128 4.16 -19.29 -2.58
N ALA B 129 5.41 -19.64 -2.26
CA ALA B 129 6.55 -19.10 -2.98
C ALA B 129 6.56 -19.58 -4.42
N CYS B 130 6.88 -18.67 -5.34
CA CYS B 130 7.02 -19.01 -6.75
C CYS B 130 8.12 -18.13 -7.32
N MET B 131 9.34 -18.67 -7.38
CA MET B 131 10.47 -17.93 -7.93
C MET B 131 10.32 -17.83 -9.44
N MET B 132 10.23 -16.61 -9.96
CA MET B 132 9.88 -16.34 -11.34
C MET B 132 11.11 -15.87 -12.11
N ASP B 133 11.34 -16.48 -13.26
CA ASP B 133 12.42 -16.07 -14.16
C ASP B 133 11.90 -14.94 -15.04
N LEU B 134 12.45 -13.74 -14.86
CA LEU B 134 11.96 -12.53 -15.51
C LEU B 134 12.88 -12.08 -16.65
N ARG B 135 13.64 -13.01 -17.25
CA ARG B 135 14.53 -12.64 -18.34
C ARG B 135 13.74 -12.18 -19.56
N ARG B 136 12.61 -12.83 -19.83
CA ARG B 136 11.75 -12.48 -20.96
C ARG B 136 10.55 -11.62 -20.54
N TYR B 137 10.61 -11.03 -19.35
CA TYR B 137 9.52 -10.19 -18.89
C TYR B 137 9.38 -8.97 -19.81
N PRO B 138 8.15 -8.57 -20.17
CA PRO B 138 6.81 -9.05 -19.82
C PRO B 138 6.26 -10.12 -20.76
N LEU B 139 7.09 -10.65 -21.67
CA LEU B 139 6.70 -11.75 -22.55
C LEU B 139 7.07 -13.09 -21.95
N ASP B 140 7.10 -13.19 -20.62
CA ASP B 140 7.54 -14.38 -19.91
C ASP B 140 6.36 -15.31 -19.62
N GLU B 141 6.70 -16.57 -19.35
CA GLU B 141 5.73 -17.60 -18.97
C GLU B 141 6.25 -18.28 -17.72
N GLN B 142 5.42 -18.32 -16.68
CA GLN B 142 5.86 -18.67 -15.33
C GLN B 142 5.19 -19.96 -14.86
N ASN B 143 5.99 -20.85 -14.28
CA ASN B 143 5.49 -22.03 -13.60
C ASN B 143 5.39 -21.74 -12.10
N CYS B 144 4.21 -21.98 -11.53
CA CYS B 144 3.98 -21.81 -10.10
C CYS B 144 3.30 -23.06 -9.55
N THR B 145 3.86 -23.61 -8.48
CA THR B 145 3.46 -24.92 -7.98
C THR B 145 3.08 -24.85 -6.51
N LEU B 146 2.23 -25.79 -6.11
CA LEU B 146 1.90 -26.07 -4.73
C LEU B 146 2.31 -27.51 -4.43
N GLU B 147 3.12 -27.68 -3.39
CA GLU B 147 3.79 -28.94 -3.09
C GLU B 147 3.19 -29.53 -1.81
N ILE B 148 2.23 -30.43 -1.97
CA ILE B 148 1.55 -31.06 -0.84
C ILE B 148 2.35 -32.27 -0.41
N GLU B 149 2.60 -32.39 0.90
CA GLU B 149 3.43 -33.45 1.42
C GLU B 149 2.99 -33.82 2.83
N SER B 150 3.24 -35.07 3.21
CA SER B 150 3.06 -35.52 4.58
C SER B 150 4.34 -35.22 5.37
N TYR B 151 4.18 -34.66 6.56
CA TYR B 151 5.35 -34.28 7.34
C TYR B 151 5.93 -35.46 8.11
N GLY B 152 5.14 -36.05 9.01
CA GLY B 152 5.66 -37.06 9.92
C GLY B 152 5.60 -38.48 9.41
N TYR B 153 4.67 -38.77 8.49
CA TYR B 153 4.40 -40.12 8.05
C TYR B 153 5.12 -40.39 6.74
N THR B 154 5.96 -41.43 6.73
CA THR B 154 6.70 -41.82 5.54
C THR B 154 5.80 -42.64 4.62
N THR B 155 6.37 -43.09 3.50
CA THR B 155 5.60 -43.92 2.57
C THR B 155 5.19 -45.25 3.18
N ASP B 156 5.90 -45.71 4.21
CA ASP B 156 5.48 -46.91 4.92
C ASP B 156 4.20 -46.69 5.71
N ASP B 157 3.90 -45.44 6.09
CA ASP B 157 2.74 -45.12 6.90
C ASP B 157 1.59 -44.51 6.11
N ILE B 158 1.89 -43.68 5.10
CA ILE B 158 0.86 -42.94 4.38
C ILE B 158 1.19 -42.92 2.90
N GLU B 159 0.16 -43.01 2.07
CA GLU B 159 0.26 -42.85 0.63
C GLU B 159 -0.71 -41.76 0.20
N PHE B 160 -0.31 -40.99 -0.81
CA PHE B 160 -1.12 -39.91 -1.36
C PHE B 160 -1.53 -40.26 -2.78
N TYR B 161 -2.74 -39.86 -3.16
CA TYR B 161 -3.15 -39.93 -4.54
C TYR B 161 -4.13 -38.80 -4.83
N TRP B 162 -4.25 -38.47 -6.11
CA TRP B 162 -5.22 -37.47 -6.58
C TRP B 162 -6.56 -38.16 -6.81
N ARG B 163 -7.56 -37.79 -6.01
CA ARG B 163 -8.86 -38.42 -6.13
C ARG B 163 -9.55 -37.96 -7.41
N GLY B 164 -10.01 -38.92 -8.20
CA GLY B 164 -10.57 -38.63 -9.50
C GLY B 164 -9.55 -38.45 -10.60
N GLY B 165 -8.28 -38.76 -10.34
CA GLY B 165 -7.27 -38.64 -11.37
C GLY B 165 -7.06 -37.19 -11.78
N ASP B 166 -6.94 -36.98 -13.10
CA ASP B 166 -6.66 -35.65 -13.62
C ASP B 166 -7.80 -34.65 -13.36
N LYS B 167 -8.98 -35.12 -13.00
CA LYS B 167 -10.09 -34.25 -12.62
C LYS B 167 -10.08 -33.91 -11.13
N ALA B 168 -8.98 -34.18 -10.42
CA ALA B 168 -8.94 -33.92 -8.99
C ALA B 168 -9.06 -32.43 -8.69
N VAL B 169 -8.39 -31.59 -9.48
CA VAL B 169 -8.38 -30.14 -9.27
C VAL B 169 -9.38 -29.51 -10.22
N THR B 170 -10.30 -28.72 -9.65
CA THR B 170 -11.36 -28.06 -10.40
C THR B 170 -11.33 -26.57 -10.11
N GLY B 171 -12.06 -25.81 -10.93
CA GLY B 171 -12.10 -24.36 -10.78
C GLY B 171 -10.95 -23.62 -11.42
N VAL B 172 -10.05 -24.30 -12.10
CA VAL B 172 -8.93 -23.62 -12.74
C VAL B 172 -9.41 -22.73 -13.88
N GLU B 173 -10.49 -23.12 -14.56
CA GLU B 173 -10.96 -22.36 -15.71
C GLU B 173 -11.75 -21.11 -15.32
N ARG B 174 -12.20 -20.99 -14.07
CA ARG B 174 -12.98 -19.85 -13.61
C ARG B 174 -12.12 -18.76 -12.97
N ILE B 175 -10.79 -18.88 -13.05
CA ILE B 175 -9.90 -17.89 -12.45
C ILE B 175 -9.70 -16.74 -13.43
N GLU B 176 -9.85 -15.51 -12.93
CA GLU B 176 -9.59 -14.30 -13.69
C GLU B 176 -8.42 -13.57 -13.03
N LEU B 177 -7.26 -13.56 -13.69
CA LEU B 177 -6.10 -12.79 -13.27
C LEU B 177 -5.95 -11.57 -14.16
N PRO B 178 -5.88 -10.34 -13.63
CA PRO B 178 -5.74 -9.18 -14.54
C PRO B 178 -4.48 -9.21 -15.39
N GLN B 179 -3.38 -9.75 -14.87
CA GLN B 179 -2.09 -9.73 -15.57
C GLN B 179 -1.75 -11.04 -16.25
N PHE B 180 -2.38 -12.15 -15.86
CA PHE B 180 -1.98 -13.48 -16.29
C PHE B 180 -3.16 -14.25 -16.85
N SER B 181 -2.84 -15.25 -17.66
CA SER B 181 -3.80 -16.22 -18.17
C SER B 181 -3.29 -17.61 -17.84
N ILE B 182 -4.18 -18.45 -17.30
CA ILE B 182 -3.83 -19.83 -16.93
C ILE B 182 -3.85 -20.64 -18.22
N VAL B 183 -2.68 -20.94 -18.77
CA VAL B 183 -2.66 -21.67 -20.05
C VAL B 183 -2.78 -23.17 -19.82
N GLU B 184 -2.38 -23.67 -18.66
CA GLU B 184 -2.41 -25.10 -18.40
C GLU B 184 -2.17 -25.34 -16.91
N HIS B 185 -2.74 -26.43 -16.40
CA HIS B 185 -2.47 -26.90 -15.05
C HIS B 185 -2.20 -28.40 -15.10
N ARG B 186 -1.39 -28.87 -14.15
CA ARG B 186 -0.88 -30.23 -14.15
C ARG B 186 -0.85 -30.77 -12.72
N LEU B 187 -1.03 -32.08 -12.61
CA LEU B 187 -0.97 -32.80 -11.34
C LEU B 187 0.10 -33.87 -11.43
N VAL B 188 0.93 -33.95 -10.39
CA VAL B 188 2.02 -34.93 -10.32
C VAL B 188 1.98 -35.59 -8.95
N SER B 189 2.37 -36.86 -8.92
CA SER B 189 2.51 -37.63 -7.68
C SER B 189 3.83 -38.37 -7.71
N ARG B 190 4.58 -38.30 -6.63
CA ARG B 190 5.92 -38.89 -6.58
C ARG B 190 6.32 -39.07 -5.12
N ASN B 191 7.58 -39.43 -4.90
CA ASN B 191 8.18 -39.57 -3.58
C ASN B 191 9.38 -38.65 -3.46
N VAL B 192 9.58 -38.14 -2.25
CA VAL B 192 10.70 -37.25 -1.93
C VAL B 192 11.43 -37.83 -0.74
N VAL B 193 12.75 -37.94 -0.84
CA VAL B 193 13.58 -38.58 0.18
C VAL B 193 14.33 -37.48 0.93
N PHE B 194 14.13 -37.45 2.24
CA PHE B 194 14.90 -36.61 3.16
C PHE B 194 15.76 -37.52 4.04
N ALA B 195 16.53 -36.89 4.93
CA ALA B 195 17.36 -37.67 5.84
C ALA B 195 16.52 -38.53 6.77
N THR B 196 15.30 -38.10 7.08
CA THR B 196 14.42 -38.83 7.99
C THR B 196 13.64 -39.94 7.32
N GLY B 197 13.62 -40.00 5.98
CA GLY B 197 12.96 -41.05 5.25
C GLY B 197 12.33 -40.51 3.98
N ALA B 198 11.54 -41.37 3.33
CA ALA B 198 10.85 -41.04 2.10
C ALA B 198 9.39 -40.72 2.40
N TYR B 199 8.86 -39.70 1.74
CA TYR B 199 7.50 -39.21 1.96
C TYR B 199 6.78 -39.06 0.63
N PRO B 200 5.45 -39.17 0.62
CA PRO B 200 4.71 -38.93 -0.63
C PRO B 200 4.55 -37.45 -0.89
N ARG B 201 4.52 -37.09 -2.18
CA ARG B 201 4.48 -35.69 -2.60
C ARG B 201 3.52 -35.58 -3.77
N LEU B 202 2.45 -34.81 -3.58
CA LEU B 202 1.60 -34.36 -4.67
C LEU B 202 2.01 -32.94 -5.05
N SER B 203 1.83 -32.60 -6.32
CA SER B 203 2.25 -31.31 -6.85
C SER B 203 1.19 -30.82 -7.82
N LEU B 204 0.65 -29.63 -7.54
CA LEU B 204 -0.31 -28.95 -8.42
C LEU B 204 0.40 -27.77 -9.04
N SER B 205 0.64 -27.83 -10.34
CA SER B 205 1.38 -26.80 -11.06
C SER B 205 0.45 -26.05 -12.00
N PHE B 206 0.65 -24.74 -12.09
CA PHE B 206 0.00 -23.88 -13.06
C PHE B 206 1.06 -23.20 -13.92
N ARG B 207 0.72 -22.98 -15.18
CA ARG B 207 1.55 -22.20 -16.10
C ARG B 207 0.78 -20.93 -16.48
N LEU B 208 1.42 -19.80 -16.26
CA LEU B 208 0.81 -18.48 -16.39
C LEU B 208 1.50 -17.75 -17.53
N LYS B 209 0.70 -17.22 -18.47
CA LYS B 209 1.20 -16.37 -19.54
C LYS B 209 0.82 -14.93 -19.24
N ARG B 210 1.81 -14.04 -19.25
CA ARG B 210 1.58 -12.65 -18.89
C ARG B 210 0.94 -11.90 -20.06
N ASN B 211 -0.01 -11.03 -19.73
CA ASN B 211 -0.70 -10.23 -20.74
C ASN B 211 0.17 -9.05 -21.15
N ILE B 212 0.19 -8.77 -22.45
CA ILE B 212 1.09 -7.76 -23.02
C ILE B 212 0.42 -6.40 -23.23
N GLY B 213 -0.91 -6.34 -23.19
CA GLY B 213 -1.59 -5.09 -23.50
C GLY B 213 -1.27 -3.98 -22.51
N TYR B 214 -1.17 -4.31 -21.23
CA TYR B 214 -0.82 -3.32 -20.22
C TYR B 214 0.53 -2.70 -20.54
N PHE B 215 1.51 -3.52 -20.88
CA PHE B 215 2.84 -3.01 -21.16
C PHE B 215 2.89 -2.25 -22.48
N ILE B 216 2.10 -2.67 -23.47
CA ILE B 216 2.03 -1.90 -24.72
C ILE B 216 1.48 -0.51 -24.45
N LEU B 217 0.44 -0.42 -23.61
CA LEU B 217 -0.12 0.88 -23.26
C LEU B 217 0.87 1.71 -22.45
N GLN B 218 1.62 1.07 -21.55
CA GLN B 218 2.39 1.81 -20.56
C GLN B 218 3.79 2.21 -21.03
N THR B 219 4.50 1.31 -21.71
CA THR B 219 5.92 1.48 -21.99
C THR B 219 6.24 1.55 -23.47
N TYR B 220 5.80 0.58 -24.27
CA TYR B 220 6.28 0.46 -25.64
C TYR B 220 5.81 1.63 -26.49
N MET B 221 4.52 1.97 -26.41
CA MET B 221 4.00 3.09 -27.19
C MET B 221 4.66 4.42 -26.85
N PRO B 222 4.74 4.84 -25.57
CA PRO B 222 5.42 6.12 -25.29
C PRO B 222 6.87 6.14 -25.71
N SER B 223 7.59 5.02 -25.59
CA SER B 223 8.98 4.98 -26.03
C SER B 223 9.07 5.19 -27.54
N ILE B 224 8.20 4.54 -28.30
CA ILE B 224 8.20 4.69 -29.75
C ILE B 224 7.90 6.14 -30.13
N LEU B 225 6.91 6.70 -29.45
CA LEU B 225 6.50 8.10 -29.75
C LEU B 225 7.62 9.07 -29.39
N ILE B 226 8.33 8.83 -28.31
CA ILE B 226 9.45 9.68 -27.91
C ILE B 226 10.59 9.56 -28.92
N THR B 227 10.81 8.35 -29.42
CA THR B 227 11.83 8.16 -30.45
C THR B 227 11.47 8.93 -31.72
N ILE B 228 10.18 8.95 -32.08
CA ILE B 228 9.75 9.69 -33.27
C ILE B 228 9.98 11.18 -33.07
N LEU B 229 9.63 11.71 -31.90
CA LEU B 229 9.94 13.11 -31.63
C LEU B 229 11.44 13.37 -31.57
N SER B 230 12.24 12.37 -31.22
CA SER B 230 13.68 12.50 -31.37
C SER B 230 14.06 12.67 -32.84
N TRP B 231 13.43 11.90 -33.72
CA TRP B 231 13.70 12.03 -35.15
C TRP B 231 13.24 13.36 -35.71
N VAL B 232 12.27 14.01 -35.05
CA VAL B 232 11.73 15.28 -35.58
C VAL B 232 12.84 16.32 -35.75
N SER B 233 13.91 16.24 -34.96
CA SER B 233 14.96 17.24 -35.03
C SER B 233 15.69 17.24 -36.38
N PHE B 234 15.67 16.13 -37.12
CA PHE B 234 16.39 16.08 -38.39
C PHE B 234 15.81 17.02 -39.43
N TRP B 235 14.53 17.38 -39.32
CA TRP B 235 13.90 18.32 -40.24
C TRP B 235 14.03 19.77 -39.78
N ILE B 236 14.65 20.02 -38.62
CA ILE B 236 14.87 21.37 -38.13
C ILE B 236 16.20 21.87 -38.70
N ASN B 237 16.27 23.18 -38.91
CA ASN B 237 17.48 23.79 -39.48
C ASN B 237 18.69 23.56 -38.59
N TYR B 238 19.85 23.38 -39.22
CA TYR B 238 21.07 23.08 -38.47
C TYR B 238 21.47 24.22 -37.56
N ASP B 239 21.09 25.46 -37.90
CA ASP B 239 21.45 26.61 -37.08
C ASP B 239 20.50 26.83 -35.90
N ALA B 240 19.41 26.06 -35.81
CA ALA B 240 18.48 26.16 -34.68
C ALA B 240 19.01 25.28 -33.54
N SER B 241 20.17 25.68 -33.02
CA SER B 241 20.88 24.87 -32.04
C SER B 241 20.10 24.72 -30.76
N ALA B 242 19.50 25.82 -30.26
CA ALA B 242 18.74 25.74 -29.03
C ALA B 242 17.58 24.77 -29.15
N ALA B 243 16.84 24.86 -30.26
CA ALA B 243 15.69 23.99 -30.46
C ALA B 243 16.12 22.53 -30.57
N ARG B 244 17.12 22.25 -31.40
CA ARG B 244 17.52 20.87 -31.64
C ARG B 244 18.13 20.24 -30.40
N VAL B 245 18.96 20.99 -29.67
CA VAL B 245 19.53 20.49 -28.43
C VAL B 245 18.44 20.28 -27.39
N ALA B 246 17.46 21.18 -27.32
CA ALA B 246 16.37 21.01 -26.38
C ALA B 246 15.61 19.71 -26.68
N LEU B 247 15.31 19.46 -27.95
CA LEU B 247 14.58 18.26 -28.33
C LEU B 247 15.39 17.01 -27.99
N GLY B 248 16.68 17.00 -28.35
CA GLY B 248 17.50 15.82 -28.10
C GLY B 248 17.67 15.53 -26.62
N ILE B 249 18.00 16.56 -25.85
CA ILE B 249 18.20 16.40 -24.41
C ILE B 249 16.89 15.94 -23.76
N THR B 250 15.78 16.54 -24.17
CA THR B 250 14.48 16.16 -23.63
C THR B 250 14.20 14.69 -23.88
N THR B 251 14.35 14.23 -25.13
CA THR B 251 14.05 12.85 -25.44
C THR B 251 14.97 11.89 -24.69
N VAL B 252 16.26 12.22 -24.62
CA VAL B 252 17.22 11.34 -23.94
C VAL B 252 16.87 11.20 -22.47
N LEU B 253 16.69 12.33 -21.79
CA LEU B 253 16.41 12.29 -20.36
C LEU B 253 15.06 11.67 -20.07
N THR B 254 14.09 11.82 -20.98
CA THR B 254 12.79 11.20 -20.78
C THR B 254 12.86 9.69 -20.93
N MET B 255 13.66 9.21 -21.88
CA MET B 255 13.86 7.76 -21.98
C MET B 255 14.50 7.21 -20.72
N THR B 256 15.51 7.90 -20.20
CA THR B 256 16.12 7.46 -18.94
C THR B 256 15.10 7.49 -17.81
N THR B 257 14.30 8.56 -17.74
CA THR B 257 13.35 8.71 -16.65
C THR B 257 12.28 7.62 -16.69
N ILE B 258 11.74 7.34 -17.87
CA ILE B 258 10.68 6.33 -17.97
C ILE B 258 11.24 4.96 -17.66
N ASN B 259 12.47 4.66 -18.12
CA ASN B 259 13.06 3.36 -17.80
C ASN B 259 13.25 3.20 -16.29
N THR B 260 13.87 4.19 -15.65
CA THR B 260 14.13 4.09 -14.21
C THR B 260 12.83 4.04 -13.42
N HIS B 261 11.85 4.89 -13.78
CA HIS B 261 10.58 4.90 -13.08
C HIS B 261 9.83 3.59 -13.26
N LEU B 262 9.95 2.97 -14.43
CA LEU B 262 9.30 1.68 -14.65
C LEU B 262 9.91 0.60 -13.76
N ARG B 263 11.24 0.49 -13.76
CA ARG B 263 11.87 -0.71 -13.21
C ARG B 263 12.12 -0.63 -11.70
N GLU B 264 11.34 0.18 -10.98
CA GLU B 264 11.38 0.15 -9.51
C GLU B 264 10.43 -0.90 -8.95
N THR B 265 9.24 -1.05 -9.56
CA THR B 265 8.24 -1.97 -9.01
C THR B 265 8.67 -3.43 -9.09
N LEU B 266 9.59 -3.77 -9.98
CA LEU B 266 10.12 -5.12 -10.04
C LEU B 266 11.08 -5.37 -8.87
N PRO B 267 11.37 -6.62 -8.56
CA PRO B 267 12.43 -6.91 -7.57
C PRO B 267 13.79 -6.57 -8.14
N LYS B 268 14.79 -6.56 -7.25
CA LYS B 268 16.14 -6.17 -7.61
C LYS B 268 16.89 -7.34 -8.26
N ILE B 269 16.39 -7.76 -9.41
CA ILE B 269 16.99 -8.86 -10.16
C ILE B 269 18.31 -8.41 -10.77
N PRO B 270 19.30 -9.29 -10.92
CA PRO B 270 20.60 -8.85 -11.44
C PRO B 270 20.73 -8.84 -12.96
N TYR B 271 19.78 -9.40 -13.69
CA TYR B 271 19.89 -9.60 -15.13
C TYR B 271 18.98 -8.62 -15.88
N VAL B 272 19.17 -8.59 -17.20
CA VAL B 272 18.47 -7.66 -18.07
C VAL B 272 17.22 -8.33 -18.61
N LYS B 273 16.09 -7.62 -18.52
CA LYS B 273 14.81 -8.12 -19.02
C LYS B 273 14.58 -7.65 -20.46
N ALA B 274 13.51 -8.15 -21.06
CA ALA B 274 13.17 -7.75 -22.42
C ALA B 274 12.75 -6.29 -22.48
N ILE B 275 11.98 -5.84 -21.48
CA ILE B 275 11.58 -4.43 -21.43
C ILE B 275 12.81 -3.55 -21.25
N ASP B 276 13.77 -4.01 -20.44
CA ASP B 276 15.02 -3.29 -20.29
C ASP B 276 15.79 -3.23 -21.60
N MET B 277 15.82 -4.34 -22.34
CA MET B 277 16.49 -4.35 -23.64
C MET B 277 15.86 -3.35 -24.60
N TYR B 278 14.53 -3.34 -24.66
CA TYR B 278 13.83 -2.40 -25.53
C TYR B 278 14.10 -0.96 -25.12
N LEU B 279 14.09 -0.68 -23.82
CA LEU B 279 14.31 0.68 -23.35
C LEU B 279 15.74 1.14 -23.62
N MET B 280 16.72 0.25 -23.47
CA MET B 280 18.09 0.61 -23.85
C MET B 280 18.20 0.84 -25.34
N GLY B 281 17.48 0.06 -26.16
CA GLY B 281 17.48 0.32 -27.59
C GLY B 281 16.95 1.69 -27.93
N CYS B 282 15.80 2.05 -27.33
CA CYS B 282 15.23 3.38 -27.57
C CYS B 282 16.15 4.48 -27.07
N PHE B 283 16.80 4.26 -25.92
CA PHE B 283 17.76 5.23 -25.42
C PHE B 283 18.92 5.41 -26.39
N VAL B 284 19.42 4.31 -26.94
CA VAL B 284 20.52 4.40 -27.90
C VAL B 284 20.08 5.17 -29.13
N PHE B 285 18.84 4.97 -29.57
CA PHE B 285 18.35 5.68 -30.76
C PHE B 285 18.25 7.18 -30.52
N VAL B 286 17.65 7.59 -29.39
CA VAL B 286 17.51 9.03 -29.13
C VAL B 286 18.88 9.65 -28.88
N PHE B 287 19.76 8.93 -28.19
CA PHE B 287 21.12 9.44 -27.97
C PHE B 287 21.86 9.59 -29.29
N LEU B 288 21.65 8.66 -30.22
CA LEU B 288 22.29 8.77 -31.53
C LEU B 288 21.74 9.96 -32.31
N ALA B 289 20.45 10.26 -32.16
CA ALA B 289 19.90 11.44 -32.81
C ALA B 289 20.55 12.72 -32.26
N LEU B 290 20.67 12.81 -30.94
CA LEU B 290 21.31 13.97 -30.34
C LEU B 290 22.78 14.06 -30.77
N LEU B 291 23.48 12.93 -30.79
CA LEU B 291 24.86 12.92 -31.26
C LEU B 291 24.95 13.28 -32.74
N GLU B 292 23.92 12.96 -33.52
CA GLU B 292 23.91 13.35 -34.93
C GLU B 292 23.84 14.87 -35.05
N TYR B 293 22.98 15.52 -34.26
CA TYR B 293 22.99 16.97 -34.30
C TYR B 293 24.34 17.53 -33.84
N ALA B 294 24.90 16.95 -32.78
CA ALA B 294 26.22 17.40 -32.32
C ALA B 294 27.25 17.24 -33.44
N PHE B 295 27.14 16.16 -34.22
CA PHE B 295 28.10 15.91 -35.29
C PHE B 295 27.96 16.94 -36.41
N VAL B 296 26.73 17.24 -36.83
CA VAL B 296 26.59 18.21 -37.91
C VAL B 296 26.99 19.60 -37.44
N ASN B 297 26.68 19.94 -36.19
CA ASN B 297 27.10 21.24 -35.65
C ASN B 297 28.62 21.34 -35.61
N TYR B 298 29.30 20.28 -35.13
CA TYR B 298 30.76 20.29 -35.12
C TYR B 298 31.32 20.38 -36.53
N ILE B 299 30.75 19.62 -37.46
CA ILE B 299 31.24 19.62 -38.84
C ILE B 299 31.17 21.02 -39.41
N PHE B 300 30.00 21.66 -39.31
CA PHE B 300 29.83 23.02 -39.81
C PHE B 300 30.81 23.96 -39.12
N PHE B 301 30.64 24.18 -37.81
CA PHE B 301 31.35 25.24 -37.11
C PHE B 301 32.78 24.88 -36.72
N GLY B 302 33.33 23.77 -37.24
CA GLY B 302 34.73 23.45 -37.01
C GLY B 302 35.43 22.87 -38.21
N ARG B 303 34.76 22.81 -39.37
CA ARG B 303 35.43 22.46 -40.61
C ARG B 303 35.05 23.35 -41.78
N GLY B 304 34.01 24.19 -41.67
CA GLY B 304 33.71 25.14 -42.72
C GLY B 304 34.82 26.15 -42.94
N PRO B 305 35.30 26.81 -41.88
CA PRO B 305 36.44 27.72 -42.07
C PRO B 305 37.68 27.05 -42.61
N GLN B 306 38.03 25.86 -42.10
CA GLN B 306 39.22 25.17 -42.57
C GLN B 306 39.05 24.70 -44.01
N ARG B 307 37.87 24.17 -44.36
CA ARG B 307 37.62 23.74 -45.72
C ARG B 307 37.66 24.91 -46.69
N GLN B 308 37.10 26.06 -46.29
CA GLN B 308 37.12 27.23 -47.15
C GLN B 308 38.54 27.78 -47.30
N LYS B 309 39.34 27.73 -46.23
CA LYS B 309 40.74 28.12 -46.33
C LYS B 309 41.49 27.19 -47.27
N LYS B 310 41.19 25.90 -47.22
CA LYS B 310 41.76 24.95 -48.18
C LYS B 310 41.36 25.31 -49.60
N LEU B 311 40.09 25.65 -49.81
CA LEU B 311 39.57 26.00 -51.12
C LEU B 311 39.49 27.51 -51.30
N LYS B 407 24.33 3.23 -48.02
CA LYS B 407 25.68 3.76 -48.22
C LYS B 407 25.81 5.13 -47.55
N ILE B 408 26.97 5.38 -46.95
CA ILE B 408 27.19 6.60 -46.16
C ILE B 408 27.18 7.80 -47.08
N PRO B 409 26.85 9.02 -46.59
CA PRO B 409 26.87 10.20 -47.45
C PRO B 409 28.23 10.87 -47.46
N ASP B 410 28.35 11.99 -48.18
CA ASP B 410 29.56 12.80 -48.07
C ASP B 410 29.58 13.50 -46.73
N LEU B 411 30.70 13.40 -46.02
CA LEU B 411 30.78 13.89 -44.65
C LEU B 411 30.90 15.41 -44.55
N THR B 412 31.11 16.10 -45.68
CA THR B 412 31.32 17.55 -45.66
C THR B 412 30.02 18.35 -45.80
N ASP B 413 28.88 17.70 -46.05
CA ASP B 413 27.61 18.38 -46.30
C ASP B 413 26.65 18.08 -45.17
N VAL B 414 26.33 19.11 -44.38
CA VAL B 414 25.41 18.94 -43.26
C VAL B 414 24.02 18.60 -43.77
N ASN B 415 23.62 19.17 -44.91
CA ASN B 415 22.34 18.81 -45.50
C ASN B 415 22.29 17.34 -45.88
N ALA B 416 23.38 16.83 -46.46
CA ALA B 416 23.44 15.41 -46.79
C ALA B 416 23.37 14.55 -45.54
N ILE B 417 24.06 14.96 -44.47
CA ILE B 417 24.01 14.19 -43.24
C ILE B 417 22.59 14.17 -42.67
N ASP B 418 21.91 15.32 -42.70
CA ASP B 418 20.55 15.39 -42.20
C ASP B 418 19.61 14.52 -43.02
N ARG B 419 19.74 14.56 -44.35
CA ARG B 419 18.89 13.72 -45.20
C ARG B 419 19.17 12.24 -44.95
N TRP B 420 20.44 11.87 -44.81
CA TRP B 420 20.78 10.49 -44.51
C TRP B 420 20.18 10.04 -43.19
N SER B 421 20.22 10.91 -42.17
CA SER B 421 19.59 10.59 -40.90
C SER B 421 18.08 10.41 -41.06
N ARG B 422 17.45 11.30 -41.83
CA ARG B 422 16.01 11.21 -42.09
C ARG B 422 15.64 9.87 -42.70
N ILE B 423 16.44 9.41 -43.67
CA ILE B 423 16.15 8.13 -44.30
C ILE B 423 16.43 6.97 -43.35
N VAL B 424 17.54 7.03 -42.62
CA VAL B 424 18.06 5.83 -41.96
C VAL B 424 17.42 5.59 -40.60
N PHE B 425 17.21 6.63 -39.79
CA PHE B 425 16.72 6.41 -38.42
C PHE B 425 15.38 5.69 -38.37
N PRO B 426 14.35 6.11 -39.11
CA PRO B 426 13.11 5.31 -39.14
C PRO B 426 13.32 3.89 -39.63
N PHE B 427 14.15 3.71 -40.65
CA PHE B 427 14.36 2.38 -41.22
C PHE B 427 15.03 1.45 -40.22
N THR B 428 16.12 1.90 -39.61
CA THR B 428 16.83 1.04 -38.67
C THR B 428 16.02 0.84 -37.38
N PHE B 429 15.20 1.82 -36.99
CA PHE B 429 14.32 1.58 -35.84
C PHE B 429 13.26 0.55 -36.16
N SER B 430 12.69 0.60 -37.36
CA SER B 430 11.72 -0.42 -37.75
C SER B 430 12.37 -1.80 -37.80
N LEU B 431 13.59 -1.87 -38.32
CA LEU B 431 14.32 -3.15 -38.34
C LEU B 431 14.58 -3.66 -36.93
N PHE B 432 14.97 -2.74 -36.02
CA PHE B 432 15.18 -3.13 -34.62
C PHE B 432 13.90 -3.66 -33.99
N ASN B 433 12.78 -2.98 -34.23
CA ASN B 433 11.51 -3.46 -33.69
C ASN B 433 11.15 -4.83 -34.26
N LEU B 434 11.36 -5.02 -35.56
CA LEU B 434 11.06 -6.31 -36.18
C LEU B 434 11.89 -7.41 -35.54
N VAL B 435 13.20 -7.17 -35.38
CA VAL B 435 14.08 -8.19 -34.80
C VAL B 435 13.67 -8.48 -33.36
N TYR B 436 13.41 -7.43 -32.59
CA TYR B 436 13.04 -7.61 -31.18
C TYR B 436 11.76 -8.42 -31.04
N TRP B 437 10.72 -8.05 -31.78
CA TRP B 437 9.43 -8.72 -31.62
C TRP B 437 9.48 -10.14 -32.17
N LEU B 438 10.19 -10.36 -33.28
CA LEU B 438 10.32 -11.72 -33.79
C LEU B 438 11.09 -12.61 -32.81
N TYR B 439 12.12 -12.07 -32.16
CA TYR B 439 12.87 -12.87 -31.21
C TYR B 439 12.04 -13.17 -29.97
N TYR B 440 11.36 -12.17 -29.41
CA TYR B 440 10.71 -12.33 -28.12
C TYR B 440 9.28 -12.86 -28.22
N VAL B 441 8.72 -13.00 -29.42
CA VAL B 441 7.41 -13.59 -29.60
C VAL B 441 7.54 -14.90 -30.36
N GLY C 1 -31.73 -21.19 41.02
CA GLY C 1 -32.42 -20.27 40.13
C GLY C 1 -33.23 -20.98 39.07
N ASP C 2 -34.42 -20.42 38.77
CA ASP C 2 -35.28 -21.02 37.75
C ASP C 2 -34.58 -21.04 36.39
N VAL C 3 -33.94 -19.94 36.02
CA VAL C 3 -33.25 -19.88 34.74
C VAL C 3 -32.07 -20.85 34.73
N THR C 4 -31.37 -20.95 35.87
CA THR C 4 -30.23 -21.86 35.94
C THR C 4 -30.66 -23.31 35.76
N VAL C 5 -31.73 -23.72 36.44
CA VAL C 5 -32.19 -25.10 36.29
C VAL C 5 -32.73 -25.34 34.88
N ILE C 6 -33.38 -24.33 34.28
CA ILE C 6 -33.85 -24.47 32.91
C ILE C 6 -32.68 -24.72 31.98
N LEU C 7 -31.61 -23.93 32.12
CA LEU C 7 -30.45 -24.09 31.25
C LEU C 7 -29.77 -25.44 31.47
N ASN C 8 -29.65 -25.87 32.74
CA ASN C 8 -29.05 -27.16 33.02
C ASN C 8 -29.88 -28.29 32.41
N ASN C 9 -31.21 -28.21 32.52
CA ASN C 9 -32.06 -29.23 31.93
C ASN C 9 -31.92 -29.25 30.41
N LEU C 10 -31.85 -28.07 29.79
CA LEU C 10 -31.71 -28.00 28.34
C LEU C 10 -30.39 -28.62 27.89
N LEU C 11 -29.29 -28.32 28.60
CA LEU C 11 -27.99 -28.86 28.23
C LEU C 11 -27.82 -30.32 28.66
N GLU C 12 -28.67 -30.83 29.54
CA GLU C 12 -28.54 -32.21 30.01
C GLU C 12 -28.85 -33.16 28.85
N GLY C 13 -27.84 -33.90 28.41
CA GLY C 13 -27.98 -34.81 27.30
C GLY C 13 -27.90 -34.18 25.93
N TYR C 14 -27.72 -32.87 25.85
CA TYR C 14 -27.62 -32.20 24.56
C TYR C 14 -26.30 -32.58 23.89
N ASP C 15 -26.37 -32.78 22.56
CA ASP C 15 -25.20 -33.09 21.74
C ASP C 15 -25.09 -32.01 20.66
N ASN C 16 -24.13 -31.10 20.85
CA ASN C 16 -23.93 -30.03 19.88
C ASN C 16 -23.26 -30.50 18.60
N LYS C 17 -22.75 -31.73 18.56
CA LYS C 17 -22.18 -32.25 17.31
C LYS C 17 -23.27 -32.49 16.26
N LEU C 18 -24.47 -32.89 16.69
CA LEU C 18 -25.54 -33.22 15.78
C LEU C 18 -26.45 -32.02 15.58
N ARG C 19 -26.83 -31.76 14.32
CA ARG C 19 -27.77 -30.70 14.03
C ARG C 19 -29.18 -31.12 14.46
N PRO C 20 -30.09 -30.17 14.67
CA PRO C 20 -31.49 -30.54 14.85
C PRO C 20 -32.04 -31.20 13.59
N ASP C 21 -32.86 -32.23 13.79
CA ASP C 21 -33.47 -32.98 12.69
C ASP C 21 -32.40 -33.67 11.85
N ILE C 22 -31.54 -34.44 12.52
CA ILE C 22 -30.41 -35.07 11.85
C ILE C 22 -30.89 -36.08 10.81
N GLY C 23 -31.99 -36.78 11.09
CA GLY C 23 -32.53 -37.80 10.21
C GLY C 23 -33.95 -37.54 9.74
N VAL C 24 -34.57 -36.47 10.23
CA VAL C 24 -35.98 -36.22 9.97
C VAL C 24 -36.14 -35.35 8.72
N LYS C 25 -35.60 -34.15 8.76
CA LYS C 25 -35.80 -33.18 7.69
C LYS C 25 -34.66 -32.18 7.71
N PRO C 26 -34.50 -31.40 6.65
CA PRO C 26 -33.48 -30.34 6.68
C PRO C 26 -33.81 -29.26 7.71
N THR C 27 -32.75 -28.69 8.27
CA THR C 27 -32.88 -27.56 9.18
C THR C 27 -33.02 -26.28 8.38
N LEU C 28 -34.06 -25.51 8.67
CA LEU C 28 -34.37 -24.27 7.95
C LEU C 28 -33.80 -23.10 8.73
N ILE C 29 -32.91 -22.34 8.11
CA ILE C 29 -32.25 -21.19 8.73
C ILE C 29 -32.77 -19.94 8.04
N HIS C 30 -33.48 -19.10 8.80
CA HIS C 30 -33.94 -17.81 8.31
C HIS C 30 -32.85 -16.77 8.59
N THR C 31 -32.38 -16.10 7.55
CA THR C 31 -31.23 -15.22 7.64
C THR C 31 -31.65 -13.75 7.59
N ASP C 32 -30.97 -12.93 8.38
CA ASP C 32 -31.22 -11.50 8.47
C ASP C 32 -29.87 -10.80 8.52
N MET C 33 -29.82 -9.58 7.99
CA MET C 33 -28.56 -8.88 7.82
C MET C 33 -28.80 -7.38 7.91
N TYR C 34 -28.00 -6.70 8.71
CA TYR C 34 -27.99 -5.24 8.79
C TYR C 34 -26.60 -4.74 8.44
N VAL C 35 -26.49 -3.96 7.38
CA VAL C 35 -25.21 -3.48 6.88
C VAL C 35 -24.89 -2.17 7.60
N ASN C 36 -23.97 -2.22 8.56
CA ASN C 36 -23.52 -1.00 9.23
C ASN C 36 -22.80 -0.09 8.24
N SER C 37 -21.94 -0.65 7.40
CA SER C 37 -21.16 0.14 6.47
C SER C 37 -20.47 -0.72 5.42
N ILE C 38 -20.58 -0.33 4.16
CA ILE C 38 -19.80 -0.92 3.08
C ILE C 38 -18.52 -0.11 2.97
N GLY C 39 -17.40 -0.71 3.38
CA GLY C 39 -16.14 -0.04 3.41
C GLY C 39 -15.61 0.29 2.02
N PRO C 40 -14.35 0.71 1.92
CA PRO C 40 -13.82 1.12 0.63
C PRO C 40 -13.74 -0.04 -0.35
N VAL C 41 -13.93 0.29 -1.63
CA VAL C 41 -13.78 -0.68 -2.71
C VAL C 41 -12.36 -0.55 -3.23
N ASN C 42 -11.53 -1.56 -2.96
CA ASN C 42 -10.14 -1.57 -3.39
C ASN C 42 -10.09 -2.19 -4.78
N ALA C 43 -10.00 -1.35 -5.81
CA ALA C 43 -10.05 -1.83 -7.19
C ALA C 43 -8.79 -2.59 -7.57
N ILE C 44 -7.66 -2.29 -6.91
CA ILE C 44 -6.41 -2.98 -7.26
C ILE C 44 -6.50 -4.46 -6.91
N ASN C 45 -7.03 -4.78 -5.73
CA ASN C 45 -7.14 -6.16 -5.26
C ASN C 45 -8.48 -6.81 -5.60
N MET C 46 -9.40 -6.10 -6.23
CA MET C 46 -10.72 -6.61 -6.57
C MET C 46 -11.45 -7.10 -5.32
N GLU C 47 -11.62 -6.18 -4.36
CA GLU C 47 -12.30 -6.51 -3.12
C GLU C 47 -12.94 -5.26 -2.54
N TYR C 48 -13.92 -5.48 -1.67
CA TYR C 48 -14.56 -4.42 -0.90
C TYR C 48 -14.80 -4.93 0.51
N THR C 49 -14.78 -4.00 1.46
CA THR C 49 -15.01 -4.31 2.87
C THR C 49 -16.45 -3.99 3.24
N ILE C 50 -17.06 -4.86 4.04
CA ILE C 50 -18.43 -4.68 4.50
C ILE C 50 -18.51 -5.07 5.97
N ASP C 51 -19.18 -4.25 6.77
CA ASP C 51 -19.41 -4.51 8.19
C ASP C 51 -20.90 -4.76 8.39
N ILE C 52 -21.23 -5.90 9.01
CA ILE C 52 -22.62 -6.33 9.13
C ILE C 52 -22.90 -6.88 10.52
N PHE C 53 -24.17 -6.80 10.90
CA PHE C 53 -24.74 -7.64 11.94
C PHE C 53 -25.51 -8.76 11.24
N PHE C 54 -25.07 -9.99 11.44
CA PHE C 54 -25.60 -11.16 10.75
C PHE C 54 -26.36 -12.00 11.76
N ALA C 55 -27.63 -12.29 11.49
CA ALA C 55 -28.51 -13.01 12.38
C ALA C 55 -29.09 -14.23 11.69
N GLN C 56 -29.19 -15.32 12.43
CA GLN C 56 -29.71 -16.59 11.93
C GLN C 56 -30.72 -17.12 12.93
N THR C 57 -31.90 -17.50 12.43
CA THR C 57 -32.98 -18.04 13.25
C THR C 57 -33.28 -19.46 12.79
N TRP C 58 -33.48 -20.37 13.74
CA TRP C 58 -33.85 -21.74 13.41
C TRP C 58 -34.59 -22.35 14.59
N TYR C 59 -34.93 -23.63 14.46
CA TYR C 59 -35.69 -24.37 15.46
C TYR C 59 -34.90 -25.59 15.90
N ASP C 60 -34.83 -25.81 17.21
CA ASP C 60 -34.18 -26.98 17.81
C ASP C 60 -35.12 -27.50 18.88
N ARG C 61 -35.80 -28.61 18.61
CA ARG C 61 -36.77 -29.14 19.58
C ARG C 61 -36.09 -29.61 20.86
N ARG C 62 -34.80 -29.90 20.84
CA ARG C 62 -34.09 -30.26 22.07
C ARG C 62 -34.05 -29.11 23.07
N LEU C 63 -34.20 -27.87 22.61
CA LEU C 63 -34.13 -26.69 23.46
C LEU C 63 -35.50 -26.18 23.89
N LYS C 64 -36.56 -26.93 23.64
CA LYS C 64 -37.87 -26.57 24.17
C LYS C 64 -37.86 -26.65 25.69
N PHE C 65 -38.49 -25.67 26.33
CA PHE C 65 -38.64 -25.66 27.78
C PHE C 65 -39.98 -25.05 28.14
N ASN C 66 -40.63 -25.63 29.14
CA ASN C 66 -41.92 -25.16 29.63
C ASN C 66 -41.68 -24.39 30.93
N SER C 67 -42.06 -23.12 30.95
CA SER C 67 -41.85 -22.27 32.11
C SER C 67 -42.62 -20.97 31.91
N THR C 68 -42.77 -20.22 33.00
CA THR C 68 -43.37 -18.90 32.91
C THR C 68 -42.49 -17.95 32.08
N ILE C 69 -41.18 -18.18 32.06
CA ILE C 69 -40.30 -17.37 31.25
C ILE C 69 -40.46 -17.76 29.79
N LYS C 70 -40.66 -16.77 28.92
CA LYS C 70 -40.94 -17.02 27.51
C LYS C 70 -39.68 -17.03 26.65
N VAL C 71 -38.59 -16.40 27.08
CA VAL C 71 -37.38 -16.32 26.29
C VAL C 71 -36.19 -16.17 27.22
N LEU C 72 -35.15 -16.98 26.98
CA LEU C 72 -33.86 -16.83 27.63
C LEU C 72 -32.97 -15.99 26.73
N ARG C 73 -32.52 -14.84 27.22
CA ARG C 73 -31.67 -13.91 26.49
C ARG C 73 -30.27 -14.01 27.06
N LEU C 74 -29.31 -14.41 26.23
CA LEU C 74 -28.00 -14.83 26.69
C LEU C 74 -26.90 -14.20 25.84
N ASN C 75 -25.75 -14.00 26.48
CA ASN C 75 -24.56 -13.51 25.80
C ASN C 75 -23.88 -14.68 25.09
N SER C 76 -22.65 -14.49 24.65
CA SER C 76 -21.90 -15.44 23.83
C SER C 76 -21.47 -16.71 24.59
N ASN C 77 -21.87 -16.97 25.84
CA ASN C 77 -21.31 -18.11 26.56
C ASN C 77 -21.78 -19.44 26.00
N MET C 78 -23.07 -19.56 25.66
CA MET C 78 -23.64 -20.81 25.19
C MET C 78 -23.60 -20.98 23.68
N VAL C 79 -23.00 -20.05 22.95
CA VAL C 79 -22.88 -20.20 21.50
C VAL C 79 -22.09 -21.45 21.16
N GLY C 80 -21.00 -21.69 21.90
CA GLY C 80 -20.27 -22.94 21.75
C GLY C 80 -20.92 -24.13 22.42
N LYS C 81 -21.85 -23.90 23.34
CA LYS C 81 -22.52 -25.00 24.03
C LYS C 81 -23.58 -25.65 23.16
N ILE C 82 -24.36 -24.86 22.42
CA ILE C 82 -25.43 -25.39 21.58
C ILE C 82 -24.92 -25.56 20.16
N TRP C 83 -25.66 -26.32 19.36
CA TRP C 83 -25.35 -26.45 17.94
C TRP C 83 -25.59 -25.13 17.24
N ILE C 84 -24.68 -24.78 16.33
CA ILE C 84 -24.72 -23.52 15.58
C ILE C 84 -24.55 -23.87 14.10
N PRO C 85 -25.24 -23.23 13.17
CA PRO C 85 -24.95 -23.50 11.75
C PRO C 85 -23.53 -23.09 11.38
N ASP C 86 -22.92 -23.87 10.50
CA ASP C 86 -21.56 -23.60 10.02
C ASP C 86 -21.59 -22.68 8.79
N THR C 87 -22.29 -21.56 8.91
CA THR C 87 -22.38 -20.62 7.81
C THR C 87 -21.03 -19.97 7.55
N PHE C 88 -20.64 -19.93 6.28
CA PHE C 88 -19.39 -19.29 5.87
C PHE C 88 -19.66 -18.51 4.60
N PHE C 89 -18.88 -17.46 4.40
CA PHE C 89 -19.02 -16.57 3.26
C PHE C 89 -18.10 -17.06 2.14
N ARG C 90 -18.70 -17.43 1.01
CA ARG C 90 -17.96 -18.13 -0.05
C ARG C 90 -16.92 -17.23 -0.69
N ASN C 91 -17.26 -15.98 -0.97
CA ASN C 91 -16.40 -15.06 -1.70
C ASN C 91 -15.59 -14.15 -0.77
N SER C 92 -15.25 -14.64 0.42
CA SER C 92 -14.52 -13.86 1.40
C SER C 92 -13.02 -14.09 1.24
N LYS C 93 -12.28 -13.02 0.96
CA LYS C 93 -10.83 -13.08 1.00
C LYS C 93 -10.30 -13.06 2.42
N LYS C 94 -10.99 -12.35 3.32
CA LYS C 94 -10.59 -12.28 4.71
C LYS C 94 -11.77 -11.74 5.51
N ALA C 95 -12.17 -12.47 6.55
CA ALA C 95 -13.27 -12.06 7.42
C ALA C 95 -12.89 -12.37 8.86
N ASP C 96 -13.47 -11.61 9.77
CA ASP C 96 -13.17 -11.78 11.19
C ASP C 96 -14.31 -11.22 12.02
N ALA C 97 -14.60 -11.89 13.14
CA ALA C 97 -15.62 -11.44 14.07
C ALA C 97 -15.05 -10.30 14.92
N HIS C 98 -15.79 -9.90 15.95
CA HIS C 98 -15.38 -8.85 16.87
C HIS C 98 -15.35 -9.41 18.28
N TRP C 99 -14.31 -9.04 19.04
CA TRP C 99 -14.02 -9.64 20.33
C TRP C 99 -13.77 -8.62 21.43
N ILE C 100 -14.09 -7.35 21.20
CA ILE C 100 -13.82 -6.26 22.13
C ILE C 100 -15.16 -5.63 22.52
N THR C 101 -15.46 -5.50 23.82
CA THR C 101 -14.69 -5.99 24.97
C THR C 101 -14.80 -7.50 25.09
N THR C 102 -16.00 -8.01 24.78
CA THR C 102 -16.30 -9.44 24.79
C THR C 102 -16.73 -9.83 23.38
N PRO C 103 -16.95 -11.12 23.09
CA PRO C 103 -17.40 -11.49 21.74
C PRO C 103 -18.73 -10.84 21.40
N ASN C 104 -18.76 -10.15 20.25
CA ASN C 104 -19.95 -9.44 19.79
C ASN C 104 -20.93 -10.44 19.18
N ARG C 105 -21.52 -11.24 20.06
CA ARG C 105 -22.51 -12.25 19.71
C ARG C 105 -23.64 -12.21 20.72
N MET C 106 -24.80 -12.70 20.29
CA MET C 106 -26.01 -12.68 21.11
C MET C 106 -26.81 -13.93 20.79
N LEU C 107 -27.45 -14.50 21.81
CA LEU C 107 -28.27 -15.70 21.67
C LEU C 107 -29.60 -15.48 22.37
N ARG C 108 -30.67 -16.02 21.77
CA ARG C 108 -32.00 -15.90 22.37
C ARG C 108 -32.77 -17.17 22.06
N ILE C 109 -33.22 -17.86 23.10
CA ILE C 109 -33.89 -19.16 22.98
C ILE C 109 -35.31 -19.00 23.51
N TRP C 110 -36.30 -19.31 22.67
CA TRP C 110 -37.70 -19.20 23.04
C TRP C 110 -38.22 -20.55 23.54
N ASN C 111 -39.37 -20.49 24.22
CA ASN C 111 -39.92 -21.71 24.84
C ASN C 111 -40.32 -22.74 23.79
N ASP C 112 -40.67 -22.30 22.59
CA ASP C 112 -41.01 -23.23 21.51
C ASP C 112 -39.79 -23.87 20.86
N GLY C 113 -38.58 -23.51 21.29
CA GLY C 113 -37.37 -24.05 20.72
C GLY C 113 -36.76 -23.22 19.62
N ARG C 114 -37.20 -21.98 19.42
CA ARG C 114 -36.63 -21.12 18.41
C ARG C 114 -35.35 -20.48 18.94
N VAL C 115 -34.27 -20.63 18.19
CA VAL C 115 -32.96 -20.06 18.54
C VAL C 115 -32.67 -18.95 17.55
N LEU C 116 -32.36 -17.77 18.08
CA LEU C 116 -31.89 -16.62 17.31
C LEU C 116 -30.44 -16.36 17.73
N TYR C 117 -29.54 -16.35 16.75
CA TYR C 117 -28.11 -16.20 16.98
C TYR C 117 -27.60 -15.07 16.09
N THR C 118 -27.12 -13.99 16.71
CA THR C 118 -26.64 -12.83 16.00
C THR C 118 -25.17 -12.61 16.33
N LEU C 119 -24.42 -12.09 15.35
CA LEU C 119 -23.02 -11.75 15.59
C LEU C 119 -22.59 -10.64 14.65
N ARG C 120 -21.61 -9.86 15.10
CA ARG C 120 -21.03 -8.80 14.29
C ARG C 120 -19.85 -9.34 13.47
N LEU C 121 -19.79 -8.96 12.20
CA LEU C 121 -18.76 -9.44 11.29
C LEU C 121 -18.25 -8.28 10.43
N THR C 122 -16.97 -8.40 10.03
CA THR C 122 -16.36 -7.52 9.05
C THR C 122 -15.69 -8.41 8.00
N ILE C 123 -16.13 -8.29 6.75
CA ILE C 123 -15.76 -9.20 5.68
C ILE C 123 -15.08 -8.40 4.57
N ASP C 124 -13.95 -8.90 4.09
CA ASP C 124 -13.31 -8.41 2.87
C ASP C 124 -13.65 -9.40 1.77
N ALA C 125 -14.66 -9.07 0.97
CA ALA C 125 -15.19 -9.96 -0.05
C ALA C 125 -14.67 -9.55 -1.42
N GLU C 126 -14.34 -10.55 -2.24
CA GLU C 126 -13.85 -10.27 -3.58
C GLU C 126 -14.99 -9.83 -4.49
N CYS C 127 -14.66 -8.94 -5.43
CA CYS C 127 -15.64 -8.44 -6.40
C CYS C 127 -14.89 -8.17 -7.70
N GLN C 128 -15.04 -9.06 -8.67
CA GLN C 128 -14.36 -8.93 -9.95
C GLN C 128 -14.95 -7.75 -10.71
N LEU C 129 -14.16 -6.71 -10.91
CA LEU C 129 -14.61 -5.47 -11.54
C LEU C 129 -14.25 -5.47 -13.01
N GLN C 130 -15.21 -5.08 -13.85
CA GLN C 130 -14.98 -4.82 -15.27
C GLN C 130 -14.82 -3.31 -15.41
N LEU C 131 -13.59 -2.86 -15.70
CA LEU C 131 -13.25 -1.45 -15.71
C LEU C 131 -13.10 -0.89 -17.11
N HIS C 132 -13.87 -1.43 -18.07
CA HIS C 132 -13.82 -0.91 -19.43
C HIS C 132 -14.33 0.53 -19.50
N ASN C 133 -15.43 0.82 -18.81
CA ASN C 133 -16.03 2.15 -18.81
C ASN C 133 -15.51 3.03 -17.67
N PHE C 134 -14.40 2.66 -17.05
CA PHE C 134 -13.84 3.47 -15.97
C PHE C 134 -13.44 4.84 -16.52
N PRO C 135 -13.76 5.95 -15.81
CA PRO C 135 -14.43 6.10 -14.52
C PRO C 135 -15.96 6.19 -14.60
N MET C 136 -16.55 5.88 -15.75
CA MET C 136 -18.00 5.84 -15.91
C MET C 136 -18.56 4.44 -15.65
N ASP C 137 -17.86 3.63 -14.86
CA ASP C 137 -18.20 2.23 -14.67
C ASP C 137 -19.16 2.04 -13.51
N GLU C 138 -19.96 0.98 -13.60
CA GLU C 138 -20.88 0.57 -12.55
C GLU C 138 -20.68 -0.92 -12.30
N HIS C 139 -20.84 -1.32 -11.03
CA HIS C 139 -20.59 -2.69 -10.61
C HIS C 139 -21.72 -3.17 -9.72
N SER C 140 -21.85 -4.49 -9.63
CA SER C 140 -22.81 -5.16 -8.75
C SER C 140 -22.01 -6.20 -7.97
N CYS C 141 -21.45 -5.79 -6.84
CA CYS C 141 -20.55 -6.65 -6.10
C CYS C 141 -21.34 -7.66 -5.27
N PRO C 142 -20.96 -8.94 -5.26
CA PRO C 142 -21.74 -9.93 -4.51
C PRO C 142 -21.22 -10.15 -3.09
N LEU C 143 -22.10 -10.76 -2.28
CA LEU C 143 -21.74 -11.30 -0.98
C LEU C 143 -22.52 -12.59 -0.82
N GLU C 144 -21.84 -13.72 -0.93
CA GLU C 144 -22.47 -15.04 -0.94
C GLU C 144 -22.10 -15.78 0.33
N PHE C 145 -23.06 -16.53 0.88
CA PHE C 145 -22.78 -17.37 2.03
C PHE C 145 -23.60 -18.66 1.94
N SER C 146 -23.12 -19.69 2.62
CA SER C 146 -23.79 -20.98 2.64
C SER C 146 -23.21 -21.81 3.78
N SER C 147 -23.84 -22.95 4.02
CA SER C 147 -23.30 -23.90 4.99
C SER C 147 -22.08 -24.61 4.39
N TYR C 148 -21.00 -24.67 5.17
CA TYR C 148 -19.78 -25.29 4.64
C TYR C 148 -19.90 -26.80 4.57
N GLY C 149 -20.47 -27.41 5.61
CA GLY C 149 -20.47 -28.86 5.70
C GLY C 149 -21.76 -29.51 5.24
N TYR C 150 -22.89 -28.91 5.57
CA TYR C 150 -24.18 -29.57 5.42
C TYR C 150 -24.76 -29.30 4.04
N PRO C 151 -25.04 -30.34 3.21
CA PRO C 151 -25.58 -30.06 1.88
C PRO C 151 -27.03 -29.61 1.92
N ARG C 152 -27.65 -29.44 0.74
CA ARG C 152 -29.01 -28.94 0.65
CA ARG C 152 -29.01 -28.92 0.68
C ARG C 152 -30.01 -29.87 1.33
N GLU C 153 -29.70 -31.16 1.40
CA GLU C 153 -30.60 -32.10 2.07
C GLU C 153 -30.53 -32.02 3.59
N GLU C 154 -29.58 -31.25 4.14
CA GLU C 154 -29.37 -31.14 5.58
C GLU C 154 -29.64 -29.75 6.14
N ILE C 155 -29.21 -28.69 5.45
CA ILE C 155 -29.48 -27.32 5.86
C ILE C 155 -29.99 -26.55 4.64
N VAL C 156 -31.05 -25.77 4.83
CA VAL C 156 -31.61 -24.92 3.80
C VAL C 156 -31.75 -23.52 4.38
N TYR C 157 -31.19 -22.53 3.68
CA TYR C 157 -31.29 -21.14 4.09
C TYR C 157 -32.47 -20.47 3.40
N GLN C 158 -32.95 -19.37 4.00
CA GLN C 158 -34.09 -18.66 3.49
C GLN C 158 -34.03 -17.20 3.93
N TRP C 159 -34.31 -16.29 3.00
CA TRP C 159 -34.38 -14.88 3.31
C TRP C 159 -35.69 -14.55 4.02
N LYS C 160 -35.63 -13.61 4.96
CA LYS C 160 -36.82 -13.15 5.65
C LYS C 160 -37.55 -12.11 4.79
N ARG C 161 -38.62 -11.55 5.33
CA ARG C 161 -39.43 -10.60 4.57
C ARG C 161 -38.63 -9.35 4.22
N SER C 162 -38.02 -8.72 5.21
CA SER C 162 -37.12 -7.58 5.03
C SER C 162 -35.78 -8.03 5.59
N SER C 163 -34.97 -8.66 4.74
CA SER C 163 -33.78 -9.37 5.19
C SER C 163 -32.55 -8.48 5.24
N VAL C 164 -32.25 -7.77 4.16
CA VAL C 164 -31.07 -6.91 4.07
C VAL C 164 -31.51 -5.49 4.37
N GLU C 165 -31.13 -4.98 5.54
CA GLU C 165 -31.42 -3.62 5.97
C GLU C 165 -30.14 -2.80 5.96
N VAL C 166 -30.30 -1.50 5.72
CA VAL C 166 -29.20 -0.55 5.74
C VAL C 166 -29.64 0.67 6.54
N GLY C 167 -28.66 1.39 7.09
CA GLY C 167 -28.92 2.59 7.86
C GLY C 167 -28.76 3.83 7.00
N ASP C 168 -27.66 4.55 7.22
CA ASP C 168 -27.33 5.73 6.43
C ASP C 168 -26.43 5.28 5.28
N THR C 169 -27.00 5.16 4.08
CA THR C 169 -26.27 4.58 2.96
C THR C 169 -25.08 5.43 2.56
N ARG C 170 -25.25 6.75 2.49
CA ARG C 170 -24.23 7.65 2.00
C ARG C 170 -23.42 8.31 3.11
N SER C 171 -23.47 7.75 4.32
CA SER C 171 -22.52 8.09 5.38
C SER C 171 -21.43 7.02 5.53
N TRP C 172 -21.31 6.12 4.58
CA TRP C 172 -20.36 5.02 4.65
C TRP C 172 -19.00 5.48 4.16
N ARG C 173 -18.05 4.55 4.10
CA ARG C 173 -16.68 4.83 3.68
C ARG C 173 -16.52 4.82 2.16
N LEU C 174 -17.60 4.68 1.40
CA LEU C 174 -17.52 4.70 -0.06
C LEU C 174 -17.18 6.11 -0.51
N TYR C 175 -15.91 6.34 -0.84
CA TYR C 175 -15.46 7.64 -1.33
C TYR C 175 -15.62 7.74 -2.85
N GLN C 176 -15.11 6.76 -3.57
CA GLN C 176 -15.12 6.77 -5.03
C GLN C 176 -16.42 6.22 -5.62
N PHE C 177 -17.32 5.69 -4.79
CA PHE C 177 -18.54 5.03 -5.25
C PHE C 177 -19.74 5.55 -4.48
N SER C 178 -20.91 5.39 -5.11
CA SER C 178 -22.20 5.70 -4.51
C SER C 178 -23.07 4.45 -4.57
N PHE C 179 -23.79 4.20 -3.49
CA PHE C 179 -24.60 3.00 -3.34
C PHE C 179 -25.96 3.25 -3.99
N VAL C 180 -26.26 2.51 -5.06
CA VAL C 180 -27.51 2.67 -5.78
C VAL C 180 -28.62 1.83 -5.15
N GLY C 181 -28.31 0.60 -4.77
CA GLY C 181 -29.31 -0.27 -4.19
C GLY C 181 -28.73 -1.65 -3.95
N LEU C 182 -29.60 -2.58 -3.57
CA LEU C 182 -29.17 -3.95 -3.37
C LEU C 182 -30.32 -4.90 -3.67
N ARG C 183 -29.97 -6.16 -3.93
CA ARG C 183 -30.97 -7.19 -4.17
CA ARG C 183 -30.97 -7.19 -4.17
C ARG C 183 -30.42 -8.53 -3.70
N ASN C 184 -31.28 -9.33 -3.08
CA ASN C 184 -30.91 -10.63 -2.56
C ASN C 184 -31.46 -11.73 -3.45
N THR C 185 -30.75 -12.85 -3.51
CA THR C 185 -31.14 -14.01 -4.30
C THR C 185 -30.69 -15.27 -3.59
N THR C 186 -31.21 -16.40 -4.06
CA THR C 186 -30.84 -17.72 -3.56
C THR C 186 -30.69 -18.66 -4.74
N GLU C 187 -29.81 -19.65 -4.60
CA GLU C 187 -29.58 -20.62 -5.66
C GLU C 187 -29.01 -21.89 -5.04
N VAL C 188 -28.78 -22.89 -5.89
CA VAL C 188 -28.18 -24.16 -5.50
C VAL C 188 -26.90 -24.34 -6.32
N VAL C 189 -25.79 -24.60 -5.64
CA VAL C 189 -24.48 -24.77 -6.25
C VAL C 189 -24.03 -26.20 -6.01
N LYS C 190 -23.65 -26.88 -7.09
CA LYS C 190 -23.19 -28.26 -7.01
C LYS C 190 -21.67 -28.28 -6.88
N THR C 191 -21.19 -29.03 -5.89
CA THR C 191 -19.76 -29.21 -5.64
C THR C 191 -19.49 -30.71 -5.51
N THR C 192 -18.22 -31.05 -5.27
CA THR C 192 -17.86 -32.45 -5.10
C THR C 192 -18.52 -33.04 -3.87
N SER C 193 -18.60 -32.27 -2.78
CA SER C 193 -19.20 -32.78 -1.55
C SER C 193 -20.71 -32.92 -1.67
N GLY C 194 -21.35 -32.05 -2.46
CA GLY C 194 -22.78 -32.13 -2.64
C GLY C 194 -23.34 -30.81 -3.14
N ASP C 195 -24.67 -30.73 -3.15
CA ASP C 195 -25.38 -29.53 -3.55
C ASP C 195 -25.68 -28.69 -2.32
N TYR C 196 -25.37 -27.39 -2.40
CA TYR C 196 -25.48 -26.47 -1.28
C TYR C 196 -26.35 -25.29 -1.66
N VAL C 197 -27.16 -24.84 -0.70
CA VAL C 197 -28.01 -23.66 -0.90
C VAL C 197 -27.15 -22.42 -0.64
N VAL C 198 -26.92 -21.62 -1.67
CA VAL C 198 -26.08 -20.43 -1.60
C VAL C 198 -26.99 -19.21 -1.62
N MET C 199 -26.74 -18.29 -0.68
CA MET C 199 -27.57 -17.12 -0.46
C MET C 199 -26.71 -15.91 -0.79
N SER C 200 -27.14 -15.09 -1.74
CA SER C 200 -26.34 -13.99 -2.27
C SER C 200 -27.04 -12.66 -2.03
N VAL C 201 -26.25 -11.63 -1.79
CA VAL C 201 -26.71 -10.25 -1.71
C VAL C 201 -25.80 -9.43 -2.62
N TYR C 202 -26.38 -8.83 -3.66
CA TYR C 202 -25.66 -7.98 -4.58
C TYR C 202 -25.88 -6.52 -4.21
N PHE C 203 -24.77 -5.77 -4.13
CA PHE C 203 -24.80 -4.34 -3.87
C PHE C 203 -24.37 -3.61 -5.14
N ASP C 204 -25.22 -2.71 -5.62
CA ASP C 204 -24.94 -1.95 -6.84
C ASP C 204 -24.21 -0.67 -6.47
N LEU C 205 -23.04 -0.46 -7.07
CA LEU C 205 -22.21 0.70 -6.83
C LEU C 205 -21.95 1.42 -8.15
N SER C 206 -22.01 2.74 -8.12
CA SER C 206 -21.76 3.59 -9.28
C SER C 206 -20.63 4.55 -8.96
N ARG C 207 -19.61 4.56 -9.82
CA ARG C 207 -18.44 5.39 -9.56
C ARG C 207 -18.78 6.88 -9.67
N ARG C 208 -18.04 7.69 -8.92
CA ARG C 208 -18.19 9.13 -8.91
C ARG C 208 -17.02 9.78 -9.64
N MET C 209 -17.33 10.79 -10.45
CA MET C 209 -16.39 11.36 -11.41
C MET C 209 -15.47 12.43 -10.82
N GLY C 210 -15.71 12.89 -9.59
CA GLY C 210 -15.06 14.11 -9.13
C GLY C 210 -13.55 13.98 -9.02
N TYR C 211 -13.08 12.95 -8.31
CA TYR C 211 -11.65 12.82 -8.07
C TYR C 211 -10.88 12.61 -9.37
N PHE C 212 -11.40 11.75 -10.25
CA PHE C 212 -10.70 11.47 -11.49
C PHE C 212 -10.76 12.66 -12.45
N THR C 213 -11.87 13.40 -12.43
CA THR C 213 -11.95 14.64 -13.20
C THR C 213 -10.90 15.63 -12.73
N ILE C 214 -10.71 15.75 -11.41
CA ILE C 214 -9.66 16.62 -10.90
C ILE C 214 -8.29 16.11 -11.34
N GLN C 215 -8.08 14.80 -11.27
CA GLN C 215 -6.72 14.26 -11.36
C GLN C 215 -6.22 14.18 -12.80
N THR C 216 -7.05 13.73 -13.74
CA THR C 216 -6.58 13.40 -15.09
C THR C 216 -7.24 14.23 -16.19
N TYR C 217 -8.56 14.36 -16.18
CA TYR C 217 -9.26 14.95 -17.32
C TYR C 217 -8.89 16.43 -17.49
N ILE C 218 -8.96 17.19 -16.40
CA ILE C 218 -8.70 18.63 -16.46
C ILE C 218 -7.25 18.90 -16.82
N PRO C 219 -6.26 18.28 -16.17
CA PRO C 219 -4.86 18.51 -16.59
C PRO C 219 -4.58 18.13 -18.04
N CYS C 220 -5.15 17.04 -18.53
CA CYS C 220 -4.87 16.64 -19.91
C CYS C 220 -5.44 17.64 -20.91
N THR C 221 -6.67 18.08 -20.71
CA THR C 221 -7.25 19.10 -21.57
C THR C 221 -6.46 20.40 -21.49
N LEU C 222 -6.01 20.76 -20.28
CA LEU C 222 -5.23 21.98 -20.13
C LEU C 222 -3.90 21.88 -20.85
N ILE C 223 -3.26 20.71 -20.83
CA ILE C 223 -2.02 20.54 -21.57
C ILE C 223 -2.26 20.58 -23.07
N VAL C 224 -3.41 20.06 -23.52
CA VAL C 224 -3.75 20.15 -24.93
C VAL C 224 -3.91 21.62 -25.34
N VAL C 225 -4.55 22.42 -24.48
CA VAL C 225 -4.70 23.85 -24.78
C VAL C 225 -3.33 24.53 -24.75
N LEU C 226 -2.47 24.12 -23.84
CA LEU C 226 -1.10 24.64 -23.79
C LEU C 226 -0.38 24.33 -25.10
N SER C 227 -0.62 23.15 -25.67
CA SER C 227 -0.09 22.83 -26.99
C SER C 227 -0.68 23.75 -28.06
N TRP C 228 -1.97 24.07 -27.94
CA TRP C 228 -2.60 24.98 -28.90
C TRP C 228 -1.97 26.36 -28.84
N VAL C 229 -1.47 26.76 -27.68
CA VAL C 229 -0.87 28.09 -27.53
C VAL C 229 0.32 28.25 -28.48
N SER C 230 0.97 27.16 -28.87
CA SER C 230 2.10 27.24 -29.77
C SER C 230 1.72 27.82 -31.13
N PHE C 231 0.48 27.61 -31.57
CA PHE C 231 0.06 28.10 -32.89
C PHE C 231 0.07 29.62 -32.97
N TRP C 232 -0.07 30.32 -31.84
CA TRP C 232 -0.13 31.78 -31.83
C TRP C 232 1.24 32.42 -31.65
N ILE C 233 2.29 31.63 -31.41
CA ILE C 233 3.64 32.17 -31.34
C ILE C 233 4.19 32.33 -32.75
N ASN C 234 5.07 33.31 -32.93
CA ASN C 234 5.71 33.52 -34.22
C ASN C 234 6.50 32.28 -34.62
N LYS C 235 6.36 31.88 -35.89
CA LYS C 235 7.03 30.67 -36.35
C LYS C 235 8.54 30.80 -36.34
N ASP C 236 9.07 32.03 -36.35
CA ASP C 236 10.52 32.23 -36.23
C ASP C 236 11.04 31.92 -34.83
N ALA C 237 10.16 31.80 -33.83
CA ALA C 237 10.56 31.44 -32.47
C ALA C 237 10.75 29.93 -32.38
N VAL C 238 11.81 29.46 -33.02
CA VAL C 238 12.03 28.02 -33.16
C VAL C 238 12.26 27.35 -31.82
N PRO C 239 13.21 27.77 -30.98
CA PRO C 239 13.37 27.10 -29.69
C PRO C 239 12.13 27.17 -28.82
N ALA C 240 11.43 28.32 -28.83
CA ALA C 240 10.24 28.45 -28.00
C ALA C 240 9.17 27.45 -28.41
N ARG C 241 8.83 27.40 -29.71
CA ARG C 241 7.76 26.52 -30.14
C ARG C 241 8.16 25.05 -30.02
N THR C 242 9.42 24.72 -30.33
CA THR C 242 9.86 23.33 -30.21
C THR C 242 9.82 22.88 -28.75
N SER C 243 10.32 23.72 -27.83
CA SER C 243 10.27 23.37 -26.42
C SER C 243 8.84 23.23 -25.93
N LEU C 244 7.95 24.12 -26.39
CA LEU C 244 6.55 24.04 -25.98
C LEU C 244 5.93 22.72 -26.41
N GLY C 245 6.13 22.35 -27.68
CA GLY C 245 5.54 21.10 -28.16
C GLY C 245 6.09 19.87 -27.45
N ILE C 246 7.41 19.78 -27.36
CA ILE C 246 8.01 18.59 -26.75
C ILE C 246 7.65 18.52 -25.27
N THR C 247 7.59 19.67 -24.60
CA THR C 247 7.25 19.70 -23.19
C THR C 247 5.80 19.28 -22.96
N THR C 248 4.89 19.70 -23.84
CA THR C 248 3.51 19.24 -23.74
C THR C 248 3.43 17.73 -23.90
N VAL C 249 4.24 17.17 -24.81
CA VAL C 249 4.25 15.69 -25.05
C VAL C 249 4.86 14.98 -23.84
N LEU C 250 5.78 15.61 -23.13
CA LEU C 250 6.31 15.05 -21.90
C LEU C 250 5.25 15.00 -20.82
N THR C 251 4.57 16.13 -20.61
CA THR C 251 3.59 16.18 -19.54
C THR C 251 2.42 15.24 -19.83
N MET C 252 2.23 14.88 -21.09
CA MET C 252 1.17 13.90 -21.41
C MET C 252 1.66 12.52 -21.01
N THR C 253 2.88 12.16 -21.37
CA THR C 253 3.46 10.86 -20.96
C THR C 253 3.34 10.75 -19.45
N THR C 254 3.61 11.84 -18.73
CA THR C 254 3.56 11.72 -17.27
C THR C 254 2.14 11.57 -16.78
N LEU C 255 1.21 12.34 -17.36
CA LEU C 255 -0.20 12.23 -16.97
C LEU C 255 -0.74 10.84 -17.29
N SER C 256 -0.36 10.26 -18.42
CA SER C 256 -0.80 8.88 -18.73
C SER C 256 -0.25 7.96 -17.65
N THR C 257 1.03 8.11 -17.34
CA THR C 257 1.62 7.19 -16.39
C THR C 257 0.89 7.24 -15.04
N ILE C 258 0.57 8.44 -14.56
CA ILE C 258 -0.06 8.55 -13.24
C ILE C 258 -1.55 8.25 -13.27
N ALA C 259 -2.20 8.34 -14.44
CA ALA C 259 -3.63 8.04 -14.49
C ALA C 259 -3.92 6.57 -14.21
N ARG C 260 -2.96 5.69 -14.48
CA ARG C 260 -3.16 4.26 -14.33
C ARG C 260 -2.94 3.78 -12.89
N LYS C 261 -2.38 4.62 -12.02
CA LYS C 261 -1.90 4.16 -10.71
C LYS C 261 -3.04 3.61 -9.86
N SER C 262 -4.20 4.24 -9.89
CA SER C 262 -5.32 3.78 -9.06
C SER C 262 -5.83 2.43 -9.53
N LEU C 263 -5.72 2.12 -10.82
CA LEU C 263 -6.27 0.90 -11.37
C LEU C 263 -5.34 -0.28 -11.14
N PRO C 264 -5.83 -1.51 -11.28
CA PRO C 264 -4.94 -2.66 -11.42
C PRO C 264 -4.39 -2.72 -12.84
N LYS C 265 -3.44 -3.64 -13.04
CA LYS C 265 -2.73 -3.76 -14.30
C LYS C 265 -3.53 -4.59 -15.31
N VAL C 266 -4.71 -4.06 -15.67
CA VAL C 266 -5.53 -4.72 -16.67
C VAL C 266 -4.93 -4.52 -18.06
N SER C 267 -5.24 -5.45 -18.96
CA SER C 267 -4.67 -5.49 -20.31
C SER C 267 -5.65 -5.03 -21.37
N TYR C 268 -6.53 -4.08 -21.04
CA TYR C 268 -7.45 -3.50 -22.00
C TYR C 268 -7.54 -2.00 -21.78
N VAL C 269 -8.03 -1.31 -22.81
CA VAL C 269 -8.15 0.14 -22.78
C VAL C 269 -9.41 0.53 -22.04
N THR C 270 -9.30 1.49 -21.13
CA THR C 270 -10.43 2.08 -20.43
C THR C 270 -10.80 3.41 -21.09
N ALA C 271 -11.88 4.03 -20.61
CA ALA C 271 -12.29 5.32 -21.14
C ALA C 271 -11.24 6.38 -20.86
N MET C 272 -10.66 6.36 -19.66
CA MET C 272 -9.60 7.30 -19.34
C MET C 272 -8.39 7.08 -20.24
N ASP C 273 -8.06 5.82 -20.50
CA ASP C 273 -6.95 5.50 -21.40
C ASP C 273 -7.21 6.05 -22.80
N LEU C 274 -8.45 5.88 -23.29
CA LEU C 274 -8.78 6.38 -24.62
C LEU C 274 -8.69 7.91 -24.66
N PHE C 275 -9.19 8.58 -23.64
CA PHE C 275 -9.14 10.03 -23.59
C PHE C 275 -7.68 10.53 -23.58
N VAL C 276 -6.85 9.93 -22.75
CA VAL C 276 -5.45 10.38 -22.62
C VAL C 276 -4.72 10.06 -23.91
N SER C 277 -5.07 8.96 -24.56
CA SER C 277 -4.42 8.55 -25.82
C SER C 277 -4.74 9.55 -26.92
N VAL C 278 -5.98 10.02 -26.97
CA VAL C 278 -6.40 10.99 -28.00
C VAL C 278 -5.77 12.33 -27.67
N CYS C 279 -5.66 12.68 -26.39
CA CYS C 279 -4.98 13.92 -25.99
C CYS C 279 -3.52 13.83 -26.44
N PHE C 280 -2.90 12.66 -26.35
CA PHE C 280 -1.52 12.46 -26.86
CA PHE C 280 -1.51 12.49 -26.85
C PHE C 280 -1.35 12.74 -28.37
N ILE C 281 -2.36 12.29 -29.10
CA ILE C 281 -2.31 12.47 -30.59
C ILE C 281 -2.46 13.95 -30.90
N PHE C 282 -3.30 14.65 -30.15
CA PHE C 282 -3.55 16.08 -30.42
C PHE C 282 -2.30 16.90 -30.10
N VAL C 283 -1.53 16.46 -29.11
CA VAL C 283 -0.30 17.21 -28.70
C VAL C 283 0.83 16.82 -29.65
N PHE C 284 0.78 15.60 -30.18
CA PHE C 284 1.80 15.15 -31.16
C PHE C 284 1.48 15.75 -32.52
N SER C 285 0.21 15.81 -32.91
CA SER C 285 -0.14 16.46 -34.16
C SER C 285 0.27 17.93 -34.15
N ALA C 286 0.13 18.60 -33.00
CA ALA C 286 0.55 20.00 -32.93
C ALA C 286 2.06 20.13 -33.15
N LEU C 287 2.84 19.26 -32.50
CA LEU C 287 4.29 19.32 -32.69
C LEU C 287 4.68 19.00 -34.13
N VAL C 288 4.04 17.99 -34.72
CA VAL C 288 4.34 17.65 -36.11
C VAL C 288 3.93 18.78 -37.04
N GLU C 289 2.82 19.45 -36.73
CA GLU C 289 2.39 20.60 -37.51
C GLU C 289 3.45 21.68 -37.53
N TYR C 290 3.99 22.02 -36.34
CA TYR C 290 5.02 23.05 -36.34
C TYR C 290 6.28 22.58 -37.05
N GLY C 291 6.64 21.31 -36.90
CA GLY C 291 7.79 20.80 -37.61
C GLY C 291 7.66 20.92 -39.11
N THR C 292 6.48 20.55 -39.63
CA THR C 292 6.24 20.66 -41.07
C THR C 292 6.26 22.12 -41.51
N LEU C 293 5.63 23.01 -40.75
CA LEU C 293 5.62 24.42 -41.10
C LEU C 293 7.04 24.97 -41.17
N HIS C 294 7.84 24.68 -40.15
CA HIS C 294 9.21 25.20 -40.11
C HIS C 294 10.04 24.63 -41.27
N TYR C 295 9.91 23.33 -41.53
CA TYR C 295 10.69 22.72 -42.60
C TYR C 295 10.33 23.31 -43.95
N PHE C 296 9.03 23.50 -44.21
CA PHE C 296 8.61 24.00 -45.52
C PHE C 296 8.79 25.50 -45.66
N VAL C 297 8.93 26.25 -44.55
CA VAL C 297 9.12 27.70 -44.63
C VAL C 297 10.60 28.06 -44.71
N SER C 298 11.43 27.46 -43.85
CA SER C 298 12.82 27.88 -43.70
C SER C 298 13.81 26.83 -44.18
N ASN C 299 13.72 25.60 -43.66
CA ASN C 299 14.76 24.61 -43.94
C ASN C 299 14.75 24.21 -45.41
N ARG C 300 13.59 23.84 -45.95
CA ARG C 300 13.50 23.56 -47.38
C ARG C 300 13.71 24.82 -48.20
N LYS C 301 13.17 25.95 -47.73
CA LYS C 301 13.26 27.21 -48.44
C LYS C 301 13.29 28.38 -47.47
N CYS C 345 -20.49 11.14 -67.06
CA CYS C 345 -20.11 12.43 -67.70
C CYS C 345 -21.36 13.30 -67.90
N LEU C 346 -22.29 13.35 -66.94
CA LEU C 346 -23.50 14.16 -67.23
C LEU C 346 -23.04 15.61 -67.42
N ASP C 347 -22.11 16.08 -66.60
CA ASP C 347 -21.50 17.41 -66.82
C ASP C 347 -20.73 17.34 -68.14
N GLY C 348 -20.06 16.22 -68.40
CA GLY C 348 -19.17 16.10 -69.56
C GLY C 348 -17.83 16.67 -69.13
N LYS C 349 -17.72 17.07 -67.86
CA LYS C 349 -16.42 17.52 -67.29
C LYS C 349 -15.50 16.29 -67.16
N ASP C 350 -14.19 16.46 -67.28
CA ASP C 350 -13.35 15.25 -67.08
C ASP C 350 -13.58 14.82 -65.65
N CYS C 351 -13.65 13.51 -65.43
CA CYS C 351 -14.03 13.08 -64.07
C CYS C 351 -12.95 13.54 -63.10
N ALA C 352 -11.68 13.44 -63.48
CA ALA C 352 -10.69 13.83 -62.46
C ALA C 352 -10.85 15.31 -62.13
N SER C 353 -11.06 16.17 -63.12
CA SER C 353 -11.36 17.59 -62.79
C SER C 353 -12.68 17.74 -62.03
N PHE C 354 -13.71 17.00 -62.45
CA PHE C 354 -15.04 17.18 -61.81
C PHE C 354 -14.98 16.78 -60.37
N PHE C 355 -14.42 15.60 -60.14
CA PHE C 355 -14.38 15.08 -58.76
C PHE C 355 -13.10 15.49 -58.10
O P1L C 356 -10.96 17.48 -58.46
N P1L C 356 -11.97 14.97 -58.56
CA P1L C 356 -10.70 15.22 -57.85
CB P1L C 356 -9.62 14.29 -58.37
SG P1L C 356 -8.28 14.17 -57.18
C7 P1L C 356 -8.39 12.89 -55.98
O7 P1L C 356 -8.69 11.76 -56.27
C8 P1L C 356 -8.08 13.34 -54.58
C9 P1L C 356 -8.81 12.58 -53.52
C10 P1L C 356 -7.93 11.58 -52.78
C11 P1L C 356 -8.61 10.95 -51.59
C12 P1L C 356 -7.93 9.70 -51.09
C13 P1L C 356 -7.92 9.56 -49.58
C14 P1L C 356 -7.55 8.18 -49.09
C15 P1L C 356 -7.12 8.14 -47.64
C16 P1L C 356 -8.25 7.97 -46.66
C17 P1L C 356 -7.90 7.13 -45.46
C18 P1L C 356 -9.08 6.70 -44.63
C19 P1L C 356 -10.06 5.81 -45.36
C20 P1L C 356 -9.44 4.58 -45.98
C P1L C 356 -10.16 16.63 -58.03
C21 P1L C 356 -10.15 4.08 -47.21
C22 P1L C 356 -10.92 2.80 -46.98
O P1L C 357 -5.96 17.88 -57.15
N P1L C 357 -9.02 16.86 -57.39
CA P1L C 357 -8.37 18.14 -57.49
CB P1L C 357 -8.52 18.92 -56.19
SG P1L C 357 -9.72 18.21 -55.10
C7 P1L C 357 -9.06 18.30 -53.51
O7 P1L C 357 -9.11 19.27 -52.75
C8 P1L C 357 -8.77 16.90 -53.03
C9 P1L C 357 -9.16 16.70 -51.58
C10 P1L C 357 -9.03 15.26 -51.13
C11 P1L C 357 -9.42 15.11 -49.67
C12 P1L C 357 -9.01 13.78 -49.09
C13 P1L C 357 -9.07 13.81 -47.58
C14 P1L C 357 -8.88 12.43 -46.97
C15 P1L C 357 -8.71 12.52 -45.47
C16 P1L C 357 -8.60 11.16 -44.83
C17 P1L C 357 -8.49 11.27 -43.32
C18 P1L C 357 -8.43 9.91 -42.67
C19 P1L C 357 -8.31 10.03 -41.17
C20 P1L C 357 -8.05 8.69 -40.52
C P1L C 357 -6.91 18.06 -57.91
C21 P1L C 357 -7.85 8.81 -39.02
C22 P1L C 357 -7.99 7.49 -38.32
N PHE C 358 -6.73 18.17 -59.23
CA PHE C 358 -5.41 18.33 -59.84
C PHE C 358 -5.16 19.81 -60.14
N GLU C 359 -6.23 20.58 -60.27
CA GLU C 359 -6.11 22.03 -60.36
C GLU C 359 -5.46 22.58 -59.10
N ASP C 360 -4.52 23.50 -59.28
CA ASP C 360 -3.75 24.09 -58.18
C ASP C 360 -2.99 23.03 -57.39
O P1L C 361 -3.36 18.91 -56.86
N P1L C 361 -3.71 22.21 -56.62
CA P1L C 361 -3.15 21.11 -55.87
CB P1L C 361 -3.04 21.42 -54.38
SG P1L C 361 -4.58 21.85 -53.62
C7 P1L C 361 -4.26 21.97 -51.93
O7 P1L C 361 -3.64 22.88 -51.39
C8 P1L C 361 -5.23 21.09 -51.18
C9 P1L C 361 -5.05 19.61 -51.45
C10 P1L C 361 -5.75 18.76 -50.40
C11 P1L C 361 -4.92 18.63 -49.13
C12 P1L C 361 -5.76 18.78 -47.88
C13 P1L C 361 -6.72 17.63 -47.70
C14 P1L C 361 -7.41 17.67 -46.35
C15 P1L C 361 -6.59 16.99 -45.28
C16 P1L C 361 -7.29 17.04 -43.94
C17 P1L C 361 -8.41 16.01 -43.79
C18 P1L C 361 -8.27 15.18 -42.53
C19 P1L C 361 -8.67 15.96 -41.29
C20 P1L C 361 -8.25 15.30 -39.99
C P1L C 361 -3.93 19.82 -56.03
C21 P1L C 361 -9.35 14.49 -39.34
C22 P1L C 361 -9.65 13.23 -40.09
N HIS C 372 2.41 21.54 -50.78
CA HIS C 372 1.45 22.37 -51.49
C HIS C 372 1.96 23.81 -51.58
N ILE C 373 1.13 24.68 -52.11
CA ILE C 373 1.45 26.11 -52.19
C ILE C 373 1.01 26.85 -50.94
N ARG C 374 -0.23 26.60 -50.50
CA ARG C 374 -0.79 27.25 -49.32
C ARG C 374 -0.30 26.51 -48.07
N ILE C 375 0.99 26.68 -47.78
CA ILE C 375 1.65 26.02 -46.67
C ILE C 375 2.02 26.99 -45.55
N ALA C 376 2.26 28.27 -45.86
CA ALA C 376 2.59 29.23 -44.82
C ALA C 376 1.39 29.53 -43.93
N LYS C 377 0.17 29.32 -44.42
CA LYS C 377 -1.05 29.56 -43.68
C LYS C 377 -1.45 28.37 -42.81
N MET C 378 -0.54 27.42 -42.57
CA MET C 378 -0.89 26.26 -41.78
C MET C 378 -1.14 26.62 -40.32
N ASP C 379 -0.47 27.65 -39.82
CA ASP C 379 -0.77 28.13 -38.46
C ASP C 379 -2.19 28.68 -38.38
N SER C 380 -2.59 29.47 -39.38
CA SER C 380 -3.94 30.01 -39.40
C SER C 380 -4.97 28.88 -39.49
N TYR C 381 -4.68 27.87 -40.31
CA TYR C 381 -5.59 26.73 -40.39
C TYR C 381 -5.67 26.00 -39.05
N ALA C 382 -4.52 25.74 -38.43
CA ALA C 382 -4.49 24.94 -37.20
C ALA C 382 -5.17 25.65 -36.04
N ARG C 383 -5.07 26.98 -35.99
CA ARG C 383 -5.64 27.74 -34.87
C ARG C 383 -7.13 27.46 -34.72
N ILE C 384 -7.84 27.31 -35.83
CA ILE C 384 -9.26 26.97 -35.80
C ILE C 384 -9.48 25.46 -35.86
N PHE C 385 -8.61 24.73 -36.56
CA PHE C 385 -8.83 23.31 -36.77
C PHE C 385 -8.72 22.52 -35.47
N PHE C 386 -7.63 22.73 -34.72
CA PHE C 386 -7.39 21.89 -33.54
C PHE C 386 -8.45 22.07 -32.47
N PRO C 387 -8.85 23.29 -32.07
CA PRO C 387 -9.96 23.41 -31.12
C PRO C 387 -11.25 22.76 -31.60
N THR C 388 -11.57 22.88 -32.89
CA THR C 388 -12.79 22.28 -33.41
C THR C 388 -12.74 20.75 -33.31
N ALA C 389 -11.61 20.16 -33.69
CA ALA C 389 -11.45 18.72 -33.59
C ALA C 389 -11.57 18.25 -32.15
N PHE C 390 -10.91 18.96 -31.23
CA PHE C 390 -10.96 18.57 -29.84
C PHE C 390 -12.36 18.72 -29.26
N CYS C 391 -13.08 19.79 -29.64
CA CYS C 391 -14.44 19.97 -29.16
C CYS C 391 -15.35 18.86 -29.67
N LEU C 392 -15.22 18.49 -30.95
CA LEU C 392 -16.02 17.40 -31.50
C LEU C 392 -15.70 16.09 -30.78
N PHE C 393 -14.42 15.82 -30.56
CA PHE C 393 -14.03 14.60 -29.86
C PHE C 393 -14.61 14.56 -28.45
N ASN C 394 -14.51 15.68 -27.73
CA ASN C 394 -15.04 15.72 -26.36
C ASN C 394 -16.55 15.53 -26.37
N LEU C 395 -17.25 16.17 -27.31
CA LEU C 395 -18.70 16.04 -27.38
C LEU C 395 -19.11 14.59 -27.60
N VAL C 396 -18.53 13.94 -28.61
CA VAL C 396 -18.91 12.57 -28.92
C VAL C 396 -18.53 11.65 -27.77
N TYR C 397 -17.33 11.83 -27.20
CA TYR C 397 -16.87 11.00 -26.10
C TYR C 397 -17.80 11.08 -24.90
N TRP C 398 -18.08 12.30 -24.43
CA TRP C 398 -18.88 12.46 -23.23
C TRP C 398 -20.32 12.02 -23.47
N VAL C 399 -20.90 12.35 -24.63
CA VAL C 399 -22.27 11.94 -24.92
C VAL C 399 -22.37 10.42 -24.94
N SER C 400 -21.43 9.77 -25.64
CA SER C 400 -21.46 8.32 -25.74
C SER C 400 -21.30 7.65 -24.39
N TYR C 401 -20.38 8.14 -23.55
CA TYR C 401 -20.14 7.47 -22.28
C TYR C 401 -21.16 7.79 -21.21
N LEU C 402 -21.87 8.93 -21.31
CA LEU C 402 -22.82 9.33 -20.28
C LEU C 402 -24.25 8.96 -20.61
N TYR C 403 -24.67 9.04 -21.86
CA TYR C 403 -26.08 8.87 -22.24
C TYR C 403 -26.34 7.64 -23.10
N LEU C 404 -25.64 7.49 -24.22
CA LEU C 404 -25.94 6.40 -25.14
C LEU C 404 -25.46 5.05 -24.63
N GLY C 405 -24.55 5.02 -23.66
CA GLY C 405 -24.05 3.76 -23.15
C GLY C 405 -23.34 3.91 -21.82
N ASP D 1 -2.98 -21.90 56.82
CA ASP D 1 -2.25 -20.70 56.39
C ASP D 1 -3.16 -19.48 56.40
N ASN D 2 -2.55 -18.30 56.35
CA ASN D 2 -3.33 -17.06 56.36
C ASN D 2 -4.20 -16.94 55.12
N THR D 3 -3.65 -17.33 53.96
CA THR D 3 -4.37 -17.19 52.69
C THR D 3 -5.40 -18.27 52.46
N THR D 4 -5.42 -19.33 53.29
CA THR D 4 -6.42 -20.37 53.13
C THR D 4 -7.82 -19.84 53.34
N VAL D 5 -7.99 -18.86 54.23
CA VAL D 5 -9.32 -18.29 54.45
C VAL D 5 -9.80 -17.57 53.18
N PHE D 6 -8.89 -16.86 52.50
CA PHE D 6 -9.27 -16.18 51.28
C PHE D 6 -9.55 -17.18 50.16
N THR D 7 -8.78 -18.27 50.10
CA THR D 7 -9.08 -19.31 49.12
C THR D 7 -10.46 -19.91 49.35
N ARG D 8 -10.79 -20.17 50.63
CA ARG D 8 -12.11 -20.71 50.94
C ARG D 8 -13.21 -19.69 50.60
N ILE D 9 -12.95 -18.41 50.85
CA ILE D 9 -13.93 -17.38 50.52
C ILE D 9 -14.19 -17.35 49.02
N LEU D 10 -13.13 -17.40 48.22
CA LEU D 10 -13.30 -17.39 46.77
C LEU D 10 -14.02 -18.65 46.29
N ASP D 11 -13.69 -19.81 46.85
CA ASP D 11 -14.38 -21.03 46.48
C ASP D 11 -15.85 -20.97 46.83
N ARG D 12 -16.18 -20.41 48.00
CA ARG D 12 -17.57 -20.24 48.38
C ARG D 12 -18.29 -19.29 47.42
N LEU D 13 -17.64 -18.19 47.05
CA LEU D 13 -18.26 -17.23 46.14
C LEU D 13 -18.54 -17.85 44.78
N LEU D 14 -17.60 -18.65 44.26
CA LEU D 14 -17.81 -19.30 42.98
C LEU D 14 -18.67 -20.55 43.07
N ASP D 15 -18.96 -21.04 44.27
CA ASP D 15 -19.80 -22.22 44.42
C ASP D 15 -21.24 -21.88 44.06
N GLY D 16 -21.77 -22.55 43.04
CA GLY D 16 -23.13 -22.31 42.60
C GLY D 16 -23.33 -21.05 41.79
N TYR D 17 -22.25 -20.36 41.41
CA TYR D 17 -22.38 -19.15 40.62
C TYR D 17 -22.62 -19.50 39.15
N ASP D 18 -23.62 -18.87 38.55
CA ASP D 18 -23.96 -19.05 37.14
C ASP D 18 -23.63 -17.74 36.42
N ASN D 19 -22.55 -17.74 35.66
CA ASN D 19 -22.10 -16.54 34.97
C ASN D 19 -22.82 -16.29 33.65
N ARG D 20 -23.73 -17.17 33.24
CA ARG D 20 -24.55 -16.94 32.06
C ARG D 20 -25.67 -15.94 32.32
N LEU D 21 -26.01 -15.68 33.58
CA LEU D 21 -27.12 -14.82 33.96
C LEU D 21 -26.58 -13.51 34.54
N ARG D 22 -27.12 -12.40 34.07
CA ARG D 22 -26.73 -11.11 34.59
C ARG D 22 -27.19 -10.96 36.04
N PRO D 23 -26.54 -10.12 36.85
CA PRO D 23 -27.01 -9.91 38.21
C PRO D 23 -28.38 -9.27 38.23
N GLY D 24 -29.19 -9.67 39.22
CA GLY D 24 -30.54 -9.15 39.33
C GLY D 24 -31.43 -9.53 38.17
N LEU D 25 -31.24 -10.72 37.59
CA LEU D 25 -32.06 -11.16 36.47
C LEU D 25 -33.47 -11.43 36.95
N GLY D 26 -34.45 -10.83 36.26
CA GLY D 26 -35.84 -10.99 36.62
C GLY D 26 -36.27 -10.22 37.85
N GLU D 27 -35.43 -9.35 38.39
CA GLU D 27 -35.75 -8.58 39.59
C GLU D 27 -35.50 -7.09 39.39
N ARG D 28 -34.53 -6.73 38.55
CA ARG D 28 -34.20 -5.33 38.32
C ARG D 28 -33.35 -5.23 37.06
N VAL D 29 -33.08 -3.99 36.67
CA VAL D 29 -32.25 -3.67 35.52
C VAL D 29 -30.81 -3.51 36.01
N THR D 30 -29.87 -4.18 35.36
CA THR D 30 -28.47 -4.09 35.74
C THR D 30 -27.91 -2.73 35.33
N GLU D 31 -27.52 -1.95 36.32
CA GLU D 31 -26.95 -0.62 36.10
C GLU D 31 -25.43 -0.72 36.09
N VAL D 32 -24.82 -0.28 35.00
CA VAL D 32 -23.36 -0.33 34.83
C VAL D 32 -22.85 1.11 34.84
N LYS D 33 -22.09 1.45 35.87
CA LYS D 33 -21.45 2.75 35.96
C LYS D 33 -20.10 2.67 35.25
N THR D 34 -19.95 3.44 34.17
CA THR D 34 -18.81 3.34 33.28
C THR D 34 -18.07 4.67 33.22
N ASP D 35 -16.77 4.59 32.92
CA ASP D 35 -15.98 5.78 32.66
C ASP D 35 -14.75 5.37 31.85
N ILE D 36 -14.10 6.38 31.27
CA ILE D 36 -12.96 6.20 30.38
C ILE D 36 -11.86 7.15 30.81
N PHE D 37 -10.63 6.64 30.86
CA PHE D 37 -9.44 7.47 31.04
C PHE D 37 -8.57 7.31 29.79
N VAL D 38 -8.50 8.35 28.98
CA VAL D 38 -7.74 8.30 27.74
C VAL D 38 -6.27 8.56 28.07
N THR D 39 -5.46 7.51 28.00
CA THR D 39 -4.04 7.67 28.30
C THR D 39 -3.31 8.37 27.16
N SER D 40 -3.77 8.20 25.93
CA SER D 40 -3.15 8.84 24.77
C SER D 40 -4.15 8.87 23.64
N PHE D 41 -4.48 10.06 23.15
CA PHE D 41 -5.35 10.20 21.98
C PHE D 41 -4.51 9.96 20.73
N GLY D 42 -4.74 8.83 20.08
CA GLY D 42 -3.89 8.39 19.00
C GLY D 42 -4.02 9.28 17.77
N PRO D 43 -3.22 8.98 16.75
CA PRO D 43 -3.27 9.75 15.52
C PRO D 43 -4.55 9.50 14.74
N VAL D 44 -4.91 10.47 13.91
CA VAL D 44 -6.10 10.40 13.07
C VAL D 44 -5.68 10.01 11.67
N SER D 45 -6.33 8.98 11.12
CA SER D 45 -6.06 8.49 9.77
C SER D 45 -7.13 9.08 8.84
N ASP D 46 -6.74 10.12 8.10
CA ASP D 46 -7.68 10.72 7.16
C ASP D 46 -7.99 9.79 6.00
N HIS D 47 -7.03 8.97 5.58
CA HIS D 47 -7.26 8.03 4.49
C HIS D 47 -8.35 7.03 4.86
N ASP D 48 -8.33 6.52 6.09
CA ASP D 48 -9.32 5.57 6.56
C ASP D 48 -10.54 6.22 7.20
N MET D 49 -10.52 7.54 7.41
CA MET D 49 -11.52 8.21 8.23
C MET D 49 -11.63 7.52 9.58
N GLU D 50 -10.52 7.56 10.31
CA GLU D 50 -10.31 6.69 11.46
C GLU D 50 -9.39 7.40 12.44
N TYR D 51 -9.49 7.02 13.71
CA TYR D 51 -8.61 7.56 14.72
C TYR D 51 -8.42 6.52 15.82
N THR D 52 -7.22 6.51 16.40
CA THR D 52 -6.86 5.57 17.45
C THR D 52 -6.93 6.28 18.80
N ILE D 53 -7.24 5.50 19.84
CA ILE D 53 -7.32 6.04 21.20
C ILE D 53 -6.99 4.91 22.17
N ASP D 54 -6.03 5.15 23.06
CA ASP D 54 -5.66 4.21 24.10
C ASP D 54 -6.35 4.61 25.40
N VAL D 55 -7.09 3.66 25.99
CA VAL D 55 -7.98 3.97 27.10
C VAL D 55 -7.88 2.91 28.18
N PHE D 56 -8.01 3.36 29.43
CA PHE D 56 -8.47 2.53 30.53
C PHE D 56 -9.99 2.64 30.55
N PHE D 57 -10.66 1.56 30.15
CA PHE D 57 -12.11 1.49 30.15
C PHE D 57 -12.54 0.82 31.44
N ARG D 58 -13.23 1.58 32.30
CA ARG D 58 -13.64 1.14 33.63
C ARG D 58 -15.15 0.95 33.65
N GLN D 59 -15.60 -0.18 34.21
CA GLN D 59 -17.00 -0.45 34.43
C GLN D 59 -17.19 -0.90 35.87
N SER D 60 -18.39 -0.71 36.39
CA SER D 60 -18.68 -1.13 37.76
C SER D 60 -20.16 -1.47 37.86
N TRP D 61 -20.47 -2.43 38.73
CA TRP D 61 -21.87 -2.84 38.89
C TRP D 61 -22.02 -3.66 40.15
N LYS D 62 -23.26 -3.80 40.61
CA LYS D 62 -23.58 -4.57 41.80
C LYS D 62 -23.93 -6.00 41.42
N ASP D 63 -23.39 -6.95 42.18
CA ASP D 63 -23.71 -8.38 42.02
C ASP D 63 -23.90 -8.94 43.42
N GLU D 64 -25.16 -9.19 43.79
CA GLU D 64 -25.45 -9.67 45.14
C GLU D 64 -24.87 -11.05 45.40
N ARG D 65 -24.67 -11.85 44.36
CA ARG D 65 -24.14 -13.19 44.54
C ARG D 65 -22.71 -13.18 45.08
N LEU D 66 -21.96 -12.11 44.80
CA LEU D 66 -20.55 -12.01 45.18
C LEU D 66 -20.34 -11.21 46.46
N LYS D 67 -21.33 -11.21 47.36
CA LYS D 67 -21.14 -10.64 48.69
C LYS D 67 -20.33 -11.59 49.55
N PHE D 68 -19.54 -11.01 50.46
CA PHE D 68 -18.70 -11.81 51.34
C PHE D 68 -18.40 -11.01 52.60
N LYS D 69 -17.92 -11.71 53.61
CA LYS D 69 -17.40 -11.11 54.85
C LYS D 69 -16.06 -11.75 55.14
N GLY D 70 -15.04 -10.92 55.37
CA GLY D 70 -13.71 -11.41 55.61
C GLY D 70 -12.79 -10.35 56.18
N PRO D 71 -11.51 -10.69 56.36
CA PRO D 71 -10.56 -9.69 56.87
C PRO D 71 -10.43 -8.46 55.98
N MET D 72 -10.54 -8.62 54.67
CA MET D 72 -10.37 -7.52 53.73
C MET D 72 -11.73 -6.97 53.31
N THR D 73 -11.80 -5.65 53.18
CA THR D 73 -13.00 -5.01 52.64
C THR D 73 -13.09 -5.17 51.13
N VAL D 74 -11.96 -5.20 50.44
CA VAL D 74 -11.89 -5.29 48.99
C VAL D 74 -10.92 -6.40 48.62
N LEU D 75 -11.30 -7.21 47.61
CA LEU D 75 -10.47 -8.29 47.09
C LEU D 75 -9.92 -7.86 45.75
N ARG D 76 -8.69 -7.36 45.76
CA ARG D 76 -7.99 -6.99 44.53
C ARG D 76 -7.41 -8.26 43.93
N LEU D 77 -8.15 -8.86 43.00
CA LEU D 77 -7.90 -10.22 42.54
C LEU D 77 -7.22 -10.22 41.18
N ASN D 78 -6.73 -11.40 40.81
CA ASN D 78 -6.19 -11.60 39.47
C ASN D 78 -7.32 -11.49 38.44
N ASN D 79 -6.95 -11.11 37.22
CA ASN D 79 -7.92 -10.95 36.15
C ASN D 79 -8.56 -12.27 35.71
N LEU D 80 -8.02 -13.41 36.15
CA LEU D 80 -8.62 -14.69 35.80
C LEU D 80 -10.04 -14.82 36.33
N MET D 81 -10.37 -14.12 37.42
CA MET D 81 -11.73 -14.17 37.97
C MET D 81 -12.76 -13.58 37.03
N ALA D 82 -12.36 -12.68 36.13
CA ALA D 82 -13.31 -12.07 35.21
C ALA D 82 -13.94 -13.09 34.28
N SER D 83 -13.14 -14.04 33.78
CA SER D 83 -13.69 -15.11 32.95
C SER D 83 -14.64 -16.01 33.73
N LYS D 84 -14.49 -16.08 35.05
CA LYS D 84 -15.34 -16.94 35.87
C LYS D 84 -16.63 -16.27 36.30
N ILE D 85 -16.66 -14.94 36.45
CA ILE D 85 -17.86 -14.23 36.85
C ILE D 85 -18.50 -13.59 35.61
N TRP D 86 -19.72 -13.11 35.79
CA TRP D 86 -20.42 -12.36 34.75
C TRP D 86 -19.84 -10.95 34.64
N THR D 87 -19.69 -10.49 33.41
CA THR D 87 -19.27 -9.12 33.12
C THR D 87 -20.12 -8.59 31.96
N PRO D 88 -20.32 -7.28 31.88
CA PRO D 88 -21.11 -6.73 30.77
C PRO D 88 -20.41 -6.95 29.43
N ASP D 89 -21.23 -7.20 28.40
CA ASP D 89 -20.72 -7.45 27.05
C ASP D 89 -20.65 -6.15 26.24
N THR D 90 -19.96 -5.16 26.79
CA THR D 90 -19.86 -3.86 26.14
C THR D 90 -19.07 -3.98 24.84
N PHE D 91 -19.53 -3.25 23.82
CA PHE D 91 -18.86 -3.20 22.53
C PHE D 91 -19.01 -1.80 21.97
N PHE D 92 -18.10 -1.46 21.05
CA PHE D 92 -18.07 -0.14 20.43
C PHE D 92 -18.80 -0.21 19.09
N HIS D 93 -19.83 0.62 18.96
CA HIS D 93 -20.68 0.59 17.77
C HIS D 93 -19.89 0.98 16.52
N ASN D 94 -19.05 2.01 16.64
CA ASN D 94 -18.25 2.51 15.52
C ASN D 94 -16.81 2.03 15.57
N GLY D 95 -16.52 1.00 16.37
CA GLY D 95 -15.17 0.49 16.44
C GLY D 95 -14.77 -0.28 15.19
N LYS D 96 -13.46 -0.39 15.00
CA LYS D 96 -12.90 -1.09 13.83
C LYS D 96 -11.60 -1.75 14.26
N LYS D 97 -11.69 -3.02 14.64
CA LYS D 97 -10.52 -3.81 15.03
C LYS D 97 -9.77 -3.16 16.20
N SER D 98 -10.47 -3.09 17.33
CA SER D 98 -9.82 -2.67 18.56
C SER D 98 -8.97 -3.81 19.11
N VAL D 99 -8.06 -3.47 20.02
CA VAL D 99 -7.09 -4.41 20.55
C VAL D 99 -7.17 -4.40 22.07
N ALA D 100 -7.26 -5.59 22.67
CA ALA D 100 -7.13 -5.77 24.10
C ALA D 100 -5.70 -6.20 24.40
N HIS D 101 -4.94 -5.32 25.04
CA HIS D 101 -3.53 -5.58 25.27
C HIS D 101 -3.35 -6.76 26.22
N ASN D 102 -2.33 -7.58 25.97
CA ASN D 102 -2.13 -8.84 26.72
C ASN D 102 -0.65 -9.03 27.06
N MET D 103 0.11 -7.95 27.23
CA MET D 103 1.53 -8.00 27.57
C MET D 103 1.72 -7.32 28.94
N THR D 104 2.40 -7.98 29.89
CA THR D 104 2.84 -9.38 29.89
C THR D 104 1.66 -10.31 30.08
N MET D 105 0.77 -9.91 30.97
CA MET D 105 -0.48 -10.58 31.28
C MET D 105 -1.65 -9.78 30.70
N PRO D 106 -2.86 -10.34 30.71
CA PRO D 106 -4.03 -9.55 30.26
C PRO D 106 -4.19 -8.30 31.09
N ASN D 107 -4.14 -7.14 30.42
CA ASN D 107 -4.21 -5.84 31.10
C ASN D 107 -5.66 -5.58 31.52
N LYS D 108 -6.07 -6.31 32.56
CA LYS D 108 -7.36 -6.16 33.18
C LYS D 108 -7.19 -6.24 34.69
N LEU D 109 -8.09 -5.60 35.42
CA LEU D 109 -8.14 -5.72 36.87
C LEU D 109 -9.59 -5.86 37.31
N LEU D 110 -9.79 -6.68 38.34
CA LEU D 110 -11.08 -6.92 38.95
C LEU D 110 -10.97 -6.72 40.44
N ARG D 111 -11.98 -6.06 41.03
CA ARG D 111 -12.01 -5.79 42.46
C ARG D 111 -13.42 -6.00 42.97
N ILE D 112 -13.55 -6.80 44.03
CA ILE D 112 -14.82 -7.16 44.63
C ILE D 112 -14.87 -6.51 46.01
N THR D 113 -15.86 -5.67 46.24
CA THR D 113 -16.11 -5.10 47.56
C THR D 113 -17.01 -6.03 48.36
N GLU D 114 -16.97 -5.87 49.69
CA GLU D 114 -17.70 -6.77 50.58
C GLU D 114 -19.21 -6.69 50.34
N ASP D 115 -19.71 -5.54 49.89
CA ASP D 115 -21.13 -5.38 49.61
C ASP D 115 -21.53 -5.87 48.22
N GLY D 116 -20.61 -6.52 47.49
CA GLY D 116 -20.90 -7.02 46.16
C GLY D 116 -20.70 -6.04 45.04
N THR D 117 -19.99 -4.93 45.28
CA THR D 117 -19.71 -3.97 44.22
C THR D 117 -18.48 -4.43 43.45
N LEU D 118 -18.66 -4.65 42.14
CA LEU D 118 -17.62 -5.07 41.24
C LEU D 118 -17.07 -3.86 40.52
N LEU D 119 -15.74 -3.74 40.47
CA LEU D 119 -15.03 -2.82 39.61
C LEU D 119 -14.20 -3.64 38.65
N TYR D 120 -14.28 -3.31 37.36
CA TYR D 120 -13.67 -4.12 36.30
C TYR D 120 -13.12 -3.15 35.25
N THR D 121 -11.79 -3.09 35.14
CA THR D 121 -11.14 -2.17 34.23
C THR D 121 -10.26 -2.95 33.26
N MET D 122 -10.15 -2.44 32.04
CA MET D 122 -9.34 -3.06 31.00
C MET D 122 -8.64 -1.99 30.17
N ARG D 123 -7.44 -2.32 29.69
CA ARG D 123 -6.69 -1.45 28.79
C ARG D 123 -6.98 -1.83 27.35
N LEU D 124 -7.34 -0.84 26.54
CA LEU D 124 -7.73 -1.07 25.16
C LEU D 124 -7.08 -0.03 24.26
N THR D 125 -6.86 -0.42 23.01
CA THR D 125 -6.49 0.49 21.93
C THR D 125 -7.68 0.50 20.97
N VAL D 126 -8.65 1.38 21.26
CA VAL D 126 -9.86 1.44 20.47
C VAL D 126 -9.56 2.18 19.17
N ARG D 127 -10.09 1.65 18.08
CA ARG D 127 -9.86 2.17 16.72
C ARG D 127 -11.23 2.35 16.08
N ALA D 128 -11.70 3.59 16.02
CA ALA D 128 -13.09 3.90 15.73
C ALA D 128 -13.20 4.74 14.47
N GLU D 129 -14.44 4.83 13.96
CA GLU D 129 -14.74 5.60 12.76
C GLU D 129 -14.97 7.07 13.09
N CYS D 130 -14.37 7.94 12.29
CA CYS D 130 -14.56 9.39 12.38
C CYS D 130 -14.91 9.88 10.98
N PRO D 131 -16.20 9.81 10.58
CA PRO D 131 -16.56 10.31 9.24
C PRO D 131 -16.25 11.79 9.11
N MET D 132 -15.72 12.17 7.94
CA MET D 132 -15.11 13.47 7.73
C MET D 132 -15.74 14.14 6.52
N HIS D 133 -15.79 15.47 6.58
CA HIS D 133 -16.38 16.30 5.53
C HIS D 133 -15.29 17.26 5.09
N LEU D 134 -14.60 16.94 4.00
CA LEU D 134 -13.37 17.61 3.61
C LEU D 134 -13.59 18.76 2.63
N GLU D 135 -14.78 19.38 2.66
CA GLU D 135 -15.02 20.52 1.79
C GLU D 135 -14.12 21.69 2.16
N ASP D 136 -13.94 21.93 3.46
CA ASP D 136 -13.13 23.04 3.95
C ASP D 136 -11.68 22.62 4.23
N PHE D 137 -11.24 21.49 3.70
CA PHE D 137 -9.87 21.04 3.91
C PHE D 137 -8.89 22.05 3.30
N PRO D 138 -7.79 22.38 4.00
CA PRO D 138 -7.28 21.98 5.31
C PRO D 138 -7.77 22.84 6.48
N MET D 139 -8.78 23.69 6.24
CA MET D 139 -9.40 24.50 7.29
C MET D 139 -10.60 23.81 7.91
N ASP D 140 -10.63 22.48 7.91
CA ASP D 140 -11.78 21.71 8.34
C ASP D 140 -11.63 21.26 9.78
N ALA D 141 -12.75 21.12 10.47
CA ALA D 141 -12.81 20.63 11.84
C ALA D 141 -13.90 19.57 11.94
N HIS D 142 -13.67 18.57 12.78
CA HIS D 142 -14.52 17.39 12.87
C HIS D 142 -14.84 17.08 14.33
N ALA D 143 -15.84 16.22 14.51
CA ALA D 143 -16.25 15.71 15.82
C ALA D 143 -16.29 14.20 15.72
N CYS D 144 -15.19 13.55 16.10
CA CYS D 144 -15.09 12.10 15.98
C CYS D 144 -15.89 11.44 17.11
N PRO D 145 -16.87 10.58 16.82
CA PRO D 145 -17.60 9.92 17.90
C PRO D 145 -16.83 8.73 18.49
N LEU D 146 -17.24 8.36 19.70
CA LEU D 146 -16.88 7.10 20.33
C LEU D 146 -18.14 6.64 21.06
N LYS D 147 -18.82 5.65 20.48
CA LYS D 147 -20.12 5.18 20.94
C LYS D 147 -19.98 3.74 21.39
N PHE D 148 -20.48 3.42 22.59
CA PHE D 148 -20.39 2.05 23.09
C PHE D 148 -21.66 1.69 23.85
N GLY D 149 -21.88 0.39 23.99
CA GLY D 149 -23.05 -0.10 24.69
C GLY D 149 -23.09 -1.60 24.69
N SER D 150 -24.11 -2.14 25.35
CA SER D 150 -24.27 -3.58 25.42
C SER D 150 -24.69 -4.15 24.07
N TYR D 151 -24.16 -5.34 23.75
CA TYR D 151 -24.52 -6.00 22.50
C TYR D 151 -25.79 -6.82 22.66
N ALA D 152 -25.85 -7.68 23.67
CA ALA D 152 -26.93 -8.65 23.80
C ALA D 152 -28.10 -8.16 24.63
N TYR D 153 -27.88 -7.23 25.56
CA TYR D 153 -28.88 -6.84 26.54
C TYR D 153 -29.52 -5.53 26.12
N THR D 154 -30.85 -5.53 26.04
CA THR D 154 -31.61 -4.35 25.66
C THR D 154 -31.68 -3.37 26.83
N ARG D 155 -32.41 -2.27 26.63
CA ARG D 155 -32.54 -1.27 27.68
C ARG D 155 -33.23 -1.81 28.92
N ALA D 156 -34.16 -2.76 28.73
CA ALA D 156 -34.89 -3.32 29.86
C ALA D 156 -34.04 -4.28 30.69
N GLU D 157 -32.85 -4.65 30.22
CA GLU D 157 -31.98 -5.60 30.90
C GLU D 157 -30.74 -4.93 31.47
N VAL D 158 -30.00 -4.18 30.66
CA VAL D 158 -28.76 -3.52 31.07
C VAL D 158 -28.85 -2.05 30.67
N VAL D 159 -28.50 -1.16 31.59
CA VAL D 159 -28.46 0.28 31.33
C VAL D 159 -27.12 0.82 31.79
N TYR D 160 -26.50 1.63 30.95
CA TYR D 160 -25.22 2.27 31.24
C TYR D 160 -25.43 3.69 31.74
N GLU D 161 -24.68 4.06 32.76
CA GLU D 161 -24.65 5.42 33.28
C GLU D 161 -23.20 5.83 33.47
N TRP D 162 -22.94 7.12 33.37
CA TRP D 162 -21.60 7.62 33.64
C TRP D 162 -21.32 7.59 35.13
N THR D 163 -20.08 7.25 35.50
CA THR D 163 -19.73 7.12 36.91
C THR D 163 -19.89 8.46 37.63
N ARG D 164 -19.10 9.45 37.25
CA ARG D 164 -19.24 10.82 37.71
C ARG D 164 -20.25 11.51 36.80
N GLU D 165 -20.33 12.84 36.90
CA GLU D 165 -21.13 13.58 35.94
C GLU D 165 -20.51 13.41 34.54
N PRO D 166 -21.33 13.52 33.48
CA PRO D 166 -20.83 13.14 32.14
C PRO D 166 -19.62 13.93 31.67
N ALA D 167 -19.52 15.21 32.03
CA ALA D 167 -18.40 16.02 31.59
C ALA D 167 -17.07 15.52 32.14
N ARG D 168 -17.05 15.13 33.41
CA ARG D 168 -15.85 14.67 34.09
C ARG D 168 -15.72 13.16 34.13
N SER D 169 -16.63 12.42 33.50
CA SER D 169 -16.54 10.97 33.43
C SER D 169 -15.63 10.47 32.31
N VAL D 170 -15.18 11.36 31.42
CA VAL D 170 -14.18 11.04 30.41
C VAL D 170 -13.02 12.02 30.60
N VAL D 171 -11.84 11.48 30.87
CA VAL D 171 -10.66 12.27 31.23
C VAL D 171 -9.54 11.93 30.26
N VAL D 172 -8.88 12.95 29.74
CA VAL D 172 -7.74 12.81 28.82
C VAL D 172 -6.49 13.25 29.55
N ALA D 173 -5.48 12.37 29.55
CA ALA D 173 -4.21 12.73 30.17
C ALA D 173 -3.54 13.87 29.43
N GLU D 174 -3.04 14.85 30.18
CA GLU D 174 -2.44 16.03 29.55
C GLU D 174 -1.14 15.69 28.83
N ASP D 175 -0.36 14.75 29.36
CA ASP D 175 0.91 14.40 28.74
C ASP D 175 0.73 13.56 27.48
N GLY D 176 -0.27 12.69 27.45
CA GLY D 176 -0.48 11.80 26.33
C GLY D 176 -1.31 12.42 25.21
N SER D 177 -0.66 12.74 24.09
CA SER D 177 -1.36 13.29 22.94
C SER D 177 -0.51 12.99 21.71
N ARG D 178 -0.97 12.06 20.87
CA ARG D 178 -0.24 11.61 19.71
C ARG D 178 -0.79 12.19 18.40
N LEU D 179 -1.45 13.34 18.47
CA LEU D 179 -1.95 14.01 17.28
C LEU D 179 -0.84 14.82 16.63
N ASN D 180 -0.64 14.61 15.34
CA ASN D 180 0.38 15.33 14.58
C ASN D 180 -0.18 16.56 13.88
N GLN D 181 -1.28 16.38 13.15
CA GLN D 181 -1.88 17.44 12.33
C GLN D 181 -3.29 17.76 12.84
N TYR D 182 -3.48 17.71 14.15
CA TYR D 182 -4.78 18.00 14.74
C TYR D 182 -4.59 18.58 16.13
N ASP D 183 -5.58 19.35 16.57
CA ASP D 183 -5.67 19.89 17.92
C ASP D 183 -6.98 19.42 18.52
N LEU D 184 -6.91 18.79 19.70
CA LEU D 184 -8.09 18.32 20.41
C LEU D 184 -8.64 19.48 21.23
N LEU D 185 -9.69 20.13 20.73
CA LEU D 185 -10.25 21.27 21.43
C LEU D 185 -10.96 20.84 22.72
N GLY D 186 -11.64 19.70 22.69
CA GLY D 186 -12.34 19.23 23.86
C GLY D 186 -13.15 18.00 23.54
N GLN D 187 -14.00 17.61 24.50
CA GLN D 187 -14.88 16.46 24.36
C GLN D 187 -16.25 16.79 24.91
N THR D 188 -17.27 16.32 24.22
CA THR D 188 -18.65 16.38 24.68
C THR D 188 -19.12 14.96 25.00
N VAL D 189 -19.89 14.81 26.07
CA VAL D 189 -20.28 13.51 26.60
C VAL D 189 -21.79 13.46 26.69
N ASP D 190 -22.38 12.36 26.21
CA ASP D 190 -23.84 12.25 26.16
C ASP D 190 -24.22 10.78 26.14
N SER D 191 -25.53 10.53 26.22
CA SER D 191 -26.07 9.18 26.15
C SER D 191 -27.42 9.22 25.45
N GLY D 192 -27.81 8.07 24.93
CA GLY D 192 -29.07 7.96 24.23
C GLY D 192 -29.46 6.52 24.02
N ILE D 193 -30.38 6.30 23.10
CA ILE D 193 -30.87 4.97 22.77
C ILE D 193 -30.77 4.75 21.26
N VAL D 194 -30.65 3.48 20.88
CA VAL D 194 -30.68 3.05 19.50
C VAL D 194 -31.73 1.96 19.36
N GLN D 195 -32.60 2.10 18.37
CA GLN D 195 -33.68 1.16 18.11
C GLN D 195 -33.29 0.31 16.91
N SER D 196 -33.28 -1.01 17.10
CA SER D 196 -32.92 -1.97 16.07
C SER D 196 -33.97 -3.07 16.03
N SER D 197 -33.77 -4.04 15.13
CA SER D 197 -34.70 -5.15 15.01
C SER D 197 -34.73 -5.98 16.29
N THR D 198 -33.59 -6.11 16.98
CA THR D 198 -33.54 -6.92 18.19
C THR D 198 -34.18 -6.20 19.38
N GLY D 199 -34.11 -4.87 19.43
CA GLY D 199 -34.72 -4.14 20.52
C GLY D 199 -34.07 -2.78 20.68
N GLU D 200 -34.32 -2.17 21.83
CA GLU D 200 -33.77 -0.87 22.19
C GLU D 200 -32.55 -1.06 23.07
N TYR D 201 -31.45 -0.40 22.70
CA TYR D 201 -30.19 -0.52 23.42
C TYR D 201 -29.70 0.85 23.84
N VAL D 202 -29.18 0.93 25.07
CA VAL D 202 -28.58 2.16 25.57
C VAL D 202 -27.21 2.33 24.95
N VAL D 203 -26.95 3.52 24.41
CA VAL D 203 -25.67 3.87 23.80
C VAL D 203 -25.11 5.06 24.55
N MET D 204 -23.80 5.03 24.81
CA MET D 204 -23.10 6.09 25.51
C MET D 204 -22.04 6.64 24.57
N THR D 205 -22.07 7.95 24.34
CA THR D 205 -21.33 8.59 23.26
C THR D 205 -20.42 9.68 23.80
N THR D 206 -19.22 9.76 23.23
CA THR D 206 -18.26 10.82 23.51
C THR D 206 -17.74 11.36 22.19
N HIS D 207 -18.02 12.62 21.90
CA HIS D 207 -17.57 13.27 20.68
C HIS D 207 -16.31 14.07 20.99
N PHE D 208 -15.20 13.69 20.40
CA PHE D 208 -13.94 14.42 20.52
C PHE D 208 -13.85 15.42 19.38
N HIS D 209 -13.72 16.71 19.72
CA HIS D 209 -13.72 17.77 18.73
C HIS D 209 -12.27 18.07 18.33
N LEU D 210 -11.98 17.93 17.05
CA LEU D 210 -10.64 18.09 16.50
C LEU D 210 -10.63 19.19 15.44
N LYS D 211 -9.57 20.00 15.46
CA LYS D 211 -9.36 21.03 14.45
C LYS D 211 -8.04 20.78 13.75
N ARG D 212 -8.07 20.72 12.43
CA ARG D 212 -6.86 20.45 11.67
C ARG D 212 -5.88 21.61 11.77
N LYS D 213 -4.59 21.28 11.79
CA LYS D 213 -3.53 22.27 11.82
C LYS D 213 -3.08 22.58 10.41
N ILE D 214 -3.02 23.87 10.07
CA ILE D 214 -2.84 24.31 8.69
C ILE D 214 -1.37 24.47 8.30
N GLY D 215 -0.44 24.41 9.27
CA GLY D 215 0.94 24.80 8.98
C GLY D 215 1.62 23.92 7.95
N TYR D 216 1.40 22.60 8.03
CA TYR D 216 2.03 21.68 7.09
C TYR D 216 1.60 21.99 5.66
N PHE D 217 0.29 22.13 5.45
CA PHE D 217 -0.19 22.39 4.11
C PHE D 217 0.20 23.78 3.63
N VAL D 218 0.25 24.76 4.53
CA VAL D 218 0.75 26.07 4.17
C VAL D 218 2.18 25.98 3.66
N ILE D 219 3.02 25.21 4.36
CA ILE D 219 4.41 25.09 3.95
C ILE D 219 4.53 24.37 2.61
N GLN D 220 3.77 23.30 2.42
CA GLN D 220 4.06 22.37 1.34
C GLN D 220 3.19 22.55 0.08
N THR D 221 2.07 23.26 0.15
CA THR D 221 1.20 23.49 -1.00
C THR D 221 0.99 24.97 -1.30
N TYR D 222 0.62 25.77 -0.30
CA TYR D 222 0.24 27.15 -0.57
C TYR D 222 1.44 28.00 -0.98
N LEU D 223 2.53 27.94 -0.21
CA LEU D 223 3.71 28.70 -0.57
C LEU D 223 4.30 28.30 -1.91
N PRO D 224 4.46 27.01 -2.24
CA PRO D 224 4.90 26.66 -3.60
C PRO D 224 3.99 27.21 -4.69
N CYS D 225 2.68 27.17 -4.48
CA CYS D 225 1.76 27.71 -5.49
C CYS D 225 1.90 29.22 -5.61
N ILE D 226 2.01 29.93 -4.48
CA ILE D 226 2.15 31.38 -4.51
C ILE D 226 3.45 31.78 -5.19
N MET D 227 4.54 31.07 -4.87
CA MET D 227 5.82 31.36 -5.52
C MET D 227 5.77 31.05 -7.01
N THR D 228 5.03 30.00 -7.39
CA THR D 228 4.88 29.70 -8.81
C THR D 228 4.13 30.82 -9.52
N VAL D 229 3.07 31.34 -8.89
CA VAL D 229 2.32 32.45 -9.49
C VAL D 229 3.21 33.67 -9.63
N ILE D 230 3.99 33.99 -8.59
CA ILE D 230 4.88 35.14 -8.63
C ILE D 230 5.94 34.96 -9.72
N LEU D 231 6.47 33.74 -9.84
CA LEU D 231 7.46 33.46 -10.87
C LEU D 231 6.88 33.60 -12.27
N SER D 232 5.63 33.16 -12.45
CA SER D 232 4.96 33.36 -13.74
C SER D 232 4.78 34.84 -14.03
N GLN D 233 4.41 35.63 -13.02
CA GLN D 233 4.21 37.06 -13.23
C GLN D 233 5.53 37.81 -13.40
N VAL D 234 6.65 37.22 -13.00
CA VAL D 234 7.94 37.88 -13.20
C VAL D 234 8.22 38.11 -14.68
N SER D 235 7.71 37.25 -15.56
CA SER D 235 8.03 37.33 -16.98
C SER D 235 7.51 38.61 -17.63
N PHE D 236 6.56 39.30 -17.01
CA PHE D 236 6.05 40.54 -17.59
C PHE D 236 7.11 41.64 -17.63
N TRP D 237 8.17 41.53 -16.82
CA TRP D 237 9.20 42.55 -16.75
C TRP D 237 10.34 42.34 -17.73
N LEU D 238 10.35 41.23 -18.46
CA LEU D 238 11.34 41.01 -19.50
C LEU D 238 10.89 41.66 -20.80
N ASN D 239 11.86 41.95 -21.66
CA ASN D 239 11.56 42.56 -22.95
C ASN D 239 10.77 41.58 -23.81
N ARG D 240 9.87 42.13 -24.64
CA ARG D 240 8.97 41.29 -25.42
C ARG D 240 9.70 40.45 -26.45
N GLU D 241 10.94 40.82 -26.81
CA GLU D 241 11.71 40.05 -27.79
C GLU D 241 12.40 38.84 -27.20
N SER D 242 12.36 38.65 -25.87
CA SER D 242 12.89 37.46 -25.23
C SER D 242 11.87 36.32 -25.29
N VAL D 243 11.55 35.92 -26.52
CA VAL D 243 10.51 34.92 -26.74
C VAL D 243 10.84 33.58 -26.09
N PRO D 244 12.01 32.97 -26.33
CA PRO D 244 12.28 31.69 -25.65
C PRO D 244 12.30 31.79 -24.14
N ALA D 245 12.82 32.89 -23.59
CA ALA D 245 12.88 33.04 -22.15
C ALA D 245 11.48 33.13 -21.55
N ARG D 246 10.62 33.96 -22.13
CA ARG D 246 9.26 34.10 -21.60
C ARG D 246 8.44 32.83 -21.82
N THR D 247 8.68 32.13 -22.94
CA THR D 247 8.03 30.84 -23.14
C THR D 247 8.48 29.83 -22.09
N VAL D 248 9.76 29.84 -21.74
CA VAL D 248 10.27 28.97 -20.70
C VAL D 248 9.57 29.29 -19.37
N PHE D 249 9.46 30.58 -19.05
CA PHE D 249 8.74 31.00 -17.85
C PHE D 249 7.33 30.43 -17.81
N GLY D 250 6.57 30.67 -18.88
CA GLY D 250 5.18 30.25 -18.90
C GLY D 250 5.03 28.74 -18.82
N VAL D 251 5.80 28.01 -19.63
CA VAL D 251 5.66 26.57 -19.70
C VAL D 251 6.08 25.93 -18.38
N THR D 252 7.23 26.35 -17.84
CA THR D 252 7.70 25.74 -16.60
C THR D 252 6.77 26.05 -15.44
N THR D 253 6.20 27.26 -15.39
CA THR D 253 5.26 27.56 -14.32
C THR D 253 3.98 26.75 -14.47
N VAL D 254 3.51 26.55 -15.71
CA VAL D 254 2.33 25.74 -15.93
C VAL D 254 2.57 24.31 -15.46
N LEU D 255 3.73 23.75 -15.80
CA LEU D 255 4.01 22.37 -15.39
C LEU D 255 4.19 22.28 -13.87
N THR D 256 4.81 23.28 -13.26
CA THR D 256 4.94 23.28 -11.81
C THR D 256 3.59 23.30 -11.14
N MET D 257 2.66 24.11 -11.67
CA MET D 257 1.31 24.13 -11.11
C MET D 257 0.61 22.80 -11.30
N THR D 258 0.81 22.17 -12.47
CA THR D 258 0.19 20.86 -12.70
C THR D 258 0.72 19.82 -11.72
N THR D 259 2.04 19.81 -11.51
CA THR D 259 2.64 18.86 -10.57
C THR D 259 2.15 19.12 -9.16
N LEU D 260 2.03 20.40 -8.77
CA LEU D 260 1.50 20.73 -7.45
C LEU D 260 0.07 20.25 -7.29
N SER D 261 -0.75 20.44 -8.34
CA SER D 261 -2.13 19.96 -8.29
C SER D 261 -2.18 18.45 -8.13
N ILE D 262 -1.33 17.73 -8.86
CA ILE D 262 -1.31 16.27 -8.75
C ILE D 262 -0.90 15.85 -7.35
N SER D 263 0.16 16.47 -6.81
CA SER D 263 0.71 16.02 -5.54
C SER D 263 -0.15 16.45 -4.35
N ALA D 264 -0.95 17.50 -4.49
CA ALA D 264 -1.74 17.99 -3.37
C ALA D 264 -2.79 16.95 -2.93
N ARG D 265 -3.44 16.31 -3.90
CA ARG D 265 -4.51 15.36 -3.59
C ARG D 265 -3.99 14.05 -2.98
N ASN D 266 -2.68 13.79 -3.04
CA ASN D 266 -2.15 12.54 -2.52
C ASN D 266 -2.35 12.41 -1.01
N SER D 267 -2.40 13.55 -0.30
CA SER D 267 -2.58 13.50 1.14
C SER D 267 -3.95 12.93 1.52
N LEU D 268 -4.98 13.32 0.79
CA LEU D 268 -6.36 13.01 1.16
C LEU D 268 -6.77 11.62 0.71
N PRO D 269 -7.88 11.11 1.22
CA PRO D 269 -8.58 10.03 0.52
C PRO D 269 -9.22 10.55 -0.75
N LYS D 270 -9.44 9.64 -1.69
CA LYS D 270 -9.91 10.02 -3.03
C LYS D 270 -11.40 10.34 -2.98
N VAL D 271 -11.70 11.50 -2.37
CA VAL D 271 -13.07 11.99 -2.30
C VAL D 271 -13.44 12.64 -3.62
N ALA D 272 -14.73 12.58 -3.95
CA ALA D 272 -15.24 12.99 -5.25
C ALA D 272 -15.82 14.41 -5.25
N TYR D 273 -15.24 15.31 -4.45
CA TYR D 273 -15.65 16.71 -4.45
C TYR D 273 -14.43 17.59 -4.25
N ALA D 274 -14.56 18.85 -4.65
CA ALA D 274 -13.45 19.79 -4.59
C ALA D 274 -13.35 20.39 -3.19
N THR D 275 -12.11 20.57 -2.73
CA THR D 275 -11.81 21.17 -1.44
C THR D 275 -11.32 22.60 -1.62
N ALA D 276 -11.11 23.28 -0.49
CA ALA D 276 -10.59 24.64 -0.52
C ALA D 276 -9.21 24.68 -1.13
N MET D 277 -8.37 23.69 -0.82
CA MET D 277 -7.04 23.61 -1.43
C MET D 277 -7.16 23.40 -2.94
N ASP D 278 -8.13 22.59 -3.37
CA ASP D 278 -8.34 22.40 -4.80
C ASP D 278 -8.76 23.70 -5.47
N TRP D 279 -9.64 24.47 -4.83
CA TRP D 279 -10.04 25.75 -5.40
C TRP D 279 -8.87 26.72 -5.49
N PHE D 280 -8.04 26.77 -4.44
CA PHE D 280 -6.87 27.62 -4.47
C PHE D 280 -5.92 27.23 -5.60
N ILE D 281 -5.69 25.93 -5.77
CA ILE D 281 -4.81 25.46 -6.83
C ILE D 281 -5.40 25.79 -8.19
N ALA D 282 -6.72 25.68 -8.33
CA ALA D 282 -7.37 26.02 -9.59
C ALA D 282 -7.19 27.49 -9.93
N VAL D 283 -7.38 28.37 -8.94
CA VAL D 283 -7.21 29.80 -9.20
C VAL D 283 -5.77 30.12 -9.55
N CYS D 284 -4.82 29.50 -8.84
CA CYS D 284 -3.41 29.77 -9.14
C CYS D 284 -3.03 29.27 -10.54
N TYR D 285 -3.55 28.11 -10.94
CA TYR D 285 -3.31 27.64 -12.30
C TYR D 285 -3.92 28.61 -13.30
N ALA D 286 -5.11 29.14 -13.01
CA ALA D 286 -5.74 30.09 -13.90
C ALA D 286 -4.87 31.34 -14.05
N PHE D 287 -4.29 31.81 -12.96
CA PHE D 287 -3.40 32.98 -13.03
C PHE D 287 -2.18 32.69 -13.88
N VAL D 288 -1.55 31.52 -13.68
CA VAL D 288 -0.34 31.19 -14.44
C VAL D 288 -0.66 31.06 -15.93
N PHE D 289 -1.75 30.37 -16.24
CA PHE D 289 -2.13 30.18 -17.64
C PHE D 289 -2.56 31.49 -18.29
N SER D 290 -3.19 32.39 -17.52
CA SER D 290 -3.51 33.70 -18.04
C SER D 290 -2.25 34.51 -18.31
N ALA D 291 -1.23 34.36 -17.47
CA ALA D 291 0.05 35.02 -17.75
C ALA D 291 0.66 34.50 -19.05
N LEU D 292 0.56 33.18 -19.27
CA LEU D 292 1.06 32.63 -20.54
C LEU D 292 0.28 33.18 -21.73
N ILE D 293 -1.04 33.29 -21.60
CA ILE D 293 -1.85 33.88 -22.68
C ILE D 293 -1.44 35.34 -22.90
N GLU D 294 -1.13 36.05 -21.82
CA GLU D 294 -0.68 37.43 -21.95
C GLU D 294 0.61 37.52 -22.75
N PHE D 295 1.56 36.63 -22.46
CA PHE D 295 2.78 36.59 -23.25
C PHE D 295 2.48 36.24 -24.71
N ALA D 296 1.52 35.34 -24.95
CA ALA D 296 1.16 34.99 -26.31
C ALA D 296 0.61 36.19 -27.06
N THR D 297 -0.24 36.99 -26.41
CA THR D 297 -0.75 38.21 -27.04
C THR D 297 0.37 39.20 -27.32
N VAL D 298 1.29 39.36 -26.37
CA VAL D 298 2.41 40.27 -26.56
C VAL D 298 3.26 39.84 -27.76
N ASN D 299 3.53 38.54 -27.87
CA ASN D 299 4.30 38.04 -29.00
C ASN D 299 3.55 38.19 -30.31
N TYR D 300 2.22 38.03 -30.28
CA TYR D 300 1.43 38.24 -31.48
C TYR D 300 1.53 39.68 -31.98
N PHE D 301 1.46 40.64 -31.06
CA PHE D 301 1.54 42.05 -31.46
C PHE D 301 2.97 42.55 -31.63
N THR D 302 3.98 41.76 -31.25
CA THR D 302 5.35 42.13 -31.54
C THR D 302 5.58 42.14 -33.05
N LYS D 303 6.28 43.17 -33.54
CA LYS D 303 6.48 43.38 -34.97
C LYS D 303 7.79 42.77 -35.46
N ARG D 304 8.91 43.20 -34.87
CA ARG D 304 10.25 42.87 -35.35
C ARG D 304 10.96 42.02 -34.31
N GLY D 305 11.85 41.15 -34.79
CA GLY D 305 12.41 40.09 -33.98
C GLY D 305 13.76 40.36 -33.35
N TYR D 306 14.14 41.65 -33.22
CA TYR D 306 15.37 42.04 -32.55
C TYR D 306 15.05 43.07 -31.49
N ALA D 307 15.76 42.99 -30.36
CA ALA D 307 15.54 43.88 -29.24
C ALA D 307 16.30 45.19 -29.46
N TRP D 308 16.16 46.09 -28.50
CA TRP D 308 16.88 47.36 -28.57
C TRP D 308 18.39 47.12 -28.54
N ASP D 309 19.10 47.78 -29.46
CA ASP D 309 20.52 47.51 -29.62
C ASP D 309 21.32 47.92 -28.37
N GLY D 310 20.97 49.05 -27.77
CA GLY D 310 21.67 49.56 -26.61
C GLY D 310 22.08 51.01 -26.73
N LYS D 311 22.33 51.46 -27.96
CA LYS D 311 22.86 52.78 -28.23
C LYS D 311 21.92 53.69 -29.01
N SER D 312 21.09 53.11 -29.89
CA SER D 312 20.19 53.93 -30.74
C SER D 312 19.13 54.63 -29.88
N VAL D 313 18.43 55.61 -30.43
CA VAL D 313 17.50 56.42 -29.60
C VAL D 313 16.06 56.23 -30.08
N VAL D 314 15.31 55.35 -29.44
CA VAL D 314 13.90 55.10 -29.83
C VAL D 314 13.26 56.47 -30.12
N PRO D 315 12.91 56.78 -31.38
CA PRO D 315 12.27 58.03 -31.72
C PRO D 315 10.89 57.91 -31.16
N GLU D 316 10.05 58.90 -31.44
CA GLU D 316 8.70 58.87 -30.82
C GLU D 316 7.66 58.34 -31.81
N LYS D 317 6.86 57.38 -31.37
CA LYS D 317 5.77 56.80 -32.21
C LYS D 317 4.79 57.89 -32.69
N PRO D 318 4.18 58.74 -31.82
CA PRO D 318 3.16 59.70 -32.25
C PRO D 318 3.13 59.95 -33.75
N LYS D 374 16.29 54.84 -41.28
CA LYS D 374 16.92 54.44 -40.02
C LYS D 374 16.29 53.15 -39.49
N LYS D 375 16.90 52.59 -38.45
CA LYS D 375 16.47 51.33 -37.87
C LYS D 375 15.47 51.61 -36.75
N THR D 376 14.23 51.17 -36.95
CA THR D 376 13.21 51.28 -35.92
C THR D 376 13.36 50.17 -34.89
N PHE D 377 12.65 50.32 -33.77
CA PHE D 377 12.71 49.35 -32.68
C PHE D 377 11.32 49.18 -32.08
N ASN D 378 11.09 48.00 -31.51
CA ASN D 378 9.80 47.71 -30.89
C ASN D 378 9.57 48.57 -29.67
N SER D 379 8.32 48.93 -29.45
CA SER D 379 7.91 49.68 -28.27
C SER D 379 7.61 48.73 -27.12
N VAL D 380 7.74 49.24 -25.89
CA VAL D 380 7.39 48.45 -24.72
C VAL D 380 5.89 48.19 -24.75
N SER D 381 5.51 46.94 -24.50
CA SER D 381 4.12 46.54 -24.71
C SER D 381 3.21 47.17 -23.66
N LYS D 382 2.14 47.81 -24.13
CA LYS D 382 1.11 48.30 -23.21
C LYS D 382 0.49 47.16 -22.43
N ILE D 383 0.39 45.98 -23.06
CA ILE D 383 -0.12 44.80 -22.36
C ILE D 383 0.77 44.47 -21.17
N ASP D 384 2.09 44.48 -21.39
CA ASP D 384 3.02 44.22 -20.28
C ASP D 384 2.90 45.29 -19.20
N ARG D 385 2.82 46.56 -19.62
CA ARG D 385 2.78 47.65 -18.64
C ARG D 385 1.52 47.55 -17.77
N LEU D 386 0.39 47.19 -18.38
CA LEU D 386 -0.83 47.03 -17.60
C LEU D 386 -0.77 45.77 -16.73
N SER D 387 -0.31 44.66 -17.29
CA SER D 387 -0.31 43.39 -16.57
C SER D 387 0.59 43.45 -15.35
N ARG D 388 1.70 44.20 -15.43
CA ARG D 388 2.64 44.30 -14.31
C ARG D 388 1.96 44.74 -13.02
N ILE D 389 0.90 45.55 -13.12
CA ILE D 389 0.18 46.04 -11.95
C ILE D 389 -1.12 45.26 -11.78
N ALA D 390 -1.71 44.80 -12.89
CA ALA D 390 -3.00 44.12 -12.81
C ALA D 390 -2.87 42.76 -12.15
N PHE D 391 -1.90 41.94 -12.59
CA PHE D 391 -1.83 40.56 -12.11
C PHE D 391 -1.52 40.47 -10.62
N PRO D 392 -0.49 41.13 -10.10
CA PRO D 392 -0.25 41.05 -8.64
C PRO D 392 -1.40 41.61 -7.81
N LEU D 393 -2.04 42.69 -8.28
CA LEU D 393 -3.16 43.27 -7.54
C LEU D 393 -4.32 42.29 -7.45
N LEU D 394 -4.67 41.66 -8.59
CA LEU D 394 -5.76 40.70 -8.59
C LEU D 394 -5.42 39.47 -7.75
N PHE D 395 -4.18 39.00 -7.82
CA PHE D 395 -3.81 37.84 -7.01
C PHE D 395 -3.87 38.17 -5.52
N GLY D 396 -3.44 39.38 -5.14
CA GLY D 396 -3.55 39.79 -3.75
C GLY D 396 -4.98 39.88 -3.28
N ILE D 397 -5.86 40.44 -4.13
CA ILE D 397 -7.28 40.52 -3.79
C ILE D 397 -7.86 39.12 -3.62
N PHE D 398 -7.50 38.20 -4.53
CA PHE D 398 -7.99 36.83 -4.41
C PHE D 398 -7.50 36.19 -3.12
N ASN D 399 -6.24 36.40 -2.76
CA ASN D 399 -5.73 35.84 -1.51
C ASN D 399 -6.49 36.41 -0.31
N LEU D 400 -6.73 37.72 -0.31
CA LEU D 400 -7.48 38.35 0.76
C LEU D 400 -8.86 37.71 0.91
N VAL D 401 -9.60 37.63 -0.19
CA VAL D 401 -10.96 37.11 -0.13
C VAL D 401 -10.95 35.64 0.28
N TYR D 402 -10.03 34.84 -0.28
CA TYR D 402 -9.98 33.42 0.02
C TYR D 402 -9.69 33.17 1.50
N TRP D 403 -8.65 33.83 2.03
CA TRP D 403 -8.31 33.58 3.43
C TRP D 403 -9.37 34.13 4.37
N ALA D 404 -9.92 35.32 4.07
CA ALA D 404 -10.99 35.85 4.90
C ALA D 404 -12.23 34.97 4.85
N THR D 405 -12.46 34.29 3.73
CA THR D 405 -13.61 33.40 3.63
C THR D 405 -13.39 32.12 4.43
N TYR D 406 -12.21 31.52 4.32
CA TYR D 406 -12.01 30.16 4.83
C TYR D 406 -11.41 30.09 6.23
N LEU D 407 -10.80 31.16 6.74
CA LEU D 407 -10.15 31.07 8.05
C LEU D 407 -11.16 31.17 9.18
N ASN D 408 -11.88 32.29 9.25
CA ASN D 408 -12.86 32.51 10.33
C ASN D 408 -14.14 31.72 10.02
N ARG D 409 -14.02 30.40 10.16
CA ARG D 409 -15.13 29.48 9.89
C ARG D 409 -15.11 28.35 10.91
N GLY E 1 19.21 -34.41 43.21
CA GLY E 1 17.91 -34.94 43.59
C GLY E 1 17.39 -35.95 42.58
N ASN E 2 16.74 -37.00 43.10
CA ASN E 2 16.20 -38.03 42.24
C ASN E 2 15.01 -37.50 41.44
N MET E 3 14.75 -38.15 40.30
CA MET E 3 13.65 -37.74 39.44
C MET E 3 12.32 -37.84 40.17
N SER E 4 12.06 -38.98 40.82
CA SER E 4 10.81 -39.16 41.53
C SER E 4 10.68 -38.19 42.69
N PHE E 5 11.78 -37.94 43.41
CA PHE E 5 11.73 -37.03 44.54
C PHE E 5 11.41 -35.60 44.08
N VAL E 6 12.04 -35.17 42.98
CA VAL E 6 11.77 -33.83 42.46
C VAL E 6 10.33 -33.75 41.95
N LYS E 7 9.84 -34.83 41.33
CA LYS E 7 8.46 -34.84 40.85
C LYS E 7 7.48 -34.69 42.02
N GLU E 8 7.71 -35.44 43.10
CA GLU E 8 6.86 -35.34 44.28
C GLU E 8 6.96 -33.95 44.89
N THR E 9 8.15 -33.36 44.94
CA THR E 9 8.30 -32.03 45.51
C THR E 9 7.52 -31.00 44.71
N VAL E 10 7.64 -31.03 43.38
CA VAL E 10 6.94 -30.06 42.55
C VAL E 10 5.43 -30.27 42.66
N ASP E 11 4.98 -31.52 42.70
CA ASP E 11 3.56 -31.79 42.87
C ASP E 11 3.05 -31.26 44.20
N LYS E 12 3.83 -31.44 45.27
CA LYS E 12 3.44 -30.91 46.57
C LYS E 12 3.37 -29.39 46.54
N LEU E 13 4.33 -28.75 45.88
CA LEU E 13 4.32 -27.28 45.79
C LEU E 13 3.09 -26.79 45.05
N LEU E 14 2.72 -27.46 43.96
CA LEU E 14 1.62 -27.00 43.12
C LEU E 14 0.25 -27.51 43.57
N LYS E 15 0.19 -28.41 44.55
CA LYS E 15 -1.10 -28.88 45.06
C LYS E 15 -1.67 -27.86 46.04
N GLY E 16 -2.91 -27.46 45.83
CA GLY E 16 -3.53 -26.45 46.67
C GLY E 16 -2.98 -25.06 46.49
N TYR E 17 -2.36 -24.79 45.34
CA TYR E 17 -1.77 -23.48 45.06
C TYR E 17 -2.83 -22.60 44.42
N ASP E 18 -3.23 -21.54 45.12
CA ASP E 18 -4.26 -20.62 44.63
C ASP E 18 -3.60 -19.57 43.75
N ILE E 19 -3.71 -19.74 42.44
CA ILE E 19 -3.12 -18.79 41.50
C ILE E 19 -3.80 -17.44 41.57
N ARG E 20 -5.07 -17.39 41.98
CA ARG E 20 -5.80 -16.13 42.00
C ARG E 20 -5.23 -15.14 43.02
N LEU E 21 -4.51 -15.62 44.02
CA LEU E 21 -3.99 -14.78 45.10
C LEU E 21 -2.50 -14.51 44.88
N ARG E 22 -2.09 -13.28 45.17
CA ARG E 22 -0.70 -12.89 45.05
C ARG E 22 0.11 -13.54 46.18
N PRO E 23 1.45 -13.57 46.06
CA PRO E 23 2.25 -14.42 46.96
C PRO E 23 2.06 -14.15 48.45
N ASP E 24 1.83 -12.90 48.85
CA ASP E 24 1.48 -12.55 50.22
C ASP E 24 0.19 -11.72 50.13
N PHE E 25 -0.94 -12.41 50.06
CA PHE E 25 -2.21 -11.73 49.79
C PHE E 25 -2.72 -11.00 51.02
N GLY E 26 -2.36 -11.47 52.21
CA GLY E 26 -2.87 -10.87 53.43
C GLY E 26 -2.38 -9.46 53.69
N GLY E 27 -1.09 -9.31 53.98
CA GLY E 27 -0.54 -8.07 54.47
C GLY E 27 0.42 -7.38 53.53
N PRO E 28 1.73 -7.55 53.73
CA PRO E 28 2.68 -6.61 53.16
C PRO E 28 2.73 -6.74 51.65
N PRO E 29 3.15 -5.68 50.93
CA PRO E 29 3.33 -5.82 49.49
C PRO E 29 4.47 -6.78 49.16
N VAL E 30 4.31 -7.46 48.03
CA VAL E 30 5.37 -8.31 47.49
C VAL E 30 6.32 -7.44 46.67
N CYS E 31 7.62 -7.64 46.87
CA CYS E 31 8.65 -6.89 46.18
C CYS E 31 9.04 -7.60 44.89
N VAL E 32 9.05 -6.86 43.78
CA VAL E 32 9.39 -7.39 42.47
C VAL E 32 10.59 -6.61 41.96
N GLY E 33 11.73 -7.28 41.85
CA GLY E 33 12.88 -6.72 41.18
C GLY E 33 12.81 -7.02 39.69
N MET E 34 13.35 -6.10 38.88
CA MET E 34 13.31 -6.27 37.44
C MET E 34 14.66 -5.96 36.82
N ASN E 35 15.03 -6.76 35.81
CA ASN E 35 16.25 -6.58 35.02
CA ASN E 35 16.21 -6.47 35.02
C ASN E 35 15.89 -6.72 33.55
N ILE E 36 16.63 -6.03 32.70
CA ILE E 36 16.41 -6.07 31.25
C ILE E 36 17.76 -6.24 30.57
N ASP E 37 17.80 -7.10 29.55
CA ASP E 37 18.93 -7.23 28.65
C ASP E 37 18.45 -6.83 27.26
N ILE E 38 18.93 -5.69 26.78
CA ILE E 38 18.44 -5.12 25.52
C ILE E 38 19.10 -5.88 24.37
N ALA E 39 18.32 -6.69 23.66
CA ALA E 39 18.87 -7.42 22.53
C ALA E 39 19.12 -6.51 21.34
N SER E 40 18.18 -5.60 21.06
CA SER E 40 18.33 -4.71 19.92
C SER E 40 17.25 -3.64 19.94
N ILE E 41 17.56 -2.51 19.32
CA ILE E 41 16.59 -1.49 18.94
C ILE E 41 16.63 -1.39 17.43
N ASP E 42 15.48 -1.52 16.78
CA ASP E 42 15.43 -1.84 15.35
C ASP E 42 14.97 -0.66 14.49
N MET E 43 13.76 -0.13 14.73
CA MET E 43 13.10 0.78 13.79
C MET E 43 12.62 2.02 14.55
N VAL E 44 13.49 3.01 14.70
CA VAL E 44 13.11 4.29 15.26
C VAL E 44 12.49 5.11 14.15
N SER E 45 11.16 5.22 14.17
CA SER E 45 10.38 5.78 13.07
C SER E 45 9.79 7.13 13.44
N GLU E 46 10.08 8.14 12.63
CA GLU E 46 9.43 9.44 12.79
C GLU E 46 8.00 9.42 12.25
N VAL E 47 7.75 8.65 11.19
CA VAL E 47 6.42 8.59 10.59
C VAL E 47 5.42 8.01 11.59
N ASN E 48 5.77 6.88 12.21
CA ASN E 48 4.92 6.22 13.18
C ASN E 48 5.15 6.73 14.61
N MET E 49 6.21 7.49 14.85
CA MET E 49 6.51 8.05 16.18
C MET E 49 6.63 6.94 17.22
N ASP E 50 7.37 5.89 16.87
CA ASP E 50 7.59 4.78 17.79
C ASP E 50 8.92 4.12 17.45
N TYR E 51 9.39 3.29 18.38
CA TYR E 51 10.60 2.50 18.20
C TYR E 51 10.34 1.07 18.64
N THR E 52 11.02 0.13 17.99
CA THR E 52 10.91 -1.28 18.30
C THR E 52 12.07 -1.70 19.20
N LEU E 53 11.76 -2.51 20.20
CA LEU E 53 12.71 -2.90 21.23
C LEU E 53 12.54 -4.37 21.53
N THR E 54 13.60 -5.15 21.31
CA THR E 54 13.66 -6.55 21.70
C THR E 54 14.50 -6.67 22.96
N MET E 55 14.04 -7.47 23.91
CA MET E 55 14.70 -7.54 25.19
C MET E 55 14.42 -8.87 25.87
N TYR E 56 15.31 -9.23 26.79
CA TYR E 56 15.06 -10.26 27.79
C TYR E 56 14.62 -9.55 29.06
N PHE E 57 13.36 -9.70 29.42
CA PHE E 57 12.76 -9.05 30.58
C PHE E 57 12.65 -10.09 31.70
N GLN E 58 13.37 -9.86 32.79
CA GLN E 58 13.44 -10.79 33.91
C GLN E 58 12.82 -10.15 35.15
N GLN E 59 11.95 -10.90 35.82
CA GLN E 59 11.29 -10.48 37.04
C GLN E 59 11.69 -11.44 38.16
N TYR E 60 11.92 -10.87 39.34
CA TYR E 60 12.40 -11.60 40.51
CA TYR E 60 12.41 -11.58 40.51
C TYR E 60 11.47 -11.30 41.68
N TRP E 61 10.96 -12.36 42.30
CA TRP E 61 10.14 -12.16 43.50
C TRP E 61 10.25 -13.41 44.37
N ARG E 62 9.57 -13.36 45.52
CA ARG E 62 9.57 -14.44 46.49
CA ARG E 62 9.57 -14.44 46.49
C ARG E 62 8.15 -14.90 46.76
N ASP E 63 7.94 -16.21 46.74
CA ASP E 63 6.65 -16.84 47.03
C ASP E 63 6.90 -17.94 48.04
N LYS E 64 6.51 -17.69 49.30
CA LYS E 64 6.74 -18.67 50.36
C LYS E 64 5.97 -19.96 50.12
N ARG E 65 4.91 -19.92 49.31
CA ARG E 65 4.20 -21.14 48.96
C ARG E 65 5.07 -22.11 48.17
N LEU E 66 6.02 -21.58 47.39
CA LEU E 66 6.87 -22.38 46.51
C LEU E 66 8.20 -22.77 47.14
N ALA E 67 8.41 -22.46 48.43
CA ALA E 67 9.65 -22.85 49.08
C ALA E 67 9.70 -24.37 49.25
N TYR E 68 10.88 -24.94 49.05
CA TYR E 68 11.09 -26.37 49.16
C TYR E 68 12.45 -26.63 49.82
N SER E 69 12.61 -27.84 50.34
CA SER E 69 13.82 -28.25 51.02
C SER E 69 14.18 -29.67 50.61
N GLY E 70 15.45 -30.03 50.83
CA GLY E 70 15.96 -31.34 50.46
C GLY E 70 16.54 -31.43 49.07
N ILE E 71 16.42 -30.38 48.26
CA ILE E 71 16.95 -30.35 46.90
C ILE E 71 17.87 -29.14 46.78
N PRO E 72 19.19 -29.29 46.99
CA PRO E 72 20.06 -28.10 46.98
C PRO E 72 20.07 -27.37 45.64
N LEU E 73 19.96 -28.08 44.53
CA LEU E 73 20.04 -27.44 43.22
C LEU E 73 18.79 -26.61 42.96
N ASN E 74 18.97 -25.58 42.13
CA ASN E 74 17.83 -24.75 41.71
C ASN E 74 17.05 -25.51 40.64
N LEU E 75 15.74 -25.39 40.62
CA LEU E 75 14.87 -26.13 39.72
C LEU E 75 14.48 -25.23 38.56
N THR E 76 15.00 -25.53 37.37
CA THR E 76 14.56 -24.91 36.13
C THR E 76 13.48 -25.81 35.52
N LEU E 77 12.24 -25.34 35.54
CA LEU E 77 11.10 -26.11 35.09
C LEU E 77 10.69 -25.68 33.69
N ASP E 78 9.88 -26.53 33.05
CA ASP E 78 9.36 -26.20 31.74
C ASP E 78 8.50 -24.95 31.82
N ASN E 79 8.57 -24.12 30.77
CA ASN E 79 7.93 -22.81 30.79
C ASN E 79 6.41 -22.88 30.90
N ARG E 80 5.79 -24.03 30.63
CA ARG E 80 4.34 -24.13 30.77
C ARG E 80 3.87 -24.05 32.21
N VAL E 81 4.76 -24.24 33.18
CA VAL E 81 4.40 -24.10 34.58
C VAL E 81 4.12 -22.65 34.99
N ALA E 82 4.51 -21.69 34.15
CA ALA E 82 4.17 -20.30 34.42
C ALA E 82 2.67 -20.10 34.43
N ASP E 83 1.93 -20.85 33.61
CA ASP E 83 0.47 -20.77 33.62
C ASP E 83 -0.10 -21.24 34.94
N GLN E 84 0.51 -22.25 35.56
CA GLN E 84 0.06 -22.72 36.86
C GLN E 84 0.49 -21.80 38.00
N LEU E 85 1.64 -21.14 37.85
CA LEU E 85 2.17 -20.27 38.88
C LEU E 85 1.62 -18.85 38.73
N TRP E 86 1.56 -18.15 39.86
CA TRP E 86 1.26 -16.73 39.84
C TRP E 86 2.46 -15.95 39.34
N VAL E 87 2.19 -14.90 38.56
CA VAL E 87 3.22 -13.95 38.13
C VAL E 87 2.63 -12.55 38.16
N PRO E 88 3.48 -11.52 38.26
CA PRO E 88 2.94 -10.15 38.30
C PRO E 88 2.26 -9.78 36.99
N ASP E 89 1.27 -8.92 37.09
CA ASP E 89 0.53 -8.43 35.92
C ASP E 89 1.22 -7.20 35.31
N THR E 90 2.51 -7.35 35.02
CA THR E 90 3.31 -6.25 34.50
C THR E 90 2.91 -5.93 33.06
N TYR E 91 2.93 -4.64 32.73
CA TYR E 91 2.58 -4.20 31.39
C TYR E 91 3.34 -2.92 31.07
N PHE E 92 3.47 -2.64 29.77
CA PHE E 92 4.16 -1.46 29.28
C PHE E 92 3.13 -0.45 28.81
N LEU E 93 3.09 0.71 29.49
CA LEU E 93 1.99 1.65 29.30
C LEU E 93 2.00 2.24 27.90
N ASN E 94 3.17 2.65 27.41
CA ASN E 94 3.29 3.26 26.10
C ASN E 94 3.44 2.25 24.97
N ASP E 95 3.05 0.99 25.21
CA ASP E 95 3.10 -0.03 24.18
C ASP E 95 2.07 0.26 23.10
N LYS E 96 2.38 -0.21 21.89
CA LYS E 96 1.46 -0.21 20.76
C LYS E 96 1.24 -1.60 20.20
N LYS E 97 2.28 -2.42 20.13
CA LYS E 97 2.17 -3.77 19.60
C LYS E 97 3.37 -4.56 20.08
N SER E 98 3.13 -5.60 20.88
CA SER E 98 4.20 -6.41 21.45
C SER E 98 3.79 -7.87 21.46
N PHE E 99 4.80 -8.74 21.51
CA PHE E 99 4.57 -10.19 21.51
C PHE E 99 5.75 -10.87 22.17
N VAL E 100 5.47 -12.02 22.78
CA VAL E 100 6.50 -12.91 23.28
C VAL E 100 6.89 -13.86 22.15
N HIS E 101 8.19 -14.02 21.93
CA HIS E 101 8.68 -14.88 20.86
C HIS E 101 8.26 -16.32 21.12
N GLY E 102 7.81 -17.01 20.07
CA GLY E 102 7.19 -18.31 20.20
C GLY E 102 7.78 -19.41 19.34
N VAL E 103 9.08 -19.31 19.05
CA VAL E 103 9.81 -20.31 18.27
C VAL E 103 11.11 -20.62 19.00
N THR E 104 11.44 -21.90 19.22
CA THR E 104 10.67 -23.10 18.88
C THR E 104 9.46 -23.26 19.80
N VAL E 105 9.58 -22.75 21.03
CA VAL E 105 8.50 -22.67 21.99
C VAL E 105 8.41 -21.24 22.48
N LYS E 106 7.50 -20.99 23.42
CA LYS E 106 7.40 -19.67 24.04
C LYS E 106 8.71 -19.35 24.75
N ASN E 107 9.38 -18.28 24.31
CA ASN E 107 10.67 -17.90 24.87
C ASN E 107 10.42 -17.33 26.27
N ARG E 108 10.25 -18.27 27.20
CA ARG E 108 9.85 -17.99 28.58
C ARG E 108 10.64 -18.91 29.49
N MET E 109 10.96 -18.41 30.69
CA MET E 109 11.82 -19.09 31.63
C MET E 109 11.18 -18.99 33.01
N ILE E 110 11.08 -20.14 33.70
CA ILE E 110 10.69 -20.21 35.10
C ILE E 110 11.81 -20.91 35.84
N ARG E 111 12.32 -20.28 36.90
CA ARG E 111 13.37 -20.86 37.73
C ARG E 111 13.01 -20.66 39.19
N LEU E 112 12.87 -21.76 39.92
CA LEU E 112 12.59 -21.75 41.35
C LEU E 112 13.87 -21.94 42.12
N HIS E 113 13.87 -21.48 43.37
CA HIS E 113 14.98 -21.61 44.30
C HIS E 113 14.46 -22.17 45.60
N PRO E 114 15.34 -22.74 46.44
CA PRO E 114 14.84 -23.46 47.64
C PRO E 114 14.03 -22.59 48.59
N ASP E 115 14.35 -21.30 48.71
CA ASP E 115 13.64 -20.42 49.63
C ASP E 115 12.37 -19.83 49.05
N GLY E 116 11.89 -20.34 47.91
CA GLY E 116 10.67 -19.85 47.31
C GLY E 116 10.85 -18.67 46.37
N THR E 117 12.07 -18.42 45.90
CA THR E 117 12.34 -17.30 45.01
C THR E 117 12.09 -17.72 43.57
N VAL E 118 11.30 -16.92 42.87
CA VAL E 118 10.92 -17.17 41.48
C VAL E 118 11.61 -16.16 40.59
N LEU E 119 12.32 -16.67 39.58
CA LEU E 119 12.82 -15.90 38.46
C LEU E 119 11.98 -16.21 37.24
N TYR E 120 11.46 -15.17 36.60
CA TYR E 120 10.50 -15.29 35.50
C TYR E 120 11.01 -14.44 34.35
N GLY E 121 11.49 -15.08 33.30
CA GLY E 121 12.07 -14.42 32.16
C GLY E 121 11.20 -14.55 30.93
N LEU E 122 11.19 -13.50 30.11
CA LEU E 122 10.49 -13.51 28.82
C LEU E 122 11.37 -12.84 27.79
N ARG E 123 11.25 -13.29 26.54
CA ARG E 123 11.87 -12.60 25.41
C ARG E 123 10.77 -11.85 24.68
N ILE E 124 10.78 -10.51 24.80
CA ILE E 124 9.68 -9.66 24.37
C ILE E 124 10.20 -8.68 23.33
N THR E 125 9.51 -8.61 22.20
CA THR E 125 9.68 -7.54 21.21
C THR E 125 8.45 -6.65 21.30
N THR E 126 8.66 -5.36 21.56
CA THR E 126 7.59 -4.40 21.79
C THR E 126 7.84 -3.14 20.98
N THR E 127 6.79 -2.64 20.33
CA THR E 127 6.82 -1.36 19.63
C THR E 127 6.20 -0.33 20.56
N ALA E 128 7.03 0.57 21.08
CA ALA E 128 6.62 1.56 22.07
C ALA E 128 6.57 2.94 21.45
N ALA E 129 5.56 3.72 21.83
CA ALA E 129 5.41 5.06 21.29
C ALA E 129 6.51 5.98 21.78
N CYS E 130 7.05 6.79 20.88
CA CYS E 130 8.05 7.80 21.20
C CYS E 130 7.70 9.06 20.41
N MET E 131 7.09 10.03 21.09
CA MET E 131 6.69 11.27 20.45
C MET E 131 7.92 12.17 20.31
N MET E 132 8.25 12.52 19.07
CA MET E 132 9.51 13.19 18.75
C MET E 132 9.24 14.64 18.37
N ASP E 133 10.00 15.55 18.96
CA ASP E 133 9.98 16.96 18.59
C ASP E 133 10.99 17.18 17.47
N LEU E 134 10.50 17.36 16.25
CA LEU E 134 11.33 17.44 15.05
C LEU E 134 11.64 18.87 14.65
N ARG E 135 11.57 19.82 15.58
N ARG E 135 11.57 19.81 15.59
CA ARG E 135 11.85 21.21 15.25
CA ARG E 135 11.85 21.21 15.25
C ARG E 135 13.30 21.41 14.82
C ARG E 135 13.30 21.40 14.82
N ARG E 136 14.23 20.70 15.48
CA ARG E 136 15.64 20.75 15.14
C ARG E 136 16.07 19.62 14.21
N TYR E 137 15.11 18.91 13.62
CA TYR E 137 15.42 17.78 12.77
C TYR E 137 16.23 18.25 11.55
N PRO E 138 17.27 17.51 11.13
CA PRO E 138 17.86 16.27 11.64
C PRO E 138 18.93 16.48 12.72
N LEU E 139 19.13 17.72 13.16
CA LEU E 139 20.06 18.03 14.25
C LEU E 139 19.35 18.01 15.59
N ASP E 140 18.64 16.92 15.87
CA ASP E 140 17.73 16.82 16.99
C ASP E 140 18.13 15.67 17.91
N GLU E 141 17.70 15.79 19.18
CA GLU E 141 17.86 14.74 20.17
C GLU E 141 16.49 14.31 20.66
N GLN E 142 16.31 13.00 20.83
CA GLN E 142 15.02 12.43 21.18
C GLN E 142 15.11 11.61 22.46
N ASN E 143 14.11 11.81 23.33
CA ASN E 143 13.90 10.95 24.50
C ASN E 143 12.89 9.87 24.12
N CYS E 144 13.28 8.61 24.28
CA CYS E 144 12.38 7.49 24.04
C CYS E 144 12.39 6.60 25.28
N THR E 145 11.20 6.34 25.82
CA THR E 145 11.05 5.70 27.12
C THR E 145 10.16 4.47 27.03
N LEU E 146 10.42 3.53 27.93
CA LEU E 146 9.56 2.38 28.18
C LEU E 146 9.07 2.47 29.62
N GLU E 147 7.75 2.40 29.79
CA GLU E 147 7.07 2.66 31.06
C GLU E 147 6.49 1.34 31.58
N ILE E 148 7.25 0.66 32.42
CA ILE E 148 6.81 -0.59 33.04
C ILE E 148 5.93 -0.25 34.24
N GLU E 149 4.80 -0.95 34.37
CA GLU E 149 3.85 -0.64 35.42
C GLU E 149 3.07 -1.90 35.79
N SER E 150 2.50 -1.88 36.99
CA SER E 150 1.57 -2.91 37.44
C SER E 150 0.15 -2.44 37.16
N TYR E 151 -0.67 -3.32 36.57
CA TYR E 151 -2.01 -2.92 36.19
C TYR E 151 -2.99 -2.99 37.35
N GLY E 152 -3.20 -4.19 37.89
CA GLY E 152 -4.24 -4.40 38.88
C GLY E 152 -3.82 -4.24 40.33
N TYR E 153 -2.52 -4.15 40.60
CA TYR E 153 -1.99 -4.14 41.95
C TYR E 153 -1.43 -2.76 42.26
N THR E 154 -1.94 -2.14 43.33
CA THR E 154 -1.46 -0.83 43.77
C THR E 154 -0.19 -1.00 44.60
N THR E 155 0.32 0.12 45.12
CA THR E 155 1.54 0.08 45.92
C THR E 155 1.34 -0.68 47.23
N ASP E 156 0.10 -0.86 47.67
CA ASP E 156 -0.17 -1.69 48.83
C ASP E 156 -0.02 -3.18 48.54
N ASP E 157 0.08 -3.58 47.27
CA ASP E 157 0.15 -4.97 46.86
C ASP E 157 1.49 -5.35 46.26
N ILE E 158 2.03 -4.53 45.36
CA ILE E 158 3.28 -4.82 44.66
C ILE E 158 4.18 -3.60 44.74
N GLU E 159 5.48 -3.83 44.92
CA GLU E 159 6.49 -2.79 44.94
C GLU E 159 7.57 -3.13 43.92
N PHE E 160 7.66 -2.34 42.85
CA PHE E 160 8.68 -2.55 41.83
C PHE E 160 10.02 -1.97 42.29
N TYR E 161 11.10 -2.55 41.77
CA TYR E 161 12.41 -1.92 41.89
C TYR E 161 13.34 -2.46 40.82
N TRP E 162 14.39 -1.69 40.55
CA TRP E 162 15.45 -2.09 39.64
C TRP E 162 16.51 -2.83 40.46
N ARG E 163 16.50 -4.16 40.42
CA ARG E 163 17.52 -4.90 41.13
C ARG E 163 18.87 -4.71 40.46
N GLY E 164 19.89 -4.50 41.28
CA GLY E 164 21.19 -4.11 40.79
C GLY E 164 21.34 -2.62 40.52
N GLY E 165 20.30 -1.83 40.75
CA GLY E 165 20.40 -0.40 40.53
C GLY E 165 20.64 -0.07 39.07
N ASP E 166 21.63 0.79 38.82
CA ASP E 166 21.94 1.22 37.48
C ASP E 166 22.46 0.08 36.60
N LYS E 167 22.89 -1.03 37.20
CA LYS E 167 23.30 -2.21 36.45
C LYS E 167 22.12 -3.10 36.07
N ALA E 168 20.88 -2.67 36.35
CA ALA E 168 19.72 -3.51 36.04
C ALA E 168 19.57 -3.70 34.54
N VAL E 169 19.79 -2.64 33.76
CA VAL E 169 19.65 -2.68 32.30
C VAL E 169 21.03 -2.86 31.68
N THR E 170 21.15 -3.84 30.79
CA THR E 170 22.41 -4.17 30.12
C THR E 170 22.17 -4.29 28.62
N GLY E 171 23.26 -4.24 27.87
CA GLY E 171 23.21 -4.37 26.42
C GLY E 171 23.02 -3.08 25.66
N VAL E 172 22.88 -1.94 26.34
CA VAL E 172 22.74 -0.67 25.64
C VAL E 172 24.04 -0.33 24.91
N GLU E 173 25.19 -0.68 25.50
CA GLU E 173 26.47 -0.35 24.89
C GLU E 173 26.67 -1.10 23.56
N ARG E 174 26.04 -2.25 23.38
CA ARG E 174 26.20 -3.05 22.17
CA ARG E 174 26.20 -3.04 22.17
C ARG E 174 25.26 -2.63 21.05
N ILE E 175 24.34 -1.71 21.30
CA ILE E 175 23.40 -1.29 20.27
C ILE E 175 24.12 -0.34 19.31
N GLU E 176 23.98 -0.62 18.00
CA GLU E 176 24.61 0.17 16.95
C GLU E 176 23.52 0.52 15.93
N LEU E 177 22.81 1.61 16.19
CA LEU E 177 21.82 2.07 15.23
C LEU E 177 22.51 2.78 14.06
N PRO E 178 21.95 2.70 12.84
CA PRO E 178 22.62 3.32 11.70
C PRO E 178 22.43 4.82 11.66
N GLN E 179 21.27 5.29 12.11
CA GLN E 179 20.90 6.70 12.04
C GLN E 179 21.04 7.43 13.37
N PHE E 180 21.15 6.70 14.48
CA PHE E 180 21.17 7.30 15.81
C PHE E 180 22.37 6.78 16.59
N SER E 181 22.75 7.55 17.61
CA SER E 181 23.73 7.14 18.60
C SER E 181 23.12 7.37 19.98
N ILE E 182 23.24 6.37 20.85
CA ILE E 182 22.63 6.43 22.18
C ILE E 182 23.58 7.22 23.08
N VAL E 183 23.22 8.47 23.38
CA VAL E 183 24.06 9.30 24.23
C VAL E 183 24.09 8.74 25.65
N GLU E 184 22.93 8.41 26.20
CA GLU E 184 22.85 7.87 27.55
C GLU E 184 21.52 7.16 27.73
N HIS E 185 21.43 6.38 28.81
CA HIS E 185 20.19 5.77 29.24
C HIS E 185 20.04 5.96 30.73
N ARG E 186 18.79 5.93 31.20
CA ARG E 186 18.47 6.24 32.58
C ARG E 186 17.35 5.34 33.08
N LEU E 187 17.41 5.01 34.37
CA LEU E 187 16.40 4.21 35.06
C LEU E 187 15.77 5.07 36.16
N VAL E 188 14.44 5.07 36.22
CA VAL E 188 13.68 5.83 37.21
C VAL E 188 12.64 4.91 37.84
N SER E 189 12.41 5.07 39.13
CA SER E 189 11.36 4.37 39.86
C SER E 189 10.52 5.38 40.62
N ARG E 190 9.20 5.30 40.45
CA ARG E 190 8.30 6.28 41.06
C ARG E 190 6.93 5.65 41.23
N ASN E 191 5.96 6.46 41.64
CA ASN E 191 4.58 6.05 41.79
C ASN E 191 3.69 6.96 40.96
N VAL E 192 2.69 6.37 40.31
CA VAL E 192 1.74 7.08 39.45
C VAL E 192 0.34 6.86 40.02
N VAL E 193 -0.42 7.94 40.13
CA VAL E 193 -1.74 7.93 40.75
C VAL E 193 -2.79 8.06 39.65
N PHE E 194 -3.73 7.12 39.62
CA PHE E 194 -4.93 7.18 38.80
C PHE E 194 -6.15 7.25 39.72
N ALA E 195 -7.33 7.26 39.11
CA ALA E 195 -8.56 7.29 39.90
C ALA E 195 -8.72 6.04 40.74
N THR E 196 -8.20 4.90 40.27
CA THR E 196 -8.35 3.64 40.97
C THR E 196 -7.30 3.39 42.04
N GLY E 197 -6.23 4.17 42.07
CA GLY E 197 -5.23 4.04 43.11
C GLY E 197 -3.87 4.48 42.61
N ALA E 198 -2.87 4.25 43.47
CA ALA E 198 -1.47 4.54 43.16
C ALA E 198 -0.75 3.24 42.81
N TYR E 199 0.04 3.29 41.75
CA TYR E 199 0.68 2.10 41.20
C TYR E 199 2.19 2.33 41.07
N PRO E 200 3.01 1.29 41.18
CA PRO E 200 4.45 1.47 40.97
C PRO E 200 4.78 1.59 39.49
N ARG E 201 5.74 2.45 39.17
CA ARG E 201 6.16 2.71 37.82
C ARG E 201 7.67 2.65 37.75
N LEU E 202 8.19 1.94 36.75
CA LEU E 202 9.60 2.01 36.37
C LEU E 202 9.67 2.59 34.97
N SER E 203 10.70 3.40 34.73
CA SER E 203 10.91 4.04 33.44
C SER E 203 12.33 3.79 32.99
N LEU E 204 12.49 3.24 31.78
CA LEU E 204 13.78 3.06 31.13
C LEU E 204 13.81 4.00 29.93
N SER E 205 14.61 5.05 30.03
CA SER E 205 14.65 6.10 29.01
C SER E 205 16.00 6.10 28.30
N PHE E 206 15.98 6.40 27.01
CA PHE E 206 17.17 6.54 26.19
C PHE E 206 17.16 7.92 25.54
N ARG E 207 18.34 8.52 25.46
CA ARG E 207 18.56 9.74 24.69
C ARG E 207 19.27 9.37 23.40
N LEU E 208 18.68 9.72 22.26
CA LEU E 208 19.20 9.38 20.95
C LEU E 208 19.58 10.65 20.21
N LYS E 209 20.81 10.71 19.73
CA LYS E 209 21.32 11.80 18.92
C LYS E 209 21.37 11.34 17.46
N ARG E 210 20.73 12.09 16.58
CA ARG E 210 20.64 11.70 15.18
C ARG E 210 21.96 11.98 14.46
N ASN E 211 22.35 11.05 13.59
CA ASN E 211 23.55 11.21 12.78
C ASN E 211 23.25 12.11 11.59
N ILE E 212 24.22 12.96 11.25
CA ILE E 212 24.04 14.00 10.24
C ILE E 212 24.62 13.62 8.87
N GLY E 213 25.46 12.59 8.81
CA GLY E 213 26.15 12.29 7.55
C GLY E 213 25.19 11.91 6.43
N TYR E 214 24.17 11.11 6.74
CA TYR E 214 23.19 10.73 5.72
C TYR E 214 22.48 11.95 5.16
N PHE E 215 22.08 12.87 6.03
CA PHE E 215 21.39 14.06 5.55
C PHE E 215 22.33 14.99 4.78
N ILE E 216 23.61 15.04 5.18
CA ILE E 216 24.58 15.80 4.41
C ILE E 216 24.69 15.24 2.99
N LEU E 217 24.75 13.92 2.87
CA LEU E 217 24.80 13.31 1.55
C LEU E 217 23.49 13.48 0.78
N GLN E 218 22.36 13.55 1.48
CA GLN E 218 21.05 13.49 0.83
C GLN E 218 20.54 14.86 0.41
N THR E 219 20.47 15.81 1.33
CA THR E 219 19.75 17.07 1.13
C THR E 219 20.64 18.30 1.16
N TYR E 220 21.52 18.42 2.18
CA TYR E 220 22.24 19.67 2.36
C TYR E 220 23.19 19.95 1.20
N MET E 221 23.92 18.93 0.73
CA MET E 221 24.99 19.18 -0.22
C MET E 221 24.42 19.42 -1.62
N PRO E 222 23.41 18.68 -2.09
CA PRO E 222 22.77 19.07 -3.35
C PRO E 222 22.18 20.47 -3.33
N SER E 223 21.57 20.88 -2.22
CA SER E 223 21.02 22.24 -2.15
C SER E 223 22.12 23.28 -2.25
N ILE E 224 23.23 23.06 -1.56
CA ILE E 224 24.36 23.99 -1.63
C ILE E 224 24.90 24.06 -3.05
N LEU E 225 25.00 22.90 -3.69
CA LEU E 225 25.56 22.86 -5.03
C LEU E 225 24.65 23.56 -6.04
N ILE E 226 23.34 23.38 -5.90
CA ILE E 226 22.40 24.04 -6.80
C ILE E 226 22.42 25.55 -6.56
N THR E 227 22.50 25.98 -5.30
CA THR E 227 22.59 27.40 -5.01
C THR E 227 23.87 27.98 -5.60
N ILE E 228 24.97 27.22 -5.54
CA ILE E 228 26.22 27.68 -6.16
C ILE E 228 26.06 27.80 -7.66
N LEU E 229 25.42 26.80 -8.28
CA LEU E 229 25.22 26.84 -9.73
C LEU E 229 24.35 28.01 -10.14
N SER E 230 23.41 28.42 -9.28
CA SER E 230 22.55 29.55 -9.61
C SER E 230 23.32 30.84 -9.82
N TRP E 231 24.53 30.96 -9.24
CA TRP E 231 25.33 32.17 -9.41
C TRP E 231 26.08 32.22 -10.73
N VAL E 232 26.07 31.14 -11.51
CA VAL E 232 26.75 31.15 -12.81
C VAL E 232 26.11 32.15 -13.75
N SER E 233 24.83 32.46 -13.55
CA SER E 233 24.15 33.41 -14.43
C SER E 233 24.77 34.80 -14.35
N PHE E 234 25.37 35.16 -13.21
CA PHE E 234 25.95 36.48 -13.05
C PHE E 234 27.15 36.69 -13.97
N TRP E 235 27.81 35.62 -14.42
CA TRP E 235 28.94 35.71 -15.32
C TRP E 235 28.54 35.68 -16.79
N ILE E 236 27.24 35.63 -17.10
CA ILE E 236 26.73 35.59 -18.45
C ILE E 236 26.16 36.97 -18.79
N ASN E 237 26.30 37.35 -20.06
CA ASN E 237 25.89 38.68 -20.49
C ASN E 237 24.38 38.88 -20.32
N TYR E 238 23.99 40.14 -20.18
CA TYR E 238 22.58 40.48 -19.96
C TYR E 238 21.71 40.12 -21.16
N ASP E 239 22.28 40.04 -22.35
CA ASP E 239 21.49 39.77 -23.56
C ASP E 239 21.23 38.27 -23.78
N ALA E 240 21.87 37.39 -23.02
CA ALA E 240 21.61 35.96 -23.11
C ALA E 240 20.43 35.58 -22.21
N SER E 241 19.28 36.14 -22.57
CA SER E 241 18.08 35.99 -21.74
C SER E 241 17.65 34.54 -21.66
N ALA E 242 17.68 33.82 -22.79
CA ALA E 242 17.25 32.43 -22.79
C ALA E 242 18.10 31.59 -21.86
N ALA E 243 19.43 31.74 -21.95
CA ALA E 243 20.34 30.95 -21.12
C ALA E 243 20.18 31.29 -19.65
N ARG E 244 20.16 32.59 -19.31
CA ARG E 244 20.09 32.97 -17.90
C ARG E 244 18.75 32.56 -17.27
N VAL E 245 17.66 32.77 -18.01
CA VAL E 245 16.35 32.39 -17.49
C VAL E 245 16.26 30.87 -17.36
N ALA E 246 16.79 30.12 -18.33
CA ALA E 246 16.78 28.67 -18.23
C ALA E 246 17.55 28.19 -17.01
N LEU E 247 18.71 28.80 -16.75
CA LEU E 247 19.52 28.39 -15.61
C LEU E 247 18.79 28.68 -14.30
N GLY E 248 18.22 29.89 -14.18
CA GLY E 248 17.49 30.22 -12.96
C GLY E 248 16.28 29.32 -12.74
N ILE E 249 15.50 29.08 -13.80
CA ILE E 249 14.32 28.25 -13.68
C ILE E 249 14.70 26.81 -13.33
N THR E 250 15.78 26.32 -13.93
CA THR E 250 16.23 24.96 -13.62
C THR E 250 16.67 24.84 -12.16
N THR E 251 17.38 25.85 -11.64
CA THR E 251 17.77 25.82 -10.24
C THR E 251 16.55 25.81 -9.33
N VAL E 252 15.55 26.64 -9.64
CA VAL E 252 14.32 26.68 -8.84
C VAL E 252 13.63 25.32 -8.88
N LEU E 253 13.54 24.73 -10.08
CA LEU E 253 12.88 23.43 -10.22
C LEU E 253 13.63 22.36 -9.43
N THR E 254 14.96 22.38 -9.46
CA THR E 254 15.72 21.38 -8.72
C THR E 254 15.52 21.53 -7.22
N MET E 255 15.46 22.77 -6.73
CA MET E 255 15.16 22.99 -5.32
C MET E 255 13.78 22.44 -4.97
N THR E 256 12.80 22.66 -5.84
CA THR E 256 11.46 22.14 -5.58
C THR E 256 11.46 20.61 -5.54
N THR E 257 12.20 19.97 -6.45
CA THR E 257 12.26 18.51 -6.45
C THR E 257 12.93 17.99 -5.19
N ILE E 258 13.99 18.66 -4.73
CA ILE E 258 14.65 18.24 -3.50
C ILE E 258 13.67 18.33 -2.33
N ASN E 259 12.93 19.44 -2.24
CA ASN E 259 11.96 19.59 -1.17
C ASN E 259 10.86 18.53 -1.27
N THR E 260 10.43 18.23 -2.50
CA THR E 260 9.39 17.20 -2.70
C THR E 260 9.87 15.85 -2.18
N HIS E 261 11.06 15.42 -2.60
CA HIS E 261 11.57 14.12 -2.19
C HIS E 261 11.81 14.07 -0.70
N LEU E 262 12.15 15.20 -0.07
CA LEU E 262 12.23 15.22 1.38
C LEU E 262 10.87 15.01 2.02
N ARG E 263 9.87 15.80 1.60
CA ARG E 263 8.58 15.74 2.28
C ARG E 263 7.88 14.40 2.11
N GLU E 264 8.15 13.69 1.01
CA GLU E 264 7.49 12.40 0.82
C GLU E 264 7.91 11.34 1.85
N THR E 265 8.96 11.56 2.64
CA THR E 265 9.49 10.58 3.58
C THR E 265 9.47 11.10 5.01
N LEU E 266 8.40 11.76 5.42
CA LEU E 266 8.27 12.28 6.77
C LEU E 266 6.80 12.46 7.10
N PRO E 267 6.44 12.59 8.37
CA PRO E 267 5.04 12.82 8.73
C PRO E 267 4.63 14.27 8.49
N LYS E 268 3.34 14.53 8.68
CA LYS E 268 2.76 15.84 8.39
C LYS E 268 2.73 16.72 9.63
N ILE E 269 3.93 16.97 10.17
CA ILE E 269 4.09 17.87 11.31
C ILE E 269 3.74 19.30 10.90
N PRO E 270 3.14 20.12 11.77
CA PRO E 270 2.67 21.44 11.34
C PRO E 270 3.68 22.57 11.46
N TYR E 271 4.93 22.30 11.86
CA TYR E 271 5.92 23.34 12.10
C TYR E 271 7.13 23.11 11.20
N VAL E 272 7.95 24.16 11.09
CA VAL E 272 9.11 24.14 10.21
C VAL E 272 10.27 23.47 10.93
N LYS E 273 10.99 22.59 10.23
CA LYS E 273 12.17 21.93 10.75
C LYS E 273 13.42 22.74 10.38
N ALA E 274 14.56 22.29 10.90
CA ALA E 274 15.83 22.92 10.54
C ALA E 274 16.15 22.72 9.06
N ILE E 275 15.90 21.51 8.55
CA ILE E 275 16.12 21.26 7.12
C ILE E 275 15.14 22.07 6.29
N ASP E 276 13.92 22.26 6.79
CA ASP E 276 12.99 23.17 6.11
C ASP E 276 13.55 24.58 6.07
N MET E 277 14.11 25.05 7.19
CA MET E 277 14.73 26.37 7.23
C MET E 277 15.83 26.48 6.17
N TYR E 278 16.68 25.46 6.08
CA TYR E 278 17.79 25.51 5.14
C TYR E 278 17.30 25.49 3.69
N LEU E 279 16.34 24.63 3.38
CA LEU E 279 15.85 24.54 2.00
C LEU E 279 15.10 25.80 1.59
N MET E 280 14.35 26.38 2.52
CA MET E 280 13.67 27.65 2.25
C MET E 280 14.67 28.76 2.02
N GLY E 281 15.77 28.77 2.79
CA GLY E 281 16.82 29.75 2.53
C GLY E 281 17.47 29.58 1.17
N CYS E 282 17.75 28.33 0.80
CA CYS E 282 18.33 28.08 -0.52
C CYS E 282 17.38 28.49 -1.63
N PHE E 283 16.08 28.22 -1.45
CA PHE E 283 15.09 28.65 -2.42
C PHE E 283 15.07 30.17 -2.53
N VAL E 284 15.14 30.87 -1.41
CA VAL E 284 15.17 32.33 -1.43
C VAL E 284 16.39 32.81 -2.20
N PHE E 285 17.53 32.16 -1.99
CA PHE E 285 18.75 32.59 -2.68
C PHE E 285 18.65 32.41 -4.19
N VAL E 286 18.19 31.24 -4.63
CA VAL E 286 18.10 31.02 -6.08
C VAL E 286 17.01 31.91 -6.69
N PHE E 287 15.91 32.11 -5.97
CA PHE E 287 14.86 32.99 -6.46
C PHE E 287 15.36 34.42 -6.60
N LEU E 288 16.15 34.90 -5.63
CA LEU E 288 16.74 36.22 -5.75
C LEU E 288 17.76 36.26 -6.89
N ALA E 289 18.46 35.16 -7.14
CA ALA E 289 19.39 35.12 -8.26
C ALA E 289 18.65 35.29 -9.59
N LEU E 290 17.49 34.65 -9.73
CA LEU E 290 16.70 34.82 -10.95
C LEU E 290 16.11 36.23 -11.02
N LEU E 291 15.61 36.75 -9.90
CA LEU E 291 15.09 38.10 -9.86
C LEU E 291 16.18 39.13 -10.18
N GLU E 292 17.44 38.80 -9.91
CA GLU E 292 18.53 39.71 -10.25
C GLU E 292 18.61 39.90 -11.76
N TYR E 293 18.55 38.80 -12.53
CA TYR E 293 18.56 38.96 -13.98
C TYR E 293 17.27 39.62 -14.46
N ALA E 294 16.14 39.31 -13.82
CA ALA E 294 14.90 39.99 -14.18
C ALA E 294 15.03 41.50 -14.03
N PHE E 295 15.62 41.92 -12.91
CA PHE E 295 15.85 43.35 -12.67
C PHE E 295 16.83 43.93 -13.69
N VAL E 296 17.89 43.20 -14.01
CA VAL E 296 18.88 43.70 -14.97
C VAL E 296 18.24 43.89 -16.35
N ASN E 297 17.48 42.89 -16.79
CA ASN E 297 16.83 42.97 -18.09
C ASN E 297 15.82 44.11 -18.11
N TYR E 298 15.03 44.25 -17.04
CA TYR E 298 14.08 45.35 -16.97
C TYR E 298 14.80 46.69 -17.03
N ILE E 299 15.88 46.84 -16.25
CA ILE E 299 16.60 48.11 -16.20
C ILE E 299 17.11 48.47 -17.59
N PHE E 300 17.81 47.54 -18.24
CA PHE E 300 18.34 47.81 -19.56
C PHE E 300 17.21 48.11 -20.55
N PHE E 301 16.37 47.13 -20.84
CA PHE E 301 15.43 47.26 -21.96
C PHE E 301 14.25 48.16 -21.65
N GLY E 302 14.12 48.69 -20.43
CA GLY E 302 13.06 49.64 -20.12
C GLY E 302 13.57 51.05 -19.91
N ARG E 303 14.72 51.23 -19.27
CA ARG E 303 15.21 52.55 -18.92
C ARG E 303 16.25 53.07 -19.88
N GLY E 304 16.97 52.21 -20.61
CA GLY E 304 17.94 52.64 -21.58
C GLY E 304 17.37 53.56 -22.64
N PRO E 305 16.27 53.17 -23.30
CA PRO E 305 15.66 54.12 -24.26
C PRO E 305 15.20 55.41 -23.62
N GLN E 306 14.54 55.34 -22.47
CA GLN E 306 14.10 56.56 -21.78
C GLN E 306 15.30 57.38 -21.32
N ARG E 307 16.34 56.72 -20.79
CA ARG E 307 17.51 57.45 -20.32
C ARG E 307 18.22 58.17 -21.46
N GLN E 308 18.37 57.50 -22.60
CA GLN E 308 19.06 58.12 -23.73
C GLN E 308 18.19 59.17 -24.41
N LYS E 309 16.86 59.02 -24.35
CA LYS E 309 15.98 60.09 -24.80
C LYS E 309 16.12 61.32 -23.92
N LYS E 310 16.19 61.11 -22.60
CA LYS E 310 16.38 62.23 -21.68
C LYS E 310 17.74 62.89 -21.91
N LEU E 311 18.78 62.10 -22.14
CA LEU E 311 20.10 62.63 -22.40
C LEU E 311 20.19 63.19 -23.81
N ILE E 406 29.59 46.47 2.08
CA ILE E 406 29.81 46.99 0.74
C ILE E 406 28.60 47.82 0.31
N LYS E 407 28.87 48.95 -0.34
CA LYS E 407 27.79 49.82 -0.79
C LYS E 407 27.10 49.22 -2.01
N ILE E 408 25.85 49.64 -2.21
CA ILE E 408 25.06 49.17 -3.36
C ILE E 408 25.69 49.71 -4.63
N PRO E 409 25.49 49.06 -5.78
CA PRO E 409 26.08 49.57 -7.03
C PRO E 409 25.19 50.63 -7.66
N ASP E 410 25.74 51.32 -8.65
CA ASP E 410 24.96 52.26 -9.42
C ASP E 410 23.89 51.51 -10.21
N LEU E 411 22.65 51.98 -10.12
CA LEU E 411 21.53 51.29 -10.75
C LEU E 411 21.49 51.50 -12.25
N THR E 412 22.29 52.43 -12.80
CA THR E 412 22.29 52.66 -14.24
C THR E 412 23.06 51.58 -15.00
N ASP E 413 24.11 51.02 -14.39
CA ASP E 413 25.04 50.13 -15.09
C ASP E 413 24.71 48.68 -14.75
N VAL E 414 24.20 47.96 -15.76
CA VAL E 414 23.88 46.54 -15.58
C VAL E 414 25.14 45.73 -15.32
N ASN E 415 26.26 46.11 -15.94
CA ASN E 415 27.52 45.42 -15.66
C ASN E 415 27.93 45.60 -14.20
N ALA E 416 27.74 46.82 -13.67
CA ALA E 416 28.03 47.05 -12.25
C ALA E 416 27.11 46.22 -11.37
N ILE E 417 25.83 46.13 -11.73
CA ILE E 417 24.90 45.30 -10.96
C ILE E 417 25.35 43.85 -10.97
N ASP E 418 25.75 43.35 -12.14
CA ASP E 418 26.18 41.96 -12.24
C ASP E 418 27.44 41.70 -11.41
N ARG E 419 28.41 42.63 -11.46
CA ARG E 419 29.62 42.46 -10.67
C ARG E 419 29.32 42.50 -9.18
N TRP E 420 28.44 43.42 -8.76
CA TRP E 420 28.04 43.48 -7.36
C TRP E 420 27.37 42.19 -6.93
N SER E 421 26.52 41.62 -7.79
CA SER E 421 25.88 40.35 -7.48
C SER E 421 26.93 39.24 -7.36
N ARG E 422 27.91 39.23 -8.26
CA ARG E 422 28.99 38.24 -8.20
C ARG E 422 29.69 38.29 -6.86
N ILE E 423 30.00 39.50 -6.38
CA ILE E 423 30.71 39.63 -5.11
C ILE E 423 29.81 39.26 -3.94
N VAL E 424 28.54 39.66 -3.99
CA VAL E 424 27.71 39.66 -2.79
C VAL E 424 26.99 38.33 -2.57
N PHE E 425 26.51 37.67 -3.63
CA PHE E 425 25.71 36.47 -3.43
C PHE E 425 26.49 35.35 -2.74
N PRO E 426 27.70 34.99 -3.15
CA PRO E 426 28.47 34.00 -2.36
C PRO E 426 28.73 34.45 -0.94
N PHE E 427 29.02 35.73 -0.72
CA PHE E 427 29.29 36.22 0.62
C PHE E 427 28.04 36.10 1.50
N THR E 428 26.88 36.49 0.98
CA THR E 428 25.65 36.40 1.75
C THR E 428 25.28 34.95 2.02
N PHE E 429 25.48 34.07 1.05
CA PHE E 429 25.18 32.66 1.27
C PHE E 429 26.11 32.06 2.31
N SER E 430 27.39 32.43 2.29
CA SER E 430 28.31 31.95 3.32
C SER E 430 27.93 32.46 4.70
N LEU E 431 27.52 33.73 4.79
CA LEU E 431 27.07 34.27 6.06
C LEU E 431 25.84 33.53 6.58
N PHE E 432 24.88 33.26 5.68
CA PHE E 432 23.69 32.52 6.07
C PHE E 432 24.05 31.12 6.55
N ASN E 433 24.96 30.45 5.85
CA ASN E 433 25.38 29.11 6.26
C ASN E 433 26.05 29.16 7.63
N LEU E 434 26.91 30.16 7.86
CA LEU E 434 27.58 30.27 9.15
C LEU E 434 26.57 30.45 10.27
N VAL E 435 25.60 31.36 10.08
CA VAL E 435 24.61 31.61 11.11
C VAL E 435 23.78 30.36 11.37
N TYR E 436 23.35 29.69 10.29
CA TYR E 436 22.52 28.49 10.43
C TYR E 436 23.26 27.40 11.19
N TRP E 437 24.48 27.09 10.77
CA TRP E 437 25.19 25.97 11.38
C TRP E 437 25.62 26.29 12.81
N LEU E 438 26.00 27.55 13.09
CA LEU E 438 26.31 27.91 14.46
C LEU E 438 25.08 27.82 15.36
N TYR E 439 23.92 28.23 14.84
CA TYR E 439 22.70 28.14 15.65
C TYR E 439 22.32 26.69 15.92
N TYR E 440 22.39 25.83 14.90
CA TYR E 440 21.90 24.46 15.01
C TYR E 440 22.96 23.45 15.43
N VAL E 441 24.19 23.90 15.71
CA VAL E 441 25.22 23.01 16.23
C VAL E 441 25.94 23.71 17.37
N ASP F 1 -42.11 -8.21 -21.96
CA ASP F 1 -42.12 -7.26 -23.07
C ASP F 1 -42.48 -7.95 -24.37
N SER F 2 -43.39 -7.34 -25.13
CA SER F 2 -43.77 -7.89 -26.44
C SER F 2 -42.59 -7.83 -27.38
N ARG F 3 -42.19 -9.00 -27.90
CA ARG F 3 -41.03 -9.10 -28.78
C ARG F 3 -41.44 -8.98 -30.25
N ASP F 4 -42.13 -7.88 -30.55
CA ASP F 4 -42.52 -7.52 -31.90
C ASP F 4 -41.96 -6.14 -32.20
N TYR F 5 -41.19 -6.03 -33.28
CA TYR F 5 -40.57 -4.78 -33.71
C TYR F 5 -41.18 -4.41 -35.06
N SER F 6 -42.32 -3.74 -35.01
CA SER F 6 -43.00 -3.21 -36.19
C SER F 6 -43.09 -1.70 -36.18
N THR F 7 -43.62 -1.11 -35.09
CA THR F 7 -43.68 0.35 -35.00
C THR F 7 -42.29 0.96 -34.94
N GLU F 8 -41.34 0.27 -34.31
CA GLU F 8 -39.98 0.75 -34.23
C GLU F 8 -39.37 0.87 -35.63
N LEU F 9 -39.45 -0.20 -36.42
CA LEU F 9 -38.95 -0.15 -37.78
C LEU F 9 -39.74 0.85 -38.62
N SER F 10 -41.03 1.02 -38.35
CA SER F 10 -41.83 1.97 -39.10
C SER F 10 -41.36 3.40 -38.87
N VAL F 11 -41.14 3.77 -37.61
CA VAL F 11 -40.69 5.13 -37.32
C VAL F 11 -39.27 5.34 -37.84
N THR F 12 -38.42 4.30 -37.75
CA THR F 12 -37.07 4.43 -38.28
C THR F 12 -37.09 4.68 -39.78
N VAL F 13 -37.90 3.91 -40.51
CA VAL F 13 -37.99 4.07 -41.95
C VAL F 13 -38.61 5.41 -42.30
N ALA F 14 -39.57 5.88 -41.50
CA ALA F 14 -40.19 7.18 -41.77
C ALA F 14 -39.18 8.31 -41.62
N VAL F 15 -38.39 8.28 -40.54
CA VAL F 15 -37.38 9.32 -40.34
C VAL F 15 -36.34 9.26 -41.45
N GLY F 16 -35.90 8.06 -41.81
CA GLY F 16 -34.94 7.93 -42.89
C GLY F 16 -35.49 8.45 -44.21
N ALA F 17 -36.75 8.14 -44.50
CA ALA F 17 -37.37 8.63 -45.74
C ALA F 17 -37.45 10.16 -45.72
N SER F 18 -37.76 10.75 -44.56
CA SER F 18 -37.81 12.20 -44.48
C SER F 18 -36.44 12.81 -44.79
N LEU F 19 -35.39 12.28 -44.17
CA LEU F 19 -34.04 12.81 -44.41
C LEU F 19 -33.65 12.66 -45.88
N LEU F 20 -33.89 11.47 -46.44
CA LEU F 20 -33.54 11.23 -47.84
C LEU F 20 -34.34 12.13 -48.76
N PHE F 21 -35.62 12.34 -48.47
CA PHE F 21 -36.43 13.24 -49.30
C PHE F 21 -35.89 14.66 -49.24
N LEU F 22 -35.45 15.11 -48.07
CA LEU F 22 -34.84 16.43 -47.98
C LEU F 22 -33.59 16.52 -48.85
N ASN F 23 -32.77 15.47 -48.84
CA ASN F 23 -31.53 15.54 -49.63
C ASN F 23 -31.82 15.45 -51.14
N ILE F 24 -32.82 14.67 -51.53
CA ILE F 24 -33.23 14.68 -52.93
C ILE F 24 -33.81 16.04 -53.32
N LEU F 25 -34.50 16.72 -52.41
CA LEU F 25 -34.90 18.09 -52.68
C LEU F 25 -33.69 19.00 -52.87
N ALA F 26 -32.60 18.71 -52.14
CA ALA F 26 -31.36 19.47 -52.36
C ALA F 26 -30.83 19.26 -53.77
N PHE F 27 -30.78 18.00 -54.22
CA PHE F 27 -30.47 17.74 -55.64
C PHE F 27 -31.43 18.44 -56.58
N ALA F 28 -32.71 18.49 -56.24
CA ALA F 28 -33.66 19.17 -57.13
C ALA F 28 -33.32 20.64 -57.24
N ALA F 29 -33.06 21.30 -56.11
CA ALA F 29 -32.74 22.72 -56.12
C ALA F 29 -31.45 22.99 -56.89
N LEU F 30 -30.48 22.07 -56.80
CA LEU F 30 -29.26 22.24 -57.59
C LEU F 30 -29.53 22.07 -59.08
N TYR F 31 -30.02 20.90 -59.49
CA TYR F 31 -30.12 20.57 -60.91
C TYR F 31 -31.20 21.34 -61.64
N TYR F 32 -32.13 21.99 -60.95
CA TYR F 32 -33.12 22.83 -61.64
C TYR F 32 -32.41 24.12 -62.07
N LYS F 33 -32.00 24.17 -63.33
CA LYS F 33 -31.28 25.31 -63.87
C LYS F 33 -32.21 26.51 -64.01
N TYR G 1 -29.89 37.93 -61.62
CA TYR G 1 -29.76 36.48 -61.58
C TYR G 1 -28.63 36.04 -60.66
N HIS G 2 -27.56 36.83 -60.63
CA HIS G 2 -26.37 36.44 -59.87
C HIS G 2 -26.64 36.41 -58.37
N GLU G 3 -27.44 37.36 -57.87
CA GLU G 3 -27.72 37.37 -56.44
C GLU G 3 -28.61 36.19 -56.05
N HIS G 4 -29.56 35.81 -56.90
CA HIS G 4 -30.33 34.59 -56.67
C HIS G 4 -29.41 33.37 -56.69
N TYR G 5 -28.46 33.35 -57.63
CA TYR G 5 -27.50 32.27 -57.72
C TYR G 5 -26.73 32.11 -56.42
N MET G 6 -26.17 33.22 -55.91
CA MET G 6 -25.41 33.20 -54.68
C MET G 6 -26.29 32.80 -53.50
N ARG G 7 -27.53 33.32 -53.44
CA ARG G 7 -28.41 33.01 -52.33
C ARG G 7 -28.75 31.53 -52.31
N ASN G 8 -29.05 30.95 -53.47
CA ASN G 8 -29.36 29.53 -53.55
C ASN G 8 -28.15 28.68 -53.18
N SER G 9 -26.97 29.07 -53.66
CA SER G 9 -25.76 28.31 -53.33
C SER G 9 -25.50 28.34 -51.83
N ARG G 10 -25.63 29.51 -51.21
CA ARG G 10 -25.41 29.62 -49.77
C ARG G 10 -26.42 28.80 -48.99
N ALA G 11 -27.70 28.86 -49.38
CA ALA G 11 -28.73 28.11 -48.69
C ALA G 11 -28.49 26.61 -48.79
N ILE G 12 -28.15 26.15 -50.00
CA ILE G 12 -27.93 24.71 -50.18
C ILE G 12 -26.68 24.27 -49.44
N GLY G 13 -25.66 25.12 -49.36
CA GLY G 13 -24.49 24.77 -48.56
C GLY G 13 -24.82 24.64 -47.09
N VAL G 14 -25.63 25.56 -46.56
CA VAL G 14 -26.03 25.48 -45.16
C VAL G 14 -26.84 24.21 -44.91
N LEU G 15 -27.77 23.90 -45.83
CA LEU G 15 -28.56 22.69 -45.69
C LEU G 15 -27.67 21.44 -45.75
N TRP G 16 -26.67 21.45 -46.64
CA TRP G 16 -25.75 20.33 -46.72
C TRP G 16 -24.98 20.16 -45.42
N ALA G 17 -24.54 21.25 -44.80
CA ALA G 17 -23.87 21.16 -43.51
C ALA G 17 -24.79 20.59 -42.44
N ILE G 18 -26.06 21.02 -42.43
CA ILE G 18 -27.01 20.54 -41.44
C ILE G 18 -27.23 19.04 -41.60
N PHE G 19 -27.41 18.59 -42.85
CA PHE G 19 -27.61 17.17 -43.09
C PHE G 19 -26.35 16.37 -42.81
N THR G 20 -25.17 16.95 -43.02
CA THR G 20 -23.93 16.28 -42.64
C THR G 20 -23.87 16.07 -41.13
N ILE G 21 -24.28 17.09 -40.36
CA ILE G 21 -24.31 16.94 -38.91
C ILE G 21 -25.31 15.87 -38.51
N CYS G 22 -26.47 15.84 -39.17
CA CYS G 22 -27.48 14.82 -38.87
C CYS G 22 -26.95 13.42 -39.16
N PHE G 23 -26.25 13.25 -40.29
CA PHE G 23 -25.68 11.95 -40.61
C PHE G 23 -24.58 11.57 -39.62
N ALA G 24 -23.80 12.54 -39.15
CA ALA G 24 -22.81 12.23 -38.12
C ALA G 24 -23.47 11.75 -36.84
N ILE G 25 -24.60 12.38 -36.46
CA ILE G 25 -25.35 11.92 -35.31
C ILE G 25 -25.83 10.49 -35.53
N ILE G 26 -26.33 10.20 -36.73
CA ILE G 26 -26.80 8.86 -37.04
C ILE G 26 -25.66 7.85 -36.95
N ASN G 27 -24.48 8.22 -37.48
CA ASN G 27 -23.34 7.32 -37.44
C ASN G 27 -22.93 7.01 -36.01
N VAL G 28 -22.89 8.04 -35.15
CA VAL G 28 -22.55 7.81 -33.75
C VAL G 28 -23.59 6.90 -33.10
N VAL G 29 -24.88 7.15 -33.36
CA VAL G 29 -25.94 6.39 -32.71
C VAL G 29 -25.87 4.93 -33.14
N VAL G 30 -25.69 4.66 -34.43
CA VAL G 30 -25.65 3.27 -34.88
C VAL G 30 -24.37 2.58 -34.41
N PHE G 31 -23.27 3.32 -34.28
CA PHE G 31 -22.06 2.71 -33.74
C PHE G 31 -22.27 2.30 -32.28
N ILE G 32 -22.92 3.16 -31.49
CA ILE G 32 -22.99 2.91 -30.05
C ILE G 32 -24.09 1.91 -29.72
N GLN G 33 -25.31 2.18 -30.17
CA GLN G 33 -26.48 1.48 -29.63
C GLN G 33 -26.46 0.00 -30.06
N PRO G 34 -26.69 -0.96 -29.12
CA PRO G 34 -26.67 -2.39 -29.52
C PRO G 34 -28.05 -2.90 -29.91
N TYR G 35 -28.57 -2.41 -31.03
CA TYR G 35 -29.89 -2.80 -31.52
C TYR G 35 -29.84 -3.05 -33.02
N TRP G 36 -28.81 -3.75 -33.48
CA TRP G 36 -28.71 -4.11 -34.88
C TRP G 36 -29.58 -5.34 -35.19
N VAL G 37 -29.48 -6.36 -34.34
CA VAL G 37 -30.26 -7.58 -34.45
C VAL G 37 -30.85 -7.87 -33.08
N GLY G 38 -32.01 -8.55 -33.08
CA GLY G 38 -32.72 -8.82 -31.83
C GLY G 38 -33.51 -10.11 -31.91
N ASP G 39 -34.03 -10.49 -30.75
CA ASP G 39 -34.76 -11.75 -30.60
C ASP G 39 -36.07 -11.70 -31.38
N SER G 40 -36.80 -12.81 -31.34
CA SER G 40 -38.12 -12.93 -31.94
C SER G 40 -38.99 -13.81 -31.04
N VAL G 41 -40.21 -14.08 -31.49
CA VAL G 41 -41.13 -14.89 -30.69
C VAL G 41 -40.63 -16.33 -30.57
N SER G 42 -40.03 -16.85 -31.65
CA SER G 42 -39.58 -18.23 -31.70
C SER G 42 -38.14 -18.42 -31.23
N THR G 43 -37.48 -17.36 -30.78
CA THR G 43 -36.09 -17.49 -30.38
C THR G 43 -35.98 -18.28 -29.08
N PRO G 44 -34.95 -19.13 -28.91
CA PRO G 44 -34.82 -19.84 -27.62
C PRO G 44 -34.65 -18.92 -26.43
N LYS G 45 -33.92 -17.81 -26.59
CA LYS G 45 -33.62 -16.87 -25.53
C LYS G 45 -33.83 -15.45 -26.04
N PRO G 46 -34.11 -14.49 -25.16
CA PRO G 46 -34.26 -13.11 -25.60
C PRO G 46 -32.93 -12.36 -25.55
N GLY G 47 -32.91 -11.21 -26.22
CA GLY G 47 -31.78 -10.31 -26.17
C GLY G 47 -31.54 -9.66 -27.51
N TYR G 48 -30.34 -9.11 -27.66
CA TYR G 48 -29.95 -8.40 -28.87
C TYR G 48 -28.44 -8.29 -28.90
N PHE G 49 -27.90 -8.00 -30.08
CA PHE G 49 -26.47 -7.79 -30.23
C PHE G 49 -26.22 -6.75 -31.31
N GLY G 50 -25.26 -5.87 -31.05
CA GLY G 50 -24.84 -4.84 -31.98
C GLY G 50 -23.52 -5.17 -32.65
N LEU G 51 -22.68 -4.16 -32.85
CA LEU G 51 -21.39 -4.40 -33.49
C LEU G 51 -20.42 -5.12 -32.56
N PHE G 52 -20.35 -4.70 -31.29
CA PHE G 52 -19.47 -5.28 -30.30
C PHE G 52 -20.18 -5.65 -29.00
N HIS G 53 -21.16 -4.87 -28.57
CA HIS G 53 -21.89 -5.12 -27.34
C HIS G 53 -23.09 -6.00 -27.61
N TYR G 54 -23.47 -6.79 -26.60
CA TYR G 54 -24.64 -7.64 -26.75
C TYR G 54 -25.17 -8.05 -25.38
N CYS G 55 -26.50 -8.13 -25.29
CA CYS G 55 -27.21 -8.54 -24.09
C CYS G 55 -28.02 -9.79 -24.39
N VAL G 56 -28.01 -10.73 -23.44
CA VAL G 56 -28.70 -12.01 -23.59
C VAL G 56 -29.41 -12.33 -22.28
N GLY G 57 -30.60 -12.92 -22.37
CA GLY G 57 -31.36 -13.28 -21.20
C GLY G 57 -30.96 -14.62 -20.62
N SER G 58 -31.21 -14.78 -19.32
CA SER G 58 -30.89 -16.04 -18.65
C SER G 58 -31.89 -17.13 -19.00
N GLY G 59 -33.15 -16.78 -19.19
CA GLY G 59 -34.17 -17.74 -19.59
C GLY G 59 -34.94 -18.33 -18.42
N LEU G 60 -35.50 -17.48 -17.56
CA LEU G 60 -36.32 -17.90 -16.43
C LEU G 60 -37.59 -17.07 -16.35
N ALA G 61 -38.15 -16.72 -17.52
CA ALA G 61 -39.39 -15.94 -17.60
C ALA G 61 -39.22 -14.56 -16.96
N GLY G 62 -38.22 -13.83 -17.44
CA GLY G 62 -37.97 -12.48 -16.96
C GLY G 62 -37.00 -11.77 -17.88
N ARG G 63 -36.50 -10.60 -17.46
CA ARG G 63 -35.52 -9.89 -18.28
C ARG G 63 -34.11 -10.45 -18.04
N GLU G 64 -33.57 -10.21 -16.83
CA GLU G 64 -32.24 -10.63 -16.39
C GLU G 64 -31.19 -10.59 -17.50
N LEU G 65 -31.12 -9.48 -18.24
CA LEU G 65 -30.23 -9.38 -19.39
C LEU G 65 -28.79 -9.25 -18.90
N THR G 66 -28.00 -10.30 -19.07
CA THR G 66 -26.56 -10.19 -18.88
C THR G 66 -25.95 -9.60 -20.14
N CYS G 67 -25.16 -8.53 -19.97
CA CYS G 67 -24.66 -7.73 -21.08
C CYS G 67 -23.14 -7.76 -21.06
N ARG G 68 -22.54 -8.00 -22.22
CA ARG G 68 -21.08 -8.03 -22.31
C ARG G 68 -20.67 -7.63 -23.72
N GLY G 69 -19.44 -7.12 -23.82
CA GLY G 69 -18.88 -6.65 -25.07
C GLY G 69 -18.46 -5.20 -24.96
N SER G 70 -17.32 -4.86 -25.57
CA SER G 70 -16.81 -3.49 -25.51
C SER G 70 -15.74 -3.35 -26.58
N PHE G 71 -15.84 -2.29 -27.38
CA PHE G 71 -14.87 -2.10 -28.46
C PHE G 71 -13.49 -1.79 -27.91
N THR G 72 -13.39 -1.25 -26.70
CA THR G 72 -12.09 -0.98 -26.10
C THR G 72 -11.39 -2.25 -25.61
N ASP G 73 -12.04 -3.40 -25.67
CA ASP G 73 -11.42 -4.69 -25.38
C ASP G 73 -11.90 -5.67 -26.45
N PHE G 74 -11.04 -5.94 -27.43
CA PHE G 74 -11.42 -6.82 -28.53
C PHE G 74 -11.61 -8.26 -28.08
N SER G 75 -11.12 -8.63 -26.89
CA SER G 75 -11.31 -10.00 -26.42
C SER G 75 -12.78 -10.34 -26.24
N THR G 76 -13.60 -9.35 -25.87
CA THR G 76 -15.01 -9.59 -25.61
C THR G 76 -15.87 -9.61 -26.88
N ILE G 77 -15.36 -9.13 -28.00
CA ILE G 77 -16.16 -9.12 -29.23
C ILE G 77 -16.34 -10.56 -29.72
N PRO G 78 -17.55 -10.99 -30.12
CA PRO G 78 -17.72 -12.42 -30.45
C PRO G 78 -16.87 -12.94 -31.59
N SER G 79 -16.61 -12.15 -32.63
CA SER G 79 -16.03 -12.69 -33.85
C SER G 79 -15.19 -11.64 -34.58
N SER G 80 -14.29 -12.15 -35.42
CA SER G 80 -13.43 -11.27 -36.21
C SER G 80 -14.24 -10.43 -37.18
N ALA G 81 -15.32 -10.99 -37.73
CA ALA G 81 -16.20 -10.21 -38.58
C ALA G 81 -16.83 -9.06 -37.82
N PHE G 82 -17.24 -9.31 -36.57
CA PHE G 82 -17.77 -8.23 -35.74
C PHE G 82 -16.70 -7.18 -35.47
N LYS G 83 -15.47 -7.62 -35.21
CA LYS G 83 -14.39 -6.66 -35.01
C LYS G 83 -14.18 -5.78 -36.23
N ALA G 84 -14.16 -6.41 -37.41
CA ALA G 84 -13.95 -5.66 -38.65
C ALA G 84 -15.09 -4.68 -38.90
N ALA G 85 -16.34 -5.11 -38.69
CA ALA G 85 -17.47 -4.23 -38.90
C ALA G 85 -17.43 -3.04 -37.95
N ALA G 86 -17.12 -3.29 -36.68
CA ALA G 86 -17.02 -2.21 -35.71
C ALA G 86 -15.91 -1.24 -36.10
N PHE G 87 -14.76 -1.77 -36.54
CA PHE G 87 -13.67 -0.90 -36.95
C PHE G 87 -14.05 -0.05 -38.15
N PHE G 88 -14.76 -0.63 -39.12
CA PHE G 88 -15.14 0.13 -40.30
C PHE G 88 -16.16 1.21 -39.97
N VAL G 89 -17.12 0.91 -39.10
CA VAL G 89 -18.09 1.93 -38.70
C VAL G 89 -17.38 3.03 -37.92
N LEU G 90 -16.40 2.68 -37.09
CA LEU G 90 -15.62 3.69 -36.38
C LEU G 90 -14.86 4.57 -37.35
N LEU G 91 -14.28 3.97 -38.40
CA LEU G 91 -13.55 4.74 -39.39
C LEU G 91 -14.49 5.70 -40.12
N SER G 92 -15.71 5.25 -40.42
CA SER G 92 -16.69 6.13 -41.05
C SER G 92 -17.04 7.30 -40.13
N MET G 93 -17.23 7.03 -38.83
CA MET G 93 -17.51 8.11 -37.89
C MET G 93 -16.36 9.09 -37.83
N VAL G 94 -15.13 8.58 -37.84
CA VAL G 94 -13.96 9.46 -37.81
C VAL G 94 -13.92 10.33 -39.06
N LEU G 95 -14.24 9.75 -40.21
CA LEU G 95 -14.21 10.52 -41.46
C LEU G 95 -15.27 11.62 -41.46
N ILE G 96 -16.49 11.32 -41.04
CA ILE G 96 -17.53 12.36 -41.07
C ILE G 96 -17.22 13.44 -40.03
N LEU G 97 -16.70 13.06 -38.86
CA LEU G 97 -16.27 14.07 -37.91
C LEU G 97 -15.10 14.88 -38.46
N GLY G 98 -14.26 14.28 -39.29
CA GLY G 98 -13.21 15.03 -39.94
C GLY G 98 -13.74 16.08 -40.88
N CYS G 99 -14.79 15.75 -41.65
CA CYS G 99 -15.45 16.78 -42.45
C CYS G 99 -16.08 17.87 -41.58
N ILE G 100 -16.72 17.49 -40.47
CA ILE G 100 -17.33 18.51 -39.64
C ILE G 100 -16.27 19.43 -39.06
N THR G 101 -15.07 18.90 -38.80
CA THR G 101 -13.94 19.75 -38.46
C THR G 101 -13.52 20.62 -39.64
N CYS G 102 -13.47 20.04 -40.84
CA CYS G 102 -13.03 20.75 -42.03
C CYS G 102 -14.00 21.83 -42.47
N PHE G 103 -15.21 21.88 -41.89
CA PHE G 103 -16.08 23.03 -42.08
C PHE G 103 -15.37 24.33 -41.72
N SER G 104 -14.45 24.29 -40.75
CA SER G 104 -13.68 25.48 -40.38
C SER G 104 -12.86 26.04 -41.53
N LEU G 105 -12.49 25.21 -42.51
CA LEU G 105 -11.66 25.69 -43.61
C LEU G 105 -12.38 26.67 -44.53
N PHE G 106 -13.70 26.80 -44.41
CA PHE G 106 -14.43 27.72 -45.27
C PHE G 106 -14.04 29.18 -45.02
N PHE G 107 -13.52 29.51 -43.84
CA PHE G 107 -13.08 30.87 -43.57
C PHE G 107 -11.93 31.26 -44.50
N PHE G 108 -10.96 30.37 -44.65
CA PHE G 108 -9.69 30.67 -45.32
C PHE G 108 -9.59 30.06 -46.70
N CYS G 109 -9.76 28.75 -46.81
CA CYS G 109 -9.50 28.05 -48.06
C CYS G 109 -10.59 28.35 -49.08
N ASN G 110 -10.35 27.90 -50.32
CA ASN G 110 -11.33 28.09 -51.38
C ASN G 110 -12.53 27.19 -51.14
N THR G 111 -13.73 27.76 -51.37
CA THR G 111 -14.96 27.05 -51.06
C THR G 111 -15.10 25.77 -51.89
N ALA G 112 -14.72 25.83 -53.16
CA ALA G 112 -14.79 24.63 -54.00
C ALA G 112 -13.85 23.55 -53.47
N THR G 113 -12.65 23.94 -53.04
CA THR G 113 -11.70 22.97 -52.50
C THR G 113 -12.24 22.33 -51.23
N VAL G 114 -12.82 23.13 -50.32
CA VAL G 114 -13.37 22.56 -49.09
C VAL G 114 -14.54 21.64 -49.40
N TYR G 115 -15.39 22.04 -50.35
CA TYR G 115 -16.52 21.21 -50.73
C TYR G 115 -16.05 19.88 -51.30
N LYS G 116 -15.00 19.90 -52.14
CA LYS G 116 -14.47 18.65 -52.67
C LYS G 116 -13.83 17.81 -51.56
N ILE G 117 -13.20 18.46 -50.58
CA ILE G 117 -12.57 17.71 -49.49
C ILE G 117 -13.62 16.94 -48.70
N CYS G 118 -14.70 17.61 -48.28
CA CYS G 118 -15.79 16.87 -47.65
C CYS G 118 -16.52 15.95 -48.59
N ALA G 119 -16.56 16.22 -49.89
CA ALA G 119 -17.19 15.26 -50.80
C ALA G 119 -16.43 13.95 -50.76
N TRP G 120 -15.10 14.01 -50.85
CA TRP G 120 -14.30 12.80 -50.78
C TRP G 120 -14.37 12.14 -49.40
N MET G 121 -14.37 12.95 -48.33
CA MET G 121 -14.43 12.37 -46.99
C MET G 121 -15.76 11.68 -46.74
N GLN G 122 -16.87 12.30 -47.15
CA GLN G 122 -18.17 11.68 -47.00
C GLN G 122 -18.28 10.43 -47.85
N LEU G 123 -17.73 10.45 -49.07
CA LEU G 123 -17.74 9.26 -49.90
C LEU G 123 -16.97 8.12 -49.25
N LEU G 124 -15.79 8.43 -48.70
CA LEU G 124 -15.01 7.39 -48.02
C LEU G 124 -15.74 6.87 -46.79
N ALA G 125 -16.44 7.75 -46.08
CA ALA G 125 -17.28 7.30 -44.97
C ALA G 125 -18.38 6.37 -45.46
N ALA G 126 -18.96 6.68 -46.61
CA ALA G 126 -20.00 5.82 -47.17
C ALA G 126 -19.47 4.45 -47.52
N LEU G 127 -18.29 4.39 -48.15
CA LEU G 127 -17.67 3.09 -48.43
C LEU G 127 -17.33 2.34 -47.15
N CYS G 128 -16.83 3.04 -46.13
CA CYS G 128 -16.51 2.37 -44.88
C CYS G 128 -17.77 1.78 -44.24
N LEU G 129 -18.87 2.54 -44.25
CA LEU G 129 -20.13 2.04 -43.70
C LEU G 129 -20.66 0.87 -44.52
N VAL G 130 -20.50 0.93 -45.85
CA VAL G 130 -20.92 -0.18 -46.71
C VAL G 130 -20.15 -1.44 -46.38
N LEU G 131 -18.83 -1.30 -46.23
CA LEU G 131 -17.99 -2.45 -45.89
C LEU G 131 -18.38 -3.01 -44.53
N GLY G 132 -18.62 -2.13 -43.56
CA GLY G 132 -19.03 -2.59 -42.24
C GLY G 132 -20.35 -3.36 -42.27
N CYS G 133 -21.33 -2.85 -43.04
CA CYS G 133 -22.63 -3.49 -43.07
C CYS G 133 -22.60 -4.79 -43.87
N MET G 134 -21.70 -4.91 -44.85
CA MET G 134 -21.55 -6.20 -45.52
C MET G 134 -20.80 -7.21 -44.65
N ILE G 135 -19.84 -6.75 -43.85
CA ILE G 135 -19.02 -7.66 -43.07
C ILE G 135 -19.74 -8.11 -41.79
N PHE G 136 -20.63 -7.27 -41.25
CA PHE G 136 -21.27 -7.60 -39.98
C PHE G 136 -22.08 -8.89 -40.02
N PRO G 137 -22.90 -9.18 -41.03
CA PRO G 137 -23.58 -10.48 -41.06
C PRO G 137 -22.66 -11.67 -41.18
N ASP G 138 -21.40 -11.48 -41.60
CA ASP G 138 -20.47 -12.60 -41.72
C ASP G 138 -20.23 -13.28 -40.37
N GLY G 139 -20.32 -12.53 -39.27
CA GLY G 139 -20.02 -13.04 -37.95
C GLY G 139 -21.15 -13.73 -37.22
N TRP G 140 -22.30 -13.94 -37.88
CA TRP G 140 -23.42 -14.60 -37.22
C TRP G 140 -23.19 -16.09 -36.99
N ASP G 141 -22.11 -16.67 -37.52
CA ASP G 141 -21.80 -18.06 -37.24
C ASP G 141 -21.19 -18.26 -35.85
N ALA G 142 -20.91 -17.19 -35.12
CA ALA G 142 -20.23 -17.31 -33.84
C ALA G 142 -21.09 -18.08 -32.84
N GLU G 143 -20.43 -18.72 -31.87
CA GLU G 143 -21.12 -19.59 -30.93
C GLU G 143 -22.12 -18.80 -30.10
N THR G 144 -21.74 -17.58 -29.67
CA THR G 144 -22.65 -16.77 -28.86
C THR G 144 -23.90 -16.38 -29.65
N ILE G 145 -23.72 -15.99 -30.92
CA ILE G 145 -24.87 -15.60 -31.73
C ILE G 145 -25.75 -16.81 -32.02
N ARG G 146 -25.15 -17.97 -32.26
CA ARG G 146 -25.94 -19.18 -32.48
C ARG G 146 -26.73 -19.54 -31.22
N ASP G 147 -26.10 -19.40 -30.05
CA ASP G 147 -26.81 -19.66 -28.79
C ASP G 147 -27.96 -18.67 -28.62
N MET G 148 -27.75 -17.41 -28.98
CA MET G 148 -28.80 -16.40 -28.77
C MET G 148 -29.96 -16.64 -29.72
N CYS G 149 -29.68 -16.92 -30.99
CA CYS G 149 -30.72 -16.95 -32.01
C CYS G 149 -31.29 -18.35 -32.26
N GLY G 150 -30.42 -19.32 -32.51
CA GLY G 150 -30.87 -20.67 -32.77
C GLY G 150 -29.89 -21.38 -33.69
N ALA G 151 -30.25 -22.62 -34.03
CA ALA G 151 -29.42 -23.41 -34.94
C ALA G 151 -29.59 -22.96 -36.38
N LYS G 152 -30.78 -22.49 -36.76
CA LYS G 152 -31.03 -22.08 -38.13
C LYS G 152 -30.24 -20.84 -38.52
N THR G 153 -29.80 -20.04 -37.54
CA THR G 153 -28.98 -18.88 -37.84
C THR G 153 -27.61 -19.30 -38.34
N GLY G 154 -27.08 -18.57 -39.31
CA GLY G 154 -25.80 -18.87 -39.88
C GLY G 154 -25.24 -17.68 -40.61
N LYS G 155 -24.19 -17.93 -41.40
CA LYS G 155 -23.56 -16.88 -42.19
C LYS G 155 -24.55 -16.30 -43.19
N TYR G 156 -24.69 -14.98 -43.17
CA TYR G 156 -25.55 -14.26 -44.10
C TYR G 156 -26.98 -14.79 -44.05
N SER G 157 -27.44 -15.13 -42.85
CA SER G 157 -28.79 -15.68 -42.67
C SER G 157 -29.27 -15.29 -41.27
N LEU G 158 -30.41 -14.61 -41.20
CA LEU G 158 -30.93 -14.15 -39.91
C LEU G 158 -31.29 -15.32 -39.01
N GLY G 159 -31.95 -16.34 -39.57
CA GLY G 159 -32.47 -17.42 -38.78
C GLY G 159 -33.75 -17.02 -38.06
N ASP G 160 -33.78 -17.19 -36.74
CA ASP G 160 -34.94 -16.79 -35.95
C ASP G 160 -34.91 -15.33 -35.54
N CYS G 161 -33.71 -14.73 -35.44
CA CYS G 161 -33.60 -13.35 -35.03
C CYS G 161 -34.03 -12.41 -36.15
N SER G 162 -34.24 -11.15 -35.79
CA SER G 162 -34.77 -10.15 -36.71
C SER G 162 -33.94 -8.87 -36.63
N VAL G 163 -33.84 -8.19 -37.77
CA VAL G 163 -33.15 -6.90 -37.82
C VAL G 163 -33.94 -5.87 -37.04
N ARG G 164 -33.23 -5.03 -36.29
CA ARG G 164 -33.81 -3.96 -35.49
C ARG G 164 -33.39 -2.61 -36.06
N TRP G 165 -33.78 -1.54 -35.36
CA TRP G 165 -33.72 -0.20 -35.93
C TRP G 165 -32.29 0.23 -36.29
N ALA G 166 -31.29 -0.26 -35.56
CA ALA G 166 -29.93 0.22 -35.78
C ALA G 166 -29.39 -0.23 -37.14
N TYR G 167 -29.73 -1.44 -37.57
CA TYR G 167 -29.21 -1.94 -38.84
C TYR G 167 -29.82 -1.18 -40.02
N ILE G 168 -31.15 -1.04 -40.03
CA ILE G 168 -31.79 -0.28 -41.10
C ILE G 168 -31.39 1.20 -41.02
N LEU G 169 -31.17 1.71 -39.80
CA LEU G 169 -30.67 3.08 -39.68
C LEU G 169 -29.26 3.21 -40.25
N ALA G 170 -28.44 2.17 -40.12
CA ALA G 170 -27.12 2.19 -40.75
C ALA G 170 -27.23 2.16 -42.26
N ILE G 171 -28.19 1.41 -42.80
CA ILE G 171 -28.41 1.42 -44.25
C ILE G 171 -28.83 2.81 -44.70
N ILE G 172 -29.74 3.44 -43.93
CA ILE G 172 -30.15 4.80 -44.23
C ILE G 172 -28.94 5.74 -44.16
N GLY G 173 -28.03 5.48 -43.22
CA GLY G 173 -26.82 6.28 -43.13
C GLY G 173 -25.94 6.15 -44.35
N ILE G 174 -25.83 4.92 -44.88
CA ILE G 174 -25.12 4.71 -46.15
C ILE G 174 -25.74 5.57 -47.24
N LEU G 175 -27.07 5.50 -47.39
CA LEU G 175 -27.73 6.25 -48.44
C LEU G 175 -27.51 7.75 -48.26
N ASN G 176 -27.67 8.24 -47.03
CA ASN G 176 -27.49 9.66 -46.75
C ASN G 176 -26.06 10.11 -47.01
N ALA G 177 -25.08 9.27 -46.64
CA ALA G 177 -23.68 9.62 -46.85
C ALA G 177 -23.35 9.73 -48.32
N LEU G 178 -23.82 8.76 -49.13
CA LEU G 178 -23.56 8.81 -50.56
C LEU G 178 -24.24 10.05 -51.19
N ILE G 179 -25.49 10.30 -50.79
CA ILE G 179 -26.21 11.47 -51.30
C ILE G 179 -25.48 12.76 -50.94
N LEU G 180 -25.03 12.87 -49.70
CA LEU G 180 -24.32 14.07 -49.28
C LEU G 180 -22.98 14.20 -49.99
N SER G 181 -22.32 13.09 -50.29
CA SER G 181 -21.07 13.13 -51.04
C SER G 181 -21.29 13.75 -52.41
N PHE G 182 -22.30 13.25 -53.13
CA PHE G 182 -22.58 13.82 -54.45
CA PHE G 182 -22.56 13.82 -54.45
C PHE G 182 -23.04 15.27 -54.34
N LEU G 183 -23.81 15.59 -53.29
CA LEU G 183 -24.22 16.97 -53.09
C LEU G 183 -23.02 17.88 -52.89
N ALA G 184 -22.04 17.43 -52.12
CA ALA G 184 -20.82 18.22 -51.91
C ALA G 184 -20.03 18.36 -53.20
N PHE G 185 -19.94 17.30 -54.00
CA PHE G 185 -19.24 17.40 -55.28
C PHE G 185 -19.90 18.45 -56.17
N VAL G 186 -21.24 18.40 -56.27
CA VAL G 186 -21.94 19.34 -57.14
C VAL G 186 -21.81 20.75 -56.60
N LEU G 187 -21.85 20.93 -55.28
CA LEU G 187 -21.67 22.27 -54.71
C LEU G 187 -20.27 22.80 -54.98
N GLY G 188 -19.25 21.94 -54.86
CA GLY G 188 -17.89 22.38 -55.12
C GLY G 188 -17.69 22.80 -56.56
N ASN G 189 -18.26 22.03 -57.49
CA ASN G 189 -18.18 22.41 -58.89
C ASN G 189 -19.14 23.53 -59.27
N ARG G 190 -20.11 23.84 -58.41
CA ARG G 190 -21.05 24.93 -58.66
C ARG G 190 -20.51 26.26 -58.16
N GLN G 191 -19.72 26.25 -57.09
CA GLN G 191 -19.18 27.50 -56.54
C GLN G 191 -18.33 28.23 -57.56
N THR G 192 -17.47 27.49 -58.28
CA THR G 192 -16.66 28.12 -59.33
C THR G 192 -17.55 28.67 -60.45
N ASP G 193 -18.63 27.96 -60.77
CA ASP G 193 -19.59 28.39 -61.78
C ASP G 193 -18.96 28.46 -63.17
N GLN H 1 42.95 6.77 10.51
CA GLN H 1 43.61 5.45 10.28
C GLN H 1 43.40 4.57 11.52
N VAL H 2 43.09 3.30 11.29
CA VAL H 2 42.70 2.38 12.34
C VAL H 2 43.94 1.77 12.96
N GLN H 3 43.96 1.71 14.29
CA GLN H 3 45.04 1.08 15.05
C GLN H 3 44.44 0.18 16.12
N LEU H 4 45.18 -0.89 16.45
CA LEU H 4 44.79 -1.84 17.50
C LEU H 4 45.98 -1.99 18.44
N GLN H 5 46.03 -1.15 19.47
CA GLN H 5 47.09 -1.27 20.45
C GLN H 5 46.88 -2.52 21.30
N GLU H 6 47.98 -3.14 21.72
CA GLU H 6 47.96 -4.27 22.65
C GLU H 6 48.83 -3.96 23.85
N SER H 7 48.48 -4.59 24.97
CA SER H 7 49.25 -4.45 26.21
C SER H 7 49.20 -5.76 26.98
N GLY H 8 50.26 -6.02 27.72
CA GLY H 8 50.37 -7.25 28.49
C GLY H 8 51.82 -7.56 28.81
N GLY H 9 51.98 -8.53 29.70
CA GLY H 9 53.31 -8.93 30.11
C GLY H 9 54.05 -9.68 29.01
N GLY H 10 55.36 -9.84 29.25
CA GLY H 10 56.24 -10.46 28.27
C GLY H 10 56.81 -11.79 28.75
N LEU H 11 57.02 -11.94 30.05
CA LEU H 11 57.67 -13.11 30.62
C LEU H 11 56.90 -13.57 31.85
N VAL H 12 56.64 -14.88 31.93
CA VAL H 12 56.06 -15.48 33.12
C VAL H 12 56.80 -16.78 33.42
N GLN H 13 56.71 -17.22 34.67
CA GLN H 13 57.38 -18.45 35.10
C GLN H 13 56.49 -19.66 34.84
N GLY H 422 51.28 -19.77 36.51
CA GLY H 422 51.41 -18.47 35.87
C GLY H 422 50.10 -18.01 35.25
N SER H 423 49.76 -16.74 35.49
CA SER H 423 48.55 -16.12 34.95
C SER H 423 48.92 -14.82 34.26
N LEU H 424 48.07 -14.41 33.33
CA LEU H 424 48.33 -13.20 32.56
C LEU H 424 47.01 -12.65 32.03
N ARG H 425 47.04 -11.39 31.60
CA ARG H 425 45.89 -10.76 30.97
C ARG H 425 46.42 -9.82 29.90
N VAL H 426 46.13 -10.14 28.64
CA VAL H 426 46.55 -9.32 27.50
C VAL H 426 45.33 -8.57 27.00
N SER H 427 45.42 -7.24 26.97
CA SER H 427 44.34 -6.37 26.56
C SER H 427 44.64 -5.78 25.19
N CYS H 428 43.58 -5.38 24.50
CA CYS H 428 43.68 -4.78 23.18
C CYS H 428 42.65 -3.66 23.06
N ALA H 429 43.10 -2.48 22.65
CA ALA H 429 42.27 -1.30 22.54
C ALA H 429 42.26 -0.81 21.10
N ALA H 430 41.06 -0.55 20.57
CA ALA H 430 40.91 -0.11 19.19
C ALA H 430 40.72 1.39 19.12
N SER H 431 41.23 2.00 18.05
CA SER H 431 41.10 3.42 17.80
C SER H 431 40.82 3.66 16.33
N GLY H 432 40.13 4.76 16.04
CA GLY H 432 39.83 5.15 14.68
C GLY H 432 38.61 4.50 14.07
N ARG H 433 37.94 3.60 14.80
CA ARG H 433 36.76 2.94 14.27
C ARG H 433 36.09 2.20 15.42
N THR H 434 34.77 2.30 15.50
CA THR H 434 34.00 1.60 16.51
C THR H 434 33.71 0.18 16.03
N PHE H 435 34.22 -0.80 16.78
CA PHE H 435 34.08 -2.22 16.45
C PHE H 435 32.94 -2.88 17.21
N THR H 436 31.87 -2.12 17.50
CA THR H 436 30.74 -2.69 18.23
C THR H 436 30.07 -3.81 17.43
N THR H 437 30.01 -3.65 16.11
CA THR H 437 29.33 -4.60 15.24
C THR H 437 30.30 -5.58 14.56
N TYR H 438 31.54 -5.64 15.00
CA TYR H 438 32.55 -6.54 14.46
C TYR H 438 32.87 -7.65 15.46
N ILE H 439 33.45 -8.72 14.95
CA ILE H 439 33.98 -9.78 15.79
C ILE H 439 35.43 -9.44 16.12
N MET H 440 35.77 -9.51 17.41
CA MET H 440 37.13 -9.25 17.87
C MET H 440 37.75 -10.56 18.35
N ALA H 441 38.97 -10.83 17.88
CA ALA H 441 39.58 -12.15 18.04
C ALA H 441 41.03 -12.01 18.47
N TRP H 442 41.51 -13.09 19.07
CA TRP H 442 42.90 -13.26 19.47
C TRP H 442 43.47 -14.45 18.72
N PHE H 443 44.65 -14.24 18.13
CA PHE H 443 45.41 -15.26 17.40
C PHE H 443 46.79 -15.39 18.04
N ARG H 444 47.49 -16.47 17.69
CA ARG H 444 48.79 -16.78 18.25
C ARG H 444 49.70 -17.31 17.17
N GLN H 445 50.96 -16.90 17.20
CA GLN H 445 51.97 -17.36 16.25
C GLN H 445 53.24 -17.69 17.01
N ALA H 446 53.60 -18.97 17.03
CA ALA H 446 54.86 -19.42 17.59
C ALA H 446 55.96 -19.35 16.54
N PRO H 447 57.22 -19.42 16.95
CA PRO H 447 58.30 -19.42 15.95
C PRO H 447 58.21 -20.63 15.03
N GLY H 448 58.12 -20.36 13.73
CA GLY H 448 58.03 -21.38 12.71
C GLY H 448 56.63 -21.86 12.41
N LYS H 449 55.76 -21.95 13.43
CA LYS H 449 54.40 -22.40 13.22
C LYS H 449 53.56 -21.28 12.59
N GLU H 450 52.47 -21.69 11.94
CA GLU H 450 51.57 -20.75 11.32
C GLU H 450 50.66 -20.10 12.36
N ARG H 451 50.05 -18.98 11.97
CA ARG H 451 49.13 -18.28 12.85
C ARG H 451 47.90 -19.14 13.10
N GLU H 452 47.47 -19.20 14.35
CA GLU H 452 46.35 -20.04 14.78
C GLU H 452 45.37 -19.23 15.60
N PHE H 453 44.12 -19.68 15.59
CA PHE H 453 43.03 -18.98 16.25
C PHE H 453 42.93 -19.40 17.72
N LEU H 454 43.02 -18.43 18.63
CA LEU H 454 42.81 -18.68 20.05
C LEU H 454 41.36 -18.43 20.45
N ALA H 455 40.84 -17.23 20.20
CA ALA H 455 39.51 -16.91 20.68
C ALA H 455 38.88 -15.83 19.82
N ALA H 456 37.56 -15.71 19.93
CA ALA H 456 36.82 -14.64 19.27
C ALA H 456 35.56 -14.37 20.06
N MET H 457 35.09 -13.13 19.98
CA MET H 457 33.86 -12.71 20.63
C MET H 457 33.08 -11.82 19.68
N ASP H 458 31.78 -12.06 19.63
CA ASP H 458 30.87 -11.46 18.66
C ASP H 458 30.08 -10.33 19.32
N GLN H 459 29.39 -9.53 18.50
CA GLN H 459 28.52 -8.48 19.02
C GLN H 459 27.44 -9.02 19.95
N GLY H 460 27.05 -10.27 19.76
CA GLY H 460 26.06 -10.89 20.63
C GLY H 460 26.62 -11.49 21.90
N ARG H 461 27.86 -11.09 22.26
CA ARG H 461 28.55 -11.58 23.46
CA ARG H 461 28.55 -11.58 23.45
C ARG H 461 28.81 -13.08 23.40
N ILE H 462 28.75 -13.68 22.22
CA ILE H 462 28.99 -15.12 22.06
C ILE H 462 30.48 -15.32 21.85
N GLN H 463 31.03 -16.33 22.52
CA GLN H 463 32.46 -16.59 22.60
C GLN H 463 32.78 -17.89 21.86
N TYR H 464 33.74 -17.83 20.95
CA TYR H 464 34.28 -18.99 20.27
C TYR H 464 35.72 -19.20 20.71
N TYR H 465 36.10 -20.46 20.93
CA TYR H 465 37.42 -20.81 21.43
C TYR H 465 38.02 -21.92 20.58
N GLY H 466 39.34 -21.90 20.44
CA GLY H 466 40.03 -23.00 19.81
C GLY H 466 40.09 -24.21 20.72
N ASP H 467 40.26 -25.39 20.11
CA ASP H 467 40.28 -26.62 20.88
C ASP H 467 41.48 -26.67 21.82
N SER H 468 42.63 -26.14 21.38
CA SER H 468 43.83 -26.20 22.20
C SER H 468 43.71 -25.39 23.47
N VAL H 469 42.89 -24.34 23.48
CA VAL H 469 42.83 -23.38 24.58
C VAL H 469 41.40 -23.22 25.08
N ARG H 470 40.60 -24.27 24.98
CA ARG H 470 39.25 -24.24 25.52
C ARG H 470 39.28 -24.54 27.00
N GLY H 471 38.61 -23.68 27.79
CA GLY H 471 38.57 -23.82 29.22
C GLY H 471 39.71 -23.16 29.97
N ARG H 472 40.78 -22.79 29.28
CA ARG H 472 41.92 -22.11 29.88
C ARG H 472 41.88 -20.61 29.63
N PHE H 473 41.84 -20.20 28.37
CA PHE H 473 41.81 -18.79 28.01
C PHE H 473 40.37 -18.31 27.96
N THR H 474 40.15 -17.09 28.46
CA THR H 474 38.82 -16.48 28.53
C THR H 474 38.86 -15.14 27.82
N ILE H 475 38.00 -14.97 26.82
CA ILE H 475 37.91 -13.74 26.05
C ILE H 475 36.75 -12.91 26.60
N SER H 476 36.93 -11.59 26.59
CA SER H 476 35.88 -10.66 26.98
C SER H 476 36.02 -9.39 26.16
N ARG H 477 34.95 -8.60 26.12
CA ARG H 477 34.93 -7.34 25.39
C ARG H 477 34.33 -6.25 26.26
N ASP H 478 34.95 -5.06 26.21
CA ASP H 478 34.37 -3.85 26.75
C ASP H 478 33.96 -2.99 25.55
N TYR H 479 32.65 -2.92 25.31
CA TYR H 479 32.12 -2.22 24.15
C TYR H 479 32.15 -0.71 24.35
N ALA H 480 32.01 -0.24 25.59
CA ALA H 480 32.10 1.18 25.86
C ALA H 480 33.49 1.72 25.54
N LYS H 481 34.54 0.99 25.92
CA LYS H 481 35.91 1.39 25.66
C LYS H 481 36.43 0.90 24.31
N ASN H 482 35.68 0.05 23.61
CA ASN H 482 36.11 -0.48 22.32
C ASN H 482 37.41 -1.29 22.48
N SER H 483 37.35 -2.31 23.33
CA SER H 483 38.51 -3.11 23.66
C SER H 483 38.10 -4.58 23.82
N VAL H 484 39.08 -5.45 23.63
CA VAL H 484 38.93 -6.89 23.82
C VAL H 484 40.09 -7.39 24.68
N ASP H 485 39.75 -8.14 25.72
CA ASP H 485 40.73 -8.66 26.68
C ASP H 485 40.74 -10.19 26.63
N LEU H 486 41.90 -10.76 26.94
CA LEU H 486 42.08 -12.20 27.00
C LEU H 486 42.81 -12.53 28.29
N GLN H 487 42.14 -13.26 29.18
CA GLN H 487 42.73 -13.77 30.40
C GLN H 487 43.33 -15.14 30.12
N LEU H 488 44.60 -15.30 30.44
CA LEU H 488 45.34 -16.53 30.22
C LEU H 488 45.68 -17.17 31.56
N ASP H 489 45.30 -18.44 31.71
CA ASP H 489 45.58 -19.21 32.91
C ASP H 489 46.09 -20.58 32.52
N GLY H 490 46.84 -21.19 33.43
CA GLY H 490 47.45 -22.48 33.15
C GLY H 490 48.45 -22.42 32.02
N LEU H 491 49.33 -21.42 32.03
CA LEU H 491 50.34 -21.28 30.99
C LEU H 491 51.31 -22.46 31.02
N ARG H 492 51.83 -22.80 29.85
CA ARG H 492 52.79 -23.87 29.65
C ARG H 492 53.91 -23.39 28.75
N PRO H 493 55.02 -24.13 28.67
CA PRO H 493 56.14 -23.68 27.82
C PRO H 493 55.76 -23.51 26.35
N GLU H 494 54.84 -24.32 25.82
CA GLU H 494 54.48 -24.21 24.41
C GLU H 494 53.52 -23.05 24.14
N ASP H 495 53.06 -22.35 25.17
CA ASP H 495 52.27 -21.14 24.98
C ASP H 495 53.12 -19.93 24.60
N THR H 496 54.44 -20.05 24.61
CA THR H 496 55.32 -18.96 24.20
C THR H 496 55.08 -18.64 22.73
N ALA H 497 54.72 -17.39 22.44
CA ALA H 497 54.39 -17.00 21.08
C ALA H 497 54.09 -15.50 21.05
N VAL H 498 53.90 -14.98 19.84
CA VAL H 498 53.42 -13.61 19.64
C VAL H 498 51.90 -13.68 19.51
N TYR H 499 51.21 -12.90 20.33
CA TYR H 499 49.75 -12.91 20.40
C TYR H 499 49.23 -11.66 19.70
N TYR H 500 48.28 -11.85 18.79
CA TYR H 500 47.77 -10.80 17.91
C TYR H 500 46.30 -10.53 18.18
N CYS H 501 45.96 -9.26 18.32
CA CYS H 501 44.57 -8.81 18.36
C CYS H 501 44.10 -8.54 16.94
N ALA H 502 42.84 -8.85 16.66
CA ALA H 502 42.27 -8.69 15.33
C ALA H 502 40.80 -8.33 15.42
N ALA H 503 40.31 -7.65 14.39
CA ALA H 503 38.91 -7.29 14.27
C ALA H 503 38.46 -7.55 12.84
N GLY H 504 37.24 -8.05 12.69
CA GLY H 504 36.77 -8.38 11.35
C GLY H 504 35.26 -8.56 11.31
N ALA H 505 34.79 -8.85 10.09
CA ALA H 505 33.38 -9.15 9.85
C ALA H 505 33.09 -10.65 9.83
N GLY H 506 34.11 -11.50 9.92
CA GLY H 506 33.90 -12.92 9.94
C GLY H 506 33.36 -13.51 8.65
N PHE H 507 33.81 -13.00 7.51
CA PHE H 507 33.41 -13.54 6.22
C PHE H 507 34.25 -14.78 5.91
N TRP H 508 33.59 -15.90 5.65
CA TRP H 508 34.18 -17.22 5.47
C TRP H 508 34.93 -17.72 6.69
N GLY H 509 34.79 -17.04 7.84
CA GLY H 509 35.71 -17.21 8.95
C GLY H 509 35.10 -17.36 10.33
N LEU H 510 35.56 -16.50 11.24
CA LEU H 510 35.58 -16.63 12.70
C LEU H 510 36.71 -17.54 13.16
N ARG H 511 37.42 -18.23 12.25
CA ARG H 511 38.58 -19.05 12.58
C ARG H 511 39.76 -18.83 11.63
N THR H 512 39.52 -18.33 10.42
CA THR H 512 40.58 -18.06 9.45
C THR H 512 41.07 -16.63 9.62
N ALA H 513 42.39 -16.46 9.58
CA ALA H 513 42.97 -15.13 9.71
C ALA H 513 42.59 -14.24 8.53
N SER H 514 42.31 -14.83 7.37
CA SER H 514 42.02 -14.03 6.18
C SER H 514 40.73 -13.24 6.31
N SER H 515 39.82 -13.62 7.22
CA SER H 515 38.56 -12.91 7.38
C SER H 515 38.69 -11.62 8.17
N TYR H 516 39.82 -11.41 8.87
CA TYR H 516 40.02 -10.23 9.69
C TYR H 516 40.87 -9.23 8.92
N HIS H 517 40.33 -8.02 8.73
CA HIS H 517 41.02 -6.97 7.99
C HIS H 517 41.93 -6.13 8.85
N TYR H 518 41.58 -5.92 10.12
CA TYR H 518 42.34 -5.09 11.04
C TYR H 518 43.12 -5.98 11.99
N TRP H 519 44.41 -5.68 12.15
CA TRP H 519 45.33 -6.49 12.94
C TRP H 519 46.18 -5.60 13.82
N GLY H 520 46.45 -6.07 15.03
CA GLY H 520 47.39 -5.40 15.92
C GLY H 520 48.82 -5.76 15.60
N GLN H 521 49.74 -5.06 16.27
CA GLN H 521 51.16 -5.26 15.99
C GLN H 521 51.69 -6.56 16.56
N GLY H 522 51.07 -7.08 17.61
CA GLY H 522 51.48 -8.30 18.26
C GLY H 522 52.24 -8.03 19.54
N THR H 523 52.07 -8.94 20.51
CA THR H 523 52.73 -8.84 21.81
C THR H 523 53.41 -10.17 22.12
N GLN H 524 54.69 -10.11 22.45
CA GLN H 524 55.42 -11.32 22.80
C GLN H 524 54.98 -11.82 24.17
N VAL H 525 54.88 -13.14 24.29
CA VAL H 525 54.62 -13.80 25.58
C VAL H 525 55.55 -15.01 25.65
N THR H 526 56.19 -15.18 26.79
CA THR H 526 57.14 -16.27 27.01
C THR H 526 56.87 -16.91 28.38
N VAL H 527 57.01 -18.23 28.43
CA VAL H 527 56.84 -19.01 29.64
C VAL H 527 58.15 -19.74 29.91
N SER H 528 58.68 -19.59 31.12
CA SER H 528 59.94 -20.20 31.53
C SER H 528 59.68 -21.14 32.70
N SER H 529 60.18 -22.37 32.58
CA SER H 529 60.00 -23.37 33.63
C SER H 529 61.06 -23.21 34.72
N GLN I 1 -29.76 26.88 -3.34
CA GLN I 1 -29.95 27.21 -1.90
C GLN I 1 -30.53 26.01 -1.16
N VAL I 2 -30.18 25.90 0.13
CA VAL I 2 -30.54 24.77 0.97
C VAL I 2 -31.69 25.18 1.89
N GLN I 3 -32.69 24.31 2.01
CA GLN I 3 -33.90 24.60 2.78
C GLN I 3 -34.29 23.37 3.59
N LEU I 4 -35.13 23.61 4.60
CA LEU I 4 -35.73 22.56 5.41
C LEU I 4 -37.22 22.89 5.53
N GLN I 5 -38.06 22.07 4.87
CA GLN I 5 -39.50 22.31 4.87
C GLN I 5 -40.15 21.51 5.99
N GLU I 6 -40.86 22.21 6.88
CA GLU I 6 -41.50 21.63 8.05
C GLU I 6 -43.01 21.59 7.85
N SER I 7 -43.63 20.53 8.34
CA SER I 7 -45.08 20.38 8.27
C SER I 7 -45.57 19.73 9.56
N GLY I 8 -46.83 19.96 9.88
CA GLY I 8 -47.43 19.40 11.08
C GLY I 8 -48.64 20.20 11.52
N GLY I 9 -49.40 19.62 12.43
CA GLY I 9 -50.57 20.29 12.95
C GLY I 9 -50.22 21.50 13.78
N GLY I 10 -51.19 22.41 13.88
CA GLY I 10 -51.00 23.68 14.56
C GLY I 10 -51.81 23.81 15.85
N LEU I 11 -52.98 23.17 15.88
CA LEU I 11 -53.90 23.27 17.01
C LEU I 11 -54.28 21.87 17.48
N VAL I 12 -54.43 21.71 18.79
CA VAL I 12 -54.91 20.46 19.36
C VAL I 12 -55.63 20.75 20.67
N GLN I 13 -56.54 19.85 21.05
CA GLN I 13 -57.24 19.98 22.33
C GLN I 13 -56.32 19.58 23.48
N GLY I 422 -53.13 14.96 23.84
CA GLY I 422 -53.26 14.86 22.40
C GLY I 422 -51.98 14.43 21.72
N SER I 423 -52.11 13.78 20.57
CA SER I 423 -51.00 13.30 19.77
C SER I 423 -50.84 14.16 18.53
N LEU I 424 -49.61 14.27 18.05
CA LEU I 424 -49.32 15.08 16.87
C LEU I 424 -48.01 14.59 16.25
N ARG I 425 -47.84 14.86 14.97
CA ARG I 425 -46.63 14.48 14.24
C ARG I 425 -46.13 15.68 13.44
N VAL I 426 -44.85 16.00 13.59
CA VAL I 426 -44.21 17.08 12.86
C VAL I 426 -43.11 16.46 11.99
N SER I 427 -43.20 16.68 10.69
CA SER I 427 -42.21 16.18 9.73
C SER I 427 -41.34 17.34 9.25
N CYS I 428 -40.11 17.00 8.86
CA CYS I 428 -39.16 17.97 8.32
C CYS I 428 -38.38 17.30 7.21
N ALA I 429 -38.65 17.71 5.97
CA ALA I 429 -37.98 17.16 4.80
C ALA I 429 -36.92 18.15 4.33
N ALA I 430 -35.76 17.63 3.93
CA ALA I 430 -34.64 18.47 3.50
C ALA I 430 -34.43 18.34 2.00
N SER I 431 -34.16 19.47 1.35
CA SER I 431 -33.91 19.52 -0.08
C SER I 431 -32.74 20.46 -0.35
N GLY I 432 -32.07 20.23 -1.49
CA GLY I 432 -30.93 21.03 -1.90
C GLY I 432 -29.60 20.56 -1.36
N ARG I 433 -29.59 19.69 -0.35
CA ARG I 433 -28.36 19.16 0.22
C ARG I 433 -28.70 17.85 0.91
N THR I 434 -27.73 16.93 0.91
CA THR I 434 -27.92 15.62 1.51
C THR I 434 -27.60 15.73 3.00
N PHE I 435 -28.66 15.80 3.81
CA PHE I 435 -28.55 15.89 5.26
C PHE I 435 -28.51 14.53 5.94
N THR I 436 -28.41 13.45 5.16
CA THR I 436 -28.26 12.12 5.76
C THR I 436 -27.03 12.08 6.67
N THR I 437 -25.89 12.57 6.17
CA THR I 437 -24.64 12.50 6.90
C THR I 437 -24.47 13.59 7.95
N TYR I 438 -25.50 14.40 8.20
CA TYR I 438 -25.49 15.41 9.25
C TYR I 438 -26.41 14.98 10.37
N ILE I 439 -26.05 15.30 11.61
CA ILE I 439 -26.94 15.08 12.74
C ILE I 439 -28.12 16.02 12.62
N MET I 440 -29.33 15.47 12.79
CA MET I 440 -30.57 16.23 12.60
C MET I 440 -31.33 16.33 13.92
N ALA I 441 -31.77 17.55 14.26
CA ALA I 441 -32.28 17.86 15.58
C ALA I 441 -33.58 18.65 15.50
N TRP I 442 -34.32 18.59 16.61
CA TRP I 442 -35.55 19.34 16.81
C TRP I 442 -35.39 20.22 18.05
N PHE I 443 -35.80 21.48 17.92
CA PHE I 443 -35.67 22.49 18.95
C PHE I 443 -37.02 23.16 19.19
N ARG I 444 -37.15 23.81 20.34
CA ARG I 444 -38.37 24.53 20.71
C ARG I 444 -38.01 25.94 21.17
N GLN I 445 -38.90 26.88 20.85
CA GLN I 445 -38.74 28.27 21.29
C GLN I 445 -40.09 28.94 21.47
N ALA I 446 -40.60 28.98 22.69
CA ALA I 446 -41.78 29.76 23.01
C ALA I 446 -41.38 31.24 23.01
N PRO I 447 -42.32 32.17 22.89
CA PRO I 447 -41.95 33.57 23.00
C PRO I 447 -41.33 33.90 24.34
N GLY I 448 -40.32 34.75 24.32
CA GLY I 448 -39.57 35.09 25.52
C GLY I 448 -38.82 33.90 26.10
N LYS I 449 -38.26 33.07 25.21
CA LYS I 449 -37.47 31.91 25.62
C LYS I 449 -36.35 31.72 24.60
N GLU I 450 -35.26 31.10 25.07
CA GLU I 450 -34.12 30.79 24.21
C GLU I 450 -34.38 29.44 23.55
N ARG I 451 -33.84 29.25 22.35
CA ARG I 451 -34.01 28.00 21.63
C ARG I 451 -33.43 26.83 22.43
N GLU I 452 -34.29 25.88 22.81
CA GLU I 452 -33.90 24.75 23.62
C GLU I 452 -33.94 23.47 22.80
N PHE I 453 -33.07 22.53 23.16
CA PHE I 453 -32.93 21.26 22.46
C PHE I 453 -34.01 20.29 22.94
N LEU I 454 -34.80 19.76 22.00
CA LEU I 454 -35.75 18.70 22.30
C LEU I 454 -35.21 17.33 21.94
N ALA I 455 -34.75 17.13 20.70
CA ALA I 455 -34.34 15.81 20.27
C ALA I 455 -33.30 15.89 19.17
N ALA I 456 -32.61 14.78 18.95
CA ALA I 456 -31.67 14.69 17.83
C ALA I 456 -31.45 13.23 17.48
N MET I 457 -31.01 13.02 16.25
CA MET I 457 -30.68 11.71 15.74
C MET I 457 -29.42 11.81 14.89
N ASP I 458 -28.52 10.85 15.09
CA ASP I 458 -27.21 10.84 14.46
C ASP I 458 -27.24 10.01 13.18
N GLN I 459 -26.09 9.94 12.49
CA GLN I 459 -25.98 9.10 11.31
C GLN I 459 -26.16 7.63 11.65
N GLY I 460 -25.79 7.22 12.86
CA GLY I 460 -25.84 5.83 13.26
C GLY I 460 -27.15 5.41 13.91
N ARG I 461 -28.23 6.14 13.62
CA ARG I 461 -29.56 5.83 14.12
C ARG I 461 -29.64 5.94 15.64
N ILE I 462 -28.76 6.73 16.25
CA ILE I 462 -28.73 6.90 17.70
C ILE I 462 -29.49 8.17 18.04
N GLN I 463 -30.40 8.07 19.01
CA GLN I 463 -31.36 9.11 19.34
C GLN I 463 -31.02 9.70 20.70
N TYR I 464 -31.00 11.03 20.77
CA TYR I 464 -30.82 11.78 22.01
C TYR I 464 -32.08 12.60 22.27
N TYR I 465 -32.49 12.68 23.53
CA TYR I 465 -33.67 13.43 23.95
C TYR I 465 -33.32 14.30 25.15
N GLY I 466 -33.99 15.44 25.24
CA GLY I 466 -33.86 16.28 26.41
C GLY I 466 -34.57 15.68 27.61
N ASP I 467 -34.15 16.09 28.79
CA ASP I 467 -34.74 15.57 30.02
C ASP I 467 -36.21 15.96 30.15
N SER I 468 -36.58 17.13 29.63
CA SER I 468 -37.97 17.56 29.70
C SER I 468 -38.88 16.67 28.87
N VAL I 469 -38.38 16.10 27.78
CA VAL I 469 -39.17 15.38 26.81
C VAL I 469 -38.76 13.91 26.68
N ARG I 470 -37.95 13.41 27.62
CA ARG I 470 -37.52 12.01 27.54
C ARG I 470 -38.72 11.11 27.83
N GLY I 471 -39.01 10.20 26.90
CA GLY I 471 -40.09 9.25 27.04
C GLY I 471 -41.42 9.72 26.48
N ARG I 472 -41.58 11.03 26.25
CA ARG I 472 -42.82 11.57 25.68
C ARG I 472 -42.73 11.68 24.17
N PHE I 473 -41.78 12.48 23.67
CA PHE I 473 -41.60 12.67 22.23
C PHE I 473 -40.62 11.63 21.71
N THR I 474 -40.78 11.29 20.42
CA THR I 474 -39.91 10.32 19.77
C THR I 474 -39.47 10.86 18.41
N ILE I 475 -38.17 10.73 18.13
CA ILE I 475 -37.57 11.22 16.89
C ILE I 475 -37.19 10.03 16.03
N SER I 476 -37.46 10.14 14.73
CA SER I 476 -37.10 9.12 13.76
C SER I 476 -36.58 9.82 12.51
N ARG I 477 -35.88 9.05 11.66
CA ARG I 477 -35.30 9.60 10.44
C ARG I 477 -35.49 8.62 9.28
N ASP I 478 -35.78 9.17 8.12
CA ASP I 478 -35.77 8.44 6.85
C ASP I 478 -34.62 8.99 6.03
N TYR I 479 -33.55 8.19 5.92
CA TYR I 479 -32.36 8.64 5.21
C TYR I 479 -32.54 8.59 3.71
N ALA I 480 -33.30 7.62 3.20
CA ALA I 480 -33.57 7.56 1.77
C ALA I 480 -34.34 8.79 1.30
N LYS I 481 -35.35 9.21 2.08
CA LYS I 481 -36.14 10.38 1.76
C LYS I 481 -35.53 11.68 2.28
N ASN I 482 -34.48 11.61 3.11
CA ASN I 482 -33.84 12.78 3.68
C ASN I 482 -34.85 13.60 4.49
N SER I 483 -35.34 12.99 5.57
CA SER I 483 -36.33 13.64 6.41
C SER I 483 -36.18 13.17 7.85
N VAL I 484 -36.63 14.02 8.77
CA VAL I 484 -36.66 13.72 10.20
C VAL I 484 -38.07 14.00 10.71
N ASP I 485 -38.63 13.04 11.44
CA ASP I 485 -39.98 13.12 11.96
C ASP I 485 -39.94 13.11 13.49
N LEU I 486 -40.90 13.79 14.10
CA LEU I 486 -41.02 13.91 15.54
C LEU I 486 -42.47 13.65 15.92
N GLN I 487 -42.71 12.54 16.61
CA GLN I 487 -44.03 12.22 17.14
C GLN I 487 -44.12 12.77 18.56
N LEU I 488 -45.07 13.67 18.77
CA LEU I 488 -45.34 14.28 20.07
C LEU I 488 -46.54 13.60 20.70
N ASP I 489 -46.34 13.10 21.93
CA ASP I 489 -47.38 12.43 22.69
C ASP I 489 -47.47 13.06 24.07
N GLY I 490 -48.66 13.00 24.66
CA GLY I 490 -48.87 13.63 25.95
C GLY I 490 -48.77 15.14 25.91
N LEU I 491 -49.38 15.76 24.89
CA LEU I 491 -49.31 17.21 24.77
C LEU I 491 -50.09 17.88 25.90
N ARG I 492 -49.52 18.97 26.41
CA ARG I 492 -50.01 19.69 27.57
C ARG I 492 -49.95 21.18 27.26
N PRO I 493 -50.75 22.00 27.94
CA PRO I 493 -50.79 23.43 27.57
C PRO I 493 -49.54 24.21 27.93
N GLU I 494 -48.62 23.62 28.70
CA GLU I 494 -47.29 24.21 28.85
C GLU I 494 -46.39 23.92 27.65
N ASP I 495 -46.82 23.07 26.72
CA ASP I 495 -46.00 22.65 25.60
C ASP I 495 -46.14 23.55 24.37
N THR I 496 -47.13 24.45 24.36
CA THR I 496 -47.36 25.31 23.20
C THR I 496 -46.15 26.17 22.92
N ALA I 497 -45.70 26.14 21.66
CA ALA I 497 -44.49 26.85 21.26
C ALA I 497 -44.24 26.75 19.75
N VAL I 498 -43.17 27.40 19.28
CA VAL I 498 -42.70 27.26 17.91
C VAL I 498 -41.63 26.17 17.88
N TYR I 499 -41.77 25.24 16.95
CA TYR I 499 -40.90 24.08 16.82
C TYR I 499 -40.04 24.26 15.58
N TYR I 500 -38.72 24.15 15.75
CA TYR I 500 -37.75 24.33 14.68
C TYR I 500 -37.04 23.02 14.36
N CYS I 501 -36.81 22.81 13.07
CA CYS I 501 -36.01 21.70 12.56
C CYS I 501 -34.62 22.24 12.22
N ALA I 502 -33.59 21.53 12.69
CA ALA I 502 -32.21 21.94 12.51
C ALA I 502 -31.39 20.75 12.03
N ALA I 503 -30.28 21.04 11.36
CA ALA I 503 -29.38 19.98 10.92
C ALA I 503 -27.98 20.54 10.80
N GLY I 504 -27.00 19.69 11.06
CA GLY I 504 -25.61 20.11 10.92
C GLY I 504 -24.68 19.05 11.46
N ALA I 505 -23.39 19.33 11.33
CA ALA I 505 -22.37 18.52 11.99
C ALA I 505 -22.22 19.01 13.43
N GLY I 506 -22.26 18.07 14.37
CA GLY I 506 -22.24 18.46 15.77
C GLY I 506 -20.83 18.68 16.27
N PHE I 507 -20.41 19.94 16.27
CA PHE I 507 -19.07 20.35 16.68
C PHE I 507 -19.21 21.29 17.87
N TRP I 508 -18.62 20.89 19.00
CA TRP I 508 -18.79 21.56 20.30
C TRP I 508 -20.24 21.56 20.78
N GLY I 509 -21.11 20.76 20.16
CA GLY I 509 -22.53 20.83 20.39
C GLY I 509 -23.21 19.49 20.53
N LEU I 510 -24.21 19.23 19.69
CA LEU I 510 -25.19 18.15 19.72
C LEU I 510 -26.28 18.42 20.76
N ARG I 511 -26.17 19.47 21.59
CA ARG I 511 -27.23 19.93 22.46
C ARG I 511 -27.41 21.45 22.41
N THR I 512 -26.57 22.17 21.67
CA THR I 512 -26.62 23.63 21.57
C THR I 512 -26.99 24.04 20.15
N ALA I 513 -27.79 25.09 20.04
CA ALA I 513 -28.24 25.57 18.74
C ALA I 513 -27.10 26.10 17.88
N SER I 514 -25.99 26.54 18.50
CA SER I 514 -24.92 27.17 17.74
C SER I 514 -24.23 26.18 16.80
N SER I 515 -24.23 24.89 17.13
CA SER I 515 -23.51 23.91 16.33
C SER I 515 -24.25 23.52 15.04
N TYR I 516 -25.52 23.86 14.91
CA TYR I 516 -26.30 23.54 13.72
C TYR I 516 -26.29 24.73 12.77
N HIS I 517 -25.82 24.51 11.54
CA HIS I 517 -25.67 25.56 10.55
C HIS I 517 -26.88 25.71 9.63
N TYR I 518 -27.90 24.85 9.77
CA TYR I 518 -29.08 24.89 8.91
C TYR I 518 -30.33 24.81 9.78
N TRP I 519 -31.34 25.62 9.43
CA TRP I 519 -32.56 25.73 10.21
C TRP I 519 -33.75 25.84 9.27
N GLY I 520 -34.93 25.48 9.78
CA GLY I 520 -36.16 25.59 9.05
C GLY I 520 -36.94 26.85 9.43
N GLN I 521 -38.09 27.01 8.76
CA GLN I 521 -38.92 28.18 9.02
C GLN I 521 -39.50 28.15 10.43
N GLY I 522 -39.95 26.99 10.87
CA GLY I 522 -40.58 26.80 12.16
C GLY I 522 -42.08 26.64 12.03
N THR I 523 -42.67 25.87 12.95
CA THR I 523 -44.10 25.58 12.95
C THR I 523 -44.67 25.82 14.34
N GLN I 524 -45.79 26.53 14.39
CA GLN I 524 -46.47 26.83 15.65
C GLN I 524 -47.27 25.62 16.10
N VAL I 525 -47.30 25.38 17.41
CA VAL I 525 -48.09 24.31 18.01
C VAL I 525 -48.76 24.88 19.26
N THR I 526 -50.08 24.64 19.38
CA THR I 526 -50.87 25.11 20.51
C THR I 526 -51.78 24.00 21.01
N VAL I 527 -51.94 23.96 22.33
CA VAL I 527 -52.79 23.00 23.01
C VAL I 527 -53.81 23.79 23.83
N SER I 528 -55.08 23.44 23.68
CA SER I 528 -56.18 24.11 24.38
C SER I 528 -56.96 23.08 25.20
N SER I 529 -57.07 23.33 26.51
CA SER I 529 -57.81 22.45 27.41
C SER I 529 -59.24 22.97 27.62
C1 NAG J . -2.14 -22.28 13.96
C2 NAG J . -3.60 -22.73 14.05
C3 NAG J . -4.46 -21.57 14.53
C4 NAG J . -3.91 -21.04 15.84
C5 NAG J . -2.45 -20.65 15.68
C6 NAG J . -1.80 -20.23 16.98
C7 NAG J . -4.29 -24.48 12.47
C8 NAG J . -4.73 -24.76 11.07
N2 NAG J . -4.05 -23.20 12.76
O3 NAG J . -5.79 -22.02 14.68
O4 NAG J . -4.65 -19.87 16.20
O5 NAG J . -1.69 -21.76 15.20
O6 NAG J . -1.80 -21.31 17.90
O7 NAG J . -4.12 -25.37 13.29
C1 NAG J . -5.32 -20.00 17.41
C2 NAG J . -6.01 -18.67 17.65
C3 NAG J . -6.79 -18.76 18.96
C4 NAG J . -7.78 -19.91 18.85
C5 NAG J . -7.02 -21.20 18.57
C6 NAG J . -7.94 -22.38 18.37
C7 NAG J . -4.03 -17.37 18.37
C8 NAG J . -3.11 -16.25 17.97
N2 NAG J . -5.06 -17.59 17.57
O3 NAG J . -7.45 -17.53 19.21
O4 NAG J . -8.52 -20.07 20.07
O5 NAG J . -6.28 -21.04 17.34
O6 NAG J . -8.75 -22.19 17.23
O7 NAG J . -3.80 -18.06 19.36
C1 BMA J . -9.86 -19.71 20.03
C2 BMA J . -10.49 -20.26 21.26
C3 BMA J . -11.94 -19.89 21.34
C4 BMA J . -12.08 -18.40 21.23
C5 BMA J . -11.41 -17.88 19.97
C6 BMA J . -11.40 -16.38 19.90
O2 BMA J . -9.80 -19.78 22.42
O3 BMA J . -12.40 -20.34 22.60
O4 BMA J . -13.46 -18.04 21.20
O5 BMA J . -10.04 -18.30 19.95
O6 BMA J . -10.69 -15.89 18.76
C1 MAN J . -13.71 -20.78 22.70
C2 MAN J . -13.92 -20.85 24.19
C3 MAN J . -12.91 -21.79 24.82
C4 MAN J . -13.02 -23.16 24.17
C5 MAN J . -12.84 -23.03 22.67
C6 MAN J . -13.04 -24.33 21.94
O2 MAN J . -15.26 -21.25 24.46
O3 MAN J . -13.11 -21.90 26.23
O4 MAN J . -12.01 -24.02 24.69
O5 MAN J . -13.80 -22.10 22.13
O6 MAN J . -12.84 -24.19 20.54
C1 MAN J . -15.84 -20.67 25.59
C2 MAN J . -17.17 -21.35 25.81
C3 MAN J . -18.06 -21.11 24.63
C4 MAN J . -18.22 -19.62 24.39
C5 MAN J . -16.85 -18.99 24.20
C6 MAN J . -16.90 -17.49 24.04
O2 MAN J . -17.78 -20.85 27.00
O3 MAN J . -19.33 -21.71 24.88
O4 MAN J . -18.99 -19.40 23.21
O5 MAN J . -16.03 -19.28 25.35
O6 MAN J . -17.58 -16.87 25.13
C1 MAN J . -17.54 -21.49 28.22
C2 MAN J . -18.48 -20.87 29.20
C3 MAN J . -18.10 -19.44 29.48
C4 MAN J . -16.66 -19.38 29.96
C5 MAN J . -15.75 -20.04 28.94
C6 MAN J . -14.32 -20.15 29.40
O2 MAN J . -18.49 -21.63 30.42
O3 MAN J . -18.97 -18.89 30.46
O4 MAN J . -16.25 -18.02 30.11
O5 MAN J . -16.19 -21.40 28.69
O6 MAN J . -13.56 -20.99 28.53
C1 MAN J . -10.56 -14.49 18.79
C2 MAN J . -9.87 -14.02 17.54
C3 MAN J . -8.52 -14.63 17.41
C4 MAN J . -7.71 -14.28 18.64
C5 MAN J . -8.48 -14.75 19.88
C6 MAN J . -7.83 -14.40 21.19
O2 MAN J . -9.72 -12.61 17.57
O3 MAN J . -7.92 -14.10 16.23
O4 MAN J . -6.44 -14.90 18.61
O5 MAN J . -9.78 -14.16 19.92
O6 MAN J . -8.56 -15.06 22.23
C1 MAN J . -8.77 -14.28 23.36
C2 MAN J . -9.00 -15.20 24.53
C3 MAN J . -10.32 -15.93 24.38
C4 MAN J . -11.44 -14.93 24.20
C5 MAN J . -11.14 -14.01 23.03
C6 MAN J . -12.18 -12.91 22.86
O2 MAN J . -8.93 -14.49 25.76
O3 MAN J . -10.55 -16.73 25.54
O4 MAN J . -12.67 -15.61 23.96
O5 MAN J . -9.86 -13.37 23.21
O6 MAN J . -12.52 -12.31 24.11
C1 MAN J . -7.65 -14.32 26.27
C2 MAN J . -7.78 -13.93 27.72
C3 MAN J . -8.31 -12.52 27.83
C4 MAN J . -7.42 -11.57 27.05
C5 MAN J . -7.30 -12.03 25.61
C6 MAN J . -6.32 -11.20 24.80
O2 MAN J . -6.52 -14.07 28.36
O3 MAN J . -8.37 -12.14 29.20
O4 MAN J . -7.94 -10.25 27.08
O5 MAN J . -6.82 -13.39 25.56
O6 MAN J . -6.16 -11.74 23.49
C1 MAN J . -7.19 -15.01 15.46
C2 MAN J . -6.55 -14.26 14.34
C3 MAN J . -7.59 -13.73 13.37
C4 MAN J . -8.46 -14.87 12.88
C5 MAN J . -9.07 -15.62 14.06
C6 MAN J . -9.84 -16.84 13.62
O2 MAN J . -5.60 -15.09 13.66
O3 MAN J . -6.94 -13.10 12.28
O4 MAN J . -9.51 -14.36 12.06
O5 MAN J . -8.03 -16.07 14.95
O6 MAN J . -9.08 -17.64 12.73
C1 NAG K . -23.19 -41.65 1.18
C2 NAG K . -24.33 -41.72 0.18
C3 NAG K . -23.96 -42.62 -1.00
C4 NAG K . -22.64 -42.17 -1.61
C5 NAG K . -21.56 -42.07 -0.53
C6 NAG K . -20.26 -41.51 -1.05
C7 NAG K . -26.51 -41.38 1.28
C8 NAG K . -27.69 -42.05 1.91
N2 NAG K . -25.55 -42.19 0.82
O3 NAG K . -24.99 -42.59 -1.97
O4 NAG K . -22.23 -43.09 -2.62
O5 NAG K . -22.00 -41.20 0.52
O6 NAG K . -20.45 -40.23 -1.66
O7 NAG K . -26.43 -40.16 1.19
C1 NAG K . -21.55 -42.87 -3.90
C2 NAG K . -20.70 -43.62 -4.91
C3 NAG K . -20.80 -42.95 -6.28
C4 NAG K . -22.25 -42.81 -6.70
C5 NAG K . -23.05 -42.09 -5.60
C6 NAG K . -24.53 -42.03 -5.89
C7 NAG K . -18.83 -44.51 -3.53
C8 NAG K . -19.82 -45.42 -2.85
N2 NAG K . -19.31 -43.70 -4.48
O3 NAG K . -20.09 -43.73 -7.24
O4 NAG K . -22.35 -42.05 -7.90
O5 NAG K . -22.90 -42.80 -4.36
O6 NAG K . -25.13 -43.31 -5.83
O7 NAG K . -17.64 -44.51 -3.22
C1 BMA K . -22.28 -42.88 -9.11
C2 BMA K . -21.81 -41.99 -10.27
C3 BMA K . -22.09 -42.69 -11.59
C4 BMA K . -21.58 -44.13 -11.59
C5 BMA K . -22.13 -44.89 -10.38
C6 BMA K . -21.59 -46.30 -10.27
O2 BMA K . -20.41 -41.78 -10.20
O3 BMA K . -21.53 -41.97 -12.69
O4 BMA K . -21.98 -44.79 -12.78
O5 BMA K . -21.75 -44.18 -9.19
O6 BMA K . -20.18 -46.23 -10.08
C1 NAG L . 5.60 -26.89 -14.06
C2 NAG L . 5.18 -28.11 -14.90
C3 NAG L . 5.45 -29.40 -14.14
C4 NAG L . 6.90 -29.45 -13.65
C5 NAG L . 7.20 -28.20 -12.84
C6 NAG L . 8.64 -28.11 -12.37
C7 NAG L . 3.28 -27.02 -16.00
C8 NAG L . 1.81 -27.09 -16.29
N2 NAG L . 3.78 -28.02 -15.27
O3 NAG L . 5.20 -30.51 -14.99
O4 NAG L . 7.10 -30.60 -12.84
O5 NAG L . 6.97 -27.03 -13.65
O6 NAG L . 9.54 -28.60 -13.35
O7 NAG L . 3.98 -26.10 -16.42
C1 NAG L . 7.53 -31.89 -13.25
C2 NAG L . 7.88 -32.91 -12.17
C3 NAG L . 8.16 -34.27 -12.80
C4 NAG L . 7.00 -34.69 -13.70
C5 NAG L . 6.70 -33.58 -14.71
C6 NAG L . 5.48 -33.88 -15.56
C7 NAG L . 8.90 -31.88 -10.19
C8 NAG L . 10.18 -31.50 -9.51
N2 NAG L . 9.02 -32.48 -11.38
O3 NAG L . 8.36 -35.25 -11.79
O4 NAG L . 7.32 -35.89 -14.40
O5 NAG L . 6.44 -32.35 -14.03
O6 NAG L . 5.53 -33.18 -16.80
O7 NAG L . 7.81 -31.64 -9.68
C1 BMA L . 6.85 -37.21 -14.16
C2 BMA L . 7.16 -38.04 -15.41
C3 BMA L . 6.14 -39.16 -15.57
C4 BMA L . 5.94 -39.93 -14.25
C5 BMA L . 5.60 -38.95 -13.13
C6 BMA L . 5.42 -39.62 -11.78
O2 BMA L . 8.44 -38.66 -15.29
O3 BMA L . 6.50 -40.06 -16.61
O4 BMA L . 4.90 -40.88 -14.40
O5 BMA L . 6.67 -38.01 -13.02
O6 BMA L . 6.69 -40.02 -11.30
C1 MAN L . 7.47 -40.33 -10.08
C2 MAN L . 8.92 -40.18 -10.57
C3 MAN L . 9.39 -41.51 -11.14
C4 MAN L . 8.83 -42.67 -10.30
C5 MAN L . 7.31 -42.73 -10.48
C6 MAN L . 6.58 -43.31 -9.28
O2 MAN L . 9.80 -39.89 -9.48
O3 MAN L . 10.82 -41.59 -11.20
O4 MAN L . 9.40 -43.89 -10.74
O5 MAN L . 6.78 -41.38 -10.70
O6 MAN L . 5.18 -43.24 -9.53
C1 MAN L . 12.14 -41.13 -11.62
C2 MAN L . 13.19 -40.02 -11.64
C3 MAN L . 14.12 -40.19 -12.84
C4 MAN L . 13.36 -40.46 -14.17
C5 MAN L . 12.19 -41.47 -14.01
C6 MAN L . 12.65 -42.93 -13.99
O2 MAN L . 14.03 -40.07 -10.48
O3 MAN L . 15.08 -41.22 -12.61
O4 MAN L . 12.85 -39.24 -14.67
O5 MAN L . 11.42 -41.22 -12.81
O6 MAN L . 11.52 -43.75 -13.70
C1 MAN L . 5.33 -40.46 -17.38
C2 MAN L . 4.20 -41.37 -17.87
C3 MAN L . 4.76 -42.68 -18.42
C4 MAN L . 5.88 -42.40 -19.42
C5 MAN L . 6.97 -41.54 -18.76
C6 MAN L . 8.10 -41.18 -19.70
O2 MAN L . 3.49 -40.77 -18.96
O3 MAN L . 3.75 -43.48 -19.01
O4 MAN L . 6.45 -43.63 -19.86
O5 MAN L . 6.38 -40.31 -18.31
O6 MAN L . 9.13 -40.54 -18.96
C1 NAG M . -35.24 -10.24 -0.45
C2 NAG M . -35.71 -9.69 -1.79
C3 NAG M . -37.23 -9.66 -1.82
C4 NAG M . -37.79 -11.05 -1.52
C5 NAG M . -37.23 -11.56 -0.20
C6 NAG M . -37.63 -12.98 0.10
C7 NAG M . -34.74 -7.84 -3.17
C8 NAG M . -34.81 -8.73 -4.38
N2 NAG M . -35.18 -8.35 -2.00
O3 NAG M . -37.69 -9.23 -3.10
O4 NAG M . -39.21 -10.99 -1.44
O5 NAG M . -35.80 -11.54 -0.23
O6 NAG M . -37.38 -13.84 -1.01
O7 NAG M . -34.30 -6.70 -3.24
C1 NAG M . -40.49 -11.69 -1.33
C2 NAG M . -41.88 -11.83 -0.76
C3 NAG M . -42.73 -12.74 -1.64
C4 NAG M . -41.89 -13.54 -2.62
C5 NAG M . -40.93 -12.67 -3.43
C6 NAG M . -41.52 -12.21 -4.74
C7 NAG M . -41.31 -13.51 0.96
C8 NAG M . -41.36 -13.85 2.41
N2 NAG M . -41.84 -12.33 0.61
O3 NAG M . -43.67 -11.94 -2.36
O4 NAG M . -41.12 -14.53 -1.92
O5 NAG M . -40.57 -11.48 -2.70
O6 NAG M . -41.34 -13.18 -5.76
O7 NAG M . -40.81 -14.27 0.12
C1 NAG N . -3.13 -13.49 27.08
C2 NAG N . -3.35 -14.67 26.14
C3 NAG N . -3.86 -15.87 26.93
C4 NAG N . -2.86 -16.20 28.03
C5 NAG N . -2.67 -14.97 28.91
C6 NAG N . -1.64 -15.16 30.00
C7 NAG N . -3.89 -14.21 23.79
C8 NAG N . -2.50 -14.69 23.48
N2 NAG N . -4.28 -14.34 25.06
O3 NAG N . -4.06 -16.95 26.05
O4 NAG N . -3.34 -17.25 28.87
O5 NAG N . -2.22 -13.87 28.10
O6 NAG N . -0.34 -15.36 29.46
O7 NAG N . -4.61 -13.73 22.94
C1 NAG N . -2.96 -18.57 28.61
C2 NAG N . -3.46 -19.39 29.80
C3 NAG N . -3.20 -20.87 29.54
C4 NAG N . -3.86 -21.28 28.23
C5 NAG N . -3.35 -20.39 27.10
C6 NAG N . -4.07 -20.65 25.79
C7 NAG N . -3.48 -18.31 31.99
C8 NAG N . -4.91 -17.99 31.72
N2 NAG N . -2.83 -18.96 31.03
O3 NAG N . -3.69 -21.63 30.62
O4 NAG N . -3.58 -22.63 27.90
O5 NAG N . -3.59 -19.01 27.41
O6 NAG N . -5.47 -20.42 25.94
O7 NAG N . -2.92 -17.99 33.05
C1 BMA N . -4.60 -23.54 28.13
C2 BMA N . -4.35 -24.82 27.38
C3 BMA N . -5.45 -25.82 27.64
C4 BMA N . -5.63 -26.02 29.12
C5 BMA N . -5.86 -24.69 29.83
C6 BMA N . -5.86 -24.86 31.33
O2 BMA N . -3.07 -25.36 27.75
O3 BMA N . -5.14 -27.08 27.06
O4 BMA N . -6.77 -26.84 29.34
O5 BMA N . -4.79 -23.79 29.52
O6 BMA N . -5.90 -26.25 31.65
C1 MAN N . -5.53 -27.29 25.74
C2 MAN N . -5.57 -28.79 25.55
C3 MAN N . -4.18 -29.38 25.56
C4 MAN N . -3.33 -28.69 24.51
C5 MAN N . -3.34 -27.18 24.72
C6 MAN N . -2.62 -26.45 23.62
O2 MAN N . -6.23 -29.11 24.33
O3 MAN N . -4.26 -30.77 25.30
O4 MAN N . -1.99 -29.15 24.59
O5 MAN N . -4.70 -26.69 24.75
O6 MAN N . -3.13 -26.80 22.34
C1 MAN N . -7.53 -28.62 24.23
C2 MAN N . -8.43 -29.46 25.10
C3 MAN N . -8.45 -30.89 24.60
C4 MAN N . -8.84 -30.93 23.14
C5 MAN N . -7.92 -30.02 22.32
C6 MAN N . -8.33 -29.90 20.87
O2 MAN N . -9.74 -28.91 25.14
O3 MAN N . -9.36 -31.66 25.39
O4 MAN N . -8.77 -32.25 22.63
O5 MAN N . -7.94 -28.69 22.87
O6 MAN N . -7.50 -28.97 20.18
C1 MAN N . -5.78 -26.55 33.02
C2 MAN N . -5.93 -28.05 33.14
C3 MAN N . -6.10 -28.48 34.58
C4 MAN N . -7.20 -27.68 35.26
C5 MAN N . -7.03 -26.18 35.08
C6 MAN N . -5.84 -25.62 35.84
O2 MAN N . -4.81 -28.69 32.55
O3 MAN N . -4.85 -28.35 35.27
O4 MAN N . -8.46 -28.06 34.70
O5 MAN N . -6.83 -25.84 33.68
O6 MAN N . -5.74 -24.20 35.67
C1 NAG O . 14.03 11.53 29.33
C2 NAG O . 14.93 11.55 30.58
C3 NAG O . 14.11 11.20 31.83
C4 NAG O . 12.89 12.09 31.93
C5 NAG O . 12.07 11.97 30.65
C6 NAG O . 10.85 12.85 30.64
C7 NAG O . 16.97 10.75 29.48
C8 NAG O . 18.04 9.70 29.48
N2 NAG O . 16.05 10.63 30.43
O3 NAG O . 14.92 11.38 32.99
O4 NAG O . 12.09 11.70 33.04
O5 NAG O . 12.88 12.38 29.53
O6 NAG O . 11.13 14.16 31.11
O7 NAG O . 16.94 11.65 28.65
C1 NAG O . 12.26 12.15 34.39
C2 NAG O . 11.16 11.57 35.30
C3 NAG O . 11.26 12.17 36.71
C4 NAG O . 12.67 12.00 37.25
C5 NAG O . 13.68 12.59 36.28
C6 NAG O . 15.11 12.40 36.72
C7 NAG O . 9.08 10.86 34.18
C8 NAG O . 7.75 11.30 33.65
N2 NAG O . 9.84 11.83 34.74
O3 NAG O . 10.33 11.54 37.57
O4 NAG O . 12.79 12.66 38.52
O5 NAG O . 13.55 11.95 35.02
O6 NAG O . 15.95 12.01 35.64
O7 NAG O . 9.46 9.70 34.12
C1 BMA O . 13.23 11.78 39.47
C2 BMA O . 14.12 12.80 40.20
C3 BMA O . 14.92 12.09 41.31
C4 BMA O . 14.02 11.21 42.16
C5 BMA O . 13.28 10.22 41.26
C6 BMA O . 12.38 9.27 42.01
O2 BMA O . 13.33 13.79 40.85
O3 BMA O . 15.60 13.02 42.13
O4 BMA O . 14.79 10.49 43.11
O5 BMA O . 12.48 10.98 40.35
O6 BMA O . 11.24 10.00 42.45
C1 MAN O . 10.56 9.01 43.24
C2 MAN O . 9.38 9.99 43.31
C3 MAN O . 9.61 11.03 44.43
C4 MAN O . 10.00 10.33 45.73
C5 MAN O . 11.25 9.48 45.50
C6 MAN O . 11.71 8.74 46.74
O2 MAN O . 8.17 9.32 43.66
O3 MAN O . 8.48 11.86 44.62
O4 MAN O . 10.26 11.30 46.74
O5 MAN O . 10.95 8.50 44.49
O6 MAN O . 10.77 7.72 47.03
C1 MAN O . 8.23 13.26 44.36
C2 MAN O . 8.41 13.61 42.86
C3 MAN O . 8.73 15.10 42.66
C4 MAN O . 9.26 15.74 43.95
C5 MAN O . 10.14 14.72 44.69
C6 MAN O . 10.87 15.31 45.88
O2 MAN O . 7.19 13.38 42.14
O3 MAN O . 7.58 15.82 42.19
O4 MAN O . 10.03 16.88 43.63
O5 MAN O . 9.31 13.65 45.18
O6 MAN O . 9.89 15.77 46.81
C1 MAN O . 16.86 13.68 42.01
C2 MAN O . 17.73 12.81 42.94
C3 MAN O . 17.30 13.02 44.39
C4 MAN O . 17.24 14.51 44.73
C5 MAN O . 16.31 15.23 43.75
C6 MAN O . 16.24 16.73 43.98
O2 MAN O . 19.10 13.19 42.88
O3 MAN O . 18.16 12.34 45.29
O4 MAN O . 16.76 14.69 46.06
O5 MAN O . 16.78 15.02 42.41
O6 MAN O . 15.52 16.97 45.19
C1 NAG P . 20.70 -21.11 42.93
C2 NAG P . 22.15 -21.48 43.21
C3 NAG P . 22.75 -20.47 44.18
C4 NAG P . 22.63 -19.07 43.58
C5 NAG P . 21.17 -18.77 43.29
C6 NAG P . 20.96 -17.46 42.58
C7 NAG P . 22.80 -23.82 43.07
C8 NAG P . 22.80 -25.15 43.75
N2 NAG P . 22.26 -22.82 43.76
O3 NAG P . 24.10 -20.80 44.43
O4 NAG P . 23.15 -18.10 44.48
O5 NAG P . 20.64 -19.79 42.40
O6 NAG P . 21.64 -17.44 41.34
O7 NAG P . 23.27 -23.66 41.95
C1 NAG P . 24.06 -17.22 43.89
C2 NAG P . 24.27 -15.91 44.64
C3 NAG P . 25.14 -14.99 43.81
C4 NAG P . 26.43 -15.68 43.40
C5 NAG P . 26.13 -17.00 42.70
C6 NAG P . 27.37 -17.81 42.42
C7 NAG P . 22.52 -15.09 46.15
C8 NAG P . 21.19 -14.42 46.24
N2 NAG P . 23.01 -15.24 44.92
O3 NAG P . 25.41 -13.82 44.57
O4 NAG P . 27.07 -14.81 42.48
O5 NAG P . 25.28 -17.83 43.52
O6 NAG P . 28.01 -18.19 43.64
O7 NAG P . 23.13 -15.46 47.14
C1 BMA P . 28.44 -14.57 42.43
C2 BMA P . 28.62 -13.79 41.14
C3 BMA P . 30.03 -13.26 41.02
C4 BMA P . 30.38 -12.44 42.25
C5 BMA P . 30.16 -13.26 43.52
C6 BMA P . 30.34 -12.44 44.77
O2 BMA P . 27.67 -12.74 41.07
O3 BMA P . 30.15 -12.46 39.85
O4 BMA P . 31.74 -12.02 42.17
O5 BMA P . 28.81 -13.76 43.55
O6 BMA P . 29.35 -11.43 44.87
C1 PIO Q . 40.40 33.18 -27.20
O1 PIO Q . 39.80 32.86 -25.97
P1 PIO Q . 39.94 31.34 -25.32
C2 PIO Q . 41.86 33.64 -26.99
O2 PIO Q . 42.43 32.95 -25.90
C3 PIO Q . 41.98 35.14 -26.73
O3 PIO Q . 41.22 35.45 -25.58
C4 PIO Q . 41.47 35.97 -27.91
O4 PIO Q . 42.55 36.30 -28.74
P4 PIO Q . 43.33 37.72 -28.49
C5 PIO Q . 40.42 35.22 -28.74
O5 PIO Q . 39.59 36.17 -29.36
P5 PIO Q . 38.92 35.86 -30.84
C6 PIO Q . 39.56 34.30 -27.85
O6 PIO Q . 38.56 33.71 -28.64
O11 PIO Q . 40.20 30.32 -26.40
O12 PIO Q . 38.65 30.99 -24.61
O13 PIO Q . 41.19 31.38 -24.24
C1A PIO Q . 41.94 31.82 -19.49
O1A PIO Q . 42.45 32.65 -18.80
C1B PIO Q . 43.94 29.15 -21.47
O1B PIO Q . 44.50 29.58 -20.51
C1C PIO Q . 41.02 32.10 -23.07
C2A PIO Q . 41.81 30.40 -18.95
C2B PIO Q . 43.63 27.66 -21.55
C2C PIO Q . 41.74 31.43 -21.90
O2C PIO Q . 41.47 32.20 -20.76
C3A PIO Q . 40.99 30.35 -17.65
C3B PIO Q . 43.35 27.12 -20.14
C3C PIO Q . 43.24 31.34 -22.24
O3C PIO Q . 43.56 30.00 -22.53
O41 PIO Q . 43.85 37.76 -27.07
O42 PIO Q . 42.37 38.86 -28.71
O43 PIO Q . 44.49 37.83 -29.45
C4A PIO Q . 40.69 28.89 -17.37
C4B PIO Q . 42.60 25.78 -20.17
O51 PIO Q . 37.52 35.34 -30.65
O52 PIO Q . 38.86 37.15 -31.63
O53 PIO Q . 39.74 34.84 -31.61
C5A PIO Q . 39.97 28.70 -16.03
C5B PIO Q . 41.72 25.65 -18.92
C6A PIO Q . 39.27 27.34 -16.06
C6B PIO Q . 40.90 24.36 -19.00
C7A PIO Q . 38.49 27.11 -14.77
C7B PIO Q . 39.74 24.42 -18.00
C8A PIO Q . 37.69 25.82 -14.88
C8B PIO Q . 38.78 23.26 -18.28
CAD PGW R . 26.18 -9.61 -11.49
CAD PGW R . 27.79 -10.11 -9.82
OAE PGW R . 24.85 -10.05 -11.35
OAE PGW R . 28.05 -8.97 -9.06
OAF PGW R . 28.38 -9.96 -10.65
OAF PGW R . 25.86 -9.22 -10.93
P PGW R . 29.29 -11.49 -13.17
P PGW R . 28.73 -11.81 -13.98
C01 PGW R . 29.63 -7.15 -14.23
C01 PGW R . 27.31 -7.71 -14.31
C1 PGW R . 27.82 -7.36 -16.63
C1 PGW R . 30.12 -6.73 -14.91
O01 PGW R . 27.43 -7.27 -15.27
O01 PGW R . 29.15 -7.18 -15.83
C02 PGW R . 28.27 -7.84 -14.28
C02 PGW R . 28.28 -8.22 -15.40
C2 PGW R . 28.00 -6.06 -17.46
C2 PGW R . 29.87 -5.47 -14.07
O02 PGW R . 28.01 -8.39 -17.17
O02 PGW R . 31.14 -7.31 -14.79
C03 PGW R . 28.46 -9.34 -14.47
C03 PGW R . 29.08 -9.40 -14.89
C3 PGW R . 29.49 -5.86 -17.75
C3 PGW R . 31.20 -4.70 -13.92
O03 PGW R . 29.42 -5.77 -13.91
O03 PGW R . 26.55 -6.59 -14.77
C04 PGW R . 27.25 -11.90 -11.53
C04 PGW R . 27.11 -10.90 -12.11
C4 PGW R . 29.73 -5.36 -19.18
C4 PGW R . 30.98 -3.19 -13.87
O04 PGW R . 30.82 -5.24 -12.22
O04 PGW R . 25.26 -8.03 -15.98
C05 PGW R . 27.13 -10.56 -10.76
C05 PGW R . 27.16 -9.69 -11.15
C5 PGW R . 28.95 -4.08 -19.54
C5 PGW R . 31.36 -2.60 -15.24
C06 PGW R . 28.89 2.11 -22.43
C06 PGW R . 32.56 3.96 -18.53
C6 PGW R . 29.25 -2.92 -18.56
C6 PGW R . 30.83 -1.15 -15.36
C07 PGW R . 30.01 3.13 -22.38
C07 PGW R . 33.89 4.49 -19.07
C7 PGW R . 28.64 -1.61 -19.10
C7 PGW R . 31.28 -0.55 -16.72
C08 PGW R . 29.71 4.34 -23.28
C08 PGW R . 33.71 5.91 -19.61
C8 PGW R . 29.61 -0.95 -20.11
C8 PGW R . 32.30 0.59 -16.58
C09 PGW R . 30.87 4.52 -24.25
C09 PGW R . 34.35 6.04 -20.97
C9 PGW R . 29.05 0.39 -20.63
C9 PGW R . 32.03 1.73 -17.58
C10 PGW R . 29.40 0.78 -21.84
C10 PGW R . 32.82 2.79 -17.56
C11 PGW R . 30.59 5.73 -25.16
C11 PGW R . 34.24 7.50 -21.43
O11 PGW R . 28.81 -9.90 -13.23
O11 PGW R . 28.37 -10.60 -15.03
C12 PGW R . 31.74 6.76 -25.10
C12 PGW R . 34.61 7.64 -22.92
O12 PGW R . 28.60 -12.17 -11.82
O12 PGW R . 28.43 -11.28 -12.44
C13 PGW R . 31.73 7.62 -26.37
C13 PGW R . 33.61 8.54 -23.64
O13 PGW R . 28.82 -12.21 -14.41
O13 PGW R . 30.20 -12.16 -14.09
C14 PGW R . 32.81 8.69 -26.29
C14 PGW R . 33.88 8.49 -25.14
O14 PGW R . 30.78 -11.55 -13.07
O14 PGW R . 27.89 -13.03 -14.27
C15 PGW R . 33.15 3.26 -19.44
C15 PGW R . 24.14 0.53 -23.98
C16 PGW R . 33.76 4.43 -18.62
C16 PGW R . 24.00 1.78 -23.08
C17 PGW R . 33.46 5.77 -19.30
C17 PGW R . 22.57 1.83 -22.49
C18 PGW R . 34.31 5.94 -20.57
C18 PGW R . 22.48 2.89 -21.38
C19 PGW R . 30.54 -5.09 -13.37
C19 PGW R . 25.51 -6.89 -15.68
C20 PGW R . 31.36 -4.14 -14.26
C20 PGW R . 24.68 -5.73 -16.30
C21 PGW R . 30.74 -2.74 -14.17
C21 PGW R . 25.23 -5.43 -17.70
C22 PGW R . 31.50 -1.76 -15.07
C22 PGW R . 24.33 -4.39 -18.39
C23 PGW R . 30.52 -0.72 -15.63
C23 PGW R . 25.15 -3.58 -19.39
C24 PGW R . 31.22 0.59 -16.08
C24 PGW R . 24.27 -3.20 -20.61
C25 PGW R . 32.39 0.32 -17.07
C25 PGW R . 25.13 -2.40 -21.63
C26 PGW R . 33.05 1.67 -17.47
C26 PGW R . 24.28 -1.21 -22.16
C27 PGW R . 32.21 2.42 -18.53
C27 PGW R . 25.05 -0.53 -23.31
C28 PGW R . 34.29 7.42 -20.97
C28 PGW R . 21.05 2.94 -20.83
C29 PGW R . 33.97 9.03 -22.84
C29 PGW R . 19.62 4.24 -19.27
C30 PGW R . 34.41 7.60 -22.49
C30 PGW R . 21.03 3.66 -19.48
C1 D10 S . 26.26 15.46 -4.92
C2 D10 S . 26.96 15.43 -3.57
C3 D10 S . 28.47 15.20 -3.73
C4 D10 S . 29.18 16.36 -4.42
C5 D10 S . 30.66 16.02 -4.57
C6 D10 S . 31.51 17.27 -4.82
C7 D10 S . 30.97 18.13 -5.96
C8 D10 S . 32.07 19.08 -6.43
C9 D10 S . 31.51 20.06 -7.48
C10 D10 S . 32.66 20.86 -8.07
C1 D10 T . 40.43 31.52 -12.79
C2 D10 T . 38.96 31.18 -12.97
C3 D10 T . 38.65 29.87 -12.25
C4 D10 T . 37.15 29.62 -12.19
C5 D10 T . 36.87 28.33 -11.41
C6 D10 T . 35.47 28.37 -10.79
C7 D10 T . 35.29 27.14 -9.91
C8 D10 T . 34.00 27.25 -9.11
C9 D10 T . 33.87 26.04 -8.18
C10 D10 T . 32.58 26.16 -7.37
C1 D10 U . 37.95 2.64 -19.47
C2 D10 U . 37.08 1.44 -19.12
C3 D10 U . 37.54 0.84 -17.80
C4 D10 U . 36.69 -0.38 -17.43
C5 D10 U . 37.03 -0.86 -16.02
C6 D10 U . 36.01 -1.87 -15.52
C7 D10 U . 35.95 -3.12 -16.40
C8 D10 U . 35.12 -4.19 -15.70
C9 D10 U . 36.03 -5.27 -15.13
C10 D10 U . 35.18 -6.36 -14.46
O1 PX2 V . 36.34 6.76 1.33
O2 PX2 V . 38.14 5.01 1.17
P1 PX2 V . 37.08 5.79 0.44
O3 PX2 V . 36.14 4.92 -0.38
O4 PX2 V . 37.87 6.69 -0.64
C1 PX2 V . 37.10 7.54 -1.54
C2 PX2 V . 37.99 8.00 -2.67
C3 PX2 V . 38.78 6.88 -3.31
O5 PX2 V . 37.85 5.82 -3.65
C4 PX2 V . 38.38 4.76 -4.24
O6 PX2 V . 38.37 3.66 -3.75
C5 PX2 V . 38.96 5.10 -5.58
C6 PX2 V . 37.96 5.68 -6.53
C7 PX2 V . 38.59 6.12 -7.84
C8 PX2 V . 39.76 7.06 -7.68
C9 PX2 V . 40.14 7.80 -8.93
C10 PX2 V . 41.36 8.68 -8.79
C11 PX2 V . 41.38 9.86 -9.72
C12 PX2 V . 41.25 9.50 -11.18
C13 PX2 V . 40.99 10.69 -12.08
C14 PX2 V . 39.80 11.50 -11.67
C15 PX2 V . 39.56 12.72 -12.53
O7 PX2 V . 37.20 8.65 -3.69
C16 PX2 V . 37.30 9.99 -3.80
O8 PX2 V . 37.55 10.70 -2.88
C17 PX2 V . 37.08 10.47 -5.22
C18 PX2 V . 38.01 9.83 -6.20
C19 PX2 V . 38.09 10.59 -7.52
C20 PX2 V . 38.76 11.94 -7.41
C21 PX2 V . 37.84 13.12 -7.66
C22 PX2 V . 37.44 13.28 -9.10
C23 PX2 V . 36.67 14.56 -9.38
C24 PX2 V . 36.56 14.91 -10.83
C25 PX2 V . 35.94 16.26 -11.10
C26 PX2 V . 35.90 16.65 -12.56
C27 PX2 V . 37.26 16.62 -13.23
N ABU W . 8.71 -34.41 5.07
CD ABU W . 9.08 -33.65 6.25
CB ABU W . 10.46 -34.10 6.74
CG ABU W . 10.79 -33.37 8.03
C ABU W . 12.20 -33.74 8.50
O ABU W . 12.97 -34.38 7.74
OXT ABU W . 12.59 -33.41 9.65
C1 D10 X . 36.23 32.94 -10.23
C2 D10 X . 36.56 34.39 -9.89
C3 D10 X . 37.04 35.10 -11.15
C4 D10 X . 37.45 36.53 -10.80
C5 D10 X . 37.87 37.29 -12.06
C6 D10 X . 38.30 38.70 -11.67
C7 D10 X . 37.41 39.74 -12.35
C8 D10 X . 37.71 39.83 -13.85
C9 D10 X . 36.88 40.96 -14.48
C10 D10 X . 37.36 41.20 -15.90
CL CL Y . 17.80 -11.22 -2.02
O1 PX2 Z . 41.30 17.82 -34.20
O2 PX2 Z . 42.13 16.84 -32.10
P1 PX2 Z . 40.91 17.31 -32.83
O3 PX2 Z . 40.25 18.43 -32.05
O4 PX2 Z . 39.84 16.06 -33.00
C1 PX2 Z . 39.73 15.43 -34.24
C2 PX2 Z . 38.56 14.44 -34.20
C3 PX2 Z . 38.59 13.66 -32.89
O5 PX2 Z . 39.92 13.37 -32.54
C4 PX2 Z . 40.25 13.67 -31.20
O6 PX2 Z . 40.90 14.62 -30.95
C5 PX2 Z . 39.77 12.76 -30.06
C6 PX2 Z . 38.89 13.56 -29.09
C7 PX2 Z . 38.43 12.63 -27.95
C8 PX2 Z . 36.98 12.14 -28.16
C9 PX2 Z . 36.81 10.67 -27.76
C10 PX2 Z . 37.14 10.36 -26.29
C11 PX2 Z . 37.80 8.98 -26.22
C12 PX2 Z . 37.80 8.46 -24.78
C13 PX2 Z . 39.20 7.98 -24.39
C14 PX2 Z . 39.22 7.56 -22.92
C15 PX2 Z . 40.56 6.93 -22.59
O7 PX2 Z . 37.36 15.14 -34.32
C16 PX2 Z . 36.33 14.42 -34.94
O8 PX2 Z . 36.18 14.50 -36.12
C17 PX2 Z . 35.38 13.55 -34.10
C18 PX2 Z . 33.93 13.88 -34.45
C19 PX2 Z . 33.13 14.18 -33.18
C20 PX2 Z . 31.72 14.65 -33.56
C21 PX2 Z . 30.90 15.22 -32.39
C22 PX2 Z . 30.40 14.18 -31.39
C23 PX2 Z . 31.47 13.68 -30.42
C24 PX2 Z . 30.91 13.59 -29.01
C25 PX2 Z . 31.90 12.89 -28.08
C26 PX2 Z . 31.19 12.45 -26.81
C27 PX2 Z . 32.24 12.12 -25.74
C27 R16 AA . 1.55 -10.57 -29.10
C28 R16 AA . 1.76 -9.21 -29.77
C29 R16 AA . 3.23 -9.08 -30.18
C30 R16 AA . 3.43 -7.89 -31.13
C31 R16 AA . 3.17 -6.58 -30.40
C32 R16 AA . 3.73 -5.43 -31.23
C33 R16 AA . 3.21 -4.11 -30.69
C34 R16 AA . 4.22 -2.98 -30.87
C35 R16 AA . 4.37 -2.60 -32.34
C36 R16 AA . 5.15 -1.30 -32.45
C37 R16 AA . 5.82 -1.17 -33.82
C38 R16 AA . 6.33 0.26 -33.99
C39 R16 AA . 7.19 0.38 -35.25
C40 R16 AA . 7.48 1.85 -35.52
C41 R16 AA . 8.47 1.98 -36.67
C42 R16 AA . 8.63 3.44 -37.04
C1 D10 BA . 4.45 -12.74 -34.67
C2 D10 BA . 4.38 -11.29 -34.21
C3 D10 BA . 5.35 -10.44 -35.01
C4 D10 BA . 5.19 -8.97 -34.64
C5 D10 BA . 6.07 -8.11 -35.54
C6 D10 BA . 5.93 -6.64 -35.17
C7 D10 BA . 6.75 -5.79 -36.14
C8 D10 BA . 6.72 -4.32 -35.70
C9 D10 BA . 7.09 -3.38 -36.84
C10 D10 BA . 8.34 -3.86 -37.59
C1 HEX CA . 25.67 10.07 -37.49
C2 HEX CA . 25.41 9.32 -36.19
C3 HEX CA . 26.09 9.99 -34.98
C4 HEX CA . 27.57 10.25 -35.24
C5 HEX CA . 28.28 10.55 -33.93
C6 HEX CA . 29.77 10.76 -34.19
C1 HEX DA . 10.08 8.89 -42.25
C2 HEX DA . 10.62 8.75 -43.67
C3 HEX DA . 11.02 10.12 -44.21
C4 HEX DA . 11.45 10.00 -45.67
C5 HEX DA . 11.91 11.37 -46.17
C6 HEX DA . 12.13 11.31 -47.67
C27 R16 EA . 20.74 -12.79 -23.95
C28 R16 EA . 20.18 -11.43 -24.32
C29 R16 EA . 19.17 -11.59 -25.47
C30 R16 EA . 19.84 -11.57 -26.85
C31 R16 EA . 19.30 -10.42 -27.70
C32 R16 EA . 17.86 -10.68 -28.14
C33 R16 EA . 17.37 -9.69 -29.19
C34 R16 EA . 17.41 -8.24 -28.71
C35 R16 EA . 16.73 -7.32 -29.71
C36 R16 EA . 17.74 -6.39 -30.38
C37 R16 EA . 18.66 -7.14 -31.34
C38 R16 EA . 18.96 -6.30 -32.58
C39 R16 EA . 19.67 -4.99 -32.21
C40 R16 EA . 20.23 -4.30 -33.47
C41 R16 EA . 19.11 -3.95 -34.46
C42 R16 EA . 19.64 -2.93 -35.48
C1 HEX FA . 20.00 -0.63 -31.39
C2 HEX FA . 20.61 -0.54 -29.99
C3 HEX FA . 20.33 -1.84 -29.23
C4 HEX FA . 20.90 -1.70 -27.81
C5 HEX FA . 20.66 -2.99 -27.02
C6 HEX FA . 21.28 -2.85 -25.64
C1 D10 GA . -4.45 -12.64 -30.03
C2 D10 GA . -3.32 -11.80 -29.45
C3 D10 GA . -3.42 -10.37 -29.99
C4 D10 GA . -2.27 -9.53 -29.47
C5 D10 GA . -2.55 -8.05 -29.72
C6 D10 GA . -1.35 -7.21 -29.30
C7 D10 GA . -1.67 -5.72 -29.45
C8 D10 GA . -0.98 -5.16 -30.69
C9 D10 GA . -1.26 -3.66 -30.81
C10 D10 GA . -0.80 -3.15 -32.17
C1 PLM HA . -6.57 25.58 -51.63
O1 PLM HA . -5.65 25.45 -52.48
O2 PLM HA . -7.43 26.47 -51.76
C2 PLM HA . -6.62 24.64 -50.42
C3 PLM HA . -5.82 25.25 -49.27
C4 PLM HA . -5.49 24.22 -48.18
C5 PLM HA . -6.60 23.20 -47.92
C6 PLM HA . -6.44 22.53 -46.55
C7 PLM HA . -5.04 21.95 -46.33
C8 PLM HA . -5.00 21.05 -45.09
C9 PLM HA . -5.04 21.88 -43.81
CA PLM HA . -4.84 20.98 -42.60
CB PLM HA . -5.05 21.79 -41.32
CC PLM HA . -4.20 21.20 -40.21
O1 PX2 IA . -1.98 36.54 -39.61
O2 PX2 IA . -3.44 38.51 -39.84
P1 PX2 IA . -3.40 37.01 -39.79
O3 PX2 IA . -3.95 36.45 -41.09
O4 PX2 IA . -4.31 36.47 -38.53
C1 PX2 IA . -5.35 35.56 -38.79
C2 PX2 IA . -5.83 34.97 -37.46
C3 PX2 IA . -5.97 36.07 -36.41
O5 PX2 IA . -6.64 37.21 -36.89
C4 PX2 IA . -7.96 37.09 -37.38
O6 PX2 IA . -8.21 37.54 -38.44
C5 PX2 IA . -9.06 36.35 -36.59
C6 PX2 IA . -10.29 37.24 -36.41
C7 PX2 IA . -10.26 37.91 -35.03
C8 PX2 IA . -10.72 36.93 -33.95
C9 PX2 IA . -9.81 37.06 -32.72
C10 PX2 IA . -10.33 36.14 -31.63
C11 PX2 IA . -9.24 35.77 -30.60
C12 PX2 IA . -9.60 34.43 -29.98
C13 PX2 IA . -8.63 34.08 -28.86
C14 PX2 IA . -9.09 32.77 -28.20
C15 PX2 IA . -8.28 32.52 -26.92
O7 PX2 IA . -7.05 34.31 -37.63
C16 PX2 IA . -6.93 32.92 -37.84
O8 PX2 IA . -6.33 32.52 -38.78
C17 PX2 IA . -7.56 31.94 -36.85
C18 PX2 IA . -8.46 32.70 -35.88
C19 PX2 IA . -9.08 31.72 -34.87
C20 PX2 IA . -9.75 32.52 -33.75
C21 PX2 IA . -10.22 31.66 -32.55
C22 PX2 IA . -10.71 30.26 -32.94
C23 PX2 IA . -11.42 29.60 -31.76
C24 PX2 IA . -10.42 29.17 -30.69
C25 PX2 IA . -11.14 28.38 -29.61
C26 PX2 IA . -10.41 28.59 -28.28
C27 PX2 IA . -10.93 27.58 -27.26
C1 D10 JA . 2.72 18.80 -47.57
C2 D10 JA . 3.41 17.58 -47.00
C3 D10 JA . 2.89 17.31 -45.59
C4 D10 JA . 3.64 16.11 -45.00
C5 D10 JA . 3.13 15.83 -43.59
C6 D10 JA . 3.99 14.71 -42.97
C7 D10 JA . 3.35 14.19 -41.69
C8 D10 JA . 4.22 13.09 -41.10
C9 D10 JA . 3.47 12.38 -39.96
C10 D10 JA . 4.38 11.33 -39.34
C10 OLC KA . -12.67 22.21 -9.59
C9 OLC KA . -13.34 21.05 -9.77
C11 OLC KA . -11.22 22.42 -9.07
C8 OLC KA . -13.46 19.51 -9.68
C24 OLC KA . -20.19 12.44 -9.50
C12 OLC KA . -10.19 21.98 -10.15
C7 OLC KA . -14.87 19.00 -10.08
C13 OLC KA . -8.82 21.73 -9.48
C6 OLC KA . -15.57 18.41 -8.82
C14 OLC KA . -7.69 21.68 -10.55
C5 OLC KA . -16.94 17.71 -9.09
C4 OLC KA . -17.41 17.71 -10.57
C3 OLC KA . -18.82 17.07 -10.62
C2 OLC KA . -18.83 15.92 -11.67
C21 OLC KA . -21.42 13.32 -11.50
C1 OLC KA . -20.28 15.39 -11.87
C22 OLC KA . -20.77 12.08 -10.88
O19 OLC KA . -21.21 16.11 -11.70
O25 OLC KA . -19.18 13.41 -9.65
O23 OLC KA . -21.72 11.07 -10.74
O20 OLC KA . -20.45 14.04 -12.26
C1 PLM LA . -19.82 14.98 -15.89
O1 PLM LA . -20.52 14.74 -14.87
O2 PLM LA . -20.38 15.15 -17.01
C2 PLM LA . -18.30 15.06 -15.78
C3 PLM LA . -17.75 15.91 -16.93
C4 PLM LA . -16.24 16.07 -16.79
C5 PLM LA . -15.75 17.00 -17.90
C6 PLM LA . -14.25 17.25 -17.77
C7 PLM LA . -13.84 18.52 -18.52
C8 PLM LA . -13.96 18.34 -20.04
C9 PLM LA . -13.69 19.67 -20.73
CA PLM LA . -13.55 19.49 -22.23
CB PLM LA . -13.48 20.87 -22.88
CC PLM LA . -12.66 20.81 -24.17
CD PLM LA . -12.64 22.16 -24.87
CE PLM LA . -11.61 23.11 -24.24
CF PLM LA . -11.73 24.49 -24.87
CG PLM LA . -10.87 25.48 -24.10
C1 PLM MA . 11.53 16.03 -49.61
O1 PLM MA . 11.74 15.16 -50.50
O2 PLM MA . 12.46 16.37 -48.83
C2 PLM MA . 10.15 16.67 -49.49
C3 PLM MA . 9.25 15.79 -48.63
C4 PLM MA . 9.13 16.39 -47.23
C5 PLM MA . 8.29 15.48 -46.34
C6 PLM MA . 8.51 15.77 -44.86
C7 PLM MA . 7.93 17.13 -44.44
C8 PLM MA . 8.30 17.54 -42.99
C9 PLM MA . 8.05 16.45 -41.95
CA PLM MA . 8.36 17.00 -40.55
CB PLM MA . 7.77 16.10 -39.45
CC PLM MA . 8.50 14.76 -39.34
CD PLM MA . 7.77 13.91 -38.30
CE PLM MA . 8.56 12.65 -37.93
CF PLM MA . 8.79 11.75 -39.14
CG PLM MA . 9.34 10.40 -38.67
C1 PLM NA . -7.84 42.86 -33.68
O1 PLM NA . -8.67 43.15 -32.78
O2 PLM NA . -7.98 43.32 -34.85
C2 PLM NA . -6.66 41.94 -33.37
C3 PLM NA . -7.10 40.49 -33.44
C4 PLM NA . -5.90 39.59 -33.10
C5 PLM NA . -6.12 38.90 -31.75
C6 PLM NA . -4.82 38.21 -31.35
C7 PLM NA . -5.00 37.46 -30.02
C8 PLM NA . -3.67 36.82 -29.63
C9 PLM NA . -3.84 36.00 -28.36
CA PLM NA . -3.74 34.51 -28.67
CB PLM NA . -4.01 33.72 -27.39
CC PLM NA . -3.94 32.22 -27.70
CD PLM NA . -4.34 31.42 -26.46
CE PLM NA . -4.49 29.95 -26.83
CF PLM NA . -5.93 29.66 -27.23
CG PLM NA . -6.05 28.21 -27.68
C1 CLR OA . -17.41 4.98 -27.89
C2 CLR OA . -17.84 3.92 -26.88
C3 CLR OA . -17.24 2.58 -27.24
C4 CLR OA . -15.72 2.68 -27.25
C5 CLR OA . -15.23 3.80 -28.13
C6 CLR OA . -14.24 3.58 -29.00
C7 CLR OA . -13.66 4.60 -29.92
C8 CLR OA . -14.05 6.02 -29.54
C9 CLR OA . -15.53 6.08 -29.16
C10 CLR OA . -15.88 5.17 -27.95
C11 CLR OA . -16.05 7.52 -29.01
C12 CLR OA . -15.67 8.44 -30.17
C13 CLR OA . -14.16 8.45 -30.46
C14 CLR OA . -13.76 6.98 -30.70
C15 CLR OA . -12.33 7.09 -31.26
C16 CLR OA . -12.34 8.38 -32.08
C17 CLR OA . -13.70 9.07 -31.80
C18 CLR OA . -13.40 9.07 -29.27
C19 CLR OA . -15.40 5.76 -26.62
C20 CLR OA . -13.62 10.60 -31.94
C21 CLR OA . -14.91 11.32 -31.54
C22 CLR OA . -13.21 11.04 -33.37
C23 CLR OA . -12.50 12.40 -33.45
C24 CLR OA . -12.39 12.92 -34.87
C25 CLR OA . -11.68 14.26 -35.03
C26 CLR OA . -11.89 14.83 -36.43
C27 CLR OA . -10.20 14.15 -34.74
O1 CLR OA . -17.65 1.59 -26.29
CL CL PA . -14.40 3.56 -2.21
C1 PIO QA . 1.47 47.76 -30.34
O1 PIO QA . 0.75 47.96 -29.13
P1 PIO QA . 0.66 46.79 -27.99
C2 PIO QA . 2.93 47.44 -30.00
O2 PIO QA . 3.37 48.34 -29.01
C3 PIO QA . 3.85 47.55 -31.21
O3 PIO QA . 5.18 47.36 -30.79
C4 PIO QA . 3.73 48.92 -31.89
O4 PIO QA . 4.57 48.95 -33.02
P4 PIO QA . 6.10 49.52 -32.83
C5 PIO QA . 2.29 49.20 -32.32
O5 PIO QA . 2.23 50.53 -32.79
P5 PIO QA . 1.45 50.91 -34.19
C6 PIO QA . 1.28 49.04 -31.17
O6 PIO QA . -0.01 49.03 -31.72
O11 PIO QA . 1.69 47.07 -26.93
O12 PIO QA . 0.94 45.44 -28.60
O13 PIO QA . -0.84 46.85 -27.31
C1A PIO QA . -3.46 47.83 -26.30
O1A PIO QA . -2.54 48.29 -25.73
C1B PIO QA . -5.19 43.66 -27.98
O1B PIO QA . -5.84 43.64 -28.98
C1C PIO QA . -1.84 45.91 -27.61
C2A PIO QA . -4.65 47.30 -25.49
C2B PIO QA . -5.62 42.81 -26.78
C2C PIO QA . -2.99 46.61 -28.36
O2C PIO QA . -3.45 47.77 -27.71
C3A PIO QA . -4.20 46.13 -24.61
C3B PIO QA . -6.31 41.55 -27.29
C3C PIO QA . -4.16 45.67 -28.61
O3C PIO QA . -4.05 44.47 -27.90
O41 PIO QA . 6.70 48.92 -31.57
O42 PIO QA . 6.07 51.02 -32.71
O43 PIO QA . 6.93 49.12 -34.02
C4A PIO QA . -5.33 45.76 -23.65
C4B PIO QA . -6.68 40.64 -26.12
O51 PIO QA . 1.55 49.76 -35.18
O52 PIO QA . 0.00 51.20 -33.90
O53 PIO QA . 2.09 52.13 -34.79
C5A PIO QA . -4.89 44.55 -22.82
C5B PIO QA . -6.94 39.22 -26.62
C6A PIO QA . -5.75 44.39 -21.57
C6B PIO QA . -7.43 38.36 -25.46
C7A PIO QA . -5.06 43.42 -20.61
C7B PIO QA . -7.30 36.87 -25.80
C8A PIO QA . -5.86 43.32 -19.31
C8B PIO QA . -7.56 36.04 -24.55
C1 HEX RA . -5.94 40.58 -16.78
C2 HEX RA . -6.17 39.84 -15.46
C3 HEX RA . -6.23 38.32 -15.71
C4 HEX RA . -6.51 37.61 -14.38
C5 HEX RA . -6.59 36.11 -14.62
C6 HEX RA . -7.13 35.42 -13.36
CAD PGW SA . -1.33 25.55 12.86
CAD PGW SA . -2.32 25.72 12.97
OAE PGW SA . -0.59 26.69 12.52
OAE PGW SA . -3.33 26.34 12.22
OAF PGW SA . -3.48 26.34 12.15
OAF PGW SA . 0.05 25.52 12.75
P PGW SA . -1.03 29.07 15.02
P PGW SA . -1.38 29.98 13.19
C01 PGW SA . -0.70 31.02 10.91
C01 PGW SA . 1.66 29.19 9.64
C1 PGW SA . 1.53 29.14 10.00
C1 PGW SA . 1.85 31.77 8.32
O01 PGW SA . 1.44 29.93 11.18
O01 PGW SA . 0.68 31.28 8.95
C02 PGW SA . 0.14 30.03 11.73
C02 PGW SA . 0.91 30.45 10.07
C2 PGW SA . 2.24 29.72 8.76
C2 PGW SA . 1.84 32.12 6.83
O02 PGW SA . 1.06 28.06 9.96
O02 PGW SA . 2.85 31.92 8.94
C03 PGW SA . 0.22 30.51 13.17
C03 PGW SA . -0.42 30.08 10.71
C3 PGW SA . 3.35 28.78 8.28
C3 PGW SA . 2.28 33.57 6.62
O03 PGW SA . -1.18 30.37 9.73
O03 PGW SA . 3.06 29.35 9.91
C04 PGW SA . -2.67 27.14 14.26
C04 PGW SA . -0.76 27.49 13.84
C4 PGW SA . 4.64 29.01 9.07
C4 PGW SA . 2.82 33.73 5.20
O04 PGW SA . -2.48 32.18 9.35
O04 PGW SA . 3.65 27.19 10.24
C05 PGW SA . -2.75 25.96 13.27
C05 PGW SA . -0.99 26.44 12.73
C5 PGW SA . 5.45 30.13 8.37
C5 PGW SA . 2.55 35.16 4.71
C06 PGW SA . 9.30 32.48 2.44
C06 PGW SA . 5.20 36.75 -1.03
C6 PGW SA . 6.35 29.57 7.25
C6 PGW SA . 3.50 35.49 3.54
C07 PGW SA . 10.21 31.46 1.74
C07 PGW SA . 6.22 37.60 -1.81
C7 PGW SA . 7.17 30.72 6.66
C7 PGW SA . 3.22 34.56 2.35
C08 PGW SA . 9.49 30.82 0.55
C08 PGW SA . 6.20 39.09 -1.45
C8 PGW SA . 7.02 30.80 5.12
C8 PGW SA . 3.67 35.21 1.03
C09 PGW SA . 9.56 29.30 0.69
C09 PGW SA . 7.18 39.45 -0.32
C9 PGW SA . 8.19 31.55 4.48
C9 PGW SA . 5.21 35.20 0.96
C10 PGW SA . 8.16 31.75 3.17
C10 PGW SA . 5.89 35.88 0.04
C11 PGW SA . 8.73 28.61 -0.43
C11 PGW SA . 6.52 39.30 1.07
O11 PGW SA . -0.99 30.19 13.80
O11 PGW SA . -0.18 29.83 12.07
C12 PGW SA . 9.52 27.57 -1.24
C12 PGW SA . 7.44 38.53 2.04
O12 PGW SA . -1.32 27.56 14.39
O12 PGW SA . -1.78 28.46 13.77
C13 PGW SA . 8.67 26.32 -1.45
C13 PGW SA . 7.04 38.85 3.47
O13 PGW SA . 0.29 29.05 15.77
O13 PGW SA . -0.89 30.83 14.33
C14 PGW SA . 9.38 25.36 -2.40
C14 PGW SA . 7.90 38.03 4.44
O14 PGW SA . -2.12 29.44 15.98
O14 PGW SA . -2.60 30.62 12.57
C15 PGW SA . -0.37 36.21 0.65
C15 PGW SA . 9.33 32.57 1.51
C16 PGW SA . -0.55 36.45 -0.87
C16 PGW SA . 9.02 31.21 0.85
C17 PGW SA . 0.61 37.31 -1.41
C17 PGW SA . 10.32 30.55 0.30
C18 PGW SA . 0.32 37.70 -2.86
C18 PGW SA . 10.19 29.01 0.30
C19 PGW SA . -2.18 31.07 9.04
C19 PGW SA . 3.82 28.20 9.62
C20 PGW SA . -2.90 30.38 7.85
C20 PGW SA . 4.88 28.23 8.48
C21 PGW SA . -2.89 31.29 6.62
C21 PGW SA . 5.12 29.67 8.02
C22 PGW SA . -1.46 31.58 6.19
C22 PGW SA . 6.07 29.67 6.83
C23 PGW SA . -1.43 31.88 4.68
C23 PGW SA . 6.17 31.08 6.23
C24 PGW SA . -0.23 32.79 4.35
C24 PGW SA . 7.52 31.24 5.47
C25 PGW SA . -0.14 33.01 2.82
C25 PGW SA . 7.73 32.72 5.06
C26 PGW SA . -0.17 34.52 2.48
C26 PGW SA . 7.85 32.85 3.51
C27 PGW SA . -0.32 34.71 0.96
C27 PGW SA . 9.27 32.48 3.05
C28 PGW SA . 1.42 38.65 -3.37
C28 PGW SA . 9.21 28.54 -0.78
C29 PGW SA . 2.16 39.87 -5.41
C29 PGW SA . 8.36 26.35 -1.66
C30 PGW SA . 1.50 38.59 -4.89
C30 PGW SA . 9.61 27.13 -1.26
C1 HEX TA . -4.71 40.00 -22.46
C2 HEX TA . -3.98 39.64 -21.16
C3 HEX TA . -4.24 38.19 -20.74
C4 HEX TA . -5.73 37.85 -20.73
C5 HEX TA . -5.96 36.58 -19.93
C6 HEX TA . -7.42 36.16 -20.02
C1 D10 UA . -7.80 29.17 -17.39
C2 D10 UA . -7.79 27.69 -17.04
C3 D10 UA . -8.17 27.50 -15.57
C4 D10 UA . -8.42 26.01 -15.29
C5 D10 UA . -8.85 25.82 -13.85
C6 D10 UA . -9.17 24.35 -13.54
C7 D10 UA . -10.52 23.88 -14.08
C8 D10 UA . -11.69 24.48 -13.30
C9 D10 UA . -12.98 23.78 -13.69
C10 D10 UA . -14.14 24.32 -12.86
C1 D10 VA . -1.63 41.15 -0.24
C2 D10 VA . -2.83 40.63 0.54
C3 D10 VA . -2.47 39.30 1.21
C4 D10 VA . -3.58 38.87 2.17
C5 D10 VA . -3.13 37.71 3.04
C6 D10 VA . -4.07 37.57 4.24
C7 D10 VA . -3.59 36.43 5.14
C8 D10 VA . -4.33 36.50 6.47
C9 D10 VA . -3.89 35.35 7.36
C10 D10 VA . -4.50 35.51 8.75
O1 PX2 WA . -16.24 26.49 -3.80
O2 PX2 WA . -17.02 28.83 -4.37
P1 PX2 WA . -16.05 27.98 -3.58
O3 PX2 WA . -16.00 28.34 -2.10
O4 PX2 WA . -14.58 28.32 -4.16
C1 PX2 WA . -14.15 29.71 -4.14
C2 PX2 WA . -12.67 29.78 -4.43
C3 PX2 WA . -12.31 29.35 -5.83
O5 PX2 WA . -12.84 30.31 -6.77
C4 PX2 WA . -12.69 30.00 -8.06
O6 PX2 WA . -12.40 28.90 -8.44
C5 PX2 WA . -12.90 31.19 -8.96
C6 PX2 WA . -13.18 32.48 -8.23
C7 PX2 WA . -11.92 33.15 -7.70
C8 PX2 WA . -10.83 33.34 -8.72
C9 PX2 WA . -11.22 34.20 -9.90
C10 PX2 WA . -10.30 34.08 -11.09
C11 PX2 WA . -10.54 32.86 -11.96
C12 PX2 WA . -10.04 31.55 -11.38
C13 PX2 WA . -10.67 30.32 -11.97
C14 PX2 WA . -10.29 29.04 -11.28
C15 PX2 WA . -11.11 27.85 -11.73
O7 PX2 WA . -12.20 31.15 -4.23
C16 PX2 WA . -12.19 31.65 -2.98
O8 PX2 WA . -12.24 30.96 -2.00
C17 PX2 WA . -12.14 33.14 -2.98
C18 PX2 WA . -12.24 33.73 -4.35
C19 PX2 WA . -12.03 35.23 -4.36
C20 PX2 WA . -12.77 35.94 -5.47
C21 PX2 WA . -12.72 37.45 -5.38
C22 PX2 WA . -11.36 38.03 -5.63
C23 PX2 WA . -10.88 37.89 -7.05
C24 PX2 WA . -9.59 38.62 -7.34
C25 PX2 WA . -9.26 38.70 -8.80
C26 PX2 WA . -9.07 37.39 -9.50
C27 PX2 WA . -8.81 37.55 -10.98
CL CL XA . -2.76 13.35 13.70
O1 PX2 YA . 9.02 53.97 -12.23
O2 PX2 YA . 6.83 54.09 -11.11
P1 PX2 YA . 7.55 53.63 -12.35
O3 PX2 YA . 6.96 54.33 -13.55
O4 PX2 YA . 7.35 51.99 -12.53
C1 PX2 YA . 8.48 51.16 -12.53
C2 PX2 YA . 9.00 50.97 -11.12
C3 PX2 YA . 7.80 50.83 -10.17
O5 PX2 YA . 6.85 49.99 -10.77
C4 PX2 YA . 5.72 49.74 -9.96
O6 PX2 YA . 5.45 50.47 -9.08
C5 PX2 YA . 4.85 48.51 -10.23
C6 PX2 YA . 4.76 47.69 -8.95
C7 PX2 YA . 3.93 46.42 -9.20
C8 PX2 YA . 3.72 45.67 -7.88
C9 PX2 YA . 2.25 45.23 -7.76
C10 PX2 YA . 1.37 46.37 -7.27
C11 PX2 YA . 0.10 45.82 -6.60
C12 PX2 YA . 0.42 45.37 -5.17
C13 PX2 YA . -0.15 43.96 -4.92
C14 PX2 YA . 0.27 43.50 -3.52
C15 PX2 YA . -0.40 42.16 -3.22
O7 PX2 YA . 9.78 49.79 -11.08
C16 PX2 YA . 10.68 49.64 -10.01
O8 PX2 YA . 11.07 50.56 -9.39
C17 PX2 YA . 11.16 48.23 -9.61
C18 PX2 YA . 10.86 47.25 -10.74
C19 PX2 YA . 11.52 45.89 -10.45
C20 PX2 YA . 11.19 44.92 -11.58
C21 PX2 YA . 12.06 43.66 -11.54
C22 PX2 YA . 11.63 42.66 -10.45
C23 PX2 YA . 10.38 41.89 -10.84
C24 PX2 YA . 9.57 41.53 -9.59
C25 PX2 YA . 8.28 40.81 -9.99
C26 PX2 YA . 7.30 40.83 -8.83
C27 PX2 YA . 6.04 40.04 -9.21
C27 R16 ZA . 28.34 18.42 12.70
C28 R16 ZA . 28.96 19.43 11.74
C29 R16 ZA . 28.04 19.62 10.54
C30 R16 ZA . 28.63 20.67 9.60
C31 R16 ZA . 27.94 20.60 8.24
C32 R16 ZA . 28.39 21.78 7.38
C33 R16 ZA . 27.97 21.54 5.93
C34 R16 ZA . 28.24 22.79 5.09
C35 R16 ZA . 29.75 23.00 4.90
C36 R16 ZA . 30.07 23.86 3.68
C37 R16 ZA . 29.15 25.08 3.55
C38 R16 ZA . 29.90 26.11 2.71
C39 R16 ZA . 28.93 27.11 2.07
C40 R16 ZA . 29.76 28.10 1.25
C41 R16 ZA . 28.87 28.92 0.32
C42 R16 ZA . 29.75 29.75 -0.60
C1 D10 AB . 31.30 23.01 12.79
C2 D10 AB . 30.65 24.33 13.22
C3 D10 AB . 29.81 24.91 12.08
C4 D10 AB . 30.66 25.30 10.87
C5 D10 AB . 29.77 25.98 9.84
C6 D10 AB . 30.60 26.47 8.66
C7 D10 AB . 29.65 26.97 7.56
C8 D10 AB . 30.40 27.32 6.27
C9 D10 AB . 31.33 28.51 6.48
C10 D10 AB . 31.81 29.02 5.12
CAD PGW BB . 27.70 11.11 11.66
OAE PGW BB . 27.07 11.89 10.69
OAF PGW BB . 26.82 12.94 12.92
P PGW BB . 30.35 14.60 12.55
C01 PGW BB . 30.85 13.58 8.48
C1 PGW BB . 30.48 17.09 7.50
O01 PGW BB . 30.15 15.73 7.68
C02 PGW BB . 30.79 15.09 8.76
C2 PGW BB . 30.30 17.75 6.11
O02 PGW BB . 30.91 17.73 8.40
C03 PGW BB . 30.02 15.35 10.06
C3 PGW BB . 31.53 18.63 5.82
O03 PGW BB . 29.73 13.22 7.66
C04 PGW BB . 29.12 12.37 13.29
C4 PGW BB . 31.82 18.63 4.31
O04 PGW BB . 30.68 11.18 7.35
C05 PGW BB . 27.70 11.86 13.00
C5 PGW BB . 32.51 19.96 3.93
C6 PGW BB . 33.50 19.71 2.78
C7 PGW BB . 34.87 19.32 3.35
O11 PGW BB . 30.91 15.24 11.14
O12 PGW BB . 29.53 13.18 12.22
O13 PGW BB . 29.38 15.57 13.19
O14 PGW BB . 31.49 14.31 13.49
C19 PGW BB . 29.90 12.00 6.96
C20 PGW BB . 29.07 11.72 5.68
C21 PGW BB . 29.96 11.94 4.44
C22 PGW BB . 30.31 13.43 4.31
C23 PGW BB . 30.77 13.73 2.88
C24 PGW BB . 31.10 15.24 2.76
C25 PGW BB . 31.16 15.73 1.29
C26 PGW BB . 31.76 14.67 0.33
C1 HEX CB . 13.93 44.09 -7.18
C2 HEX CB . 14.69 42.80 -7.42
C3 HEX CB . 15.95 42.76 -6.57
C4 HEX CB . 16.76 41.51 -6.90
C5 HEX CB . 18.02 41.46 -6.01
C6 HEX CB . 19.24 41.84 -6.83
C1 PLM DB . 40.51 38.28 -17.11
O1 PLM DB . 39.78 39.13 -16.52
O2 PLM DB . 41.34 38.67 -17.97
C2 PLM DB . 40.39 36.81 -16.76
C3 PLM DB . 40.10 36.64 -15.27
C4 PLM DB . 40.22 35.19 -14.78
C5 PLM DB . 39.40 34.18 -15.58
C6 PLM DB . 37.90 34.48 -15.46
C7 PLM DB . 37.12 33.18 -15.56
C8 PLM DB . 35.69 33.51 -15.99
C9 PLM DB . 34.71 32.37 -15.66
CA PLM DB . 34.35 32.37 -14.17
CB PLM DB . 33.15 31.44 -13.95
CC PLM DB . 32.73 31.48 -12.49
CD PLM DB . 31.40 30.75 -12.31
CE PLM DB . 30.85 30.97 -10.90
CF PLM DB . 31.02 29.69 -10.07
CG PLM DB . 30.55 29.95 -8.65
C27 R16 EB . 10.91 28.94 14.56
C28 R16 EB . 10.17 30.17 14.03
C29 R16 EB . 9.02 29.71 13.13
C30 R16 EB . 9.35 29.95 11.65
C31 R16 EB . 9.14 31.42 11.28
C32 R16 EB . 9.33 31.69 9.79
C33 R16 EB . 10.69 31.22 9.29
C34 R16 EB . 11.02 31.88 7.94
C35 R16 EB . 12.36 31.35 7.44
C36 R16 EB . 12.65 31.89 6.05
C37 R16 EB . 14.12 32.26 5.94
C38 R16 EB . 14.52 32.36 4.47
C39 R16 EB . 15.53 33.49 4.22
C40 R16 EB . 16.93 33.06 4.65
C41 R16 EB . 17.90 34.24 4.62
C42 R16 EB . 18.03 34.84 3.21
C1 D10 FB . 15.82 30.25 14.08
C2 D10 FB . 16.25 29.82 12.68
C3 D10 FB . 17.54 30.54 12.29
C4 D10 FB . 17.91 30.18 10.84
C5 D10 FB . 19.13 30.99 10.42
C6 D10 FB . 18.71 32.10 9.47
C7 D10 FB . 19.89 33.04 9.24
C8 D10 FB . 19.53 34.14 8.25
C9 D10 FB . 20.74 35.03 8.01
C10 D10 FB . 20.44 36.06 6.94
C1 HEX GB . 32.28 32.01 -5.62
C2 HEX GB . 33.26 32.80 -6.50
C3 HEX GB . 33.28 34.26 -6.09
C4 HEX GB . 34.18 35.06 -7.02
C5 HEX GB . 34.17 36.53 -6.63
C6 HEX GB . 35.03 37.33 -7.61
N ABU HB . -2.27 0.96 36.26
CD ABU HB . -3.48 0.61 35.54
CB ABU HB . -4.63 1.47 36.04
CG ABU HB . -5.95 0.95 35.45
C ABU HB . -7.11 1.79 35.99
O ABU HB . -7.55 2.76 35.34
OXT ABU HB . -7.63 1.48 37.09
CAD PGW IB . -7.15 -8.93 -22.33
OAE PGW IB . -8.56 -8.89 -22.20
OAF PGW IB . -7.08 -11.33 -22.02
P PGW IB . -3.29 -9.12 -24.51
C01 PGW IB . -5.75 -5.39 -27.02
C1 PGW IB . -3.34 -3.90 -26.96
O01 PGW IB . -3.54 -4.98 -26.19
C02 PGW IB . -4.42 -6.02 -26.68
C2 PGW IB . -2.77 -2.76 -26.19
O02 PGW IB . -3.58 -3.87 -28.14
C03 PGW IB . -4.54 -7.09 -25.62
C3 PGW IB . -3.63 -1.53 -26.21
O03 PGW IB . -6.32 -4.89 -25.79
C04 PGW IB . -5.17 -10.32 -23.08
C4 PGW IB . -3.68 -0.87 -27.57
O04 PGW IB . -8.46 -4.77 -25.23
C05 PGW IB . -6.67 -10.26 -22.87
C5 PGW IB . -3.98 0.60 -27.51
C06 PGW IB . -2.98 5.52 -29.65
C6 PGW IB . -4.31 1.23 -28.83
C07 PGW IB . -2.19 6.79 -29.74
C7 PGW IB . -4.54 2.74 -28.75
C08 PGW IB . -0.93 6.79 -28.90
C8 PGW IB . -5.18 3.33 -29.97
C09 PGW IB . -1.18 6.86 -27.41
C9 PGW IB . -5.38 4.81 -29.89
C10 PGW IB . -4.45 5.73 -29.85
C11 PGW IB . 0.06 6.69 -26.56
O11 PGW IB . -3.44 -8.05 -25.68
C12 PGW IB . -0.17 6.95 -25.10
O12 PGW IB . -4.84 -9.38 -24.14
C13 PGW IB . -1.27 6.12 -24.49
O13 PGW IB . -2.67 -10.37 -25.06
C14 PGW IB . -1.59 6.49 -23.07
O14 PGW IB . -2.66 -8.42 -23.35
C15 PGW IB . -9.55 4.15 -30.62
C16 PGW IB . -8.61 5.24 -31.03
C17 PGW IB . -9.20 6.26 -31.97
C18 PGW IB . -8.33 7.47 -32.21
C19 PGW IB . -7.53 -4.37 -25.88
C20 PGW IB . -7.58 -3.25 -26.88
C21 PGW IB . -8.54 -3.48 -27.99
C22 PGW IB . -9.04 -2.20 -28.61
C23 PGW IB . -7.94 -1.27 -29.04
C24 PGW IB . -8.44 0.03 -29.60
C25 PGW IB . -9.29 0.84 -28.64
C26 PGW IB . -9.92 2.06 -29.26
C27 PGW IB . -8.93 3.06 -29.78
C28 PGW IB . -9.05 8.61 -32.89
C29 PGW IB . -9.08 11.05 -33.46
C30 PGW IB . -8.30 9.91 -32.87
C1 D10 JB . -28.90 12.88 -29.08
C2 D10 JB . -27.72 11.96 -29.36
C3 D10 JB . -26.47 12.80 -29.59
C4 D10 JB . -25.31 11.88 -30.00
C5 D10 JB . -24.04 12.69 -30.22
C6 D10 JB . -24.07 13.36 -31.59
C7 D10 JB . -22.70 13.92 -31.96
C8 D10 JB . -22.77 14.53 -33.36
C9 D10 JB . -21.37 14.86 -33.90
C10 D10 JB . -20.67 15.89 -33.04
CAD PGW KB . -11.80 33.20 -48.25
OAE PGW KB . -12.55 32.55 -47.26
OAF PGW KB . -11.83 33.75 -50.58
P PGW KB . -15.76 34.06 -47.85
C01 PGW KB . -19.88 31.29 -47.39
C1 PGW KB . -18.39 32.25 -44.61
O01 PGW KB . -19.23 32.79 -45.61
C02 PGW KB . -18.97 32.46 -46.97
C2 PGW KB . -18.45 30.76 -44.24
O02 PGW KB . -17.63 32.96 -44.05
C03 PGW KB . -17.50 32.15 -47.27
C3 PGW KB . -18.24 30.61 -42.73
O03 PGW KB . -19.33 30.03 -47.04
C04 PGW KB . -13.93 33.21 -49.57
C4 PGW KB . -18.55 29.16 -42.32
O04 PGW KB . -21.11 29.02 -48.00
C05 PGW KB . -12.42 32.93 -49.62
C5 PGW KB . -17.89 28.86 -40.97
C06 PGW KB . -17.83 23.39 -36.73
C6 PGW KB . -18.41 27.53 -40.40
C07 PGW KB . -19.26 23.70 -36.27
C7 PGW KB . -17.33 26.94 -39.47
C08 PGW KB . -20.12 22.44 -36.36
C8 PGW KB . -17.91 25.89 -38.50
C09 PGW KB . -20.72 22.09 -35.00
C9 PGW KB . -16.96 25.71 -37.30
C10 PGW KB . -16.92 24.62 -36.53
C11 PGW KB . -21.67 20.91 -35.15
O11 PGW KB . -16.66 33.18 -46.79
C12 PGW KB . -22.56 20.76 -33.90
O12 PGW KB . -14.38 33.20 -48.23
C13 PGW KB . -22.44 19.34 -33.35
O13 PGW KB . -16.55 34.32 -49.11
C14 PGW KB . -23.49 19.11 -32.27
O14 PGW KB . -15.38 35.37 -47.21
C15 PGW KB . -24.44 25.62 -38.54
C16 PGW KB . -24.63 24.93 -37.17
C17 PGW KB . -25.83 23.96 -37.23
C18 PGW KB . -25.91 23.13 -35.94
C19 PGW KB . -20.21 28.94 -47.22
C20 PGW KB . -19.98 27.64 -46.41
C21 PGW KB . -21.12 27.41 -45.41
C22 PGW KB . -20.59 26.52 -44.28
C23 PGW KB . -21.73 25.90 -43.46
C24 PGW KB . -21.12 25.26 -42.19
C25 PGW KB . -21.42 26.13 -40.94
C26 PGW KB . -22.91 25.97 -40.50
C27 PGW KB . -23.00 25.44 -39.06
C28 PGW KB . -27.24 22.37 -35.90
C29 PGW KB . -28.34 20.30 -35.04
C30 PGW KB . -27.02 20.90 -35.53
CL CL LB . -17.06 -0.61 -25.68
#